data_5VXY
#
_entry.id   5VXY
#
_entity_poly.entity_id   1
_entity_poly.type   'polypeptide(L)'
_entity_poly.pdbx_seq_one_letter_code
;FTLIELMIVVAIIGILAAIAIPQYQNYVARSEGASALASVNPLKTTVEEALSRGWSVKSGTGTEDATKKEVPLGVAADAN
KLGTIALKPDPADGTADITLTFTMGGAGPKNKGKIITLTRTAADGLWKCTSDQDEQFIPKGCSR
;
_entity_poly.pdbx_strand_id   A,B,C,D,E,F,G,H,I,J,K,L,M,N,O,P,Q,R,S,T,U
#
# COMPACT_ATOMS: atom_id res chain seq x y z
N PHE A 1 -0.05 -17.55 44.81
CA PHE A 1 1.12 -18.03 45.57
C PHE A 1 0.86 -17.99 47.06
N THR A 2 -0.05 -17.11 47.48
CA THR A 2 -0.38 -17.01 48.89
C THR A 2 -1.19 -18.22 49.37
N LEU A 3 -1.80 -18.95 48.45
CA LEU A 3 -2.68 -20.06 48.81
C LEU A 3 -1.97 -21.05 49.71
N ILE A 4 -0.67 -21.22 49.54
CA ILE A 4 0.09 -22.22 50.29
C ILE A 4 0.40 -21.71 51.70
N GLU A 5 0.78 -20.44 51.81
CA GLU A 5 0.83 -19.76 53.10
C GLU A 5 -0.47 -19.96 53.85
N LEU A 6 -1.58 -19.88 53.14
CA LEU A 6 -2.80 -20.19 53.84
C LEU A 6 -2.93 -21.67 54.14
N MET A 7 -2.37 -22.57 53.34
CA MET A 7 -2.53 -23.99 53.62
C MET A 7 -2.03 -24.30 55.01
N ILE A 8 -0.85 -23.77 55.34
CA ILE A 8 -0.45 -23.96 56.73
C ILE A 8 -1.47 -23.31 57.63
N VAL A 9 -1.95 -22.11 57.29
CA VAL A 9 -2.78 -21.42 58.27
C VAL A 9 -4.10 -22.15 58.52
N VAL A 10 -4.67 -22.74 57.46
CA VAL A 10 -5.83 -23.64 57.60
C VAL A 10 -5.48 -24.75 58.57
N ALA A 11 -4.31 -25.36 58.37
CA ALA A 11 -3.85 -26.37 59.30
C ALA A 11 -3.81 -25.81 60.72
N ILE A 12 -3.08 -24.70 60.91
CA ILE A 12 -2.80 -24.11 62.22
C ILE A 12 -4.08 -23.92 63.00
N ILE A 13 -5.11 -23.38 62.34
CA ILE A 13 -6.44 -23.33 62.95
C ILE A 13 -6.83 -24.72 63.39
N GLY A 14 -6.54 -25.72 62.54
CA GLY A 14 -6.99 -27.06 62.84
C GLY A 14 -6.34 -27.67 64.08
N ILE A 15 -5.00 -27.56 64.21
CA ILE A 15 -4.28 -28.60 64.96
C ILE A 15 -4.68 -28.60 66.43
N LEU A 16 -5.11 -27.45 66.96
CA LEU A 16 -5.37 -27.31 68.39
C LEU A 16 -6.34 -28.39 68.86
N ALA A 17 -5.90 -29.26 69.78
CA ALA A 17 -6.52 -30.56 70.00
C ALA A 17 -6.65 -30.95 71.46
N ALA A 18 -6.63 -29.99 72.38
CA ALA A 18 -6.87 -30.30 73.79
C ALA A 18 -7.67 -29.19 74.48
N ILE A 19 -8.59 -28.55 73.76
CA ILE A 19 -9.13 -27.27 74.19
C ILE A 19 -10.14 -27.44 75.30
N ALA A 20 -11.27 -28.06 74.98
CA ALA A 20 -12.37 -28.09 75.93
C ALA A 20 -12.11 -29.23 76.90
N ILE A 21 -11.51 -28.90 78.03
CA ILE A 21 -11.35 -29.84 79.13
C ILE A 21 -12.37 -29.39 80.17
N PRO A 22 -13.61 -29.80 80.04
CA PRO A 22 -14.68 -29.35 80.94
C PRO A 22 -14.48 -29.84 82.36
N GLN A 23 -14.31 -31.15 82.51
CA GLN A 23 -14.18 -31.82 83.80
C GLN A 23 -12.82 -31.55 84.41
N TYR A 24 -12.04 -30.69 83.76
CA TYR A 24 -11.16 -29.82 84.51
C TYR A 24 -12.00 -29.18 85.60
N GLN A 25 -13.12 -28.53 85.24
CA GLN A 25 -14.05 -27.95 86.22
C GLN A 25 -14.50 -28.92 87.28
N ASN A 26 -14.36 -30.22 87.04
CA ASN A 26 -14.84 -31.24 87.94
C ASN A 26 -13.74 -31.87 88.77
N TYR A 27 -12.46 -31.82 88.34
CA TYR A 27 -11.40 -31.95 89.36
C TYR A 27 -11.29 -30.69 90.17
N VAL A 28 -11.46 -29.54 89.52
CA VAL A 28 -11.71 -28.31 90.25
C VAL A 28 -12.84 -28.54 91.24
N ALA A 29 -13.88 -29.25 90.82
CA ALA A 29 -14.99 -29.51 91.73
C ALA A 29 -14.55 -30.39 92.88
N ARG A 30 -13.71 -31.39 92.62
CA ARG A 30 -13.21 -32.22 93.69
C ARG A 30 -12.33 -31.42 94.63
N SER A 31 -11.52 -30.54 94.05
CA SER A 31 -10.70 -29.65 94.84
C SER A 31 -11.57 -28.76 95.69
N GLU A 32 -12.68 -28.32 95.12
CA GLU A 32 -13.55 -27.39 95.81
C GLU A 32 -14.31 -28.09 96.92
N GLY A 33 -14.53 -29.40 96.77
CA GLY A 33 -15.28 -30.16 97.74
C GLY A 33 -14.43 -30.68 98.87
N ALA A 34 -13.31 -31.32 98.52
CA ALA A 34 -12.36 -31.75 99.53
C ALA A 34 -11.78 -30.55 100.24
N SER A 35 -11.33 -29.57 99.47
CA SER A 35 -10.83 -28.34 100.05
C SER A 35 -11.96 -27.55 100.71
N ALA A 36 -13.21 -27.89 100.40
CA ALA A 36 -14.30 -27.43 101.24
C ALA A 36 -14.33 -28.16 102.57
N LEU A 37 -13.82 -29.40 102.63
CA LEU A 37 -13.67 -30.04 103.93
C LEU A 37 -12.52 -29.43 104.70
N ALA A 38 -11.47 -29.00 104.00
CA ALA A 38 -10.34 -28.36 104.66
C ALA A 38 -10.78 -27.17 105.48
N SER A 39 -11.80 -26.45 105.01
CA SER A 39 -12.28 -25.28 105.71
C SER A 39 -12.81 -25.63 107.10
N VAL A 40 -13.45 -26.79 107.24
CA VAL A 40 -14.20 -27.11 108.45
C VAL A 40 -13.43 -28.04 109.39
N ASN A 41 -12.40 -28.72 108.91
CA ASN A 41 -11.85 -29.83 109.67
C ASN A 41 -11.32 -29.49 111.05
N PRO A 42 -10.67 -28.36 111.30
CA PRO A 42 -10.35 -28.01 112.69
C PRO A 42 -11.54 -27.52 113.49
N LEU A 43 -12.71 -27.39 112.86
CA LEU A 43 -13.90 -27.00 113.59
C LEU A 43 -14.68 -28.18 114.13
N LYS A 44 -14.56 -29.33 113.48
CA LYS A 44 -14.76 -30.58 114.20
C LYS A 44 -14.01 -30.54 115.50
N THR A 45 -12.70 -30.34 115.36
CA THR A 45 -11.76 -30.30 116.47
C THR A 45 -12.09 -29.18 117.44
N THR A 46 -12.84 -28.15 117.02
CA THR A 46 -13.17 -27.01 117.85
C THR A 46 -14.45 -27.21 118.66
N VAL A 47 -15.50 -27.72 118.01
CA VAL A 47 -16.68 -28.18 118.72
C VAL A 47 -16.23 -29.13 119.83
N GLU A 48 -15.44 -30.13 119.45
CA GLU A 48 -14.89 -31.04 120.44
C GLU A 48 -13.87 -30.37 121.34
N GLU A 49 -13.24 -29.28 120.90
CA GLU A 49 -12.29 -28.58 121.74
C GLU A 49 -13.00 -28.13 122.99
N ALA A 50 -13.87 -27.14 122.85
CA ALA A 50 -14.35 -26.52 124.07
C ALA A 50 -15.41 -27.38 124.74
N LEU A 51 -16.15 -28.19 123.98
CA LEU A 51 -17.03 -29.14 124.63
C LEU A 51 -16.22 -30.14 125.44
N SER A 52 -15.05 -30.51 124.93
CA SER A 52 -14.16 -31.39 125.66
C SER A 52 -13.45 -30.68 126.80
N ARG A 53 -13.66 -29.37 126.94
CA ARG A 53 -13.20 -28.67 128.14
C ARG A 53 -14.25 -28.61 129.24
N GLY A 54 -15.51 -28.36 128.88
CA GLY A 54 -16.52 -27.92 129.83
C GLY A 54 -17.19 -26.63 129.42
N TRP A 55 -17.21 -26.38 128.11
CA TRP A 55 -17.55 -25.08 127.57
C TRP A 55 -18.28 -25.27 126.25
N SER A 56 -19.37 -24.55 126.02
CA SER A 56 -20.07 -24.66 124.75
C SER A 56 -19.30 -23.87 123.67
N VAL A 57 -19.82 -23.88 122.44
CA VAL A 57 -19.10 -23.33 121.30
C VAL A 57 -20.09 -22.58 120.42
N LYS A 58 -19.90 -21.27 120.26
CA LYS A 58 -20.62 -20.50 119.26
C LYS A 58 -19.90 -20.54 117.93
N SER A 59 -20.61 -20.15 116.88
CA SER A 59 -19.99 -19.83 115.62
C SER A 59 -19.63 -18.35 115.60
N GLY A 60 -18.53 -18.06 114.95
CA GLY A 60 -17.85 -16.78 115.05
C GLY A 60 -16.53 -16.94 115.77
N THR A 61 -15.88 -15.79 115.96
CA THR A 61 -14.56 -15.70 116.57
C THR A 61 -14.66 -14.89 117.85
N GLY A 62 -13.49 -14.55 118.40
CA GLY A 62 -13.36 -13.69 119.54
C GLY A 62 -12.54 -14.33 120.62
N THR A 63 -12.43 -13.62 121.74
CA THR A 63 -11.96 -14.28 122.94
C THR A 63 -12.94 -15.37 123.33
N GLU A 64 -12.51 -16.18 124.26
CA GLU A 64 -13.42 -17.18 124.79
C GLU A 64 -14.57 -16.50 125.51
N ASP A 65 -15.74 -17.07 125.32
CA ASP A 65 -16.88 -16.73 126.16
C ASP A 65 -16.71 -17.48 127.47
N ALA A 66 -15.64 -17.15 128.19
CA ALA A 66 -15.09 -17.97 129.25
C ALA A 66 -15.66 -17.64 130.62
N THR A 67 -16.65 -16.77 130.69
CA THR A 67 -17.53 -16.67 131.85
C THR A 67 -18.92 -17.20 131.53
N LYS A 68 -19.09 -17.83 130.37
CA LYS A 68 -20.39 -17.98 129.76
C LYS A 68 -20.76 -19.42 129.42
N LYS A 69 -19.94 -20.40 129.80
CA LYS A 69 -20.10 -21.76 129.33
C LYS A 69 -20.24 -21.78 127.81
N GLU A 70 -19.25 -21.17 127.17
CA GLU A 70 -19.27 -20.95 125.74
C GLU A 70 -17.85 -20.61 125.29
N VAL A 71 -17.59 -20.85 124.00
CA VAL A 71 -16.32 -20.50 123.36
C VAL A 71 -16.65 -20.16 121.91
N PRO A 72 -15.83 -19.44 121.16
CA PRO A 72 -16.06 -19.34 119.72
C PRO A 72 -15.82 -20.66 119.01
N LEU A 73 -16.45 -20.80 117.83
CA LEU A 73 -15.89 -21.71 116.83
C LEU A 73 -14.57 -21.18 116.28
N GLY A 74 -14.32 -19.88 116.42
CA GLY A 74 -13.15 -19.30 115.79
C GLY A 74 -13.20 -19.42 114.28
N VAL A 75 -14.34 -19.08 113.66
CA VAL A 75 -14.47 -19.13 112.22
C VAL A 75 -15.47 -18.07 111.76
N ALA A 76 -15.18 -17.47 110.61
CA ALA A 76 -16.16 -16.73 109.83
C ALA A 76 -16.71 -17.70 108.79
N ALA A 77 -18.05 -17.73 108.66
CA ALA A 77 -18.74 -18.78 107.92
C ALA A 77 -18.14 -19.01 106.53
N ASP A 78 -17.85 -17.92 105.82
CA ASP A 78 -17.19 -18.00 104.51
C ASP A 78 -15.69 -17.76 104.62
N ALA A 79 -15.07 -18.32 105.68
CA ALA A 79 -13.63 -18.50 105.68
C ALA A 79 -13.15 -19.06 104.35
N ASN A 80 -13.90 -20.02 103.81
CA ASN A 80 -13.72 -20.55 102.47
C ASN A 80 -14.75 -19.90 101.55
N LYS A 81 -14.27 -19.08 100.60
CA LYS A 81 -15.14 -18.34 99.68
C LYS A 81 -15.83 -19.24 98.67
N LEU A 82 -15.61 -20.55 98.71
CA LEU A 82 -16.52 -21.43 97.99
C LEU A 82 -17.92 -21.30 98.54
N GLY A 83 -18.06 -20.96 99.82
CA GLY A 83 -19.36 -20.68 100.38
C GLY A 83 -19.28 -20.42 101.85
N THR A 84 -20.10 -21.09 102.65
CA THR A 84 -20.30 -20.72 104.04
C THR A 84 -20.44 -21.94 104.94
N ILE A 85 -19.98 -21.77 106.18
CA ILE A 85 -20.18 -22.72 107.25
C ILE A 85 -21.40 -22.28 108.03
N ALA A 86 -22.04 -23.23 108.71
CA ALA A 86 -23.13 -22.89 109.62
C ALA A 86 -23.13 -23.88 110.77
N LEU A 87 -22.87 -23.37 111.98
CA LEU A 87 -23.02 -24.19 113.16
C LEU A 87 -24.48 -24.40 113.47
N LYS A 88 -24.81 -25.60 113.92
CA LYS A 88 -26.19 -25.95 114.19
C LYS A 88 -26.24 -27.11 115.20
N PRO A 89 -26.76 -26.92 116.41
CA PRO A 89 -27.20 -25.69 117.08
C PRO A 89 -26.01 -24.81 117.40
N ASP A 90 -26.28 -23.51 117.43
CA ASP A 90 -25.26 -22.48 117.62
C ASP A 90 -25.70 -21.59 118.78
N PRO A 91 -24.97 -21.54 119.91
CA PRO A 91 -23.73 -22.23 120.22
C PRO A 91 -23.91 -23.70 120.51
N ALA A 92 -22.92 -24.44 120.02
CA ALA A 92 -22.84 -25.87 120.20
C ALA A 92 -22.62 -26.21 121.66
N ASP A 93 -23.65 -26.78 122.28
CA ASP A 93 -23.57 -27.24 123.65
C ASP A 93 -23.08 -28.68 123.75
N GLY A 94 -23.02 -29.38 122.63
CA GLY A 94 -22.34 -30.66 122.57
C GLY A 94 -23.26 -31.81 122.90
N THR A 95 -24.05 -31.63 123.95
CA THR A 95 -25.11 -32.60 124.21
C THR A 95 -26.11 -32.63 123.05
N ALA A 96 -26.14 -31.59 122.23
CA ALA A 96 -26.79 -31.65 120.94
C ALA A 96 -25.86 -32.28 119.92
N ASP A 97 -26.45 -32.98 118.96
CA ASP A 97 -25.69 -33.46 117.82
C ASP A 97 -25.34 -32.25 116.98
N ILE A 98 -24.17 -31.68 117.26
CA ILE A 98 -23.77 -30.46 116.61
C ILE A 98 -23.54 -30.75 115.14
N THR A 99 -23.81 -29.74 114.32
CA THR A 99 -23.72 -29.84 112.88
C THR A 99 -22.88 -28.69 112.38
N LEU A 100 -21.98 -29.00 111.45
CA LEU A 100 -21.13 -28.01 110.81
C LEU A 100 -21.34 -28.13 109.31
N THR A 101 -22.25 -27.32 108.82
CA THR A 101 -22.43 -27.14 107.39
C THR A 101 -21.13 -26.63 106.77
N PHE A 102 -20.95 -26.95 105.50
CA PHE A 102 -20.25 -26.05 104.62
C PHE A 102 -20.99 -25.99 103.30
N THR A 103 -21.54 -24.84 102.99
CA THR A 103 -22.12 -24.61 101.69
C THR A 103 -21.05 -24.24 100.70
N MET A 104 -21.22 -24.69 99.47
CA MET A 104 -20.39 -24.26 98.35
C MET A 104 -21.11 -23.25 97.46
N GLY A 105 -21.43 -22.11 98.06
CA GLY A 105 -21.99 -20.98 97.35
C GLY A 105 -21.10 -20.39 96.27
N GLY A 106 -19.98 -19.77 96.67
CA GLY A 106 -19.09 -19.15 95.71
C GLY A 106 -18.30 -20.14 94.88
N ALA A 107 -18.99 -21.02 94.17
CA ALA A 107 -18.44 -22.20 93.53
C ALA A 107 -18.73 -22.18 92.04
N GLY A 108 -18.11 -23.11 91.32
CA GLY A 108 -18.30 -23.23 89.90
C GLY A 108 -19.74 -23.60 89.57
N PRO A 109 -20.10 -23.55 88.28
CA PRO A 109 -21.42 -24.06 87.89
C PRO A 109 -21.62 -25.52 88.24
N LYS A 110 -20.53 -26.27 88.42
CA LYS A 110 -20.59 -27.68 88.72
C LYS A 110 -20.41 -27.98 90.21
N ASN A 111 -20.32 -26.96 91.06
CA ASN A 111 -20.60 -27.11 92.49
C ASN A 111 -21.38 -25.91 92.99
N LYS A 112 -22.25 -25.37 92.15
CA LYS A 112 -22.88 -24.10 92.49
C LYS A 112 -23.86 -24.30 93.63
N GLY A 113 -23.31 -24.49 94.84
CA GLY A 113 -24.10 -24.68 96.04
C GLY A 113 -24.16 -26.09 96.60
N LYS A 114 -23.30 -27.00 96.15
CA LYS A 114 -23.33 -28.37 96.64
C LYS A 114 -22.75 -28.40 98.05
N ILE A 115 -23.64 -28.43 99.05
CA ILE A 115 -23.22 -28.30 100.43
C ILE A 115 -22.43 -29.53 100.86
N ILE A 116 -21.54 -29.32 101.82
CA ILE A 116 -20.83 -30.37 102.52
C ILE A 116 -21.03 -30.06 104.00
N THR A 117 -21.84 -30.86 104.69
CA THR A 117 -22.18 -30.64 106.08
C THR A 117 -21.69 -31.80 106.93
N LEU A 118 -21.37 -31.46 108.18
CA LEU A 118 -20.87 -32.39 109.18
C LEU A 118 -21.85 -32.41 110.33
N THR A 119 -21.93 -33.53 111.05
CA THR A 119 -22.77 -33.59 112.23
C THR A 119 -22.24 -34.60 113.23
N ARG A 120 -22.02 -34.16 114.47
CA ARG A 120 -21.48 -35.05 115.47
C ARG A 120 -22.59 -35.79 116.21
N THR A 121 -22.20 -36.79 116.98
CA THR A 121 -23.07 -37.37 117.98
C THR A 121 -22.77 -36.70 119.33
N ALA A 122 -23.78 -36.62 120.19
CA ALA A 122 -23.58 -35.99 121.48
C ALA A 122 -22.65 -36.82 122.37
N ALA A 123 -22.89 -38.12 122.48
CA ALA A 123 -22.03 -39.00 123.24
C ALA A 123 -20.86 -39.51 122.43
N ASP A 124 -20.92 -39.43 121.10
CA ASP A 124 -19.97 -40.10 120.24
C ASP A 124 -19.43 -39.24 119.10
N GLY A 125 -19.75 -37.95 119.05
CA GLY A 125 -18.85 -36.96 118.50
C GLY A 125 -18.52 -37.05 117.02
N LEU A 126 -18.60 -38.23 116.40
CA LEU A 126 -18.01 -38.41 115.09
C LEU A 126 -18.84 -37.66 114.06
N TRP A 127 -18.19 -36.76 113.36
CA TRP A 127 -18.89 -35.88 112.45
C TRP A 127 -19.39 -36.64 111.25
N LYS A 128 -20.69 -36.54 111.01
CA LYS A 128 -21.33 -37.12 109.84
C LYS A 128 -20.98 -36.22 108.66
N CYS A 129 -19.74 -36.39 108.22
CA CYS A 129 -19.08 -35.49 107.30
C CYS A 129 -19.43 -35.92 105.89
N THR A 130 -20.33 -35.18 105.26
CA THR A 130 -21.02 -35.64 104.09
C THR A 130 -21.17 -34.52 103.10
N SER A 131 -21.49 -34.91 101.86
CA SER A 131 -21.46 -34.03 100.72
C SER A 131 -22.68 -34.26 99.86
N ASP A 132 -22.94 -33.30 99.00
CA ASP A 132 -24.05 -33.33 98.06
C ASP A 132 -23.61 -33.65 96.64
N GLN A 133 -22.38 -34.10 96.44
CA GLN A 133 -21.78 -34.10 95.14
C GLN A 133 -21.88 -35.49 94.49
N ASP A 134 -21.46 -35.57 93.22
CA ASP A 134 -21.46 -36.80 92.46
C ASP A 134 -20.15 -37.54 92.64
N GLU A 135 -20.16 -38.86 92.37
CA GLU A 135 -18.97 -39.68 92.57
C GLU A 135 -17.77 -39.13 91.83
N GLN A 136 -18.01 -38.57 90.66
CA GLN A 136 -17.00 -37.82 89.91
C GLN A 136 -16.54 -36.55 90.62
N PHE A 137 -17.29 -36.07 91.62
CA PHE A 137 -17.02 -34.80 92.29
C PHE A 137 -16.54 -34.92 93.73
N ILE A 138 -16.68 -36.07 94.37
CA ILE A 138 -16.85 -36.15 95.82
C ILE A 138 -15.69 -35.51 96.58
N PRO A 139 -15.93 -34.97 97.78
CA PRO A 139 -14.82 -34.67 98.67
C PRO A 139 -14.20 -35.98 99.12
N LYS A 140 -13.07 -36.33 98.52
CA LYS A 140 -12.40 -37.55 98.91
C LYS A 140 -11.66 -37.27 100.20
N GLY A 141 -11.79 -38.20 101.15
CA GLY A 141 -11.61 -37.88 102.55
C GLY A 141 -12.82 -38.30 103.35
N CYS A 142 -13.64 -37.34 103.80
CA CYS A 142 -14.88 -37.69 104.46
C CYS A 142 -15.77 -38.51 103.52
N SER A 143 -16.81 -39.09 104.11
CA SER A 143 -17.78 -39.81 103.33
C SER A 143 -18.52 -38.84 102.41
N ARG A 144 -19.06 -39.38 101.33
CA ARG A 144 -19.59 -38.57 100.24
C ARG A 144 -20.85 -37.78 100.58
N PHE B 1 -4.75 -10.13 35.95
CA PHE B 1 -4.97 -11.50 36.45
C PHE B 1 -4.54 -11.61 37.90
N THR B 2 -3.63 -10.75 38.32
CA THR B 2 -3.18 -10.77 39.70
C THR B 2 -4.23 -10.26 40.66
N LEU B 3 -5.22 -9.52 40.16
CA LEU B 3 -6.24 -8.91 41.00
C LEU B 3 -6.91 -9.92 41.90
N ILE B 4 -7.06 -11.17 41.41
CA ILE B 4 -7.78 -12.20 42.15
C ILE B 4 -6.90 -12.78 43.25
N GLU B 5 -5.62 -13.03 42.94
CA GLU B 5 -4.62 -13.33 43.95
C GLU B 5 -4.68 -12.29 45.07
N LEU B 6 -4.86 -11.05 44.69
CA LEU B 6 -5.03 -10.08 45.75
C LEU B 6 -6.37 -10.20 46.42
N MET B 7 -7.42 -10.63 45.74
CA MET B 7 -8.72 -10.73 46.40
C MET B 7 -8.63 -11.60 47.63
N ILE B 8 -7.97 -12.75 47.49
CA ILE B 8 -7.76 -13.52 48.71
C ILE B 8 -6.95 -12.68 49.67
N VAL B 9 -5.90 -11.99 49.19
CA VAL B 9 -5.02 -11.37 50.16
C VAL B 9 -5.72 -10.24 50.94
N VAL B 10 -6.61 -9.50 50.26
CA VAL B 10 -7.48 -8.54 50.92
C VAL B 10 -8.27 -9.24 52.00
N ALA B 11 -8.86 -10.38 51.63
CA ALA B 11 -9.55 -11.18 52.63
C ALA B 11 -8.64 -11.51 53.79
N ILE B 12 -7.49 -12.14 53.50
CA ILE B 12 -6.55 -12.66 54.50
C ILE B 12 -6.23 -11.60 55.54
N ILE B 13 -5.92 -10.40 55.07
CA ILE B 13 -5.78 -9.27 55.99
C ILE B 13 -7.03 -9.16 56.85
N GLY B 14 -8.19 -9.34 56.22
CA GLY B 14 -9.43 -9.15 56.95
C GLY B 14 -9.65 -10.16 58.07
N ILE B 15 -9.45 -11.46 57.79
CA ILE B 15 -10.22 -12.47 58.55
C ILE B 15 -9.84 -12.45 60.03
N LEU B 16 -8.61 -12.04 60.36
CA LEU B 16 -8.12 -12.13 61.73
C LEU B 16 -9.07 -11.45 62.70
N ALA B 17 -9.63 -12.22 63.64
CA ALA B 17 -10.86 -11.82 64.33
C ALA B 17 -10.85 -12.12 65.82
N ALA B 18 -9.68 -12.26 66.43
CA ALA B 18 -9.62 -12.42 67.88
C ALA B 18 -8.41 -11.70 68.48
N ILE B 19 -8.02 -10.55 67.91
CA ILE B 19 -6.70 -9.99 68.15
C ILE B 19 -6.62 -9.32 69.50
N ALA B 20 -7.35 -8.24 69.66
CA ALA B 20 -7.18 -7.43 70.85
C ALA B 20 -8.01 -8.05 71.96
N ILE B 21 -7.36 -8.86 72.77
CA ILE B 21 -7.96 -9.41 73.98
C ILE B 21 -7.30 -8.64 75.11
N PRO B 22 -7.78 -7.47 75.43
CA PRO B 22 -7.17 -6.63 76.45
C PRO B 22 -7.24 -7.23 77.84
N GLN B 23 -8.46 -7.59 78.25
CA GLN B 23 -8.76 -8.11 79.57
C GLN B 23 -8.27 -9.55 79.70
N TYR B 24 -7.58 -10.02 78.69
CA TYR B 24 -6.50 -10.95 78.92
C TYR B 24 -5.63 -10.35 80.01
N GLN B 25 -5.16 -9.11 79.82
CA GLN B 25 -4.37 -8.39 80.85
C GLN B 25 -5.05 -8.35 82.20
N ASN B 26 -6.35 -8.57 82.25
CA ASN B 26 -7.12 -8.46 83.46
C ASN B 26 -7.46 -9.81 84.09
N TYR B 27 -7.46 -10.92 83.33
CA TYR B 27 -7.26 -12.20 84.02
C TYR B 27 -5.83 -12.38 84.42
N VAL B 28 -4.90 -11.91 83.59
CA VAL B 28 -3.53 -11.70 84.04
C VAL B 28 -3.55 -10.90 85.33
N ALA B 29 -4.39 -9.88 85.39
CA ALA B 29 -4.45 -9.08 86.61
C ALA B 29 -4.97 -9.89 87.78
N ARG B 30 -5.96 -10.75 87.54
CA ARG B 30 -6.45 -11.60 88.61
C ARG B 30 -5.39 -12.59 89.03
N SER B 31 -4.65 -13.11 88.07
CA SER B 31 -3.54 -13.99 88.35
C SER B 31 -2.50 -13.27 89.16
N GLU B 32 -2.28 -12.01 88.83
CA GLU B 32 -1.25 -11.24 89.49
C GLU B 32 -1.68 -10.87 90.90
N GLY B 33 -2.98 -10.77 91.14
CA GLY B 33 -3.48 -10.38 92.44
C GLY B 33 -3.63 -11.56 93.38
N ALA B 34 -4.30 -12.61 92.91
CA ALA B 34 -4.39 -13.83 93.69
C ALA B 34 -3.02 -14.43 93.89
N SER B 35 -2.27 -14.56 92.81
CA SER B 35 -0.91 -15.04 92.92
C SER B 35 -0.02 -14.03 93.64
N ALA B 36 -0.49 -12.79 93.79
CA ALA B 36 0.12 -11.90 94.76
C ALA B 36 -0.23 -12.29 96.18
N LEU B 37 -1.38 -12.93 96.40
CA LEU B 37 -1.65 -13.50 97.72
C LEU B 37 -0.79 -14.72 97.97
N ALA B 38 -0.52 -15.50 96.92
CA ALA B 38 0.33 -16.68 97.07
C ALA B 38 1.68 -16.32 97.66
N SER B 39 2.18 -15.14 97.33
CA SER B 39 3.48 -14.72 97.83
C SER B 39 3.49 -14.59 99.35
N VAL B 40 2.38 -14.16 99.94
CA VAL B 40 2.35 -13.79 101.35
C VAL B 40 1.75 -14.86 102.24
N ASN B 41 1.02 -15.82 101.68
CA ASN B 41 0.18 -16.67 102.50
C ASN B 41 0.91 -17.49 103.57
N PRO B 42 2.09 -18.05 103.34
CA PRO B 42 2.81 -18.67 104.45
C PRO B 42 3.44 -17.66 105.40
N LEU B 43 3.34 -16.37 105.12
CA LEU B 43 3.86 -15.36 106.03
C LEU B 43 2.82 -14.90 107.03
N LYS B 44 1.54 -14.97 106.68
CA LYS B 44 0.52 -15.11 107.69
C LYS B 44 0.95 -16.16 108.70
N THR B 45 1.17 -17.36 108.15
CA THR B 45 1.55 -18.53 108.92
C THR B 45 2.87 -18.33 109.64
N THR B 46 3.71 -17.39 109.21
CA THR B 46 5.03 -17.14 109.79
C THR B 46 4.98 -16.15 110.94
N VAL B 47 4.26 -15.04 110.74
CA VAL B 47 3.96 -14.14 111.85
C VAL B 47 3.36 -14.96 112.99
N GLU B 48 2.33 -15.73 112.66
CA GLU B 48 1.75 -16.62 113.65
C GLU B 48 2.68 -17.76 114.04
N GLU B 49 3.64 -18.11 113.20
CA GLU B 49 4.59 -19.16 113.54
C GLU B 49 5.32 -18.74 114.80
N ALA B 50 6.19 -17.75 114.66
CA ALA B 50 7.09 -17.53 115.78
C ALA B 50 6.39 -16.79 116.90
N LEU B 51 5.38 -15.97 116.59
CA LEU B 51 4.59 -15.40 117.68
C LEU B 51 3.88 -16.51 118.45
N SER B 52 3.44 -17.55 117.74
CA SER B 52 2.84 -18.69 118.39
C SER B 52 3.86 -19.56 119.09
N ARG B 53 5.15 -19.25 118.95
CA ARG B 53 6.17 -19.91 119.77
C ARG B 53 6.47 -19.18 121.07
N GLY B 54 6.56 -17.84 121.01
CA GLY B 54 7.18 -17.07 122.07
C GLY B 54 8.27 -16.17 121.56
N TRP B 55 8.18 -15.79 120.29
CA TRP B 55 9.26 -15.17 119.55
C TRP B 55 8.68 -14.16 118.58
N SER B 56 9.27 -12.97 118.48
CA SER B 56 8.80 -11.98 117.52
C SER B 56 9.30 -12.36 116.12
N VAL B 57 8.94 -11.55 115.12
CA VAL B 57 9.21 -11.89 113.72
C VAL B 57 9.64 -10.62 112.99
N LYS B 58 10.86 -10.61 112.48
CA LYS B 58 11.30 -9.58 111.56
C LYS B 58 10.94 -9.94 110.12
N SER B 59 11.01 -8.94 109.26
CA SER B 59 11.01 -9.17 107.83
C SER B 59 12.44 -9.34 107.35
N GLY B 60 12.60 -10.21 106.37
CA GLY B 60 13.88 -10.74 105.97
C GLY B 60 14.00 -12.21 106.31
N THR B 61 15.18 -12.73 106.04
CA THR B 61 15.50 -14.14 106.21
C THR B 61 16.61 -14.29 107.23
N GLY B 62 17.14 -15.51 107.34
CA GLY B 62 18.29 -15.81 108.15
C GLY B 62 17.99 -16.95 109.10
N THR B 63 18.97 -17.25 109.93
CA THR B 63 18.68 -18.09 111.07
C THR B 63 17.69 -17.38 111.97
N GLU B 64 17.17 -18.13 112.93
CA GLU B 64 16.33 -17.51 113.91
C GLU B 64 17.12 -16.51 114.72
N ASP B 65 16.46 -15.40 115.01
CA ASP B 65 16.94 -14.47 116.01
C ASP B 65 16.59 -15.06 117.38
N ALA B 66 17.15 -16.23 117.67
CA ALA B 66 16.67 -17.12 118.71
C ALA B 66 17.32 -16.88 120.05
N THR B 67 18.13 -15.84 120.18
CA THR B 67 18.50 -15.28 121.48
C THR B 67 17.83 -13.94 121.69
N LYS B 68 16.91 -13.55 120.80
CA LYS B 68 16.54 -12.16 120.63
C LYS B 68 15.05 -11.90 120.77
N LYS B 69 14.26 -12.89 121.15
CA LYS B 69 12.80 -12.78 121.08
C LYS B 69 12.37 -12.26 119.71
N GLU B 70 12.83 -12.98 118.70
CA GLU B 70 12.66 -12.57 117.32
C GLU B 70 12.93 -13.77 116.42
N VAL B 71 12.38 -13.72 115.22
CA VAL B 71 12.61 -14.75 114.19
C VAL B 71 12.53 -14.02 112.85
N PRO B 72 13.06 -14.54 111.75
CA PRO B 72 12.76 -13.94 110.44
C PRO B 72 11.31 -14.14 110.04
N LEU B 73 10.83 -13.26 109.15
CA LEU B 73 9.72 -13.65 108.29
C LEU B 73 10.14 -14.71 107.29
N GLY B 74 11.44 -14.84 107.03
CA GLY B 74 11.89 -15.73 105.97
C GLY B 74 11.37 -15.31 104.61
N VAL B 75 11.48 -14.03 104.27
CA VAL B 75 11.04 -13.53 102.97
C VAL B 75 11.89 -12.34 102.57
N ALA B 76 12.17 -12.25 101.27
CA ALA B 76 12.62 -11.03 100.64
C ALA B 76 11.39 -10.35 100.06
N ALA B 77 11.26 -9.04 100.32
CA ALA B 77 10.02 -8.31 100.07
C ALA B 77 9.46 -8.55 98.67
N ASP B 78 10.32 -8.53 97.66
CA ASP B 78 9.94 -8.85 96.29
C ASP B 78 10.27 -10.29 95.92
N ALA B 79 10.04 -11.21 96.86
CA ALA B 79 9.93 -12.62 96.51
C ALA B 79 9.06 -12.80 95.28
N ASN B 80 7.97 -12.06 95.23
CA ASN B 80 7.10 -11.95 94.06
C ASN B 80 7.44 -10.65 93.33
N LYS B 81 8.00 -10.77 92.12
CA LYS B 81 8.42 -9.63 91.32
C LYS B 81 7.25 -8.82 90.79
N LEU B 82 6.00 -9.18 91.08
CA LEU B 82 4.92 -8.24 90.88
C LEU B 82 5.13 -7.01 91.74
N GLY B 83 5.79 -7.17 92.88
CA GLY B 83 6.15 -6.03 93.70
C GLY B 83 6.80 -6.45 94.97
N THR B 84 6.32 -5.94 96.11
CA THR B 84 7.04 -6.06 97.37
C THR B 84 6.10 -6.29 98.55
N ILE B 85 6.61 -7.03 99.52
CA ILE B 85 5.98 -7.22 100.81
C ILE B 85 6.55 -6.19 101.77
N ALA B 86 5.78 -5.86 102.80
CA ALA B 86 6.31 -5.00 103.87
C ALA B 86 5.66 -5.41 105.18
N LEU B 87 6.48 -5.91 106.10
CA LEU B 87 6.01 -6.16 107.45
C LEU B 87 5.82 -4.86 108.19
N LYS B 88 4.76 -4.80 108.99
CA LYS B 88 4.43 -3.59 109.71
C LYS B 88 3.60 -3.94 110.94
N PRO B 89 4.08 -3.71 112.17
CA PRO B 89 5.41 -3.32 112.60
C PRO B 89 6.40 -4.44 112.37
N ASP B 90 7.64 -4.03 112.15
CA ASP B 90 8.74 -4.93 111.80
C ASP B 90 9.88 -4.70 112.78
N PRO B 91 10.27 -5.69 113.62
CA PRO B 91 9.74 -7.04 113.73
C PRO B 91 8.40 -7.13 114.41
N ALA B 92 7.61 -8.02 113.86
CA ALA B 92 6.27 -8.32 114.35
C ALA B 92 6.35 -8.93 115.74
N ASP B 93 5.92 -8.17 116.73
CA ASP B 93 5.85 -8.64 118.10
C ASP B 93 4.52 -9.31 118.41
N GLY B 94 3.54 -9.18 117.52
CA GLY B 94 2.32 -9.96 117.59
C GLY B 94 1.27 -9.30 118.44
N THR B 95 1.68 -8.77 119.58
CA THR B 95 0.76 -7.94 120.34
C THR B 95 0.37 -6.70 119.56
N ALA B 96 1.16 -6.33 118.55
CA ALA B 96 0.72 -5.39 117.54
C ALA B 96 -0.11 -6.11 116.49
N ASP B 97 -1.07 -5.37 115.93
CA ASP B 97 -1.79 -5.87 114.78
C ASP B 97 -0.83 -5.85 113.61
N ILE B 98 -0.16 -6.98 113.41
CA ILE B 98 0.86 -7.06 112.40
C ILE B 98 0.20 -6.93 111.03
N THR B 99 0.94 -6.36 110.10
CA THR B 99 0.46 -6.08 108.76
C THR B 99 1.48 -6.62 107.77
N LEU B 100 0.97 -7.30 106.75
CA LEU B 100 1.80 -7.84 105.68
C LEU B 100 1.27 -7.27 104.37
N THR B 101 1.87 -6.17 103.97
CA THR B 101 1.66 -5.63 102.64
C THR B 101 2.04 -6.65 101.59
N PHE B 102 1.40 -6.54 100.43
CA PHE B 102 2.07 -6.87 99.19
C PHE B 102 1.74 -5.82 98.15
N THR B 103 2.73 -5.08 97.74
CA THR B 103 2.58 -4.17 96.64
C THR B 103 2.74 -4.90 95.33
N MET B 104 1.95 -4.49 94.34
CA MET B 104 2.11 -4.95 92.96
C MET B 104 2.81 -3.91 92.10
N GLY B 105 4.05 -3.61 92.47
CA GLY B 105 4.93 -2.77 91.68
C GLY B 105 5.25 -3.29 90.29
N GLY B 106 6.00 -4.37 90.19
CA GLY B 106 6.39 -4.93 88.91
C GLY B 106 5.25 -5.60 88.16
N ALA B 107 4.18 -4.84 87.91
CA ALA B 107 2.91 -5.36 87.45
C ALA B 107 2.51 -4.69 86.14
N GLY B 108 1.45 -5.21 85.53
CA GLY B 108 0.95 -4.68 84.29
C GLY B 108 0.44 -3.27 84.46
N PRO B 109 0.11 -2.59 83.36
CA PRO B 109 -0.54 -1.28 83.48
C PRO B 109 -1.86 -1.35 84.22
N LYS B 110 -2.48 -2.53 84.26
CA LYS B 110 -3.76 -2.72 84.91
C LYS B 110 -3.64 -3.29 86.32
N ASN B 111 -2.42 -3.48 86.83
CA ASN B 111 -2.20 -3.60 88.27
C ASN B 111 -0.95 -2.84 88.66
N LYS B 112 -0.70 -1.72 87.99
CA LYS B 112 0.57 -1.05 88.15
C LYS B 112 0.65 -0.43 89.55
N GLY B 113 0.80 -1.27 90.57
CA GLY B 113 0.91 -0.85 91.94
C GLY B 113 -0.30 -1.10 92.81
N LYS B 114 -1.25 -1.92 92.39
CA LYS B 114 -2.44 -2.17 93.20
C LYS B 114 -2.06 -3.09 94.35
N ILE B 115 -1.87 -2.50 95.53
CA ILE B 115 -1.36 -3.23 96.67
C ILE B 115 -2.39 -4.25 97.16
N ILE B 116 -1.89 -5.32 97.74
CA ILE B 116 -2.67 -6.30 98.46
C ILE B 116 -1.99 -6.45 99.82
N THR B 117 -2.62 -5.93 100.87
CA THR B 117 -2.05 -5.94 102.21
C THR B 117 -2.92 -6.75 103.15
N LEU B 118 -2.25 -7.34 104.13
CA LEU B 118 -2.84 -8.18 105.16
C LEU B 118 -2.61 -7.53 106.50
N THR B 119 -3.50 -7.77 107.47
CA THR B 119 -3.27 -7.28 108.81
C THR B 119 -3.95 -8.16 109.84
N ARG B 120 -3.19 -8.63 110.82
CA ARG B 120 -3.76 -9.51 111.83
C ARG B 120 -4.32 -8.72 112.99
N THR B 121 -5.06 -9.40 113.85
CA THR B 121 -5.38 -8.89 115.17
C THR B 121 -4.38 -9.45 116.17
N ALA B 122 -4.11 -8.68 117.22
CA ALA B 122 -3.16 -9.12 118.23
C ALA B 122 -3.66 -10.34 118.99
N ALA B 123 -4.90 -10.28 119.48
CA ALA B 123 -5.50 -11.41 120.17
C ALA B 123 -6.16 -12.39 119.21
N ASP B 124 -6.43 -11.99 117.97
CA ASP B 124 -7.28 -12.77 117.08
C ASP B 124 -6.72 -12.89 115.66
N GLY B 125 -5.52 -12.41 115.39
CA GLY B 125 -4.66 -13.03 114.39
C GLY B 125 -5.12 -12.98 112.94
N LEU B 126 -6.43 -12.89 112.67
CA LEU B 126 -6.92 -13.14 111.33
C LEU B 126 -6.53 -12.00 110.43
N TRP B 127 -5.80 -12.33 109.37
CA TRP B 127 -5.24 -11.31 108.51
C TRP B 127 -6.31 -10.63 107.71
N LYS B 128 -6.35 -9.31 107.82
CA LYS B 128 -7.25 -8.47 107.05
C LYS B 128 -6.68 -8.41 105.64
N CYS B 129 -6.91 -9.50 104.93
CA CYS B 129 -6.25 -9.79 103.68
C CYS B 129 -7.06 -9.16 102.57
N THR B 130 -6.54 -8.04 102.05
CA THR B 130 -7.34 -7.13 101.26
C THR B 130 -6.53 -6.61 100.10
N SER B 131 -7.26 -6.03 99.15
CA SER B 131 -6.71 -5.67 97.85
C SER B 131 -7.23 -4.30 97.46
N ASP B 132 -6.54 -3.72 96.48
CA ASP B 132 -6.87 -2.42 95.92
C ASP B 132 -7.54 -2.52 94.56
N GLN B 133 -7.96 -3.71 94.16
CA GLN B 133 -8.28 -3.97 92.77
C GLN B 133 -9.79 -3.87 92.53
N ASP B 134 -10.19 -3.96 91.26
CA ASP B 134 -11.59 -3.90 90.85
C ASP B 134 -12.19 -5.30 90.84
N GLU B 135 -13.53 -5.37 90.91
CA GLU B 135 -14.21 -6.66 90.97
C GLU B 135 -13.82 -7.56 89.82
N GLN B 136 -13.60 -6.97 88.65
CA GLN B 136 -13.04 -7.65 87.50
C GLN B 136 -11.59 -8.13 87.72
N PHE B 137 -10.90 -7.61 88.75
CA PHE B 137 -9.49 -7.89 88.98
C PHE B 137 -9.21 -8.72 90.22
N ILE B 138 -10.15 -8.90 91.13
CA ILE B 138 -9.84 -9.10 92.55
C ILE B 138 -8.97 -10.33 92.78
N PRO B 139 -8.13 -10.35 93.83
CA PRO B 139 -7.56 -11.60 94.27
C PRO B 139 -8.66 -12.47 94.85
N LYS B 140 -9.11 -13.43 94.06
CA LYS B 140 -10.15 -14.32 94.53
C LYS B 140 -9.51 -15.33 95.47
N GLY B 141 -10.15 -15.56 96.61
CA GLY B 141 -9.45 -16.04 97.78
C GLY B 141 -9.71 -15.14 98.96
N CYS B 142 -8.71 -14.36 99.37
CA CYS B 142 -8.92 -13.37 100.41
C CYS B 142 -10.01 -12.38 100.00
N SER B 143 -10.44 -11.59 100.97
CA SER B 143 -11.40 -10.54 100.68
C SER B 143 -10.75 -9.48 99.79
N ARG B 144 -11.59 -8.75 99.07
CA ARG B 144 -11.12 -7.87 98.00
C ARG B 144 -10.33 -6.66 98.47
N PHE C 1 -0.19 -2.51 27.19
CA PHE C 1 -1.39 -2.60 28.05
C PHE C 1 -1.09 -3.39 29.31
N THR C 2 -0.10 -4.27 29.24
CA THR C 2 0.27 -5.06 30.40
C THR C 2 0.96 -4.23 31.47
N LEU C 3 1.49 -3.06 31.08
CA LEU C 3 2.27 -2.23 32.00
C LEU C 3 1.49 -1.93 33.27
N ILE C 4 0.16 -1.80 33.16
CA ILE C 4 -0.67 -1.42 34.29
C ILE C 4 -0.90 -2.61 35.22
N GLU C 5 -1.17 -3.79 34.64
CA GLU C 5 -1.13 -5.04 35.39
C GLU C 5 0.16 -5.14 36.17
N LEU C 6 1.26 -4.74 35.56
CA LEU C 6 2.46 -4.72 36.36
C LEU C 6 2.46 -3.62 37.40
N MET C 7 1.81 -2.49 37.16
CA MET C 7 1.82 -1.42 38.15
C MET C 7 1.32 -1.92 39.48
N ILE C 8 0.20 -2.65 39.44
CA ILE C 8 -0.19 -3.26 40.71
C ILE C 8 0.91 -4.18 41.17
N VAL C 9 1.49 -4.98 40.28
CA VAL C 9 2.39 -6.01 40.79
C VAL C 9 3.65 -5.39 41.42
N VAL C 10 4.15 -4.29 40.85
CA VAL C 10 5.21 -3.50 41.47
C VAL C 10 4.78 -3.09 42.86
N ALA C 11 3.56 -2.58 42.97
CA ALA C 11 3.01 -2.25 44.27
C ALA C 11 3.05 -3.46 45.19
N ILE C 12 2.43 -4.56 44.75
CA ILE C 12 2.23 -5.78 45.55
C ILE C 12 3.54 -6.23 46.17
N ILE C 13 4.60 -6.26 45.36
CA ILE C 13 5.94 -6.50 45.89
C ILE C 13 6.21 -5.51 47.01
N GLY C 14 5.82 -4.25 46.79
CA GLY C 14 6.13 -3.23 47.76
C GLY C 14 5.45 -3.41 49.11
N ILE C 15 4.13 -3.69 49.12
CA ILE C 15 3.33 -3.26 50.28
C ILE C 15 3.75 -3.99 51.55
N LEU C 16 4.29 -5.21 51.42
CA LEU C 16 4.60 -6.04 52.57
C LEU C 16 5.47 -5.29 53.57
N ALA C 17 4.96 -5.08 54.79
CA ALA C 17 5.46 -4.03 55.67
C ALA C 17 5.57 -4.45 57.13
N ALA C 18 5.66 -5.74 57.41
CA ALA C 18 5.89 -6.19 58.78
C ALA C 18 6.80 -7.42 58.82
N ILE C 19 7.77 -7.51 57.91
CA ILE C 19 8.45 -8.78 57.63
C ILE C 19 9.45 -9.12 58.70
N ALA C 20 10.51 -8.33 58.79
CA ALA C 20 11.62 -8.70 59.65
C ALA C 20 11.28 -8.25 61.06
N ILE C 21 10.73 -9.19 61.84
CA ILE C 21 10.50 -8.97 63.26
C ILE C 21 11.57 -9.80 63.95
N PRO C 22 12.77 -9.28 64.08
CA PRO C 22 13.88 -10.04 64.66
C PRO C 22 13.66 -10.38 66.12
N GLN C 23 13.37 -9.36 66.92
CA GLN C 23 13.20 -9.48 68.36
C GLN C 23 11.88 -10.14 68.71
N TYR C 24 11.18 -10.60 67.68
CA TYR C 24 10.40 -11.80 67.83
C TYR C 24 11.31 -12.85 68.45
N GLN C 25 12.48 -13.11 67.84
CA GLN C 25 13.47 -14.04 68.41
C GLN C 25 13.85 -13.72 69.84
N ASN C 26 13.59 -12.50 70.31
CA ASN C 26 13.98 -12.06 71.62
C ASN C 26 12.84 -12.06 72.62
N TYR C 27 11.56 -12.00 72.19
CA TYR C 27 10.52 -12.51 73.09
C TYR C 27 10.54 -14.02 73.11
N VAL C 28 10.82 -14.64 71.97
CA VAL C 28 11.19 -16.05 71.97
C VAL C 28 12.30 -16.26 72.96
N ALA C 29 13.27 -15.34 73.01
CA ALA C 29 14.36 -15.50 73.95
C ALA C 29 13.86 -15.40 75.39
N ARG C 30 12.93 -14.49 75.65
CA ARG C 30 12.37 -14.39 76.98
C ARG C 30 11.57 -15.62 77.34
N SER C 31 10.85 -16.14 76.35
CA SER C 31 10.13 -17.38 76.53
C SER C 31 11.10 -18.50 76.82
N GLU C 32 12.23 -18.49 76.15
CA GLU C 32 13.20 -19.56 76.28
C GLU C 32 13.91 -19.46 77.62
N GLY C 33 14.01 -18.26 78.18
CA GLY C 33 14.70 -18.06 79.44
C GLY C 33 13.81 -18.29 80.65
N ALA C 34 12.64 -17.66 80.63
CA ALA C 34 11.68 -17.91 81.69
C ALA C 34 11.22 -19.35 81.64
N SER C 35 10.84 -19.81 80.46
CA SER C 35 10.48 -21.20 80.31
C SER C 35 11.68 -22.11 80.49
N ALA C 36 12.89 -21.56 80.45
CA ALA C 36 14.03 -22.29 80.97
C ALA C 36 14.03 -22.35 82.49
N LEU C 37 13.40 -21.38 83.16
CA LEU C 37 13.20 -21.53 84.59
C LEU C 37 12.13 -22.56 84.89
N ALA C 38 11.11 -22.65 84.03
CA ALA C 38 10.06 -23.63 84.22
C ALA C 38 10.63 -25.03 84.32
N SER C 39 11.70 -25.30 83.59
CA SER C 39 12.30 -26.62 83.59
C SER C 39 12.82 -27.01 84.97
N VAL C 40 13.35 -26.03 85.71
CA VAL C 40 14.08 -26.32 86.95
C VAL C 40 13.26 -26.10 88.20
N ASN C 41 12.15 -25.37 88.11
CA ASN C 41 11.51 -24.86 89.32
C ASN C 41 11.05 -25.92 90.31
N PRO C 42 10.50 -27.07 89.91
CA PRO C 42 10.23 -28.11 90.90
C PRO C 42 11.49 -28.84 91.37
N LEU C 43 12.65 -28.52 90.81
CA LEU C 43 13.89 -29.13 91.26
C LEU C 43 14.55 -28.34 92.36
N LYS C 44 14.32 -27.03 92.41
CA LYS C 44 14.41 -26.32 93.68
C LYS C 44 13.68 -27.11 94.74
N THR C 45 12.40 -27.32 94.47
CA THR C 45 11.49 -28.02 95.36
C THR C 45 11.94 -29.44 95.62
N THR C 46 12.77 -30.03 94.76
CA THR C 46 13.23 -31.41 94.88
C THR C 46 14.50 -31.54 95.72
N VAL C 47 15.48 -30.68 95.46
CA VAL C 47 16.63 -30.56 96.36
C VAL C 47 16.10 -30.37 97.77
N GLU C 48 15.23 -29.39 97.94
CA GLU C 48 14.61 -29.19 99.24
C GLU C 48 13.66 -30.31 99.63
N GLU C 49 13.14 -31.07 98.66
CA GLU C 49 12.27 -32.17 98.98
C GLU C 49 13.05 -33.15 99.84
N ALA C 50 14.00 -33.84 99.24
CA ALA C 50 14.55 -34.95 99.97
C ALA C 50 15.53 -34.48 101.03
N LEU C 51 16.19 -33.34 100.82
CA LEU C 51 16.99 -32.78 101.91
C LEU C 51 16.10 -32.44 103.09
N SER C 52 14.89 -31.96 102.80
CA SER C 52 13.94 -31.68 103.86
C SER C 52 13.32 -32.94 104.43
N ARG C 53 13.65 -34.10 103.88
CA ARG C 53 13.28 -35.36 104.52
C ARG C 53 14.35 -35.89 105.46
N GLY C 54 15.62 -35.81 105.07
CA GLY C 54 16.67 -36.58 105.69
C GLY C 54 17.46 -37.40 104.69
N TRP C 55 17.48 -36.93 103.44
CA TRP C 55 17.94 -37.73 102.31
C TRP C 55 18.62 -36.80 101.31
N SER C 56 19.78 -37.21 100.78
CA SER C 56 20.44 -36.38 99.77
C SER C 56 19.73 -36.56 98.42
N VAL C 57 20.22 -35.86 97.40
CA VAL C 57 19.54 -35.81 96.11
C VAL C 57 20.58 -35.89 95.00
N LYS C 58 20.52 -36.93 94.18
CA LYS C 58 21.29 -37.00 92.95
C LYS C 58 20.54 -36.34 91.81
N SER C 59 21.27 -36.05 90.74
CA SER C 59 20.66 -35.73 89.47
C SER C 59 20.45 -37.00 88.67
N GLY C 60 19.34 -37.01 87.93
CA GLY C 60 18.80 -38.20 87.33
C GLY C 60 17.48 -38.57 87.98
N THR C 61 16.95 -39.70 87.52
CA THR C 61 15.66 -40.21 87.94
C THR C 61 15.85 -41.55 88.61
N GLY C 62 14.73 -42.23 88.87
CA GLY C 62 14.71 -43.58 89.39
C GLY C 62 13.84 -43.67 90.62
N THR C 63 13.84 -44.86 91.20
CA THR C 63 13.32 -44.97 92.54
C THR C 63 14.19 -44.15 93.48
N GLU C 64 13.70 -43.99 94.69
CA GLU C 64 14.52 -43.35 95.69
C GLU C 64 15.74 -44.19 95.98
N ASP C 65 16.85 -43.52 96.16
CA ASP C 65 18.03 -44.13 96.74
C ASP C 65 17.82 -44.20 98.25
N ALA C 66 16.79 -44.95 98.65
CA ALA C 66 16.19 -44.85 99.97
C ALA C 66 16.81 -45.79 100.98
N THR C 67 17.89 -46.47 100.62
CA THR C 67 18.78 -47.08 101.59
C THR C 67 20.10 -46.35 101.64
N LYS C 68 20.19 -45.19 100.98
CA LYS C 68 21.47 -44.63 100.58
C LYS C 68 21.69 -43.21 101.06
N LYS C 69 20.80 -42.65 101.87
CA LYS C 69 20.81 -41.23 102.17
C LYS C 69 20.93 -40.41 100.90
N GLU C 70 19.99 -40.68 100.00
CA GLU C 70 20.01 -40.11 98.66
C GLU C 70 18.63 -40.29 98.05
N VAL C 71 18.32 -39.45 97.07
CA VAL C 71 17.07 -39.53 96.30
C VAL C 71 17.41 -39.03 94.89
N PRO C 72 16.65 -39.32 93.85
CA PRO C 72 16.86 -38.63 92.57
C PRO C 72 16.48 -37.16 92.65
N LEU C 73 17.07 -36.38 91.73
CA LEU C 73 16.42 -35.13 91.34
C LEU C 73 15.15 -35.41 90.55
N GLY C 74 15.02 -36.60 89.98
CA GLY C 74 13.90 -36.87 89.09
C GLY C 74 13.92 -35.98 87.88
N VAL C 75 15.07 -35.85 87.22
CA VAL C 75 15.18 -35.04 86.01
C VAL C 75 16.25 -35.61 85.10
N ALA C 76 16.00 -35.55 83.80
CA ALA C 76 17.04 -35.67 82.79
C ALA C 76 17.48 -34.27 82.43
N ALA C 77 18.80 -34.06 82.38
CA ALA C 77 19.38 -32.71 82.31
C ALA C 77 18.75 -31.85 81.22
N ASP C 78 18.54 -32.43 80.04
CA ASP C 78 17.84 -31.74 78.94
C ASP C 78 16.38 -32.13 78.87
N ALA C 79 15.73 -32.26 80.03
CA ALA C 79 14.27 -32.23 80.08
C ALA C 79 13.73 -31.10 79.23
N ASN C 80 14.38 -29.95 79.29
CA ASN C 80 14.13 -28.82 78.41
C ASN C 80 15.20 -28.80 77.33
N LYS C 81 14.78 -29.05 76.07
CA LYS C 81 15.70 -29.11 74.93
C LYS C 81 16.28 -27.77 74.56
N LEU C 82 15.95 -26.68 75.27
CA LEU C 82 16.75 -25.48 75.14
C LEU C 82 18.17 -25.74 75.59
N GLY C 83 18.35 -26.69 76.51
CA GLY C 83 19.69 -27.11 76.89
C GLY C 83 19.65 -28.10 78.01
N THR C 84 20.43 -27.88 79.07
CA THR C 84 20.69 -28.90 80.07
C THR C 84 20.72 -28.33 81.47
N ILE C 85 20.30 -29.15 82.42
CA ILE C 85 20.43 -28.89 83.84
C ILE C 85 21.71 -29.56 84.32
N ALA C 86 22.26 -29.05 85.41
CA ALA C 86 23.39 -29.71 86.05
C ALA C 86 23.32 -29.48 87.55
N LEU C 87 23.12 -30.57 88.31
CA LEU C 87 23.22 -30.48 89.75
C LEU C 87 24.67 -30.32 90.17
N LYS C 88 24.88 -29.51 91.19
CA LYS C 88 26.23 -29.23 91.66
C LYS C 88 26.18 -28.77 93.12
N PRO C 89 26.75 -29.53 94.08
CA PRO C 89 27.30 -30.88 94.01
C PRO C 89 26.21 -31.90 93.79
N ASP C 90 26.60 -32.98 93.15
CA ASP C 90 25.69 -34.05 92.74
C ASP C 90 26.23 -35.37 93.28
N PRO C 91 25.53 -36.07 94.19
CA PRO C 91 24.24 -35.75 94.78
C PRO C 91 24.27 -34.65 95.79
N ALA C 92 23.22 -33.85 95.72
CA ALA C 92 23.00 -32.73 96.62
C ALA C 92 22.78 -33.23 98.04
N ASP C 93 23.76 -32.97 98.89
CA ASP C 93 23.67 -33.30 100.31
C ASP C 93 23.05 -32.18 101.12
N GLY C 94 22.89 -31.00 100.54
CA GLY C 94 22.10 -29.95 101.12
C GLY C 94 22.90 -29.07 102.04
N THR C 95 23.74 -29.70 102.86
CA THR C 95 24.70 -28.92 103.61
C THR C 95 25.66 -28.19 102.69
N ALA C 96 25.79 -28.64 101.45
CA ALA C 96 26.41 -27.86 100.40
C ALA C 96 25.40 -26.88 99.83
N ASP C 97 25.91 -25.73 99.38
CA ASP C 97 25.08 -24.80 98.64
C ASP C 97 24.84 -25.43 97.28
N ILE C 98 23.73 -26.16 97.19
CA ILE C 98 23.43 -26.89 95.98
C ILE C 98 23.16 -25.89 94.87
N THR C 99 23.50 -26.29 93.66
CA THR C 99 23.38 -25.47 92.48
C THR C 99 22.65 -26.27 91.42
N LEU C 100 21.69 -25.60 90.76
CA LEU C 100 20.93 -26.18 89.68
C LEU C 100 21.11 -25.27 88.46
N THR C 101 22.09 -25.63 87.65
CA THR C 101 22.25 -25.02 86.34
C THR C 101 21.01 -25.24 85.51
N PHE C 102 20.76 -24.31 84.58
CA PHE C 102 20.15 -24.68 83.33
C PHE C 102 20.86 -23.98 82.20
N THR C 103 21.51 -24.74 81.36
CA THR C 103 22.10 -24.21 80.15
C THR C 103 21.05 -24.11 79.07
N MET C 104 21.15 -23.07 78.26
CA MET C 104 20.34 -22.92 77.05
C MET C 104 21.15 -23.25 75.80
N GLY C 105 21.58 -24.51 75.73
CA GLY C 105 22.22 -25.05 74.55
C GLY C 105 21.38 -25.06 73.30
N GLY C 106 20.33 -25.90 73.28
CA GLY C 106 19.49 -26.00 72.10
C GLY C 106 18.58 -24.79 71.89
N ALA C 107 19.19 -23.62 71.76
CA ALA C 107 18.51 -22.34 71.81
C ALA C 107 18.78 -21.55 70.53
N GLY C 108 18.07 -20.44 70.39
CA GLY C 108 18.22 -19.58 69.24
C GLY C 108 19.60 -18.96 69.20
N PRO C 109 19.95 -18.30 68.09
CA PRO C 109 21.21 -17.55 68.07
C PRO C 109 21.28 -16.47 69.13
N LYS C 110 20.13 -16.03 69.64
CA LYS C 110 20.06 -14.98 70.64
C LYS C 110 19.88 -15.52 72.05
N ASN C 111 19.90 -16.85 72.24
CA ASN C 111 20.18 -17.44 73.55
C ASN C 111 21.08 -18.64 73.38
N LYS C 112 21.98 -18.59 72.41
CA LYS C 112 22.73 -19.78 72.06
C LYS C 112 23.71 -20.12 73.18
N GLY C 113 23.17 -20.64 74.28
CA GLY C 113 23.96 -21.03 75.43
C GLY C 113 23.90 -20.11 76.64
N LYS C 114 22.94 -19.19 76.71
CA LYS C 114 22.85 -18.28 77.84
C LYS C 114 22.31 -19.05 79.04
N ILE C 115 23.20 -19.46 79.94
CA ILE C 115 22.82 -20.33 81.04
C ILE C 115 21.93 -19.58 82.03
N ILE C 116 21.07 -20.34 82.69
CA ILE C 116 20.27 -19.88 83.81
C ILE C 116 20.53 -20.90 84.92
N THR C 117 21.28 -20.49 85.95
CA THR C 117 21.66 -21.38 87.04
C THR C 117 21.08 -20.88 88.36
N LEU C 118 20.80 -21.84 89.23
CA LEU C 118 20.24 -21.63 90.55
C LEU C 118 21.24 -22.12 91.58
N THR C 119 21.22 -21.53 92.78
CA THR C 119 22.07 -22.04 93.84
C THR C 119 21.46 -21.75 95.20
N ARG C 120 21.30 -22.78 96.02
CA ARG C 120 20.70 -22.60 97.32
C ARG C 120 21.76 -22.26 98.37
N THR C 121 21.28 -21.85 99.53
CA THR C 121 22.11 -21.81 100.73
C THR C 121 21.90 -23.10 101.51
N ALA C 122 22.93 -23.53 102.24
CA ALA C 122 22.81 -24.75 103.01
C ALA C 122 21.82 -24.60 104.16
N ALA C 123 21.94 -23.52 104.95
CA ALA C 123 21.02 -23.25 106.02
C ALA C 123 19.78 -22.50 105.56
N ASP C 124 19.84 -21.88 104.38
CA ASP C 124 18.80 -20.94 103.97
C ASP C 124 18.34 -21.12 102.53
N GLY C 125 18.78 -22.16 101.82
CA GLY C 125 17.95 -22.79 100.81
C GLY C 125 17.59 -21.97 99.59
N LEU C 126 17.56 -20.65 99.67
CA LEU C 126 16.93 -19.86 98.62
C LEU C 126 17.80 -19.88 97.39
N TRP C 127 17.23 -20.34 96.29
CA TRP C 127 18.01 -20.55 95.09
C TRP C 127 18.40 -19.23 94.47
N LYS C 128 19.70 -19.08 94.26
CA LYS C 128 20.27 -17.93 93.59
C LYS C 128 19.98 -18.10 92.10
N CYS C 129 18.73 -17.83 91.77
CA CYS C 129 18.14 -18.19 90.50
C CYS C 129 18.42 -17.05 89.54
N THR C 130 19.37 -17.27 88.64
CA THR C 130 20.00 -16.20 87.90
C THR C 130 20.23 -16.62 86.48
N SER C 131 20.50 -15.62 85.65
CA SER C 131 20.53 -15.77 84.20
C SER C 131 21.71 -15.01 83.63
N ASP C 132 22.05 -15.37 82.40
CA ASP C 132 23.12 -14.75 81.66
C ASP C 132 22.63 -13.77 80.60
N GLN C 133 21.37 -13.41 80.63
CA GLN C 133 20.74 -12.78 79.49
C GLN C 133 20.69 -11.25 79.66
N ASP C 134 20.25 -10.56 78.62
CA ASP C 134 20.14 -9.11 78.60
C ASP C 134 18.76 -8.70 79.10
N GLU C 135 18.64 -7.44 79.55
CA GLU C 135 17.38 -6.94 80.11
C GLU C 135 16.23 -7.14 79.15
N GLN C 136 16.50 -6.99 77.86
CA GLN C 136 15.56 -7.32 76.80
C GLN C 136 15.23 -8.81 76.73
N PHE C 137 16.03 -9.67 77.36
CA PHE C 137 15.90 -11.13 77.26
C PHE C 137 15.44 -11.81 78.53
N ILE C 138 15.47 -11.15 79.68
CA ILE C 138 15.66 -11.83 80.97
C ILE C 138 14.58 -12.87 81.24
N PRO C 139 14.89 -13.94 81.99
CA PRO C 139 13.82 -14.76 82.56
C PRO C 139 13.09 -13.95 83.60
N LYS C 140 11.93 -13.43 83.24
CA LYS C 140 11.15 -12.65 84.18
C LYS C 140 10.45 -13.62 85.11
N GLY C 141 10.51 -13.32 86.41
CA GLY C 141 10.39 -14.34 87.43
C GLY C 141 11.58 -14.29 88.37
N CYS C 142 12.47 -15.27 88.29
CA CYS C 142 13.70 -15.20 89.07
C CYS C 142 14.49 -13.95 88.74
N SER C 143 15.48 -13.67 89.57
CA SER C 143 16.37 -12.56 89.31
C SER C 143 17.18 -12.84 88.05
N ARG C 144 17.65 -11.77 87.43
CA ARG C 144 18.23 -11.84 86.09
C ARG C 144 19.57 -12.57 86.02
N PHE D 1 5.02 -3.76 15.94
CA PHE D 1 5.12 -2.84 17.09
C PHE D 1 4.71 -3.54 18.37
N THR D 2 3.89 -4.57 18.24
CA THR D 2 3.46 -5.31 19.41
C THR D 2 4.57 -6.15 20.01
N LEU D 3 5.62 -6.43 19.22
CA LEU D 3 6.70 -7.30 19.66
C LEU D 3 7.30 -6.84 20.99
N ILE D 4 7.33 -5.53 21.21
CA ILE D 4 7.95 -4.97 22.40
C ILE D 4 7.04 -5.12 23.62
N GLU D 5 5.74 -4.87 23.44
CA GLU D 5 4.73 -5.24 24.43
C GLU D 5 4.91 -6.69 24.83
N LEU D 6 5.19 -7.54 23.86
CA LEU D 6 5.48 -8.89 24.27
C LEU D 6 6.82 -9.02 24.97
N MET D 7 7.81 -8.20 24.65
CA MET D 7 9.10 -8.35 25.31
C MET D 7 8.95 -8.25 26.80
N ILE D 8 8.18 -7.26 27.26
CA ILE D 8 7.92 -7.28 28.69
C ILE D 8 7.20 -8.55 29.05
N VAL D 9 6.22 -8.98 28.24
CA VAL D 9 5.42 -10.10 28.72
C VAL D 9 6.24 -11.39 28.81
N VAL D 10 7.17 -11.59 27.87
CA VAL D 10 8.14 -12.68 27.97
C VAL D 10 8.89 -12.57 29.28
N ALA D 11 9.36 -11.36 29.59
CA ALA D 11 10.00 -11.13 30.88
C ALA D 11 9.07 -11.55 32.01
N ILE D 12 7.86 -10.97 32.04
CA ILE D 12 6.90 -11.13 33.14
C ILE D 12 6.69 -12.59 33.46
N ILE D 13 6.50 -13.40 32.42
CA ILE D 13 6.48 -14.85 32.61
C ILE D 13 7.75 -15.28 33.33
N GLY D 14 8.88 -14.69 32.93
CA GLY D 14 10.13 -15.13 33.50
C GLY D 14 10.28 -14.84 34.98
N ILE D 15 9.96 -13.61 35.42
CA ILE D 15 10.64 -13.08 36.61
C ILE D 15 10.28 -13.89 37.86
N LEU D 16 9.11 -14.52 37.88
CA LEU D 16 8.63 -15.20 39.08
C LEU D 16 9.66 -16.21 39.59
N ALA D 17 10.17 -15.99 40.81
CA ALA D 17 11.44 -16.58 41.23
C ALA D 17 11.43 -17.11 42.66
N ALA D 18 10.26 -17.42 43.21
CA ALA D 18 10.20 -18.04 44.53
C ALA D 18 9.07 -19.06 44.62
N ILE D 19 8.79 -19.78 43.53
CA ILE D 19 7.53 -20.50 43.39
C ILE D 19 7.54 -21.78 44.20
N ALA D 20 8.37 -22.72 43.80
CA ALA D 20 8.30 -24.05 44.38
C ALA D 20 9.09 -24.02 45.68
N ILE D 21 8.37 -23.80 46.78
CA ILE D 21 8.94 -23.91 48.11
C ILE D 21 8.38 -25.22 48.66
N PRO D 22 8.98 -26.34 48.33
CA PRO D 22 8.46 -27.64 48.74
C PRO D 22 8.51 -27.85 50.24
N GLN D 23 9.70 -27.65 50.82
CA GLN D 23 9.95 -27.87 52.23
C GLN D 23 9.34 -26.76 53.07
N TYR D 24 8.59 -25.89 52.43
CA TYR D 24 7.43 -25.33 53.07
C TYR D 24 6.64 -26.48 53.66
N GLN D 25 6.28 -27.48 52.84
CA GLN D 25 5.59 -28.68 53.31
C GLN D 25 6.29 -29.38 54.46
N ASN D 26 7.57 -29.09 54.67
CA ASN D 26 8.37 -29.75 55.68
C ASN D 26 8.59 -28.91 56.92
N TYR D 27 8.46 -27.56 56.85
CA TYR D 27 8.16 -26.85 58.10
C TYR D 27 6.72 -27.05 58.49
N VAL D 28 5.83 -27.10 57.50
CA VAL D 28 4.49 -27.63 57.73
C VAL D 28 4.61 -28.98 58.41
N ALA D 29 5.54 -29.80 57.96
CA ALA D 29 5.71 -31.11 58.58
C ALA D 29 6.17 -30.98 60.03
N ARG D 30 7.06 -30.04 60.30
CA ARG D 30 7.49 -29.83 61.68
C ARG D 30 6.34 -29.30 62.52
N SER D 31 5.55 -28.43 61.94
CA SER D 31 4.36 -27.93 62.60
C SER D 31 3.42 -29.06 62.88
N GLU D 32 3.31 -29.98 61.94
CA GLU D 32 2.36 -31.06 62.05
C GLU D 32 2.84 -32.08 63.09
N GLY D 33 4.15 -32.17 63.28
CA GLY D 33 4.72 -33.13 64.21
C GLY D 33 4.77 -32.61 65.63
N ALA D 34 5.32 -31.41 65.79
CA ALA D 34 5.32 -30.77 67.10
C ALA D 34 3.90 -30.49 67.54
N SER D 35 3.11 -29.89 66.65
CA SER D 35 1.71 -29.67 66.95
C SER D 35 0.95 -30.97 67.02
N ALA D 36 1.54 -32.06 66.50
CA ALA D 36 1.02 -33.38 66.85
C ALA D 36 1.36 -33.76 68.28
N LEU D 37 2.45 -33.22 68.84
CA LEU D 37 2.68 -33.40 70.27
C LEU D 37 1.71 -32.58 71.09
N ALA D 38 1.35 -31.39 70.59
CA ALA D 38 0.40 -30.55 71.30
C ALA D 38 -0.90 -31.28 71.58
N SER D 39 -1.29 -32.17 70.66
CA SER D 39 -2.53 -32.90 70.82
C SER D 39 -2.51 -33.79 72.05
N VAL D 40 -1.35 -34.37 72.36
CA VAL D 40 -1.26 -35.41 73.38
C VAL D 40 -0.75 -34.92 74.72
N ASN D 41 -0.13 -33.74 74.76
CA ASN D 41 0.64 -33.38 75.94
C ASN D 41 -0.13 -33.30 77.24
N PRO D 42 -1.37 -32.81 77.30
CA PRO D 42 -2.13 -32.94 78.54
C PRO D 42 -2.64 -34.34 78.81
N LEU D 43 -2.43 -35.28 77.89
CA LEU D 43 -2.83 -36.65 78.14
C LEU D 43 -1.74 -37.48 78.78
N LYS D 44 -0.48 -37.12 78.57
CA LYS D 44 0.54 -37.44 79.54
C LYS D 44 0.03 -37.10 80.93
N THR D 45 -0.30 -35.82 81.08
CA THR D 45 -0.78 -35.26 82.33
C THR D 45 -2.06 -35.93 82.80
N THR D 46 -2.82 -36.58 81.91
CA THR D 46 -4.10 -37.21 82.23
C THR D 46 -3.92 -38.66 82.70
N VAL D 47 -3.12 -39.43 81.97
CA VAL D 47 -2.71 -40.74 82.46
C VAL D 47 -2.17 -40.59 83.88
N GLU D 48 -1.23 -39.65 84.03
CA GLU D 48 -0.72 -39.38 85.36
C GLU D 48 -1.74 -38.70 86.26
N GLU D 49 -2.76 -38.05 85.69
CA GLU D 49 -3.79 -37.42 86.50
C GLU D 49 -4.46 -38.50 87.32
N ALA D 50 -5.23 -39.34 86.65
CA ALA D 50 -6.08 -40.19 87.47
C ALA D 50 -5.30 -41.35 88.06
N LEU D 51 -4.22 -41.79 87.40
CA LEU D 51 -3.36 -42.75 88.07
C LEU D 51 -2.75 -42.16 89.33
N SER D 52 -2.43 -40.87 89.28
CA SER D 52 -1.92 -40.20 90.45
C SER D 52 -3.01 -39.90 91.46
N ARG D 53 -4.26 -40.21 91.14
CA ARG D 53 -5.32 -40.17 92.14
C ARG D 53 -5.52 -41.50 92.86
N GLY D 54 -5.50 -42.60 92.11
CA GLY D 54 -6.02 -43.87 92.59
C GLY D 54 -7.03 -44.47 91.64
N TRP D 55 -6.91 -44.12 90.37
CA TRP D 55 -7.96 -44.37 89.38
C TRP D 55 -7.31 -44.66 88.03
N SER D 56 -7.78 -45.67 87.32
CA SER D 56 -7.22 -45.96 86.00
C SER D 56 -7.78 -44.96 85.00
N VAL D 57 -7.37 -45.09 83.73
CA VAL D 57 -7.68 -44.10 82.70
C VAL D 57 -8.01 -44.83 81.41
N LYS D 58 -9.24 -44.67 80.92
CA LYS D 58 -9.59 -45.12 79.58
C LYS D 58 -9.29 -44.04 78.56
N SER D 59 -9.28 -44.43 77.29
CA SER D 59 -9.33 -43.49 76.20
C SER D 59 -10.77 -43.22 75.83
N GLY D 60 -11.04 -41.99 75.44
CA GLY D 60 -12.37 -41.46 75.32
C GLY D 60 -12.62 -40.39 76.38
N THR D 61 -13.85 -39.91 76.39
CA THR D 61 -14.29 -38.83 77.25
C THR D 61 -15.40 -39.35 78.16
N GLY D 62 -16.04 -38.41 78.86
CA GLY D 62 -17.20 -38.68 79.68
C GLY D 62 -17.00 -38.18 81.09
N THR D 63 -17.99 -38.45 81.92
CA THR D 63 -17.75 -38.32 83.34
C THR D 63 -16.69 -39.29 83.77
N GLU D 64 -16.23 -39.11 84.99
CA GLU D 64 -15.31 -40.07 85.54
C GLU D 64 -15.98 -41.41 85.68
N ASP D 65 -15.22 -42.45 85.37
CA ASP D 65 -15.60 -43.80 85.73
C ASP D 65 -15.28 -43.98 87.21
N ALA D 66 -15.94 -43.20 88.05
CA ALA D 66 -15.53 -42.93 89.43
C ALA D 66 -16.13 -43.90 90.42
N THR D 67 -16.84 -44.92 89.96
CA THR D 67 -17.13 -46.09 90.76
C THR D 67 -16.34 -47.29 90.26
N LYS D 68 -15.39 -47.08 89.34
CA LYS D 68 -14.89 -48.13 88.48
C LYS D 68 -13.39 -48.31 88.51
N LYS D 69 -12.68 -47.58 89.38
CA LYS D 69 -11.23 -47.50 89.32
C LYS D 69 -10.78 -47.19 87.90
N GLU D 70 -11.32 -46.10 87.38
CA GLU D 70 -11.13 -45.70 86.00
C GLU D 70 -11.53 -44.25 85.85
N VAL D 71 -11.00 -43.60 84.82
CA VAL D 71 -11.35 -42.23 84.47
C VAL D 71 -11.21 -42.13 82.95
N PRO D 72 -11.81 -41.16 82.26
CA PRO D 72 -11.48 -40.97 80.85
C PRO D 72 -10.06 -40.45 80.66
N LEU D 73 -9.52 -40.70 79.46
CA LEU D 73 -8.46 -39.81 78.97
C LEU D 73 -9.00 -38.43 78.65
N GLY D 74 -10.31 -38.31 78.45
CA GLY D 74 -10.86 -37.04 78.00
C GLY D 74 -10.33 -36.64 76.64
N VAL D 75 -10.32 -37.56 75.67
CA VAL D 75 -9.86 -37.26 74.33
C VAL D 75 -10.60 -38.13 73.33
N ALA D 76 -10.89 -37.56 72.17
CA ALA D 76 -11.23 -38.31 70.98
C ALA D 76 -9.96 -38.48 70.17
N ALA D 77 -9.69 -39.72 69.72
CA ALA D 77 -8.39 -40.08 69.16
C ALA D 77 -7.89 -39.10 68.12
N ASP D 78 -8.77 -38.67 67.21
CA ASP D 78 -8.43 -37.65 66.22
C ASP D 78 -8.91 -36.28 66.65
N ALA D 79 -8.75 -35.96 67.93
CA ALA D 79 -8.78 -34.56 68.38
C ALA D 79 -7.95 -33.69 67.45
N ASN D 80 -6.79 -34.19 67.06
CA ASN D 80 -5.94 -33.60 66.03
C ASN D 80 -6.17 -34.34 64.72
N LYS D 81 -6.75 -33.66 63.74
CA LYS D 81 -7.07 -34.26 62.45
C LYS D 81 -5.84 -34.56 61.60
N LEU D 82 -4.64 -34.29 62.08
CA LEU D 82 -3.48 -34.89 61.45
C LEU D 82 -3.54 -36.40 61.56
N GLY D 83 -4.19 -36.92 62.58
CA GLY D 83 -4.43 -38.34 62.67
C GLY D 83 -5.09 -38.72 63.96
N THR D 84 -4.56 -39.70 64.68
CA THR D 84 -5.26 -40.33 65.79
C THR D 84 -4.34 -40.65 66.95
N ILE D 85 -4.90 -40.58 68.15
CA ILE D 85 -4.26 -41.03 69.37
C ILE D 85 -4.72 -42.46 69.62
N ALA D 86 -3.90 -43.21 70.37
CA ALA D 86 -4.31 -44.54 70.80
C ALA D 86 -3.70 -44.82 72.16
N LEU D 87 -4.55 -44.95 73.18
CA LEU D 87 -4.07 -45.39 74.48
C LEU D 87 -3.74 -46.87 74.44
N LYS D 88 -2.68 -47.24 75.12
CA LYS D 88 -2.22 -48.62 75.13
C LYS D 88 -1.39 -48.88 76.39
N PRO D 89 -1.84 -49.76 77.30
CA PRO D 89 -3.12 -50.44 77.42
C PRO D 89 -4.21 -49.46 77.77
N ASP D 90 -5.42 -49.80 77.33
CA ASP D 90 -6.60 -48.95 77.46
C ASP D 90 -7.70 -49.76 78.13
N PRO D 91 -8.15 -49.39 79.34
CA PRO D 91 -7.76 -48.27 80.16
C PRO D 91 -6.43 -48.43 80.84
N ALA D 92 -5.72 -47.30 80.86
CA ALA D 92 -4.42 -47.19 81.48
C ALA D 92 -4.53 -47.40 82.97
N ASP D 93 -4.01 -48.53 83.44
CA ASP D 93 -3.96 -48.83 84.86
C ASP D 93 -2.69 -48.31 85.52
N GLY D 94 -1.72 -47.87 84.73
CA GLY D 94 -0.59 -47.13 85.24
C GLY D 94 0.54 -48.03 85.65
N THR D 95 0.21 -49.11 86.35
CA THR D 95 1.20 -50.14 86.59
C THR D 95 1.70 -50.75 85.29
N ALA D 96 0.93 -50.60 84.20
CA ALA D 96 1.44 -50.83 82.86
C ALA D 96 2.19 -49.61 82.38
N ASP D 97 3.19 -49.85 81.55
CA ASP D 97 3.85 -48.76 80.85
C ASP D 97 2.87 -48.26 79.82
N ILE D 98 2.10 -47.26 80.21
CA ILE D 98 1.06 -46.75 79.35
C ILE D 98 1.70 -46.08 78.15
N THR D 99 1.01 -46.16 77.02
CA THR D 99 1.47 -45.65 75.75
C THR D 99 0.39 -44.76 75.16
N LEU D 100 0.83 -43.61 74.65
CA LEU D 100 -0.06 -42.66 73.99
C LEU D 100 0.49 -42.42 72.60
N THR D 101 -0.01 -43.20 71.66
CA THR D 101 0.23 -42.95 70.24
C THR D 101 -0.27 -41.57 69.87
N PHE D 102 0.36 -41.00 68.85
CA PHE D 102 -0.36 -40.13 67.94
C PHE D 102 0.06 -40.45 66.52
N THR D 103 -0.88 -40.95 65.75
CA THR D 103 -0.66 -41.14 64.34
C THR D 103 -0.90 -39.85 63.60
N MET D 104 -0.11 -39.61 62.56
CA MET D 104 -0.33 -38.51 61.63
C MET D 104 -0.94 -39.02 60.32
N GLY D 105 -2.14 -39.56 60.45
CA GLY D 105 -2.95 -39.95 59.30
C GLY D 105 -3.34 -38.82 58.37
N GLY D 106 -4.19 -37.90 58.84
CA GLY D 106 -4.65 -36.81 58.01
C GLY D 106 -3.59 -35.74 57.76
N ALA D 107 -2.46 -36.16 57.19
CA ALA D 107 -1.26 -35.36 57.11
C ALA D 107 -0.82 -35.21 55.66
N GLY D 108 0.18 -34.35 55.45
CA GLY D 108 0.71 -34.11 54.13
C GLY D 108 1.35 -35.35 53.57
N PRO D 109 1.72 -35.33 52.28
CA PRO D 109 2.50 -36.44 51.73
C PRO D 109 3.81 -36.65 52.43
N LYS D 110 4.32 -35.63 53.11
CA LYS D 110 5.59 -35.68 53.81
C LYS D 110 5.44 -35.94 55.30
N ASN D 111 4.22 -36.15 55.80
CA ASN D 111 4.01 -36.83 57.08
C ASN D 111 2.84 -37.79 56.97
N LYS D 112 2.68 -38.40 55.80
CA LYS D 112 1.49 -39.18 55.55
C LYS D 112 1.50 -40.44 56.41
N GLY D 113 1.28 -40.27 57.72
CA GLY D 113 1.23 -41.36 58.67
C GLY D 113 2.44 -41.50 59.58
N LYS D 114 3.30 -40.48 59.68
CA LYS D 114 4.48 -40.58 60.53
C LYS D 114 4.03 -40.44 61.98
N ILE D 115 3.92 -41.58 62.68
CA ILE D 115 3.35 -41.60 64.02
C ILE D 115 4.29 -40.90 64.99
N ILE D 116 3.70 -40.34 66.04
CA ILE D 116 4.40 -39.81 67.19
C ILE D 116 3.74 -40.45 68.40
N THR D 117 4.43 -41.38 69.05
CA THR D 117 3.88 -42.13 70.18
C THR D 117 4.69 -41.85 71.44
N LEU D 118 3.98 -41.91 72.56
CA LEU D 118 4.51 -41.69 73.88
C LEU D 118 4.36 -42.96 74.69
N THR D 119 5.24 -43.18 75.66
CA THR D 119 5.08 -44.33 76.55
C THR D 119 5.69 -44.06 77.91
N ARG D 120 4.91 -44.23 78.97
CA ARG D 120 5.41 -43.96 80.30
C ARG D 120 6.06 -45.19 80.89
N THR D 121 6.75 -44.99 82.01
CA THR D 121 7.14 -46.08 82.88
C THR D 121 6.10 -46.22 83.99
N ALA D 122 5.93 -47.45 84.49
CA ALA D 122 4.95 -47.68 85.54
C ALA D 122 5.36 -47.00 86.84
N ALA D 123 6.61 -47.19 87.26
CA ALA D 123 7.11 -46.53 88.47
C ALA D 123 7.65 -45.14 88.19
N ASP D 124 7.94 -44.83 86.93
CA ASP D 124 8.68 -43.62 86.59
C ASP D 124 8.11 -42.83 85.43
N GLY D 125 6.94 -43.19 84.91
CA GLY D 125 6.01 -42.23 84.35
C GLY D 125 6.45 -41.47 83.11
N LEU D 126 7.76 -41.30 82.87
CA LEU D 126 8.20 -40.34 81.88
C LEU D 126 7.90 -40.87 80.49
N TRP D 127 7.14 -40.10 79.75
CA TRP D 127 6.65 -40.56 78.46
C TRP D 127 7.78 -40.63 77.46
N LYS D 128 7.93 -41.81 76.87
CA LYS D 128 8.89 -42.04 75.81
C LYS D 128 8.31 -41.41 74.55
N CYS D 129 8.42 -40.09 74.52
CA CYS D 129 7.72 -39.24 73.59
C CYS D 129 8.56 -39.13 72.33
N THR D 130 8.15 -39.85 71.29
CA THR D 130 9.02 -40.14 70.17
C THR D 130 8.25 -40.05 68.89
N SER D 131 9.00 -39.98 67.79
CA SER D 131 8.46 -39.67 66.48
C SER D 131 9.11 -40.57 65.44
N ASP D 132 8.46 -40.62 64.29
CA ASP D 132 8.91 -41.39 63.15
C ASP D 132 9.54 -40.53 62.07
N GLN D 133 9.84 -39.27 62.35
CA GLN D 133 10.11 -38.32 61.31
C GLN D 133 11.62 -38.13 61.11
N ASP D 134 11.98 -37.36 60.08
CA ASP D 134 13.37 -37.07 59.76
C ASP D 134 13.84 -35.82 60.49
N GLU D 135 15.16 -35.68 60.64
CA GLU D 135 15.73 -34.55 61.39
C GLU D 135 15.22 -33.23 60.86
N GLN D 136 15.05 -33.14 59.55
CA GLN D 136 14.40 -32.01 58.90
C GLN D 136 12.92 -31.85 59.29
N PHE D 137 12.30 -32.89 59.87
CA PHE D 137 10.88 -32.91 60.17
C PHE D 137 10.53 -32.87 61.64
N ILE D 138 11.47 -33.11 62.55
CA ILE D 138 11.17 -33.69 63.86
C ILE D 138 10.19 -32.85 64.66
N PRO D 139 9.37 -33.47 65.53
CA PRO D 139 8.69 -32.68 66.55
C PRO D 139 9.71 -32.15 67.52
N LYS D 140 10.05 -30.88 67.39
CA LYS D 140 11.02 -30.28 68.28
C LYS D 140 10.29 -29.97 69.58
N GLY D 141 10.94 -30.30 70.69
CA GLY D 141 10.21 -30.58 71.92
C GLY D 141 10.58 -31.94 72.46
N CYS D 142 9.66 -32.91 72.37
CA CYS D 142 9.99 -34.27 72.75
C CYS D 142 11.15 -34.79 71.92
N SER D 143 11.68 -35.92 72.35
CA SER D 143 12.73 -36.58 71.59
C SER D 143 12.15 -37.07 70.26
N ARG D 144 13.05 -37.24 69.30
CA ARG D 144 12.65 -37.47 67.91
C ARG D 144 11.99 -38.81 67.65
N PHE E 1 1.16 -6.08 4.35
CA PHE E 1 2.36 -6.35 5.17
C PHE E 1 2.00 -6.36 6.64
N THR E 2 0.94 -5.66 7.01
CA THR E 2 0.52 -5.64 8.40
C THR E 2 -0.08 -6.96 8.84
N LEU E 3 -0.51 -7.79 7.89
CA LEU E 3 -1.19 -9.03 8.20
C LEU E 3 -0.38 -9.89 9.16
N ILE E 4 0.95 -9.83 9.05
CA ILE E 4 1.84 -10.67 9.84
C ILE E 4 1.96 -10.13 11.27
N GLU E 5 2.12 -8.81 11.39
CA GLU E 5 1.98 -8.14 12.67
C GLU E 5 0.69 -8.58 13.36
N LEU E 6 -0.37 -8.70 12.59
CA LEU E 6 -1.55 -9.23 13.23
C LEU E 6 -1.44 -10.70 13.53
N MET E 7 -0.69 -11.47 12.75
CA MET E 7 -0.60 -12.90 13.05
C MET E 7 -0.13 -13.14 14.45
N ILE E 8 0.91 -12.40 14.85
CA ILE E 8 1.27 -12.53 16.26
C ILE E 8 0.11 -12.06 17.10
N VAL E 9 -0.57 -10.97 16.73
CA VAL E 9 -1.55 -10.44 17.66
C VAL E 9 -2.74 -11.40 17.83
N VAL E 10 -3.14 -12.08 16.76
CA VAL E 10 -4.12 -13.15 16.83
C VAL E 10 -3.63 -14.21 17.83
N ALA E 11 -2.36 -14.59 17.69
CA ALA E 11 -1.78 -15.50 18.66
C ALA E 11 -1.91 -14.96 20.07
N ILE E 12 -1.40 -13.74 20.29
CA ILE E 12 -1.30 -13.11 21.61
C ILE E 12 -2.64 -13.16 22.32
N ILE E 13 -3.70 -12.80 21.61
CA ILE E 13 -5.05 -12.99 22.14
C ILE E 13 -5.22 -14.44 22.57
N GLY E 14 -4.72 -15.36 21.74
CA GLY E 14 -4.93 -16.76 22.03
C GLY E 14 -4.24 -17.25 23.29
N ILE E 15 -2.97 -16.91 23.49
CA ILE E 15 -2.11 -17.81 24.29
C ILE E 15 -2.58 -17.88 25.73
N LEU E 16 -3.23 -16.84 26.24
CA LEU E 16 -3.59 -16.75 27.66
C LEU E 16 -4.38 -17.99 28.08
N ALA E 17 -3.83 -18.76 29.02
CA ALA E 17 -4.23 -20.16 29.21
C ALA E 17 -4.36 -20.58 30.67
N ALA E 18 -4.57 -19.63 31.58
CA ALA E 18 -4.82 -19.98 32.97
C ALA E 18 -5.83 -19.04 33.62
N ILE E 19 -6.82 -18.56 32.84
CA ILE E 19 -7.61 -17.40 33.24
C ILE E 19 -8.62 -17.77 34.31
N ALA E 20 -9.60 -18.56 33.92
CA ALA E 20 -10.73 -18.80 34.82
C ALA E 20 -10.33 -19.88 35.79
N ILE E 21 -9.86 -19.45 36.96
CA ILE E 21 -9.59 -20.36 38.07
C ILE E 21 -10.72 -20.10 39.05
N PRO E 22 -11.86 -20.72 38.85
CA PRO E 22 -13.04 -20.47 39.70
C PRO E 22 -12.83 -20.92 41.13
N GLN E 23 -12.44 -22.19 41.29
CA GLN E 23 -12.26 -22.83 42.59
C GLN E 23 -11.00 -22.33 43.28
N TYR E 24 -10.35 -21.35 42.66
CA TYR E 24 -9.69 -20.33 43.45
C TYR E 24 -10.68 -19.85 44.49
N GLN E 25 -11.88 -19.42 44.07
CA GLN E 25 -12.95 -19.00 44.99
C GLN E 25 -13.27 -20.05 46.04
N ASN E 26 -12.90 -21.30 45.81
CA ASN E 26 -13.23 -22.39 46.68
C ASN E 26 -12.08 -22.83 47.58
N TYR E 27 -10.80 -22.54 47.23
CA TYR E 27 -9.81 -22.50 48.28
C TYR E 27 -9.96 -21.23 49.10
N VAL E 28 -10.30 -20.12 48.44
CA VAL E 28 -10.81 -18.97 49.16
C VAL E 28 -11.92 -19.40 50.08
N ALA E 29 -12.79 -20.29 49.61
CA ALA E 29 -13.89 -20.74 50.45
C ALA E 29 -13.36 -21.54 51.64
N ARG E 30 -12.35 -22.36 51.42
CA ARG E 30 -11.76 -23.11 52.53
C ARG E 30 -11.08 -22.16 53.49
N SER E 31 -10.42 -21.15 52.96
CA SER E 31 -9.81 -20.13 53.79
C SER E 31 -10.87 -19.42 54.59
N GLU E 32 -12.00 -19.17 53.96
CA GLU E 32 -13.06 -18.42 54.60
C GLU E 32 -13.74 -19.26 55.67
N GLY E 33 -13.72 -20.57 55.51
CA GLY E 33 -14.39 -21.46 56.45
C GLY E 33 -13.51 -21.82 57.63
N ALA E 34 -12.29 -22.25 57.34
CA ALA E 34 -11.33 -22.51 58.40
C ALA E 34 -11.00 -21.23 59.13
N SER E 35 -10.69 -20.19 58.37
CA SER E 35 -10.44 -18.90 58.99
C SER E 35 -11.72 -18.32 59.57
N ALA E 36 -12.88 -18.87 59.20
CA ALA E 36 -14.08 -18.62 59.99
C ALA E 36 -14.06 -19.35 61.32
N LEU E 37 -13.34 -20.48 61.41
CA LEU E 37 -13.14 -21.09 62.71
C LEU E 37 -12.16 -20.29 63.54
N ALA E 38 -11.17 -19.67 62.89
CA ALA E 38 -10.20 -18.84 63.61
C ALA E 38 -10.89 -17.76 64.40
N SER E 39 -11.99 -17.24 63.87
CA SER E 39 -12.72 -16.17 64.55
C SER E 39 -13.25 -16.62 65.90
N VAL E 40 -13.67 -17.87 66.02
CA VAL E 40 -14.42 -18.33 67.19
C VAL E 40 -13.56 -19.11 68.17
N ASN E 41 -12.38 -19.59 67.75
CA ASN E 41 -11.70 -20.59 68.53
C ASN E 41 -11.32 -20.17 69.95
N PRO E 42 -10.87 -18.95 70.22
CA PRO E 42 -10.69 -18.55 71.63
C PRO E 42 -11.99 -18.29 72.36
N LEU E 43 -13.13 -18.36 71.67
CA LEU E 43 -14.42 -18.19 72.34
C LEU E 43 -14.99 -19.49 72.84
N LYS E 44 -14.65 -20.60 72.20
CA LYS E 44 -14.66 -21.87 72.91
C LYS E 44 -13.99 -21.70 74.25
N THR E 45 -12.73 -21.27 74.18
CA THR E 45 -11.88 -21.08 75.33
C THR E 45 -12.45 -20.04 76.29
N THR E 46 -13.34 -19.16 75.83
CA THR E 46 -13.92 -18.09 76.63
C THR E 46 -15.18 -18.53 77.37
N VAL E 47 -16.08 -19.21 76.66
CA VAL E 47 -17.21 -19.87 77.32
C VAL E 47 -16.66 -20.73 78.45
N GLU E 48 -15.69 -21.57 78.12
CA GLU E 48 -15.04 -22.37 79.14
C GLU E 48 -14.19 -21.54 80.09
N GLU E 49 -13.76 -20.35 79.68
CA GLU E 49 -12.98 -19.50 80.56
C GLU E 49 -13.83 -19.18 81.78
N ALA E 50 -14.85 -18.37 81.58
CA ALA E 50 -15.48 -17.86 82.78
C ALA E 50 -16.41 -18.89 83.39
N LEU E 51 -16.96 -19.81 82.60
CA LEU E 51 -17.69 -20.92 83.21
C LEU E 51 -16.76 -21.76 84.07
N SER E 52 -15.52 -21.91 83.61
CA SER E 52 -14.53 -22.62 84.40
C SER E 52 -14.03 -21.80 85.57
N ARG E 53 -14.46 -20.55 85.69
CA ARG E 53 -14.19 -19.78 86.91
C ARG E 53 -15.30 -19.93 87.95
N GLY E 54 -16.56 -19.89 87.52
CA GLY E 54 -17.67 -19.64 88.43
C GLY E 54 -18.55 -18.50 87.97
N TRP E 55 -18.54 -18.23 86.66
CA TRP E 55 -19.08 -17.01 86.10
C TRP E 55 -19.70 -17.33 84.74
N SER E 56 -20.88 -16.80 84.45
CA SER E 56 -21.49 -17.03 83.14
C SER E 56 -20.81 -16.13 82.11
N VAL E 57 -21.25 -16.21 80.85
CA VAL E 57 -20.59 -15.53 79.74
C VAL E 57 -21.64 -14.97 78.81
N LYS E 58 -21.68 -13.65 78.66
CA LYS E 58 -22.47 -13.02 77.61
C LYS E 58 -21.68 -12.91 76.32
N SER E 59 -22.40 -12.65 75.24
CA SER E 59 -21.78 -12.22 74.00
C SER E 59 -21.69 -10.70 73.99
N GLY E 60 -20.60 -10.21 73.41
CA GLY E 60 -20.18 -8.84 73.54
C GLY E 60 -18.89 -8.76 74.33
N THR E 61 -18.48 -7.52 74.55
CA THR E 61 -17.23 -7.20 75.22
C THR E 61 -17.52 -6.42 76.50
N GLY E 62 -16.47 -5.90 77.10
CA GLY E 62 -16.56 -5.02 78.25
C GLY E 62 -15.69 -5.52 79.38
N THR E 63 -15.78 -4.81 80.49
CA THR E 63 -15.26 -5.38 81.72
C THR E 63 -16.04 -6.62 82.06
N GLU E 64 -15.53 -7.36 83.02
CA GLU E 64 -16.27 -8.49 83.50
C GLU E 64 -17.55 -8.04 84.16
N ASP E 65 -18.60 -8.80 83.91
CA ASP E 65 -19.82 -8.68 84.68
C ASP E 65 -19.59 -9.39 86.01
N ALA E 66 -18.64 -8.88 86.78
CA ALA E 66 -18.01 -9.60 87.88
C ALA E 66 -18.70 -9.39 89.20
N THR E 67 -19.83 -8.70 89.22
CA THR E 67 -20.77 -8.77 90.34
C THR E 67 -22.02 -9.53 89.95
N LYS E 68 -22.01 -10.17 88.77
CA LYS E 68 -23.24 -10.54 88.09
C LYS E 68 -23.33 -12.02 87.75
N LYS E 69 -22.37 -12.84 88.18
CA LYS E 69 -22.26 -14.21 87.70
C LYS E 69 -22.32 -14.25 86.18
N GLU E 70 -21.42 -13.47 85.59
CA GLU E 70 -21.40 -13.25 84.16
C GLU E 70 -20.05 -12.67 83.78
N VAL E 71 -19.68 -12.84 82.51
CA VAL E 71 -18.46 -12.26 81.94
C VAL E 71 -18.77 -11.99 80.47
N PRO E 72 -18.05 -11.12 79.76
CA PRO E 72 -18.21 -11.06 78.30
C PRO E 72 -17.71 -12.32 77.62
N LEU E 73 -18.23 -12.56 76.41
CA LEU E 73 -17.47 -13.35 75.45
C LEU E 73 -16.25 -12.60 74.96
N GLY E 74 -16.23 -11.27 75.11
CA GLY E 74 -15.16 -10.49 74.53
C GLY E 74 -15.10 -10.60 73.02
N VAL E 75 -16.25 -10.47 72.35
CA VAL E 75 -16.31 -10.53 70.90
C VAL E 75 -17.44 -9.67 70.39
N ALA E 76 -17.20 -9.02 69.25
CA ALA E 76 -18.25 -8.47 68.42
C ALA E 76 -18.57 -9.51 67.35
N ALA E 77 -19.87 -9.77 67.16
CA ALA E 77 -20.32 -10.93 66.37
C ALA E 77 -19.63 -11.03 65.03
N ASP E 78 -19.49 -9.92 64.32
CA ASP E 78 -18.76 -9.86 63.06
C ASP E 78 -17.34 -9.37 63.25
N ALA E 79 -16.69 -9.81 64.34
CA ALA E 79 -15.23 -9.74 64.41
C ALA E 79 -14.59 -10.20 63.12
N ASN E 80 -15.13 -11.26 62.54
CA ASN E 80 -14.79 -11.75 61.21
C ASN E 80 -15.87 -11.28 60.24
N LYS E 81 -15.50 -10.39 59.32
CA LYS E 81 -16.43 -9.82 58.35
C LYS E 81 -16.90 -10.80 57.30
N LEU E 82 -16.46 -12.06 57.35
CA LEU E 82 -17.15 -13.09 56.59
C LEU E 82 -18.58 -13.22 57.06
N GLY E 83 -18.84 -12.91 58.33
CA GLY E 83 -20.20 -12.87 58.82
C GLY E 83 -20.25 -12.60 60.30
N THR E 84 -20.99 -13.42 61.06
CA THR E 84 -21.31 -13.09 62.43
C THR E 84 -21.28 -14.32 63.33
N ILE E 85 -20.92 -14.07 64.58
CA ILE E 85 -21.01 -15.05 65.65
C ILE E 85 -22.34 -14.84 66.36
N ALA E 86 -22.82 -15.89 67.01
CA ALA E 86 -24.00 -15.76 67.86
C ALA E 86 -23.89 -16.74 69.02
N LEU E 87 -23.78 -16.20 70.23
CA LEU E 87 -23.85 -17.03 71.41
C LEU E 87 -25.28 -17.50 71.64
N LYS E 88 -25.39 -18.74 72.07
CA LYS E 88 -26.71 -19.34 72.28
C LYS E 88 -26.60 -20.49 73.29
N PRO E 89 -27.22 -20.40 74.48
CA PRO E 89 -27.90 -19.26 75.10
C PRO E 89 -26.91 -18.19 75.49
N ASP E 90 -27.41 -16.97 75.50
CA ASP E 90 -26.59 -15.78 75.74
C ASP E 90 -27.24 -14.98 76.88
N PRO E 91 -26.60 -14.80 78.04
CA PRO E 91 -25.27 -15.28 78.41
C PRO E 91 -25.19 -16.75 78.70
N ALA E 92 -24.07 -17.29 78.26
CA ALA E 92 -23.74 -18.70 78.45
C ALA E 92 -23.55 -19.00 79.93
N ASP E 93 -24.50 -19.74 80.49
CA ASP E 93 -24.41 -20.19 81.86
C ASP E 93 -23.68 -21.51 82.00
N GLY E 94 -23.43 -22.20 80.90
CA GLY E 94 -22.54 -23.34 80.87
C GLY E 94 -23.26 -24.63 81.16
N THR E 95 -24.12 -24.60 82.16
CA THR E 95 -25.00 -25.74 82.36
C THR E 95 -25.91 -25.95 81.17
N ALA E 96 -26.09 -24.92 80.33
CA ALA E 96 -26.65 -25.09 79.01
C ALA E 96 -25.56 -25.54 78.04
N ASP E 97 -25.98 -26.32 77.05
CA ASP E 97 -25.08 -26.65 75.96
C ASP E 97 -24.91 -25.39 75.14
N ILE E 98 -23.88 -24.64 75.48
CA ILE E 98 -23.66 -23.36 74.84
C ILE E 98 -23.31 -23.59 73.39
N THR E 99 -23.71 -22.64 72.55
CA THR E 99 -23.53 -22.71 71.12
C THR E 99 -22.88 -21.43 70.65
N LEU E 100 -21.89 -21.58 69.78
CA LEU E 100 -21.18 -20.45 69.19
C LEU E 100 -21.30 -20.59 67.68
N THR E 101 -22.32 -19.96 67.13
CA THR E 101 -22.44 -19.79 65.69
C THR E 101 -21.22 -19.07 65.14
N PHE E 102 -20.92 -19.35 63.88
CA PHE E 102 -20.35 -18.33 63.03
C PHE E 102 -21.01 -18.40 61.68
N THR E 103 -21.75 -17.36 61.33
CA THR E 103 -22.30 -17.24 60.00
C THR E 103 -21.25 -16.67 59.07
N MET E 104 -21.27 -17.14 57.83
CA MET E 104 -20.47 -16.56 56.75
C MET E 104 -21.32 -15.69 55.83
N GLY E 105 -21.87 -14.63 56.41
CA GLY E 105 -22.57 -13.60 55.66
C GLY E 105 -21.74 -12.87 54.64
N GLY E 106 -20.78 -12.06 55.09
CA GLY E 106 -19.95 -11.28 54.17
C GLY E 106 -18.96 -12.12 53.39
N ALA E 107 -19.46 -13.10 52.65
CA ALA E 107 -18.66 -14.15 52.05
C ALA E 107 -18.88 -14.18 50.54
N GLY E 108 -18.06 -14.99 49.86
CA GLY E 108 -18.16 -15.13 48.43
C GLY E 108 -19.48 -15.75 48.02
N PRO E 109 -19.78 -15.76 46.72
CA PRO E 109 -20.97 -16.49 46.27
C PRO E 109 -20.93 -17.96 46.61
N LYS E 110 -19.73 -18.51 46.85
CA LYS E 110 -19.55 -19.91 47.16
C LYS E 110 -19.41 -20.18 48.65
N ASN E 111 -19.54 -19.16 49.50
CA ASN E 111 -19.87 -19.36 50.92
C ASN E 111 -20.87 -18.33 51.36
N LYS E 112 -21.77 -17.94 50.48
CA LYS E 112 -22.63 -16.82 50.77
C LYS E 112 -23.63 -17.19 51.86
N GLY E 113 -23.12 -17.29 53.10
CA GLY E 113 -23.92 -17.61 54.26
C GLY E 113 -23.76 -19.02 54.81
N LYS E 114 -22.73 -19.76 54.42
CA LYS E 114 -22.55 -21.12 54.92
C LYS E 114 -22.05 -21.05 56.35
N ILE E 115 -22.96 -21.24 57.30
CA ILE E 115 -22.66 -21.05 58.72
C ILE E 115 -21.68 -22.13 59.19
N ILE E 116 -20.89 -21.76 60.19
CA ILE E 116 -20.05 -22.67 60.93
C ILE E 116 -20.38 -22.41 62.40
N THR E 117 -21.07 -23.35 63.03
CA THR E 117 -21.51 -23.20 64.41
C THR E 117 -20.87 -24.26 65.30
N LEU E 118 -20.67 -23.88 66.55
CA LEU E 118 -20.08 -24.70 67.58
C LEU E 118 -21.11 -24.91 68.68
N THR E 119 -21.01 -26.03 69.40
CA THR E 119 -21.89 -26.23 70.54
C THR E 119 -21.25 -27.14 71.57
N ARG E 120 -21.17 -26.67 72.81
CA ARG E 120 -20.54 -27.47 73.86
C ARG E 120 -21.54 -28.39 74.52
N THR E 121 -21.02 -29.31 75.32
CA THR E 121 -21.82 -30.04 76.28
C THR E 121 -21.71 -29.34 77.63
N ALA E 122 -22.77 -29.45 78.44
CA ALA E 122 -22.75 -28.79 79.75
C ALA E 122 -21.74 -29.44 80.68
N ALA E 123 -21.76 -30.77 80.77
CA ALA E 123 -20.78 -31.48 81.59
C ALA E 123 -19.50 -31.78 80.84
N ASP E 124 -19.52 -31.69 79.52
CA ASP E 124 -18.40 -32.19 78.71
C ASP E 124 -17.98 -31.25 77.60
N GLY E 125 -18.52 -30.04 77.52
CA GLY E 125 -17.78 -28.89 77.02
C GLY E 125 -17.36 -28.91 75.56
N LEU E 126 -17.20 -30.09 74.94
CA LEU E 126 -16.51 -30.15 73.66
C LEU E 126 -17.41 -29.57 72.58
N TRP E 127 -16.89 -28.55 71.92
CA TRP E 127 -17.70 -27.81 70.97
C TRP E 127 -17.98 -28.64 69.74
N LYS E 128 -19.27 -28.77 69.43
CA LYS E 128 -19.73 -29.45 68.24
C LYS E 128 -19.48 -28.49 67.08
N CYS E 129 -18.21 -28.45 66.70
CA CYS E 129 -17.67 -27.43 65.82
C CYS E 129 -17.86 -27.91 64.39
N THR E 130 -18.84 -27.33 63.72
CA THR E 130 -19.38 -27.91 62.51
C THR E 130 -19.67 -26.82 61.50
N SER E 131 -19.86 -27.25 60.26
CA SER E 131 -19.92 -26.38 59.11
C SER E 131 -21.04 -26.83 58.19
N ASP E 132 -21.42 -25.90 57.30
CA ASP E 132 -22.45 -26.14 56.31
C ASP E 132 -21.89 -26.36 54.92
N GLN E 133 -20.59 -26.59 54.80
CA GLN E 133 -19.92 -26.47 53.51
C GLN E 133 -19.74 -27.85 52.87
N ASP E 134 -19.25 -27.85 51.63
CA ASP E 134 -19.00 -29.07 50.87
C ASP E 134 -17.58 -29.57 51.13
N GLU E 135 -17.35 -30.87 50.87
CA GLU E 135 -16.05 -31.47 51.13
C GLU E 135 -14.93 -30.69 50.45
N GLN E 136 -15.20 -30.18 49.26
CA GLN E 136 -14.31 -29.26 48.57
C GLN E 136 -14.11 -27.93 49.30
N PHE E 137 -14.98 -27.60 50.25
CA PHE E 137 -14.98 -26.30 50.94
C PHE E 137 -14.57 -26.35 52.39
N ILE E 138 -14.53 -27.51 53.03
CA ILE E 138 -14.76 -27.62 54.47
C ILE E 138 -13.77 -26.80 55.29
N PRO E 139 -14.17 -26.31 56.47
CA PRO E 139 -13.17 -25.83 57.42
C PRO E 139 -12.35 -27.00 57.91
N LYS E 140 -11.15 -27.15 57.38
CA LYS E 140 -10.30 -28.24 57.80
C LYS E 140 -9.69 -27.84 59.13
N GLY E 141 -9.69 -28.77 60.07
CA GLY E 141 -9.66 -28.43 61.47
C GLY E 141 -10.81 -29.07 62.22
N CYS E 142 -11.81 -28.28 62.61
CA CYS E 142 -13.01 -28.84 63.21
C CYS E 142 -13.68 -29.80 62.24
N SER E 143 -14.63 -30.55 62.77
CA SER E 143 -15.42 -31.43 61.94
C SER E 143 -16.27 -30.60 60.97
N ARG E 144 -16.65 -31.22 59.87
CA ARG E 144 -17.26 -30.51 58.75
C ARG E 144 -18.65 -29.97 59.02
N PHE F 1 -4.43 0.31 -4.81
CA PHE F 1 -4.42 -1.09 -4.31
C PHE F 1 -4.06 -1.13 -2.84
N THR F 2 -3.33 -0.12 -2.38
CA THR F 2 -2.96 -0.05 -0.97
C THR F 2 -4.14 0.25 -0.07
N LEU F 3 -5.21 0.81 -0.64
CA LEU F 3 -6.36 1.23 0.14
C LEU F 3 -6.89 0.11 1.02
N ILE F 4 -6.80 -1.13 0.53
CA ILE F 4 -7.36 -2.28 1.23
C ILE F 4 -6.45 -2.71 2.40
N GLU F 5 -5.13 -2.72 2.14
CA GLU F 5 -4.15 -2.83 3.21
C GLU F 5 -4.45 -1.82 4.31
N LEU F 6 -4.82 -0.62 3.92
CA LEU F 6 -5.22 0.29 4.96
C LEU F 6 -6.55 -0.06 5.57
N MET F 7 -7.47 -0.68 4.83
CA MET F 7 -8.77 -1.01 5.43
C MET F 7 -8.59 -1.85 6.66
N ILE F 8 -7.72 -2.86 6.57
CA ILE F 8 -7.45 -3.58 7.81
C ILE F 8 -6.85 -2.61 8.80
N VAL F 9 -5.92 -1.76 8.37
CA VAL F 9 -5.21 -0.98 9.38
C VAL F 9 -6.14 0.00 10.10
N VAL F 10 -7.10 0.58 9.38
CA VAL F 10 -8.17 1.38 9.98
C VAL F 10 -8.89 0.54 11.03
N ALA F 11 -9.23 -0.69 10.64
CA ALA F 11 -9.83 -1.61 11.60
C ALA F 11 -8.93 -1.77 12.82
N ILE F 12 -7.67 -2.17 12.59
CA ILE F 12 -6.71 -2.53 13.63
C ILE F 12 -6.64 -1.44 14.68
N ILE F 13 -6.53 -0.19 14.22
CA ILE F 13 -6.64 0.95 15.13
C ILE F 13 -7.92 0.83 15.93
N GLY F 14 -9.00 0.45 15.24
CA GLY F 14 -10.29 0.41 15.91
C GLY F 14 -10.39 -0.61 17.02
N ILE F 15 -9.95 -1.86 16.77
CA ILE F 15 -10.56 -2.99 17.50
C ILE F 15 -10.27 -2.91 18.99
N LEU F 16 -9.16 -2.29 19.38
CA LEU F 16 -8.71 -2.29 20.78
C LEU F 16 -9.83 -1.79 21.69
N ALA F 17 -10.30 -2.65 22.60
CA ALA F 17 -11.61 -2.47 23.23
C ALA F 17 -11.63 -2.77 24.72
N ALA F 18 -10.49 -2.69 25.39
CA ALA F 18 -10.46 -2.84 26.85
C ALA F 18 -9.43 -1.92 27.50
N ILE F 19 -9.22 -0.73 26.93
CA ILE F 19 -8.04 0.07 27.23
C ILE F 19 -8.15 0.73 28.59
N ALA F 20 -9.07 1.68 28.70
CA ALA F 20 -9.11 2.50 29.90
C ALA F 20 -9.87 1.75 30.96
N ILE F 21 -9.12 1.05 31.82
CA ILE F 21 -9.69 0.40 32.99
C ILE F 21 -9.24 1.28 34.16
N PRO F 22 -9.93 2.34 34.43
CA PRO F 22 -9.53 3.29 35.48
C PRO F 22 -9.57 2.68 36.87
N GLN F 23 -10.72 2.10 37.22
CA GLN F 23 -10.99 1.54 38.53
C GLN F 23 -10.27 0.21 38.70
N TYR F 24 -9.46 -0.14 37.71
CA TYR F 24 -8.24 -0.86 38.02
C TYR F 24 -7.54 -0.11 39.14
N GLN F 25 -7.29 1.19 38.97
CA GLN F 25 -6.70 2.03 40.02
C GLN F 25 -7.44 1.96 41.34
N ASN F 26 -8.69 1.51 41.33
CA ASN F 26 -9.52 1.49 42.49
C ASN F 26 -9.66 0.10 43.12
N TYR F 27 -9.42 -1.01 42.37
CA TYR F 27 -9.03 -2.23 43.08
C TYR F 27 -7.61 -2.14 43.56
N VAL F 28 -6.74 -1.51 42.77
CA VAL F 28 -5.45 -1.08 43.30
C VAL F 28 -5.68 -0.28 44.57
N ALA F 29 -6.69 0.56 44.58
CA ALA F 29 -6.96 1.35 45.78
C ALA F 29 -7.39 0.45 46.94
N ARG F 30 -8.19 -0.57 46.65
CA ARG F 30 -8.58 -1.50 47.70
C ARG F 30 -7.38 -2.29 48.18
N SER F 31 -6.52 -2.66 47.26
CA SER F 31 -5.29 -3.33 47.61
C SER F 31 -4.44 -2.43 48.47
N GLU F 32 -4.42 -1.16 48.14
CA GLU F 32 -3.57 -0.22 48.85
C GLU F 32 -4.13 0.06 50.23
N GLY F 33 -5.44 -0.07 50.40
CA GLY F 33 -6.08 0.22 51.67
C GLY F 33 -6.07 -0.96 52.61
N ALA F 34 -6.51 -2.11 52.11
CA ALA F 34 -6.42 -3.34 52.90
C ALA F 34 -4.98 -3.68 53.17
N SER F 35 -4.16 -3.66 52.13
CA SER F 35 -2.75 -3.90 52.32
C SER F 35 -2.09 -2.75 53.08
N ALA F 36 -2.78 -1.61 53.18
CA ALA F 36 -2.38 -0.63 54.18
C ALA F 36 -2.74 -1.08 55.59
N LEU F 37 -3.77 -1.92 55.75
CA LEU F 37 -3.99 -2.52 57.06
C LEU F 37 -2.94 -3.57 57.37
N ALA F 38 -2.49 -4.29 56.34
CA ALA F 38 -1.45 -5.30 56.54
C ALA F 38 -0.22 -4.71 57.20
N SER F 39 0.08 -3.45 56.89
CA SER F 39 1.25 -2.81 57.45
C SER F 39 1.16 -2.69 58.97
N VAL F 40 -0.04 -2.45 59.50
CA VAL F 40 -0.20 -2.10 60.90
C VAL F 40 -0.65 -3.27 61.77
N ASN F 41 -1.16 -4.33 61.17
CA ASN F 41 -1.89 -5.32 61.95
C ASN F 41 -1.09 -6.00 63.06
N PRO F 42 0.18 -6.34 62.90
CA PRO F 42 0.95 -6.82 64.06
C PRO F 42 1.34 -5.72 65.03
N LEU F 43 1.02 -4.46 64.72
CA LEU F 43 1.31 -3.38 65.66
C LEU F 43 0.16 -3.11 66.60
N LYS F 44 -1.07 -3.41 66.18
CA LYS F 44 -2.10 -3.73 67.15
C LYS F 44 -1.54 -4.69 68.18
N THR F 45 -1.09 -5.83 67.66
CA THR F 45 -0.54 -6.91 68.45
C THR F 45 0.68 -6.49 69.24
N THR F 46 1.35 -5.41 68.84
CA THR F 46 2.57 -4.93 69.49
C THR F 46 2.29 -3.96 70.62
N VAL F 47 1.41 -3.00 70.38
CA VAL F 47 0.89 -2.16 71.47
C VAL F 47 0.39 -3.08 72.58
N GLU F 48 -0.47 -4.03 72.20
CA GLU F 48 -0.94 -5.00 73.17
C GLU F 48 0.15 -5.96 73.62
N GLU F 49 1.21 -6.13 72.83
CA GLU F 49 2.31 -7.00 73.23
C GLU F 49 2.89 -6.46 74.52
N ALA F 50 3.58 -5.33 74.41
CA ALA F 50 4.36 -4.96 75.58
C ALA F 50 3.48 -4.35 76.65
N LEU F 51 2.36 -3.72 76.29
CA LEU F 51 1.43 -3.31 77.33
C LEU F 51 0.90 -4.52 78.08
N SER F 52 0.68 -5.61 77.35
CA SER F 52 0.25 -6.85 77.98
C SER F 52 1.38 -7.54 78.74
N ARG F 53 2.60 -7.00 78.66
CA ARG F 53 3.67 -7.47 79.53
C ARG F 53 3.76 -6.69 80.85
N GLY F 54 3.63 -5.36 80.78
CA GLY F 54 4.04 -4.50 81.86
C GLY F 54 4.98 -3.40 81.40
N TRP F 55 4.88 -3.06 80.12
CA TRP F 55 5.89 -2.25 79.45
C TRP F 55 5.19 -1.36 78.43
N SER F 56 5.56 -0.07 78.35
CA SER F 56 4.97 0.81 77.36
C SER F 56 5.59 0.53 76.00
N VAL F 57 5.15 1.26 74.97
CA VAL F 57 5.55 0.97 73.59
C VAL F 57 5.79 2.30 72.87
N LYS F 58 7.02 2.52 72.42
CA LYS F 58 7.31 3.62 71.52
C LYS F 58 7.10 3.20 70.07
N SER F 59 7.03 4.20 69.20
CA SER F 59 7.15 3.98 67.77
C SER F 59 8.62 4.06 67.37
N GLY F 60 8.97 3.23 66.41
CA GLY F 60 10.35 2.95 66.08
C GLY F 60 10.71 1.51 66.44
N THR F 61 11.98 1.21 66.23
CA THR F 61 12.52 -0.13 66.42
C THR F 61 13.59 -0.07 67.51
N GLY F 62 14.31 -1.17 67.66
CA GLY F 62 15.46 -1.27 68.53
C GLY F 62 15.32 -2.44 69.46
N THR F 63 16.30 -2.56 70.35
CA THR F 63 16.10 -3.44 71.48
C THR F 63 14.96 -2.91 72.32
N GLU F 64 14.53 -3.75 73.26
CA GLU F 64 13.53 -3.29 74.18
C GLU F 64 14.09 -2.16 75.03
N ASP F 65 13.24 -1.19 75.27
CA ASP F 65 13.50 -0.20 76.30
C ASP F 65 13.18 -0.84 77.64
N ALA F 66 13.92 -1.89 77.98
CA ALA F 66 13.56 -2.86 79.00
C ALA F 66 14.08 -2.50 80.37
N THR F 67 14.69 -1.33 80.53
CA THR F 67 14.88 -0.73 81.84
C THR F 67 13.98 0.47 82.01
N LYS F 68 13.05 0.70 81.07
CA LYS F 68 12.45 2.00 80.87
C LYS F 68 10.94 2.00 80.93
N LYS F 69 10.31 0.88 81.27
CA LYS F 69 8.86 0.72 81.13
C LYS F 69 8.42 1.17 79.74
N GLU F 70 9.06 0.54 78.75
CA GLU F 70 8.88 0.91 77.36
C GLU F 70 9.40 -0.22 76.49
N VAL F 71 8.91 -0.27 75.26
CA VAL F 71 9.38 -1.23 74.25
C VAL F 71 9.24 -0.53 72.90
N PRO F 72 9.92 -0.94 71.83
CA PRO F 72 9.58 -0.41 70.51
C PRO F 72 8.21 -0.87 70.04
N LEU F 73 7.64 -0.08 69.11
CA LEU F 73 6.64 -0.67 68.21
C LEU F 73 7.31 -1.63 67.23
N GLY F 74 8.62 -1.53 67.04
CA GLY F 74 9.27 -2.33 66.02
C GLY F 74 8.75 -2.01 64.63
N VAL F 75 8.66 -0.72 64.29
CA VAL F 75 8.20 -0.30 62.97
C VAL F 75 8.85 1.01 62.59
N ALA F 76 9.18 1.15 61.31
CA ALA F 76 9.44 2.44 60.69
C ALA F 76 8.13 2.89 60.04
N ALA F 77 7.76 4.16 60.29
CA ALA F 77 6.42 4.66 59.96
C ALA F 77 5.99 4.31 58.54
N ASP F 78 6.89 4.49 57.58
CA ASP F 78 6.65 4.12 56.19
C ASP F 78 7.23 2.76 55.86
N ALA F 79 7.12 1.80 56.79
CA ALA F 79 7.29 0.40 56.45
C ALA F 79 6.53 0.06 55.18
N ASN F 80 5.32 0.60 55.05
CA ASN F 80 4.52 0.56 53.84
C ASN F 80 4.66 1.89 53.12
N LYS F 81 5.29 1.87 51.94
CA LYS F 81 5.54 3.08 51.16
C LYS F 81 4.28 3.67 50.55
N LEU F 82 3.10 3.10 50.79
CA LEU F 82 1.88 3.83 50.51
C LEU F 82 1.82 5.07 51.38
N GLY F 83 2.44 5.04 52.56
CA GLY F 83 2.55 6.21 53.38
C GLY F 83 3.20 5.92 54.70
N THR F 84 2.58 6.34 55.80
CA THR F 84 3.25 6.35 57.10
C THR F 84 2.31 5.94 58.23
N ILE F 85 2.89 5.31 59.23
CA ILE F 85 2.23 5.01 60.49
C ILE F 85 2.56 6.13 61.46
N ALA F 86 1.70 6.31 62.46
CA ALA F 86 1.99 7.24 63.54
C ALA F 86 1.37 6.73 64.82
N LEU F 87 2.22 6.37 65.79
CA LEU F 87 1.72 6.05 67.11
C LEU F 87 1.27 7.30 67.83
N LYS F 88 0.18 7.16 68.57
CA LYS F 88 -0.40 8.30 69.27
C LYS F 88 -1.23 7.81 70.46
N PRO F 89 -0.86 8.11 71.71
CA PRO F 89 0.36 8.74 72.20
C PRO F 89 1.55 7.81 72.03
N ASP F 90 2.71 8.42 71.87
CA ASP F 90 3.96 7.73 71.58
C ASP F 90 5.00 8.16 72.62
N PRO F 91 5.50 7.26 73.48
CA PRO F 91 5.22 5.84 73.58
C PRO F 91 3.88 5.53 74.19
N ALA F 92 3.28 4.50 73.61
CA ALA F 92 2.01 3.96 74.03
C ALA F 92 2.12 3.38 75.42
N ASP F 93 1.51 4.05 76.39
CA ASP F 93 1.44 3.57 77.75
C ASP F 93 0.25 2.68 78.00
N GLY F 94 -0.70 2.63 77.07
CA GLY F 94 -1.76 1.65 77.08
C GLY F 94 -2.95 2.11 77.86
N THR F 95 -2.71 2.70 79.02
CA THR F 95 -3.78 3.36 79.73
C THR F 95 -4.35 4.51 78.92
N ALA F 96 -3.59 5.01 77.95
CA ALA F 96 -4.14 5.86 76.91
C ALA F 96 -4.78 5.01 75.82
N ASP F 97 -5.81 5.57 75.20
CA ASP F 97 -6.37 4.95 74.02
C ASP F 97 -5.38 5.13 72.90
N ILE F 98 -4.51 4.15 72.75
CA ILE F 98 -3.44 4.25 71.79
C ILE F 98 -4.04 4.25 70.40
N THR F 99 -3.37 4.96 69.50
CA THR F 99 -3.81 5.15 68.14
C THR F 99 -2.67 4.78 67.21
N LEU F 100 -2.99 4.04 66.16
CA LEU F 100 -2.03 3.66 65.14
C LEU F 100 -2.57 4.12 63.80
N THR F 101 -2.15 5.31 63.42
CA THR F 101 -2.39 5.81 62.08
C THR F 101 -1.78 4.87 61.05
N PHE F 102 -2.38 4.87 59.87
CA PHE F 102 -1.59 4.66 58.67
C PHE F 102 -2.05 5.62 57.61
N THR F 103 -1.18 6.54 57.24
CA THR F 103 -1.45 7.42 56.12
C THR F 103 -1.08 6.72 54.82
N MET F 104 -1.88 6.99 53.80
CA MET F 104 -1.56 6.57 52.43
C MET F 104 -1.02 7.72 51.60
N GLY F 105 0.13 8.22 52.03
CA GLY F 105 0.88 9.21 51.28
C GLY F 105 1.35 8.76 49.92
N GLY F 106 2.30 7.82 49.86
CA GLY F 106 2.84 7.35 48.60
C GLY F 106 1.88 6.49 47.80
N ALA F 107 0.70 7.04 47.50
CA ALA F 107 -0.43 6.31 46.97
C ALA F 107 -0.87 6.89 45.64
N GLY F 108 -1.79 6.19 44.98
CA GLY F 108 -2.31 6.62 43.71
C GLY F 108 -3.07 7.93 43.84
N PRO F 109 -3.44 8.54 42.71
CA PRO F 109 -4.33 9.71 42.80
C PRO F 109 -5.65 9.41 43.47
N LYS F 110 -6.05 8.15 43.49
CA LYS F 110 -7.32 7.72 44.07
C LYS F 110 -7.16 7.18 45.49
N ASN F 111 -5.97 7.20 46.06
CA ASN F 111 -5.80 7.13 47.52
C ASN F 111 -4.73 8.10 47.96
N LYS F 112 -4.64 9.24 47.29
CA LYS F 112 -3.52 10.13 47.52
C LYS F 112 -3.63 10.76 48.91
N GLY F 113 -3.38 9.94 49.95
CA GLY F 113 -3.42 10.39 51.32
C GLY F 113 -4.61 9.93 52.13
N LYS F 114 -5.38 8.95 51.66
CA LYS F 114 -6.55 8.49 52.41
C LYS F 114 -6.08 7.65 53.59
N ILE F 115 -6.05 8.28 54.77
CA ILE F 115 -5.48 7.64 55.95
C ILE F 115 -6.34 6.46 56.39
N ILE F 116 -5.68 5.49 57.00
CA ILE F 116 -6.32 4.38 57.69
C ILE F 116 -5.69 4.36 59.08
N THR F 117 -6.46 4.75 60.09
CA THR F 117 -5.97 4.85 61.46
C THR F 117 -6.73 3.88 62.37
N LEU F 118 -6.01 3.42 63.39
CA LEU F 118 -6.50 2.49 64.38
C LEU F 118 -6.46 3.17 65.74
N THR F 119 -7.34 2.78 66.65
CA THR F 119 -7.27 3.30 68.00
C THR F 119 -7.84 2.31 69.00
N ARG F 120 -7.06 1.98 70.02
CA ARG F 120 -7.51 1.02 71.01
C ARG F 120 -8.26 1.70 72.13
N THR F 121 -8.92 0.89 72.96
CA THR F 121 -9.39 1.33 74.25
C THR F 121 -8.36 0.97 75.31
N ALA F 122 -8.29 1.77 76.38
CA ALA F 122 -7.32 1.50 77.43
C ALA F 122 -7.64 0.21 78.18
N ALA F 123 -8.90 0.05 78.59
CA ALA F 123 -9.33 -1.17 79.26
C ALA F 123 -9.75 -2.25 78.28
N ASP F 124 -10.03 -1.89 77.03
CA ASP F 124 -10.66 -2.82 76.10
C ASP F 124 -10.04 -2.83 74.72
N GLY F 125 -8.91 -2.16 74.50
CA GLY F 125 -7.91 -2.60 73.55
C GLY F 125 -8.30 -2.64 72.08
N LEU F 126 -9.59 -2.77 71.74
CA LEU F 126 -9.95 -3.11 70.38
C LEU F 126 -9.72 -1.91 69.48
N TRP F 127 -8.90 -2.12 68.47
CA TRP F 127 -8.47 -1.02 67.63
C TRP F 127 -9.61 -0.53 66.77
N LYS F 128 -9.88 0.76 66.88
CA LYS F 128 -10.87 1.43 66.06
C LYS F 128 -10.25 1.60 64.67
N CYS F 129 -10.25 0.48 63.96
CA CYS F 129 -9.48 0.31 62.74
C CYS F 129 -10.33 0.80 61.59
N THR F 130 -10.00 1.97 61.09
CA THR F 130 -10.90 2.73 60.25
C THR F 130 -10.14 3.39 59.13
N SER F 131 -10.90 3.83 58.13
CA SER F 131 -10.36 4.29 56.87
C SER F 131 -11.10 5.54 56.43
N ASP F 132 -10.47 6.24 55.49
CA ASP F 132 -11.00 7.45 54.90
C ASP F 132 -11.56 7.24 53.51
N GLN F 133 -11.75 5.99 53.09
CA GLN F 133 -11.96 5.69 51.69
C GLN F 133 -13.44 5.52 51.37
N ASP F 134 -13.74 5.36 50.09
CA ASP F 134 -15.11 5.17 49.60
C ASP F 134 -15.45 3.68 49.58
N GLU F 135 -16.76 3.38 49.59
CA GLU F 135 -17.20 1.98 49.62
C GLU F 135 -16.60 1.18 48.49
N GLN F 136 -16.42 1.80 47.34
CA GLN F 136 -15.69 1.23 46.23
C GLN F 136 -14.21 1.01 46.52
N PHE F 137 -13.66 1.64 47.57
CA PHE F 137 -12.24 1.62 47.89
C PHE F 137 -11.88 0.85 49.14
N ILE F 138 -12.82 0.51 50.01
CA ILE F 138 -12.56 0.36 51.44
C ILE F 138 -11.50 -0.70 51.73
N PRO F 139 -10.73 -0.56 52.81
CA PRO F 139 -9.96 -1.70 53.29
C PRO F 139 -10.92 -2.74 53.83
N LYS F 140 -11.14 -3.78 53.03
CA LYS F 140 -12.04 -4.84 53.46
C LYS F 140 -11.28 -5.72 54.43
N GLY F 141 -11.93 -6.06 55.53
CA GLY F 141 -11.22 -6.40 56.74
C GLY F 141 -11.70 -5.56 57.90
N CYS F 142 -10.87 -4.62 58.36
CA CYS F 142 -11.31 -3.68 59.38
C CYS F 142 -12.53 -2.90 58.90
N SER F 143 -13.15 -2.21 59.84
CA SER F 143 -14.25 -1.34 59.49
C SER F 143 -13.76 -0.18 58.63
N ARG F 144 -14.67 0.39 57.86
CA ARG F 144 -14.31 1.33 56.81
C ARG F 144 -13.78 2.66 57.31
N PHE G 1 -1.00 8.74 -13.34
CA PHE G 1 -2.20 8.44 -12.54
C PHE G 1 -1.83 7.71 -11.27
N THR G 2 -0.70 7.02 -11.28
CA THR G 2 -0.25 6.31 -10.10
C THR G 2 0.23 7.25 -9.01
N LEU G 3 0.56 8.49 -9.38
CA LEU G 3 1.13 9.46 -8.44
C LEU G 3 0.25 9.61 -7.20
N ILE G 4 -1.06 9.49 -7.38
CA ILE G 4 -2.01 9.72 -6.29
C ILE G 4 -2.07 8.50 -5.35
N GLU G 5 -2.09 7.30 -5.95
CA GLU G 5 -1.87 6.07 -5.20
C GLU G 5 -0.61 6.21 -4.34
N LEU G 6 0.42 6.80 -4.90
CA LEU G 6 1.56 7.03 -4.04
C LEU G 6 1.31 8.10 -3.02
N MET G 7 0.48 9.11 -3.30
CA MET G 7 0.26 10.16 -2.31
C MET G 7 -0.21 9.58 -1.01
N ILE G 8 -1.16 8.65 -1.09
CA ILE G 8 -1.51 7.99 0.17
C ILE G 8 -0.30 7.27 0.69
N VAL G 9 0.46 6.59 -0.18
CA VAL G 9 1.52 5.74 0.38
C VAL G 9 2.61 6.58 1.07
N VAL G 10 2.92 7.74 0.51
CA VAL G 10 3.80 8.70 1.17
C VAL G 10 3.24 9.04 2.55
N ALA G 11 1.93 9.32 2.58
CA ALA G 11 1.28 9.55 3.87
C ALA G 11 1.50 8.36 4.79
N ILE G 12 1.10 7.15 4.33
CA ILE G 12 1.09 5.93 5.13
C ILE G 12 2.43 5.72 5.81
N ILE G 13 3.51 5.88 5.05
CA ILE G 13 4.84 5.88 5.65
C ILE G 13 4.87 6.91 6.77
N GLY G 14 4.27 8.08 6.53
CA GLY G 14 4.36 9.13 7.51
C GLY G 14 3.66 8.83 8.82
N ILE G 15 2.42 8.33 8.77
CA ILE G 15 1.49 8.59 9.89
C ILE G 15 1.97 7.94 11.17
N LEU G 16 2.73 6.85 11.09
CA LEU G 16 3.12 6.07 12.26
C LEU G 16 3.79 6.97 13.29
N ALA G 17 3.20 7.09 14.48
CA ALA G 17 3.46 8.21 15.38
C ALA G 17 3.58 7.81 16.85
N ALA G 18 3.89 6.55 17.14
CA ALA G 18 4.13 6.15 18.52
C ALA G 18 5.24 5.10 18.62
N ILE G 19 6.25 5.18 17.74
CA ILE G 19 7.15 4.06 17.50
C ILE G 19 8.14 3.90 18.64
N ALA G 20 9.04 4.87 18.76
CA ALA G 20 10.15 4.70 19.68
C ALA G 20 9.67 5.08 21.06
N ILE G 21 9.27 4.07 21.82
CA ILE G 21 8.93 4.23 23.23
C ILE G 21 10.11 3.60 23.97
N PRO G 22 11.18 4.33 24.16
CA PRO G 22 12.38 3.79 24.79
C PRO G 22 12.16 3.40 26.24
N GLN G 23 11.65 4.36 27.03
CA GLN G 23 11.44 4.21 28.46
C GLN G 23 10.24 3.31 28.74
N TYR G 24 9.68 2.75 27.69
CA TYR G 24 9.13 1.42 27.81
C TYR G 24 10.18 0.55 28.48
N GLN G 25 11.40 0.50 27.94
CA GLN G 25 12.52 -0.23 28.54
C GLN G 25 12.76 0.14 29.99
N ASN G 26 12.27 1.29 30.44
CA ASN G 26 12.51 1.80 31.76
C ASN G 26 11.34 1.60 32.71
N TYR G 27 10.09 1.43 32.22
CA TYR G 27 9.12 0.74 33.06
C TYR G 27 9.40 -0.74 33.10
N VAL G 28 9.84 -1.31 31.98
CA VAL G 28 10.46 -2.62 32.01
C VAL G 28 11.55 -2.63 33.06
N ALA G 29 12.32 -1.56 33.15
CA ALA G 29 13.38 -1.52 34.14
C ALA G 29 12.81 -1.51 35.55
N ARG G 30 11.72 -0.78 35.75
CA ARG G 30 11.08 -0.78 37.07
C ARG G 30 10.50 -2.14 37.38
N SER G 31 9.94 -2.79 36.37
CA SER G 31 9.44 -4.14 36.53
C SER G 31 10.58 -5.06 36.88
N GLU G 32 11.72 -4.84 36.25
CA GLU G 32 12.85 -5.73 36.44
C GLU G 32 13.47 -5.51 37.81
N GLY G 33 13.33 -4.31 38.36
CA GLY G 33 13.91 -3.99 39.65
C GLY G 33 13.02 -4.38 40.81
N ALA G 34 11.76 -3.96 40.75
CA ALA G 34 10.81 -4.38 41.76
C ALA G 34 10.61 -5.89 41.70
N SER G 35 10.39 -6.40 40.50
CA SER G 35 10.28 -7.83 40.35
C SER G 35 11.61 -8.52 40.58
N ALA G 36 12.71 -7.76 40.60
CA ALA G 36 13.94 -8.27 41.17
C ALA G 36 13.87 -8.34 42.69
N LEU G 37 13.05 -7.50 43.33
CA LEU G 37 12.81 -7.68 44.75
C LEU G 37 11.93 -8.89 45.01
N ALA G 38 10.99 -9.15 44.10
CA ALA G 38 10.12 -10.31 44.25
C ALA G 38 10.92 -11.59 44.38
N SER G 39 12.07 -11.65 43.70
CA SER G 39 12.89 -12.85 43.74
C SER G 39 13.40 -13.14 45.15
N VAL G 40 13.71 -12.08 45.92
CA VAL G 40 14.42 -12.24 47.18
C VAL G 40 13.51 -12.17 48.40
N ASN G 41 12.30 -11.66 48.24
CA ASN G 41 11.52 -11.27 49.41
C ASN G 41 11.20 -12.40 50.39
N PRO G 42 10.89 -13.63 49.97
CA PRO G 42 10.77 -14.71 50.95
C PRO G 42 12.10 -15.19 51.48
N LEU G 43 13.22 -14.67 50.98
CA LEU G 43 14.53 -15.06 51.50
C LEU G 43 14.99 -14.15 52.62
N LYS G 44 14.52 -12.91 52.65
CA LYS G 44 14.43 -12.19 53.91
C LYS G 44 13.80 -13.11 54.95
N THR G 45 12.59 -13.54 54.62
CA THR G 45 11.78 -14.39 55.47
C THR G 45 12.46 -15.72 55.76
N THR G 46 13.42 -16.14 54.94
CA THR G 46 14.11 -17.41 55.10
C THR G 46 15.34 -17.31 55.99
N VAL G 47 16.17 -16.30 55.77
CA VAL G 47 17.23 -15.97 56.72
C VAL G 47 16.61 -15.88 58.12
N GLU G 48 15.57 -15.07 58.24
CA GLU G 48 14.87 -14.99 59.50
C GLU G 48 14.12 -16.26 59.85
N GLU G 49 13.79 -17.10 58.86
CA GLU G 49 13.11 -18.34 59.15
C GLU G 49 14.01 -19.17 60.06
N ALA G 50 15.10 -19.67 59.49
CA ALA G 50 15.81 -20.68 60.27
C ALA G 50 16.63 -20.03 61.36
N LEU G 51 17.09 -18.79 61.19
CA LEU G 51 17.71 -18.11 62.30
C LEU G 51 16.72 -17.93 63.44
N SER G 52 15.46 -17.67 63.09
CA SER G 52 14.43 -17.56 64.11
C SER G 52 14.03 -18.92 64.66
N ARG G 53 14.58 -20.01 64.12
CA ARG G 53 14.40 -21.31 64.75
C ARG G 53 15.51 -21.64 65.76
N GLY G 54 16.76 -21.33 65.41
CA GLY G 54 17.90 -21.91 66.09
C GLY G 54 18.88 -22.57 65.14
N TRP G 55 18.87 -22.11 63.89
CA TRP G 55 19.51 -22.81 62.79
C TRP G 55 20.07 -21.77 61.82
N SER G 56 21.30 -21.96 61.33
CA SER G 56 21.86 -21.03 60.36
C SER G 56 21.25 -21.33 58.98
N VAL G 57 21.66 -20.56 57.97
CA VAL G 57 21.04 -20.61 56.65
C VAL G 57 22.13 -20.51 55.59
N LYS G 58 22.29 -21.55 54.78
CA LYS G 58 23.12 -21.47 53.58
C LYS G 58 22.32 -20.95 52.40
N SER G 59 23.04 -20.54 51.37
CA SER G 59 22.45 -20.33 50.07
C SER G 59 22.50 -21.62 49.27
N GLY G 60 21.46 -21.82 48.48
CA GLY G 60 21.16 -23.10 47.86
C GLY G 60 19.90 -23.69 48.45
N THR G 61 19.60 -24.89 47.98
CA THR G 61 18.40 -25.63 48.33
C THR G 61 18.80 -26.92 49.03
N GLY G 62 17.81 -27.79 49.24
CA GLY G 62 18.00 -29.11 49.76
C GLY G 62 17.11 -29.36 50.95
N THR G 63 17.27 -30.53 51.54
CA THR G 63 16.73 -30.73 52.86
C THR G 63 17.40 -29.78 53.83
N GLU G 64 16.83 -29.71 55.02
CA GLU G 64 17.47 -28.93 56.04
C GLU G 64 18.81 -29.55 56.40
N ASP G 65 19.78 -28.68 56.62
CA ASP G 65 21.01 -29.07 57.27
C ASP G 65 20.74 -29.18 58.76
N ALA G 66 19.85 -30.10 59.12
CA ALA G 66 19.17 -30.12 60.41
C ALA G 66 19.91 -30.93 61.45
N THR G 67 21.10 -31.42 61.15
CA THR G 67 22.04 -31.86 62.17
C THR G 67 23.21 -30.90 62.28
N LYS G 68 23.12 -29.74 61.61
CA LYS G 68 24.30 -28.97 61.26
C LYS G 68 24.24 -27.53 61.74
N LYS G 69 23.22 -27.14 62.51
CA LYS G 69 22.97 -25.74 62.81
C LYS G 69 23.00 -24.91 61.53
N GLU G 70 22.17 -25.34 60.59
CA GLU G 70 22.14 -24.78 59.25
C GLU G 70 20.85 -25.20 58.58
N VAL G 71 20.44 -24.42 57.58
CA VAL G 71 19.27 -24.72 56.75
C VAL G 71 19.58 -24.16 55.36
N PRO G 72 18.93 -24.59 54.28
CA PRO G 72 19.07 -23.87 53.01
C PRO G 72 18.44 -22.49 53.06
N LEU G 73 18.93 -21.61 52.17
CA LEU G 73 18.08 -20.50 51.74
C LEU G 73 16.92 -21.00 50.89
N GLY G 74 17.03 -22.19 50.32
CA GLY G 74 16.02 -22.66 49.39
C GLY G 74 15.93 -21.78 48.16
N VAL G 75 17.07 -21.44 47.56
CA VAL G 75 17.10 -20.63 46.35
C VAL G 75 18.30 -20.99 45.51
N ALA G 76 18.10 -20.97 44.19
CA ALA G 76 19.19 -20.90 43.23
C ALA G 76 19.39 -19.44 42.87
N ALA G 77 20.66 -19.00 42.89
CA ALA G 77 20.99 -17.58 42.83
C ALA G 77 20.26 -16.85 41.72
N ASP G 78 20.22 -17.43 40.53
CA ASP G 78 19.47 -16.89 39.40
C ASP G 78 18.11 -17.53 39.26
N ALA G 79 17.44 -17.78 40.39
CA ALA G 79 16.00 -18.02 40.37
C ALA G 79 15.29 -17.00 39.48
N ASN G 80 15.73 -15.75 39.56
CA ASN G 80 15.31 -14.68 38.67
C ASN G 80 16.42 -14.47 37.63
N LYS G 81 16.11 -14.78 36.37
CA LYS G 81 17.08 -14.68 35.28
C LYS G 81 17.43 -13.25 34.92
N LEU G 82 16.87 -12.25 35.60
CA LEU G 82 17.46 -10.92 35.51
C LEU G 82 18.88 -10.93 36.02
N GLY G 83 19.19 -11.82 36.96
CA GLY G 83 20.54 -12.00 37.40
C GLY G 83 20.65 -12.99 38.53
N THR G 84 21.32 -12.63 39.62
CA THR G 84 21.70 -13.59 40.64
C THR G 84 21.57 -13.03 42.04
N ILE G 85 21.25 -13.91 42.97
CA ILE G 85 21.26 -13.64 44.39
C ILE G 85 22.62 -14.06 44.94
N ALA G 86 23.02 -13.46 46.05
CA ALA G 86 24.22 -13.92 46.75
C ALA G 86 24.03 -13.71 48.24
N LEU G 87 24.00 -14.81 48.99
CA LEU G 87 24.01 -14.70 50.43
C LEU G 87 25.38 -14.30 50.93
N LYS G 88 25.40 -13.46 51.94
CA LYS G 88 26.65 -12.95 52.48
C LYS G 88 26.46 -12.51 53.93
N PRO G 89 27.10 -13.15 54.92
CA PRO G 89 27.89 -14.37 54.89
C PRO G 89 27.01 -15.58 54.63
N ASP G 90 27.62 -16.57 54.02
CA ASP G 90 26.94 -17.78 53.57
C ASP G 90 27.68 -18.99 54.15
N PRO G 91 27.06 -19.80 55.03
CA PRO G 91 25.70 -19.72 55.54
C PRO G 91 25.50 -18.63 56.55
N ALA G 92 24.33 -18.03 56.43
CA ALA G 92 23.87 -16.98 57.30
C ALA G 92 23.68 -17.51 58.71
N ASP G 93 24.55 -17.08 59.61
CA ASP G 93 24.46 -17.42 61.02
C ASP G 93 23.60 -16.44 61.80
N GLY G 94 23.26 -15.30 61.20
CA GLY G 94 22.27 -14.40 61.74
C GLY G 94 22.86 -13.40 62.68
N THR G 95 23.76 -13.86 63.55
CA THR G 95 24.52 -12.93 64.35
C THR G 95 25.39 -12.04 63.47
N ALA G 96 25.65 -12.47 62.23
CA ALA G 96 26.16 -11.58 61.20
C ALA G 96 25.03 -10.79 60.59
N ASP G 97 25.35 -9.57 60.16
CA ASP G 97 24.41 -8.80 59.36
C ASP G 97 24.34 -9.46 58.01
N ILE G 98 23.39 -10.37 57.86
CA ILE G 98 23.28 -11.14 56.65
C ILE G 98 22.88 -10.22 55.53
N THR G 99 23.35 -10.55 54.32
CA THR G 99 23.16 -9.76 53.13
C THR G 99 22.61 -10.66 52.04
N LEU G 100 21.60 -10.18 51.34
CA LEU G 100 21.00 -10.89 50.22
C LEU G 100 21.07 -9.97 49.01
N THR G 101 22.14 -10.13 48.25
CA THR G 101 22.25 -9.51 46.94
C THR G 101 21.10 -9.94 46.06
N PHE G 102 20.74 -9.07 45.12
CA PHE G 102 20.27 -9.54 43.84
C PHE G 102 20.89 -8.72 42.74
N THR G 103 21.71 -9.35 41.93
CA THR G 103 22.24 -8.72 40.75
C THR G 103 21.24 -8.82 39.62
N MET G 104 21.19 -7.76 38.82
CA MET G 104 20.43 -7.76 37.57
C MET G 104 21.35 -7.94 36.36
N GLY G 105 22.01 -9.10 36.31
CA GLY G 105 22.79 -9.51 35.17
C GLY G 105 22.02 -9.68 33.89
N GLY G 106 21.14 -10.68 33.82
CA GLY G 106 20.38 -10.94 32.60
C GLY G 106 19.29 -9.91 32.33
N ALA G 107 19.69 -8.64 32.24
CA ALA G 107 18.78 -7.51 32.24
C ALA G 107 18.97 -6.68 30.98
N GLY G 108 18.08 -5.71 30.79
CA GLY G 108 18.13 -4.84 29.64
C GLY G 108 19.38 -3.99 29.66
N PRO G 109 19.65 -3.27 28.56
CA PRO G 109 20.77 -2.31 28.60
C PRO G 109 20.59 -1.24 29.66
N LYS G 110 19.35 -1.01 30.10
CA LYS G 110 19.05 0.01 31.10
C LYS G 110 18.90 -0.55 32.51
N ASN G 111 19.15 -1.85 32.70
CA ASN G 111 19.47 -2.39 34.03
C ASN G 111 20.58 -3.42 33.91
N LYS G 112 21.49 -3.20 32.98
CA LYS G 112 22.46 -4.23 32.67
C LYS G 112 23.43 -4.40 33.83
N GLY G 113 22.95 -5.00 34.92
CA GLY G 113 23.74 -5.26 36.11
C GLY G 113 23.45 -4.37 37.30
N LYS G 114 22.34 -3.63 37.32
CA LYS G 114 22.04 -2.75 38.44
C LYS G 114 21.58 -3.60 39.62
N ILE G 115 22.49 -3.85 40.56
CA ILE G 115 22.22 -4.78 41.66
C ILE G 115 21.16 -4.20 42.58
N ILE G 116 20.43 -5.11 43.22
CA ILE G 116 19.51 -4.79 44.30
C ILE G 116 19.89 -5.75 45.43
N THR G 117 20.50 -5.23 46.48
CA THR G 117 20.98 -6.03 47.60
C THR G 117 20.26 -5.65 48.88
N LEU G 118 20.12 -6.64 49.75
CA LEU G 118 19.47 -6.54 51.03
C LEU G 118 20.49 -6.84 52.11
N THR G 119 20.30 -6.27 53.30
CA THR G 119 21.18 -6.61 54.41
C THR G 119 20.47 -6.44 55.74
N ARG G 120 20.46 -7.49 56.55
CA ARG G 120 19.77 -7.42 57.83
C ARG G 120 20.70 -6.90 58.92
N THR G 121 20.10 -6.58 60.06
CA THR G 121 20.86 -6.39 61.29
C THR G 121 20.83 -7.70 62.08
N ALA G 122 21.89 -7.94 62.85
CA ALA G 122 21.95 -9.17 63.63
C ALA G 122 20.90 -9.19 64.73
N ALA G 123 20.79 -8.11 65.50
CA ALA G 123 19.77 -8.02 66.54
C ALA G 123 18.46 -7.50 66.02
N ASP G 124 18.45 -6.87 64.83
CA ASP G 124 17.29 -6.14 64.37
C ASP G 124 16.93 -6.39 62.91
N GLY G 125 17.58 -7.33 62.24
CA GLY G 125 16.94 -8.11 61.18
C GLY G 125 16.49 -7.36 59.94
N LEU G 126 16.21 -6.06 60.01
CA LEU G 126 15.50 -5.40 58.93
C LEU G 126 16.44 -5.26 57.73
N TRP G 127 16.01 -5.81 56.62
CA TRP G 127 16.87 -5.88 55.45
C TRP G 127 17.05 -4.51 54.84
N LYS G 128 18.31 -4.13 54.70
CA LYS G 128 18.68 -2.89 54.05
C LYS G 128 18.51 -3.12 52.55
N CYS G 129 17.24 -3.07 52.16
CA CYS G 129 16.78 -3.51 50.86
C CYS G 129 16.91 -2.34 49.90
N THR G 130 17.93 -2.40 49.06
CA THR G 130 18.39 -1.23 48.34
C THR G 130 18.75 -1.60 46.93
N SER G 131 18.88 -0.57 46.10
CA SER G 131 19.01 -0.71 44.67
C SER G 131 20.06 0.25 44.16
N ASP G 132 20.51 -0.03 42.94
CA ASP G 132 21.50 0.77 42.24
C ASP G 132 20.89 1.64 41.15
N GLN G 133 19.58 1.78 41.12
CA GLN G 133 18.91 2.29 39.94
C GLN G 133 18.58 3.78 40.11
N ASP G 134 18.07 4.38 39.03
CA ASP G 134 17.70 5.79 39.00
C ASP G 134 16.24 5.94 39.44
N GLU G 135 15.89 7.17 39.88
CA GLU G 135 14.53 7.42 40.37
C GLU G 135 13.48 7.03 39.35
N GLN G 136 13.78 7.23 38.08
CA GLN G 136 12.96 6.74 36.99
C GLN G 136 12.91 5.21 36.91
N PHE G 137 13.82 4.51 37.58
CA PHE G 137 13.96 3.06 37.49
C PHE G 137 13.57 2.29 38.74
N ILE G 138 13.42 2.94 39.89
CA ILE G 138 13.67 2.31 41.18
C ILE G 138 12.78 1.09 41.42
N PRO G 139 13.24 0.10 42.18
CA PRO G 139 12.31 -0.90 42.70
C PRO G 139 11.40 -0.24 43.71
N LYS G 140 10.18 0.06 43.29
CA LYS G 140 9.24 0.69 44.19
C LYS G 140 8.68 -0.39 45.09
N GLY G 141 8.62 -0.09 46.39
CA GLY G 141 8.64 -1.11 47.40
C GLY G 141 9.75 -0.86 48.41
N CYS G 142 10.81 -1.65 48.36
CA CYS G 142 11.97 -1.37 49.21
C CYS G 142 12.53 0.01 48.91
N SER G 143 13.41 0.45 49.78
CA SER G 143 14.11 1.71 49.56
C SER G 143 15.01 1.58 48.33
N ARG G 144 15.31 2.72 47.73
CA ARG G 144 15.96 2.75 46.42
C ARG G 144 17.40 2.27 46.42
N PHE H 1 5.02 8.60 -24.30
CA PHE H 1 4.89 9.52 -23.13
C PHE H 1 4.54 8.75 -21.88
N THR H 2 3.93 7.59 -22.04
CA THR H 2 3.58 6.77 -20.88
C THR H 2 4.80 6.15 -20.24
N LEU H 3 5.92 6.07 -20.97
CA LEU H 3 7.11 5.40 -20.48
C LEU H 3 7.54 5.95 -19.13
N ILE H 4 7.33 7.24 -18.90
CA ILE H 4 7.78 7.90 -17.69
C ILE H 4 6.86 7.58 -16.51
N GLU H 5 5.55 7.60 -16.76
CA GLU H 5 4.58 7.06 -15.82
C GLU H 5 4.99 5.65 -15.40
N LEU H 6 5.46 4.87 -16.35
CA LEU H 6 5.96 3.59 -15.93
C LEU H 6 7.26 3.69 -15.16
N MET H 7 8.11 4.68 -15.44
CA MET H 7 9.38 4.77 -14.73
C MET H 7 9.14 4.81 -13.24
N ILE H 8 8.19 5.65 -12.82
CA ILE H 8 7.87 5.59 -11.41
C ILE H 8 7.37 4.19 -11.08
N VAL H 9 6.53 3.60 -11.93
CA VAL H 9 5.91 2.36 -11.48
C VAL H 9 6.94 1.23 -11.36
N VAL H 10 7.94 1.21 -12.24
CA VAL H 10 9.08 0.31 -12.10
C VAL H 10 9.74 0.54 -10.74
N ALA H 11 9.96 1.82 -10.42
CA ALA H 11 10.48 2.15 -9.10
C ALA H 11 9.60 1.56 -8.01
N ILE H 12 8.30 1.92 -8.04
CA ILE H 12 7.33 1.58 -7.00
C ILE H 12 7.38 0.11 -6.69
N ILE H 13 7.38 -0.73 -7.72
CA ILE H 13 7.61 -2.15 -7.53
C ILE H 13 8.89 -2.35 -6.75
N GLY H 14 9.92 -1.58 -7.10
CA GLY H 14 11.21 -1.78 -6.46
C GLY H 14 11.23 -1.47 -4.97
N ILE H 15 10.67 -0.33 -4.56
CA ILE H 15 11.18 0.31 -3.34
C ILE H 15 10.93 -0.56 -2.11
N LEU H 16 9.88 -1.38 -2.14
CA LEU H 16 9.47 -2.15 -0.97
C LEU H 16 10.64 -2.96 -0.41
N ALA H 17 11.04 -2.67 0.84
CA ALA H 17 12.37 -3.03 1.33
C ALA H 17 12.39 -3.55 2.76
N ALA H 18 11.27 -4.07 3.25
CA ALA H 18 11.26 -4.69 4.56
C ALA H 18 10.33 -5.91 4.60
N ILE H 19 10.23 -6.65 3.49
CA ILE H 19 9.13 -7.59 3.30
C ILE H 19 9.32 -8.85 4.11
N ALA H 20 10.33 -9.63 3.75
CA ALA H 20 10.47 -10.94 4.33
C ALA H 20 11.17 -10.79 5.67
N ILE H 21 10.38 -10.72 6.73
CA ILE H 21 10.90 -10.72 8.09
C ILE H 21 10.55 -12.11 8.61
N PRO H 22 11.36 -13.10 8.32
CA PRO H 22 11.06 -14.49 8.71
C PRO H 22 11.06 -14.68 10.21
N GLN H 23 12.16 -14.29 10.85
CA GLN H 23 12.39 -14.46 12.27
C GLN H 23 11.55 -13.48 13.09
N TYR H 24 10.69 -12.75 12.39
CA TYR H 24 9.42 -12.41 12.98
C TYR H 24 8.82 -13.68 13.54
N GLN H 25 8.69 -14.73 12.70
CA GLN H 25 8.20 -16.05 13.14
C GLN H 25 8.95 -16.60 14.33
N ASN H 26 10.15 -16.11 14.59
CA ASN H 26 11.00 -16.61 15.63
C ASN H 26 11.00 -15.75 16.89
N TYR H 27 10.65 -14.45 16.82
CA TYR H 27 10.16 -13.81 18.04
C TYR H 27 8.76 -14.27 18.36
N VAL H 28 7.94 -14.46 17.33
CA VAL H 28 6.71 -15.22 17.50
C VAL H 28 7.04 -16.54 18.19
N ALA H 29 8.13 -17.18 17.79
CA ALA H 29 8.49 -18.44 18.42
C ALA H 29 8.85 -18.24 19.88
N ARG H 30 9.54 -17.16 20.20
CA ARG H 30 9.87 -16.88 21.59
C ARG H 30 8.61 -16.57 22.37
N SER H 31 7.70 -15.85 21.75
CA SER H 31 6.42 -15.56 22.36
C SER H 31 5.66 -16.86 22.59
N GLU H 32 5.77 -17.77 21.65
CA GLU H 32 5.02 -19.00 21.72
C GLU H 32 5.62 -19.92 22.78
N GLY H 33 6.92 -19.79 23.04
CA GLY H 33 7.60 -20.63 23.99
C GLY H 33 7.50 -20.12 25.42
N ALA H 34 7.82 -18.85 25.60
CA ALA H 34 7.63 -18.23 26.91
C ALA H 34 6.17 -18.21 27.27
N SER H 35 5.34 -17.75 26.35
CA SER H 35 3.91 -17.77 26.57
C SER H 35 3.38 -19.20 26.61
N ALA H 36 4.18 -20.16 26.13
CA ALA H 36 3.89 -21.55 26.45
C ALA H 36 4.23 -21.87 27.90
N LEU H 37 5.17 -21.15 28.50
CA LEU H 37 5.36 -21.31 29.95
C LEU H 37 4.23 -20.67 30.71
N ALA H 38 3.69 -19.56 30.20
CA ALA H 38 2.56 -18.90 30.85
C ALA H 38 1.40 -19.85 31.08
N SER H 39 1.22 -20.79 30.15
CA SER H 39 0.11 -21.73 30.24
C SER H 39 0.24 -22.62 31.48
N VAL H 40 1.47 -22.98 31.86
CA VAL H 40 1.69 -24.00 32.87
C VAL H 40 2.04 -23.42 34.23
N ASN H 41 2.43 -22.16 34.30
CA ASN H 41 3.08 -21.67 35.51
C ASN H 41 2.25 -21.75 36.77
N PRO H 42 0.94 -21.48 36.78
CA PRO H 42 0.16 -21.75 37.99
C PRO H 42 -0.11 -23.21 38.23
N LEU H 43 0.30 -24.10 37.32
CA LEU H 43 0.15 -25.53 37.54
C LEU H 43 1.33 -26.15 38.25
N LYS H 44 2.51 -25.57 38.09
CA LYS H 44 3.53 -25.71 39.12
C LYS H 44 2.90 -25.47 40.48
N THR H 45 2.34 -24.27 40.61
CA THR H 45 1.70 -23.82 41.83
C THR H 45 0.55 -24.70 42.25
N THR H 46 -0.04 -25.47 41.32
CA THR H 46 -1.19 -26.32 41.57
C THR H 46 -0.80 -27.72 42.05
N VAL H 47 0.17 -28.34 41.38
CA VAL H 47 0.78 -29.55 41.89
C VAL H 47 1.21 -29.31 43.32
N GLU H 48 1.96 -28.23 43.52
CA GLU H 48 2.35 -27.87 44.88
C GLU H 48 1.18 -27.39 45.72
N GLU H 49 0.10 -26.93 45.10
CA GLU H 49 -1.06 -26.50 45.86
C GLU H 49 -1.57 -27.68 46.64
N ALA H 50 -2.15 -28.65 45.95
CA ALA H 50 -2.87 -29.63 46.72
C ALA H 50 -1.93 -30.64 47.36
N LEU H 51 -0.76 -30.87 46.76
CA LEU H 51 0.23 -31.68 47.47
C LEU H 51 0.66 -31.00 48.74
N SER H 52 0.75 -29.68 48.71
CA SER H 52 1.08 -28.92 49.90
C SER H 52 -0.10 -28.83 50.86
N ARG H 53 -1.27 -29.36 50.47
CA ARG H 53 -2.35 -29.50 51.43
C ARG H 53 -2.35 -30.86 52.13
N GLY H 54 -2.09 -31.94 51.39
CA GLY H 54 -2.40 -33.28 51.86
C GLY H 54 -3.25 -34.04 50.86
N TRP H 55 -3.14 -33.67 49.59
CA TRP H 55 -4.07 -34.09 48.55
C TRP H 55 -3.30 -34.25 47.24
N SER H 56 -3.57 -35.33 46.51
CA SER H 56 -2.90 -35.51 45.22
C SER H 56 -3.57 -34.61 44.18
N VAL H 57 -3.09 -34.66 42.94
CA VAL H 57 -3.53 -33.74 41.90
C VAL H 57 -3.66 -34.51 40.58
N LYS H 58 -4.87 -34.57 40.04
CA LYS H 58 -5.07 -35.07 38.69
C LYS H 58 -4.92 -33.94 37.68
N SER H 59 -4.77 -34.32 36.42
CA SER H 59 -4.94 -33.39 35.32
C SER H 59 -6.39 -33.39 34.88
N GLY H 60 -6.84 -32.22 34.47
CA GLY H 60 -8.25 -31.93 34.30
C GLY H 60 -8.72 -30.93 35.33
N THR H 61 -10.03 -30.68 35.28
CA THR H 61 -10.69 -29.70 36.11
C THR H 61 -11.73 -30.40 36.97
N GLY H 62 -12.56 -29.61 37.64
CA GLY H 62 -13.69 -30.08 38.40
C GLY H 62 -13.65 -29.55 39.81
N THR H 63 -14.62 -30.01 40.61
CA THR H 63 -14.49 -29.84 42.03
C THR H 63 -13.29 -30.62 42.51
N GLU H 64 -12.92 -30.36 43.76
CA GLU H 64 -11.87 -31.14 44.35
C GLU H 64 -12.30 -32.59 44.46
N ASP H 65 -11.36 -33.48 44.19
CA ASP H 65 -11.51 -34.87 44.54
C ASP H 65 -11.22 -35.00 46.04
N ALA H 66 -12.06 -34.34 46.85
CA ALA H 66 -11.77 -34.02 48.22
C ALA H 66 -12.23 -35.09 49.20
N THR H 67 -12.73 -36.22 48.70
CA THR H 67 -12.84 -37.42 49.50
C THR H 67 -11.83 -38.46 49.04
N LYS H 68 -10.89 -38.07 48.17
CA LYS H 68 -10.18 -39.03 47.33
C LYS H 68 -8.66 -38.92 47.44
N LYS H 69 -8.15 -38.09 48.33
CA LYS H 69 -6.73 -37.76 48.34
C LYS H 69 -6.26 -37.37 46.95
N GLU H 70 -6.97 -36.38 46.40
CA GLU H 70 -6.79 -35.95 45.02
C GLU H 70 -7.43 -34.58 44.86
N VAL H 71 -6.97 -33.85 43.85
CA VAL H 71 -7.54 -32.55 43.47
C VAL H 71 -7.36 -32.43 41.96
N PRO H 72 -8.09 -31.59 41.25
CA PRO H 72 -7.72 -31.32 39.85
C PRO H 72 -6.41 -30.56 39.73
N LEU H 73 -5.78 -30.70 38.56
CA LEU H 73 -4.87 -29.64 38.12
C LEU H 73 -5.63 -28.37 37.78
N GLY H 74 -6.93 -28.48 37.51
CA GLY H 74 -7.67 -27.33 37.02
C GLY H 74 -7.15 -26.83 35.70
N VAL H 75 -6.94 -27.73 34.74
CA VAL H 75 -6.48 -27.35 33.40
C VAL H 75 -6.99 -28.33 32.38
N ALA H 76 -7.33 -27.81 31.20
CA ALA H 76 -7.48 -28.60 29.99
C ALA H 76 -6.15 -28.53 29.26
N ALA H 77 -5.66 -29.71 28.82
CA ALA H 77 -4.29 -29.84 28.33
C ALA H 77 -3.92 -28.77 27.31
N ASP H 78 -4.80 -28.50 26.36
CA ASP H 78 -4.61 -27.43 25.38
C ASP H 78 -5.33 -26.16 25.78
N ALA H 79 -5.30 -25.83 27.07
CA ALA H 79 -5.61 -24.47 27.51
C ALA H 79 -4.91 -23.45 26.63
N ASN H 80 -3.66 -23.74 26.29
CA ASN H 80 -2.88 -23.00 25.31
C ASN H 80 -2.90 -23.77 23.99
N LYS H 81 -3.56 -23.19 22.97
CA LYS H 81 -3.70 -23.83 21.66
C LYS H 81 -2.41 -23.91 20.89
N LEU H 82 -1.28 -23.43 21.43
CA LEU H 82 0.00 -23.81 20.85
C LEU H 82 0.20 -25.30 20.95
N GLY H 83 -0.41 -25.94 21.95
CA GLY H 83 -0.39 -27.38 22.03
C GLY H 83 -1.04 -27.87 23.30
N THR H 84 -0.36 -28.76 24.04
CA THR H 84 -1.00 -29.50 25.11
C THR H 84 -0.09 -29.66 26.31
N ILE H 85 -0.71 -29.69 27.48
CA ILE H 85 -0.07 -30.03 28.74
C ILE H 85 -0.27 -31.52 28.97
N ALA H 86 0.63 -32.12 29.76
CA ALA H 86 0.43 -33.50 30.18
C ALA H 86 1.02 -33.68 31.56
N LEU H 87 0.17 -33.96 32.54
CA LEU H 87 0.65 -34.32 33.86
C LEU H 87 1.23 -35.72 33.84
N LYS H 88 2.31 -35.89 34.58
CA LYS H 88 3.01 -37.17 34.61
C LYS H 88 3.81 -37.30 35.91
N PRO H 89 3.50 -38.24 36.80
CA PRO H 89 2.34 -39.14 36.85
C PRO H 89 1.07 -38.37 37.15
N ASP H 90 -0.03 -38.91 36.65
CA ASP H 90 -1.34 -38.28 36.73
C ASP H 90 -2.31 -39.29 37.34
N PRO H 91 -2.90 -39.01 38.53
CA PRO H 91 -2.75 -37.84 39.37
C PRO H 91 -1.44 -37.77 40.10
N ALA H 92 -0.95 -36.53 40.16
CA ALA H 92 0.28 -36.20 40.84
C ALA H 92 0.15 -36.43 42.34
N ASP H 93 0.83 -37.44 42.82
CA ASP H 93 0.87 -37.75 44.24
C ASP H 93 1.99 -37.02 44.96
N GLY H 94 2.91 -36.40 44.22
CA GLY H 94 3.87 -35.48 44.77
C GLY H 94 5.12 -36.17 45.25
N THR H 95 4.95 -37.30 45.93
CA THR H 95 6.09 -38.13 46.23
C THR H 95 6.74 -38.64 44.95
N ALA H 96 6.02 -38.62 43.84
CA ALA H 96 6.63 -38.75 42.52
C ALA H 96 7.17 -37.40 42.06
N ASP H 97 8.24 -37.46 41.28
CA ASP H 97 8.73 -36.27 40.61
C ASP H 97 7.72 -35.94 39.53
N ILE H 98 6.77 -35.10 39.89
CA ILE H 98 5.69 -34.77 38.97
C ILE H 98 6.28 -34.00 37.80
N THR H 99 5.65 -34.19 36.65
CA THR H 99 6.09 -33.60 35.40
C THR H 99 4.90 -32.92 34.76
N LEU H 100 5.14 -31.70 34.27
CA LEU H 100 4.12 -30.92 33.56
C LEU H 100 4.69 -30.58 32.19
N THR H 101 4.38 -31.43 31.23
CA THR H 101 4.64 -31.13 29.83
C THR H 101 3.93 -29.86 29.43
N PHE H 102 4.50 -29.18 28.44
CA PHE H 102 3.67 -28.45 27.50
C PHE H 102 4.21 -28.68 26.10
N THR H 103 3.41 -29.34 25.29
CA THR H 103 3.74 -29.48 23.89
C THR H 103 3.30 -28.24 23.13
N MET H 104 4.10 -27.86 22.14
CA MET H 104 3.72 -26.81 21.19
C MET H 104 3.27 -27.41 19.85
N GLY H 105 2.18 -28.16 19.92
CA GLY H 105 1.52 -28.68 18.74
C GLY H 105 0.97 -27.62 17.79
N GLY H 106 -0.05 -26.89 18.21
CA GLY H 106 -0.65 -25.88 17.36
C GLY H 106 0.21 -24.65 17.16
N ALA H 107 1.42 -24.85 16.65
CA ALA H 107 2.47 -23.85 16.62
C ALA H 107 2.94 -23.62 15.20
N GLY H 108 3.78 -22.59 15.03
CA GLY H 108 4.32 -22.25 13.74
C GLY H 108 5.20 -23.36 13.20
N PRO H 109 5.61 -23.25 11.93
CA PRO H 109 6.61 -24.22 11.43
C PRO H 109 7.91 -24.18 12.19
N LYS H 110 8.19 -23.09 12.90
CA LYS H 110 9.41 -22.93 13.66
C LYS H 110 9.24 -23.21 15.14
N ASN H 111 8.05 -23.65 15.57
CA ASN H 111 7.91 -24.35 16.85
C ASN H 111 6.94 -25.51 16.68
N LYS H 112 6.95 -26.13 15.52
CA LYS H 112 5.92 -27.11 15.21
C LYS H 112 6.11 -28.35 16.07
N GLY H 113 5.81 -28.23 17.36
CA GLY H 113 5.91 -29.31 18.31
C GLY H 113 7.07 -29.24 19.28
N LYS H 114 7.73 -28.10 19.42
CA LYS H 114 8.86 -27.99 20.33
C LYS H 114 8.34 -27.95 21.76
N ILE H 115 8.39 -29.08 22.45
CA ILE H 115 7.78 -29.22 23.76
C ILE H 115 8.53 -28.36 24.77
N ILE H 116 7.80 -27.92 25.79
CA ILE H 116 8.33 -27.28 26.98
C ILE H 116 7.74 -28.04 28.15
N THR H 117 8.54 -28.84 28.84
CA THR H 117 8.09 -29.67 29.94
C THR H 117 8.77 -29.26 31.23
N LEU H 118 8.04 -29.46 32.33
CA LEU H 118 8.45 -29.15 33.67
C LEU H 118 8.49 -30.44 34.47
N THR H 119 9.35 -30.50 35.49
CA THR H 119 9.36 -31.67 36.37
C THR H 119 9.84 -31.30 37.75
N ARG H 120 9.06 -31.61 38.77
CA ARG H 120 9.44 -31.27 40.13
C ARG H 120 10.26 -32.37 40.75
N THR H 121 10.85 -32.05 41.91
CA THR H 121 11.39 -33.06 42.80
C THR H 121 10.34 -33.39 43.85
N ALA H 122 10.37 -34.62 44.34
CA ALA H 122 9.39 -35.03 45.35
C ALA H 122 9.61 -34.31 46.67
N ALA H 123 10.86 -34.27 47.15
CA ALA H 123 11.17 -33.55 48.37
C ALA H 123 11.47 -32.08 48.11
N ASP H 124 11.76 -31.71 46.87
CA ASP H 124 12.29 -30.38 46.58
C ASP H 124 11.64 -29.71 45.39
N GLY H 125 10.58 -30.27 44.80
CA GLY H 125 9.53 -29.48 44.19
C GLY H 125 9.89 -28.65 42.97
N LEU H 126 11.15 -28.24 42.79
CA LEU H 126 11.46 -27.22 41.83
C LEU H 126 11.33 -27.78 40.43
N TRP H 127 10.48 -27.15 39.65
CA TRP H 127 10.14 -27.69 38.34
C TRP H 127 11.30 -27.56 37.39
N LYS H 128 11.70 -28.69 36.81
CA LYS H 128 12.74 -28.73 35.80
C LYS H 128 12.11 -28.20 34.52
N CYS H 129 11.98 -26.89 34.49
CA CYS H 129 11.19 -26.18 33.52
C CYS H 129 12.06 -25.91 32.31
N THR H 130 11.83 -26.68 31.25
CA THR H 130 12.79 -26.81 30.18
C THR H 130 12.07 -26.85 28.85
N SER H 131 12.85 -26.64 27.80
CA SER H 131 12.34 -26.41 26.46
C SER H 131 13.18 -27.18 25.46
N ASP H 132 12.61 -27.34 24.27
CA ASP H 132 13.24 -28.02 23.16
C ASP H 132 13.76 -27.05 22.10
N GLN H 133 13.82 -25.77 22.40
CA GLN H 133 13.97 -24.77 21.37
C GLN H 133 15.43 -24.32 21.24
N ASP H 134 15.70 -23.49 20.24
CA ASP H 134 17.03 -22.95 19.97
C ASP H 134 17.23 -21.65 20.73
N GLU H 135 18.50 -21.27 20.95
CA GLU H 135 18.82 -20.07 21.72
C GLU H 135 18.11 -18.84 21.15
N GLN H 136 17.98 -18.79 19.84
CA GLN H 136 17.18 -17.78 19.16
C GLN H 136 15.68 -17.90 19.48
N PHE H 137 15.22 -19.02 20.02
CA PHE H 137 13.81 -19.30 20.26
C PHE H 137 13.39 -19.33 21.71
N ILE H 138 14.31 -19.41 22.66
CA ILE H 138 14.06 -20.05 23.95
C ILE H 138 12.91 -19.40 24.71
N PRO H 139 12.18 -20.15 25.54
CA PRO H 139 11.32 -19.50 26.52
C PRO H 139 12.18 -18.81 27.55
N LYS H 140 12.29 -17.49 27.41
CA LYS H 140 13.09 -16.74 28.35
C LYS H 140 12.27 -16.57 29.62
N GLY H 141 12.90 -16.80 30.77
CA GLY H 141 12.18 -17.20 31.95
C GLY H 141 12.75 -18.47 32.52
N CYS H 142 12.02 -19.58 32.39
CA CYS H 142 12.57 -20.87 32.79
C CYS H 142 13.85 -21.18 32.01
N SER H 143 14.56 -22.20 32.47
CA SER H 143 15.73 -22.66 31.77
C SER H 143 15.33 -23.23 30.41
N ARG H 144 16.28 -23.23 29.49
CA ARG H 144 16.00 -23.52 28.09
C ARG H 144 15.60 -24.96 27.80
N PHE I 1 2.24 5.59 -36.09
CA PHE I 1 3.42 5.53 -35.20
C PHE I 1 3.00 5.45 -33.74
N THR I 2 1.82 5.94 -33.44
CA THR I 2 1.32 5.89 -32.08
C THR I 2 0.96 4.48 -31.66
N LEU I 3 0.73 3.58 -32.63
CA LEU I 3 0.27 2.23 -32.34
C LEU I 3 1.18 1.53 -31.33
N ILE I 4 2.48 1.84 -31.38
CA ILE I 4 3.46 1.16 -30.53
C ILE I 4 3.42 1.72 -29.11
N GLU I 5 3.31 3.05 -28.98
CA GLU I 5 2.99 3.67 -27.71
C GLU I 5 1.77 3.01 -27.09
N LEU I 6 0.79 2.70 -27.91
CA LEU I 6 -0.30 1.96 -27.34
C LEU I 6 0.05 0.54 -27.03
N MET I 7 0.97 -0.09 -27.75
CA MET I 7 1.30 -1.48 -27.45
C MET I 7 1.74 -1.63 -26.02
N ILE I 8 2.61 -0.71 -25.57
CA ILE I 8 2.91 -0.77 -24.15
C ILE I 8 1.64 -0.55 -23.37
N VAL I 9 0.80 0.42 -23.79
CA VAL I 9 -0.31 0.75 -22.90
C VAL I 9 -1.31 -0.41 -22.79
N VAL I 10 -1.52 -1.14 -23.88
CA VAL I 10 -2.30 -2.38 -23.84
C VAL I 10 -1.68 -3.33 -22.83
N ALA I 11 -0.36 -3.47 -22.89
CA ALA I 11 0.34 -4.28 -21.89
C ALA I 11 0.03 -3.77 -20.49
N ILE I 12 0.30 -2.48 -20.25
CA ILE I 12 0.21 -1.85 -18.93
C ILE I 12 -1.13 -2.15 -18.29
N ILE I 13 -2.20 -1.98 -19.05
CA ILE I 13 -3.51 -2.41 -18.59
C ILE I 13 -3.43 -3.87 -18.17
N GLY I 14 -2.74 -4.68 -18.96
CA GLY I 14 -2.69 -6.10 -18.68
C GLY I 14 -2.01 -6.46 -17.37
N ILE I 15 -0.82 -5.90 -17.12
CA ILE I 15 0.14 -6.62 -16.28
C ILE I 15 -0.38 -6.79 -14.85
N LEU I 16 -1.24 -5.87 -14.39
CA LEU I 16 -1.67 -5.87 -13.00
C LEU I 16 -2.25 -7.22 -12.60
N ALA I 17 -1.62 -7.90 -11.63
CA ALA I 17 -1.77 -9.34 -11.45
C ALA I 17 -1.89 -9.78 -10.00
N ALA I 18 -2.31 -8.89 -9.11
CA ALA I 18 -2.56 -9.28 -7.73
C ALA I 18 -3.76 -8.54 -7.14
N ILE I 19 -4.78 -8.26 -7.96
CA ILE I 19 -5.79 -7.26 -7.61
C ILE I 19 -6.78 -7.80 -6.60
N ALA I 20 -7.57 -8.77 -7.03
CA ALA I 20 -8.67 -9.20 -6.20
C ALA I 20 -8.14 -10.20 -5.19
N ILE I 21 -7.81 -9.69 -4.01
CA ILE I 21 -7.44 -10.54 -2.87
C ILE I 21 -8.65 -10.50 -1.95
N PRO I 22 -9.65 -11.32 -2.21
CA PRO I 22 -10.89 -11.29 -1.43
C PRO I 22 -10.68 -11.70 0.02
N GLN I 23 -10.07 -12.88 0.20
CA GLN I 23 -9.85 -13.47 1.52
C GLN I 23 -8.74 -12.76 2.25
N TYR I 24 -8.26 -11.67 1.68
CA TYR I 24 -7.83 -10.56 2.48
C TYR I 24 -8.94 -10.27 3.48
N GLN I 25 -10.18 -10.06 3.00
CA GLN I 25 -11.34 -9.85 3.86
C GLN I 25 -11.53 -10.95 4.89
N ASN I 26 -10.92 -12.10 4.68
CA ASN I 26 -11.09 -13.25 5.54
C ASN I 26 -9.93 -13.46 6.51
N TYR I 27 -8.72 -12.95 6.21
CA TYR I 27 -7.79 -12.72 7.33
C TYR I 27 -8.21 -11.51 8.13
N VAL I 28 -8.72 -10.49 7.44
CA VAL I 28 -9.46 -9.44 8.12
C VAL I 28 -10.52 -10.07 8.99
N ALA I 29 -11.20 -11.09 8.48
CA ALA I 29 -12.23 -11.75 9.27
C ALA I 29 -11.64 -12.43 10.49
N ARG I 30 -10.48 -13.07 10.32
CA ARG I 30 -9.82 -13.70 11.46
C ARG I 30 -9.37 -12.64 12.47
N SER I 31 -8.88 -11.53 11.96
CA SER I 31 -8.51 -10.42 12.80
C SER I 31 -9.73 -9.91 13.55
N GLU I 32 -10.85 -9.87 12.85
CA GLU I 32 -12.06 -9.33 13.44
C GLU I 32 -12.63 -10.28 14.48
N GLY I 33 -12.37 -11.58 14.33
CA GLY I 33 -12.90 -12.57 15.23
C GLY I 33 -12.03 -12.77 16.46
N ALA I 34 -10.74 -12.97 16.23
CA ALA I 34 -9.80 -13.06 17.34
C ALA I 34 -9.76 -11.73 18.09
N SER I 35 -9.60 -10.66 17.35
CA SER I 35 -9.63 -9.34 17.96
C SER I 35 -11.02 -9.01 18.48
N ALA I 36 -12.04 -9.76 18.04
CA ALA I 36 -13.30 -9.74 18.77
C ALA I 36 -13.21 -10.47 20.09
N LEU I 37 -12.31 -11.43 20.23
CA LEU I 37 -12.06 -12.00 21.56
C LEU I 37 -11.29 -11.03 22.43
N ALA I 38 -10.40 -10.26 21.83
CA ALA I 38 -9.64 -9.26 22.58
C ALA I 38 -10.55 -8.32 23.33
N SER I 39 -11.70 -8.02 22.76
CA SER I 39 -12.64 -7.10 23.37
C SER I 39 -13.15 -7.64 24.71
N VAL I 40 -13.34 -8.95 24.80
CA VAL I 40 -14.06 -9.54 25.94
C VAL I 40 -13.12 -10.15 26.97
N ASN I 41 -11.86 -10.40 26.61
CA ASN I 41 -11.03 -11.27 27.44
C ASN I 41 -10.81 -10.79 28.87
N PRO I 42 -10.62 -9.51 29.17
CA PRO I 42 -10.59 -9.09 30.56
C PRO I 42 -11.95 -9.07 31.23
N LEU I 43 -13.03 -9.35 30.49
CA LEU I 43 -14.35 -9.41 31.09
C LEU I 43 -14.70 -10.81 31.56
N LYS I 44 -14.13 -11.84 30.96
CA LYS I 44 -13.94 -13.09 31.66
C LYS I 44 -13.39 -12.80 33.04
N THR I 45 -12.22 -12.15 33.03
CA THR I 45 -11.49 -11.81 34.22
C THR I 45 -12.28 -10.89 35.14
N THR I 46 -13.30 -10.19 34.62
CA THR I 46 -14.10 -9.25 35.39
C THR I 46 -15.29 -9.91 36.07
N VAL I 47 -16.02 -10.74 35.32
CA VAL I 47 -17.03 -11.60 35.93
C VAL I 47 -16.39 -12.35 37.09
N GLU I 48 -15.27 -13.00 36.80
CA GLU I 48 -14.55 -13.67 37.87
C GLU I 48 -13.91 -12.70 38.86
N GLU I 49 -13.68 -11.46 38.46
CA GLU I 49 -13.12 -10.48 39.37
C GLU I 49 -14.08 -10.33 40.54
N ALA I 50 -15.21 -9.71 40.30
CA ALA I 50 -16.00 -9.33 41.45
C ALA I 50 -16.74 -10.51 42.03
N LEU I 51 -17.08 -11.52 41.20
CA LEU I 51 -17.62 -12.73 41.78
C LEU I 51 -16.60 -13.40 42.69
N SER I 52 -15.33 -13.32 42.30
CA SER I 52 -14.27 -13.84 43.15
C SER I 52 -13.99 -12.94 44.34
N ARG I 53 -14.65 -11.79 44.43
CA ARG I 53 -14.60 -11.01 45.66
C ARG I 53 -15.71 -11.34 46.64
N GLY I 54 -16.92 -11.54 46.14
CA GLY I 54 -18.11 -11.50 46.99
C GLY I 54 -19.15 -10.54 46.48
N TRP I 55 -19.13 -10.28 45.17
CA TRP I 55 -19.85 -9.16 44.58
C TRP I 55 -20.32 -9.59 43.19
N SER I 56 -21.57 -9.28 42.84
CA SER I 56 -22.05 -9.62 41.50
C SER I 56 -21.50 -8.60 40.50
N VAL I 57 -21.86 -8.75 39.23
CA VAL I 57 -21.27 -7.96 38.14
C VAL I 57 -22.36 -7.59 37.15
N LYS I 58 -22.63 -6.30 37.00
CA LYS I 58 -23.47 -5.82 35.91
C LYS I 58 -22.64 -5.57 34.65
N SER I 59 -23.35 -5.45 33.54
CA SER I 59 -22.76 -4.90 32.33
C SER I 59 -22.94 -3.39 32.33
N GLY I 60 -21.94 -2.71 31.79
CA GLY I 60 -21.77 -1.28 31.93
C GLY I 60 -20.56 -0.97 32.79
N THR I 61 -20.38 0.32 33.03
CA THR I 61 -19.26 0.86 33.75
C THR I 61 -19.75 1.57 35.01
N GLY I 62 -18.86 2.27 35.67
CA GLY I 62 -19.16 3.12 36.80
C GLY I 62 -18.27 2.78 37.97
N THR I 63 -18.55 3.46 39.08
CA THR I 63 -17.99 2.99 40.33
C THR I 63 -18.56 1.62 40.64
N GLU I 64 -17.97 0.98 41.64
CA GLU I 64 -18.51 -0.27 42.09
C GLU I 64 -19.89 -0.05 42.67
N ASP I 65 -20.77 -0.99 42.38
CA ASP I 65 -22.02 -1.11 43.07
C ASP I 65 -21.74 -1.76 44.42
N ALA I 66 -20.93 -1.09 45.24
CA ALA I 66 -20.24 -1.68 46.37
C ALA I 66 -21.03 -1.61 47.66
N THR I 67 -22.27 -1.14 47.61
CA THR I 67 -23.23 -1.38 48.67
C THR I 67 -24.30 -2.36 48.23
N LYS I 68 -24.12 -2.99 47.06
CA LYS I 68 -25.21 -3.58 46.32
C LYS I 68 -25.01 -5.04 45.98
N LYS I 69 -23.96 -5.67 46.47
CA LYS I 69 -23.57 -6.99 46.00
C LYS I 69 -23.54 -7.04 44.48
N GLU I 70 -22.77 -6.11 43.93
CA GLU I 70 -22.72 -5.88 42.50
C GLU I 70 -21.48 -5.06 42.18
N VAL I 71 -21.02 -5.16 40.94
CA VAL I 71 -19.90 -4.37 40.43
C VAL I 71 -20.17 -4.15 38.94
N PRO I 72 -19.58 -3.17 38.28
CA PRO I 72 -19.68 -3.13 36.81
C PRO I 72 -18.92 -4.27 36.15
N LEU I 73 -19.33 -4.59 34.92
CA LEU I 73 -18.39 -5.23 34.00
C LEU I 73 -17.29 -4.27 33.58
N GLY I 74 -17.53 -2.96 33.72
CA GLY I 74 -16.59 -1.99 33.19
C GLY I 74 -16.44 -2.09 31.69
N VAL I 75 -17.55 -2.16 30.96
CA VAL I 75 -17.52 -2.23 29.50
C VAL I 75 -18.77 -1.59 28.93
N ALA I 76 -18.59 -0.90 27.81
CA ALA I 76 -19.68 -0.55 26.91
C ALA I 76 -19.75 -1.63 25.84
N ALA I 77 -20.97 -2.12 25.58
CA ALA I 77 -21.17 -3.34 24.79
C ALA I 77 -20.39 -3.31 23.48
N ASP I 78 -20.43 -2.18 22.77
CA ASP I 78 -19.65 -1.99 21.55
C ASP I 78 -18.35 -1.25 21.81
N ALA I 79 -17.68 -1.57 22.92
CA ALA I 79 -16.28 -1.23 23.08
C ALA I 79 -15.50 -1.56 21.81
N ASN I 80 -15.81 -2.71 21.22
CA ASN I 80 -15.32 -3.12 19.92
C ASN I 80 -16.42 -2.85 18.89
N LYS I 81 -16.16 -1.89 17.98
CA LYS I 81 -17.13 -1.50 16.96
C LYS I 81 -17.36 -2.56 15.89
N LEU I 82 -16.69 -3.71 15.98
CA LEU I 82 -17.14 -4.84 15.19
C LEU I 82 -18.55 -5.24 15.59
N GLY I 83 -18.93 -4.99 16.84
CA GLY I 83 -20.29 -5.20 17.26
C GLY I 83 -20.47 -4.95 18.73
N THR I 84 -21.08 -5.88 19.45
CA THR I 84 -21.54 -5.64 20.81
C THR I 84 -21.33 -6.83 21.72
N ILE I 85 -21.09 -6.54 22.98
CA ILE I 85 -21.05 -7.51 24.05
C ILE I 85 -22.43 -7.55 24.69
N ALA I 86 -22.75 -8.68 25.32
CA ALA I 86 -23.97 -8.76 26.10
C ALA I 86 -23.74 -9.70 27.27
N LEU I 87 -23.79 -9.16 28.48
CA LEU I 87 -23.78 -10.00 29.67
C LEU I 87 -25.09 -10.72 29.83
N LYS I 88 -25.02 -11.97 30.26
CA LYS I 88 -26.20 -12.80 30.41
C LYS I 88 -25.94 -13.91 31.42
N PRO I 89 -26.62 -13.94 32.58
CA PRO I 89 -27.53 -12.96 33.16
C PRO I 89 -26.77 -11.72 33.60
N ASP I 90 -27.48 -10.60 33.57
CA ASP I 90 -26.92 -9.28 33.84
C ASP I 90 -27.76 -8.62 34.94
N PRO I 91 -27.21 -8.34 36.13
CA PRO I 91 -25.85 -8.56 36.57
C PRO I 91 -25.53 -10.00 36.89
N ALA I 92 -24.29 -10.33 36.51
CA ALA I 92 -23.73 -11.65 36.72
C ALA I 92 -23.57 -11.92 38.20
N ASP I 93 -24.39 -12.82 38.71
CA ASP I 93 -24.29 -13.25 40.10
C ASP I 93 -23.33 -14.42 40.28
N GLY I 94 -22.91 -15.04 39.19
CA GLY I 94 -21.82 -16.00 39.21
C GLY I 94 -22.30 -17.39 39.48
N THR I 95 -23.22 -17.53 40.43
CA THR I 95 -23.88 -18.81 40.60
C THR I 95 -24.68 -19.17 39.35
N ALA I 96 -24.99 -18.20 38.51
CA ALA I 96 -25.44 -18.46 37.16
C ALA I 96 -24.24 -18.71 36.25
N ASP I 97 -24.46 -19.54 35.25
CA ASP I 97 -23.46 -19.70 34.20
C ASP I 97 -23.48 -18.42 33.39
N ILE I 98 -22.62 -17.49 33.78
CA ILE I 98 -22.61 -16.20 33.15
C ILE I 98 -22.14 -16.36 31.71
N THR I 99 -22.66 -15.50 30.85
CA THR I 99 -22.40 -15.53 29.43
C THR I 99 -21.97 -14.15 28.99
N LEU I 100 -20.93 -14.10 28.18
CA LEU I 100 -20.42 -12.87 27.60
C LEU I 100 -20.42 -13.02 26.09
N THR I 101 -21.51 -12.58 25.49
CA THR I 101 -21.59 -12.44 24.05
C THR I 101 -20.50 -11.51 23.56
N PHE I 102 -20.08 -11.72 22.32
CA PHE I 102 -19.67 -10.61 21.48
C PHE I 102 -20.24 -10.80 20.09
N THR I 103 -21.13 -9.90 19.72
CA THR I 103 -21.62 -9.88 18.36
C THR I 103 -20.65 -9.11 17.48
N MET I 104 -20.52 -9.58 16.24
CA MET I 104 -19.78 -8.86 15.21
C MET I 104 -20.73 -8.16 14.24
N GLY I 105 -21.48 -7.22 14.78
CA GLY I 105 -22.33 -6.35 13.99
C GLY I 105 -21.60 -5.46 13.00
N GLY I 106 -20.82 -4.49 13.49
CA GLY I 106 -20.11 -3.58 12.62
C GLY I 106 -18.93 -4.21 11.90
N ALA I 107 -19.21 -5.27 11.13
CA ALA I 107 -18.21 -6.15 10.58
C ALA I 107 -18.33 -6.22 9.06
N GLY I 108 -17.36 -6.87 8.43
CA GLY I 108 -17.34 -7.01 7.00
C GLY I 108 -18.51 -7.85 6.53
N PRO I 109 -18.74 -7.92 5.21
CA PRO I 109 -19.75 -8.85 4.69
C PRO I 109 -19.45 -10.30 5.05
N LYS I 110 -18.19 -10.61 5.36
CA LYS I 110 -17.77 -11.96 5.69
C LYS I 110 -17.67 -12.20 7.19
N ASN I 111 -18.02 -11.23 8.02
CA ASN I 111 -18.37 -11.49 9.41
C ASN I 111 -19.57 -10.66 9.81
N LYS I 112 -20.48 -10.45 8.88
CA LYS I 112 -21.55 -9.49 9.12
C LYS I 112 -22.51 -10.04 10.17
N GLY I 113 -22.06 -10.06 11.42
CA GLY I 113 -22.85 -10.53 12.54
C GLY I 113 -22.46 -11.88 13.11
N LYS I 114 -21.29 -12.41 12.77
CA LYS I 114 -20.89 -13.73 13.28
C LYS I 114 -20.49 -13.57 14.75
N ILE I 115 -21.40 -13.93 15.65
CA ILE I 115 -21.21 -13.69 17.07
C ILE I 115 -20.08 -14.57 17.60
N ILE I 116 -19.43 -14.06 18.64
CA ILE I 116 -18.47 -14.82 19.43
C ILE I 116 -18.91 -14.62 20.88
N THR I 117 -19.46 -15.67 21.48
CA THR I 117 -19.98 -15.61 22.84
C THR I 117 -19.21 -16.54 23.76
N LEU I 118 -19.15 -16.13 25.01
CA LEU I 118 -18.47 -16.84 26.09
C LEU I 118 -19.50 -17.24 27.12
N THR I 119 -19.24 -18.32 27.85
CA THR I 119 -20.12 -18.69 28.95
C THR I 119 -19.38 -19.47 30.02
N ARG I 120 -19.45 -19.00 31.26
CA ARG I 120 -18.74 -19.67 32.33
C ARG I 120 -19.59 -20.75 32.96
N THR I 121 -18.95 -21.57 33.79
CA THR I 121 -19.66 -22.43 34.72
C THR I 121 -19.75 -21.72 36.06
N ALA I 122 -20.81 -22.03 36.81
CA ALA I 122 -20.97 -21.39 38.11
C ALA I 122 -19.92 -21.85 39.11
N ALA I 123 -19.69 -23.16 39.21
CA ALA I 123 -18.65 -23.69 40.07
C ALA I 123 -17.30 -23.74 39.40
N ASP I 124 -17.25 -23.66 38.07
CA ASP I 124 -16.04 -23.94 37.33
C ASP I 124 -15.73 -22.93 36.24
N GLY I 125 -16.48 -21.84 36.12
CA GLY I 125 -15.93 -20.58 35.65
C GLY I 125 -15.44 -20.52 34.22
N LEU I 126 -15.03 -21.63 33.60
CA LEU I 126 -14.29 -21.57 32.37
C LEU I 126 -15.22 -21.15 31.24
N TRP I 127 -14.86 -20.07 30.60
CA TRP I 127 -15.74 -19.47 29.61
C TRP I 127 -15.81 -20.33 28.37
N LYS I 128 -17.03 -20.69 28.00
CA LYS I 128 -17.29 -21.44 26.78
C LYS I 128 -17.17 -20.45 25.64
N CYS I 129 -15.91 -20.17 25.32
CA CYS I 129 -15.52 -19.08 24.46
C CYS I 129 -15.55 -19.58 23.03
N THR I 130 -16.58 -19.18 22.30
CA THR I 130 -16.94 -19.85 21.07
C THR I 130 -17.37 -18.82 20.04
N SER I 131 -17.41 -19.29 18.79
CA SER I 131 -17.57 -18.43 17.64
C SER I 131 -18.54 -19.07 16.67
N ASP I 132 -19.04 -18.24 15.76
CA ASP I 132 -19.95 -18.65 14.71
C ASP I 132 -19.28 -18.76 13.35
N GLN I 133 -17.97 -18.74 13.30
CA GLN I 133 -17.27 -18.51 12.05
C GLN I 133 -16.81 -19.82 11.43
N ASP I 134 -16.25 -19.72 10.22
CA ASP I 134 -15.75 -20.87 9.47
C ASP I 134 -14.29 -21.10 9.81
N GLU I 135 -13.81 -22.34 9.57
CA GLU I 135 -12.42 -22.69 9.90
C GLU I 135 -11.43 -21.73 9.27
N GLN I 136 -11.73 -21.27 8.07
CA GLN I 136 -10.99 -20.20 7.41
C GLN I 136 -11.07 -18.86 8.15
N PHE I 137 -12.04 -18.69 9.05
CA PHE I 137 -12.32 -17.43 9.73
C PHE I 137 -11.98 -17.39 11.21
N ILE I 138 -11.76 -18.53 11.85
CA ILE I 138 -12.04 -18.70 13.28
C ILE I 138 -11.26 -17.71 14.14
N PRO I 139 -11.80 -17.30 15.30
CA PRO I 139 -10.95 -16.64 16.29
C PRO I 139 -9.97 -17.65 16.84
N LYS I 140 -8.74 -17.57 16.36
CA LYS I 140 -7.72 -18.49 16.83
C LYS I 140 -7.26 -17.99 18.19
N GLY I 141 -7.14 -18.92 19.13
CA GLY I 141 -7.24 -18.58 20.54
C GLY I 141 -8.30 -19.43 21.22
N CYS I 142 -9.44 -18.82 21.57
CA CYS I 142 -10.55 -19.60 22.10
C CYS I 142 -10.99 -20.67 21.10
N SER I 143 -11.81 -21.58 21.59
CA SER I 143 -12.38 -22.58 20.73
C SER I 143 -13.32 -21.92 19.71
N ARG I 144 -13.52 -22.60 18.59
CA ARG I 144 -14.18 -22.01 17.44
C ARG I 144 -15.66 -21.73 17.64
N PHE J 1 -3.94 10.88 -45.56
CA PHE J 1 -3.71 9.51 -45.04
C PHE J 1 -3.41 9.53 -43.55
N THR J 2 -2.91 10.65 -43.07
CA THR J 2 -2.63 10.78 -41.65
C THR J 2 -3.89 10.86 -40.81
N LEU J 3 -5.02 11.22 -41.43
CA LEU J 3 -6.27 11.42 -40.71
C LEU J 3 -6.62 10.21 -39.86
N ILE J 4 -6.28 9.02 -40.34
CA ILE J 4 -6.66 7.78 -39.65
C ILE J 4 -5.74 7.52 -38.45
N GLU J 5 -4.44 7.75 -38.63
CA GLU J 5 -3.51 7.81 -37.50
C GLU J 5 -4.05 8.75 -36.43
N LEU J 6 -4.61 9.87 -36.85
CA LEU J 6 -5.22 10.68 -35.84
C LEU J 6 -6.49 10.09 -35.29
N MET J 7 -7.24 9.31 -36.07
CA MET J 7 -8.49 8.76 -35.55
C MET J 7 -8.22 7.96 -34.29
N ILE J 8 -7.18 7.12 -34.34
CA ILE J 8 -6.85 6.46 -33.09
C ILE J 8 -6.48 7.51 -32.06
N VAL J 9 -5.71 8.54 -32.46
CA VAL J 9 -5.21 9.42 -31.41
C VAL J 9 -6.34 10.21 -30.75
N VAL J 10 -7.35 10.60 -31.53
CA VAL J 10 -8.57 11.20 -30.97
C VAL J 10 -9.18 10.23 -29.97
N ALA J 11 -9.27 8.96 -30.36
CA ALA J 11 -9.74 7.95 -29.42
C ALA J 11 -8.89 7.95 -28.16
N ILE J 12 -7.57 7.78 -28.33
CA ILE J 12 -6.61 7.60 -27.23
C ILE J 12 -6.79 8.70 -26.19
N ILE J 13 -6.89 9.94 -26.65
CA ILE J 13 -7.25 11.03 -25.75
C ILE J 13 -8.53 10.68 -25.02
N GLY J 14 -9.49 10.11 -25.76
CA GLY J 14 -10.78 9.83 -25.16
C GLY J 14 -10.75 8.80 -24.04
N ILE J 15 -10.08 7.66 -24.27
CA ILE J 15 -10.51 6.44 -23.57
C ILE J 15 -10.31 6.56 -22.07
N LEU J 16 -9.35 7.37 -21.63
CA LEU J 16 -8.99 7.44 -20.21
C LEU J 16 -10.22 7.73 -19.36
N ALA J 17 -10.57 6.80 -18.45
CA ALA J 17 -11.93 6.73 -17.91
C ALA J 17 -11.97 6.43 -16.42
N ALA J 18 -10.89 6.71 -15.68
CA ALA J 18 -10.92 6.55 -14.24
C ALA J 18 -10.10 7.65 -13.54
N ILE J 19 -10.09 8.87 -14.09
CA ILE J 19 -9.09 9.86 -13.73
C ILE J 19 -9.39 10.49 -12.39
N ALA J 20 -10.47 11.25 -12.33
CA ALA J 20 -10.72 12.05 -11.15
C ALA J 20 -11.39 11.16 -10.11
N ILE J 21 -10.57 10.61 -9.23
CA ILE J 21 -11.07 9.86 -8.07
C ILE J 21 -10.84 10.80 -6.89
N PRO J 22 -11.74 11.73 -6.65
CA PRO J 22 -11.57 12.72 -5.59
C PRO J 22 -11.57 12.11 -4.21
N GLN J 23 -12.62 11.34 -3.92
CA GLN J 23 -12.84 10.72 -2.61
C GLN J 23 -11.90 9.55 -2.40
N TYR J 24 -10.98 9.36 -3.34
CA TYR J 24 -9.68 8.87 -2.98
C TYR J 24 -9.18 9.72 -1.81
N GLN J 25 -9.16 11.06 -1.98
CA GLN J 25 -8.79 11.99 -0.90
C GLN J 25 -9.58 11.77 0.37
N ASN J 26 -10.72 11.11 0.30
CA ASN J 26 -11.59 10.92 1.42
C ASN J 26 -11.50 9.53 2.05
N TYR J 27 -11.02 8.50 1.32
CA TYR J 27 -10.46 7.37 2.05
C TYR J 27 -9.10 7.71 2.61
N VAL J 28 -8.33 8.49 1.86
CA VAL J 28 -7.16 9.15 2.44
C VAL J 28 -7.60 9.88 3.69
N ALA J 29 -8.75 10.54 3.66
CA ALA J 29 -9.22 11.24 4.84
C ALA J 29 -9.52 10.29 5.97
N ARG J 30 -10.12 9.13 5.65
CA ARG J 30 -10.39 8.15 6.68
C ARG J 30 -9.09 7.59 7.24
N SER J 31 -8.13 7.37 6.36
CA SER J 31 -6.82 6.94 6.78
C SER J 31 -6.19 7.98 7.67
N GLU J 32 -6.39 9.23 7.33
CA GLU J 32 -5.77 10.31 8.07
C GLU J 32 -6.43 10.49 9.43
N GLY J 33 -7.71 10.11 9.54
CA GLY J 33 -8.45 10.28 10.77
C GLY J 33 -8.27 9.11 11.71
N ALA J 34 -8.47 7.91 11.20
CA ALA J 34 -8.21 6.71 11.99
C ALA J 34 -6.73 6.64 12.35
N SER J 35 -5.88 6.80 11.35
CA SER J 35 -4.46 6.83 11.61
C SER J 35 -4.06 8.08 12.40
N ALA J 36 -4.95 9.07 12.47
CA ALA J 36 -4.79 10.11 13.48
C ALA J 36 -5.14 9.60 14.86
N LEU J 37 -6.00 8.58 14.97
CA LEU J 37 -6.18 7.94 16.28
C LEU J 37 -4.97 7.10 16.64
N ALA J 38 -4.34 6.48 15.64
CA ALA J 38 -3.15 5.68 15.89
C ALA J 38 -2.08 6.48 16.61
N SER J 39 -2.00 7.77 16.32
CA SER J 39 -1.00 8.62 16.93
C SER J 39 -1.18 8.71 18.44
N VAL J 40 -2.43 8.71 18.90
CA VAL J 40 -2.73 9.03 20.30
C VAL J 40 -3.00 7.81 21.15
N ASN J 41 -3.28 6.66 20.53
CA ASN J 41 -3.85 5.56 21.29
C ASN J 41 -2.99 5.04 22.43
N PRO J 42 -1.67 4.93 22.35
CA PRO J 42 -0.90 4.60 23.54
C PRO J 42 -0.77 5.74 24.52
N LEU J 43 -1.29 6.92 24.20
CA LEU J 43 -1.25 8.02 25.13
C LEU J 43 -2.48 8.09 26.02
N LYS J 44 -3.61 7.57 25.55
CA LYS J 44 -4.61 7.06 26.46
C LYS J 44 -3.95 6.21 27.51
N THR J 45 -3.26 5.17 27.02
CA THR J 45 -2.58 4.21 27.86
C THR J 45 -1.49 4.85 28.71
N THR J 46 -1.00 6.03 28.32
CA THR J 46 0.07 6.72 29.03
C THR J 46 -0.44 7.62 30.16
N VAL J 47 -1.47 8.41 29.85
CA VAL J 47 -2.19 9.13 30.92
C VAL J 47 -2.57 8.13 31.99
N GLU J 48 -3.22 7.05 31.58
CA GLU J 48 -3.55 6.00 32.53
C GLU J 48 -2.32 5.26 33.05
N GLU J 49 -1.22 5.28 32.31
CA GLU J 49 0.00 4.62 32.77
C GLU J 49 0.40 5.26 34.08
N ALA J 50 0.88 6.49 34.01
CA ALA J 50 1.52 7.00 35.21
C ALA J 50 0.50 7.43 36.24
N LEU J 51 -0.70 7.84 35.81
CA LEU J 51 -1.75 8.07 36.79
C LEU J 51 -2.09 6.79 37.52
N SER J 52 -2.06 5.68 36.79
CA SER J 52 -2.29 4.39 37.41
C SER J 52 -1.10 3.91 38.22
N ARG J 53 0.00 4.66 38.21
CA ARG J 53 1.10 4.39 39.13
C ARG J 53 0.98 5.16 40.44
N GLY J 54 0.60 6.45 40.37
CA GLY J 54 0.80 7.37 41.47
C GLY J 54 1.55 8.62 41.04
N TRP J 55 1.46 8.95 39.76
CA TRP J 55 2.33 9.93 39.13
C TRP J 55 1.53 10.69 38.07
N SER J 56 1.67 12.01 38.02
CA SER J 56 0.97 12.77 36.99
C SER J 56 1.71 12.62 35.66
N VAL J 57 1.20 13.26 34.61
CA VAL J 57 1.71 13.06 33.25
C VAL J 57 1.73 14.40 32.53
N LYS J 58 2.93 14.85 32.15
CA LYS J 58 3.06 15.99 31.26
C LYS J 58 3.01 15.55 29.80
N SER J 59 2.79 16.52 28.93
CA SER J 59 3.03 16.32 27.50
C SER J 59 4.47 16.67 27.17
N GLY J 60 5.02 15.93 26.24
CA GLY J 60 6.45 15.90 25.98
C GLY J 60 7.04 14.55 26.37
N THR J 61 8.35 14.49 26.23
CA THR J 61 9.12 13.28 26.46
C THR J 61 10.11 13.53 27.59
N GLY J 62 11.01 12.57 27.78
CA GLY J 62 12.11 12.67 28.71
C GLY J 62 12.14 11.50 29.65
N THR J 63 13.08 11.55 30.59
CA THR J 63 12.98 10.65 31.71
C THR J 63 11.72 10.95 32.48
N GLU J 64 11.41 10.05 33.40
CA GLU J 64 10.29 10.32 34.28
C GLU J 64 10.59 11.52 35.14
N ASP J 65 9.57 12.33 35.34
CA ASP J 65 9.58 13.34 36.37
C ASP J 65 9.32 12.66 37.70
N ALA J 66 10.23 11.75 38.07
CA ALA J 66 9.99 10.72 39.08
C ALA J 66 10.37 11.17 40.48
N THR J 67 10.74 12.43 40.67
CA THR J 67 10.75 13.05 41.97
C THR J 67 9.64 14.07 42.09
N LYS J 68 8.74 14.12 41.10
CA LYS J 68 7.92 15.30 40.87
C LYS J 68 6.43 15.02 40.86
N LYS J 69 6.00 13.80 41.17
CA LYS J 69 4.62 13.39 40.95
C LYS J 69 4.17 13.74 39.54
N GLU J 70 4.96 13.25 38.59
CA GLU J 70 4.80 13.59 37.18
C GLU J 70 5.56 12.58 36.35
N VAL J 71 5.15 12.44 35.10
CA VAL J 71 5.84 11.59 34.12
C VAL J 71 5.63 12.26 32.76
N PRO J 72 6.43 11.97 31.74
CA PRO J 72 6.07 12.44 30.39
C PRO J 72 4.84 11.75 29.85
N LEU J 73 4.18 12.41 28.89
CA LEU J 73 3.36 11.67 27.94
C LEU J 73 4.24 10.83 27.01
N GLY J 74 5.51 11.18 26.89
CA GLY J 74 6.35 10.52 25.90
C GLY J 74 5.86 10.75 24.48
N VAL J 75 5.55 11.99 24.12
CA VAL J 75 5.09 12.32 22.78
C VAL J 75 5.50 13.74 22.44
N ALA J 76 5.87 13.94 21.17
CA ALA J 76 5.92 15.26 20.56
C ALA J 76 4.60 15.47 19.84
N ALA J 77 3.98 16.64 20.06
CA ALA J 77 2.59 16.89 19.67
C ALA J 77 2.31 16.48 18.23
N ASP J 78 3.21 16.83 17.31
CA ASP J 78 3.10 16.41 15.91
C ASP J 78 3.95 15.19 15.62
N ALA J 79 3.96 14.23 16.55
CA ALA J 79 4.40 12.87 16.22
C ALA J 79 3.78 12.41 14.91
N ASN J 80 2.51 12.71 14.73
CA ASN J 80 1.79 12.53 13.48
C ASN J 80 1.72 13.88 12.76
N LYS J 81 2.40 13.98 11.61
CA LYS J 81 2.47 15.21 10.83
C LYS J 81 1.15 15.57 10.16
N LEU J 82 0.09 14.78 10.34
CA LEU J 82 -1.23 15.28 10.01
C LEU J 82 -1.57 16.49 10.86
N GLY J 83 -1.01 16.56 12.07
CA GLY J 83 -1.16 17.74 12.88
C GLY J 83 -0.54 17.57 14.24
N THR J 84 -1.27 17.85 15.31
CA THR J 84 -0.69 17.99 16.64
C THR J 84 -1.59 17.42 17.71
N ILE J 85 -0.97 16.89 18.75
CA ILE J 85 -1.62 16.46 19.98
C ILE J 85 -1.55 17.62 20.96
N ALA J 86 -2.48 17.64 21.91
CA ALA J 86 -2.41 18.60 22.99
C ALA J 86 -2.99 17.98 24.24
N LEU J 87 -2.15 17.79 25.25
CA LEU J 87 -2.64 17.37 26.56
C LEU J 87 -3.36 18.52 27.24
N LYS J 88 -4.44 18.18 27.93
CA LYS J 88 -5.24 19.19 28.59
C LYS J 88 -6.04 18.55 29.73
N PRO J 89 -5.79 18.91 31.01
CA PRO J 89 -4.73 19.74 31.56
C PRO J 89 -3.39 19.05 31.45
N ASP J 90 -2.35 19.88 31.35
CA ASP J 90 -0.99 19.42 31.12
C ASP J 90 -0.11 20.03 32.21
N PRO J 91 0.52 19.23 33.10
CA PRO J 91 0.49 17.78 33.19
C PRO J 91 -0.79 17.22 33.74
N ALA J 92 -1.16 16.10 33.14
CA ALA J 92 -2.35 15.35 33.50
C ALA J 92 -2.19 14.79 34.90
N ASP J 93 -2.97 15.33 35.82
CA ASP J 93 -3.01 14.84 37.19
C ASP J 93 -4.05 13.74 37.38
N GLY J 94 -4.91 13.54 36.40
CA GLY J 94 -5.77 12.37 36.35
C GLY J 94 -7.07 12.60 37.08
N THR J 95 -6.99 13.22 38.25
CA THR J 95 -8.21 13.67 38.90
C THR J 95 -8.93 14.71 38.05
N ALA J 96 -8.23 15.34 37.12
CA ALA J 96 -8.86 16.08 36.03
C ALA J 96 -9.29 15.13 34.93
N ASP J 97 -10.37 15.49 34.26
CA ASP J 97 -10.75 14.78 33.05
C ASP J 97 -9.74 15.15 31.99
N ILE J 98 -8.71 14.34 31.89
CA ILE J 98 -7.62 14.64 30.98
C ILE J 98 -8.14 14.54 29.56
N THR J 99 -7.57 15.36 28.69
CA THR J 99 -7.96 15.47 27.30
C THR J 99 -6.73 15.33 26.44
N LEU J 100 -6.85 14.53 25.38
CA LEU J 100 -5.79 14.34 24.41
C LEU J 100 -6.34 14.70 23.04
N THR J 101 -6.13 15.96 22.67
CA THR J 101 -6.38 16.41 21.32
C THR J 101 -5.57 15.60 20.34
N PHE J 102 -6.08 15.49 19.12
CA PHE J 102 -5.21 15.44 17.96
C PHE J 102 -5.79 16.31 16.87
N THR J 103 -5.08 17.36 16.55
CA THR J 103 -5.43 18.18 15.41
C THR J 103 -4.89 17.56 14.14
N MET J 104 -5.66 17.70 13.07
CA MET J 104 -5.21 17.33 11.73
C MET J 104 -4.84 18.57 10.92
N GLY J 105 -3.83 19.27 11.40
CA GLY J 105 -3.23 20.39 10.69
C GLY J 105 -2.61 20.03 9.34
N GLY J 106 -1.52 19.28 9.35
CA GLY J 106 -0.83 18.92 8.12
C GLY J 106 -1.58 17.91 7.29
N ALA J 107 -2.81 18.23 6.91
CA ALA J 107 -3.77 17.30 6.33
C ALA J 107 -4.23 17.81 4.97
N GLY J 108 -4.98 16.96 4.27
CA GLY J 108 -5.51 17.29 2.98
C GLY J 108 -6.50 18.43 3.07
N PRO J 109 -6.92 18.97 1.92
CA PRO J 109 -8.01 19.96 1.95
C PRO J 109 -9.28 19.42 2.54
N LYS J 110 -9.45 18.10 2.56
CA LYS J 110 -10.64 17.46 3.08
C LYS J 110 -10.47 16.94 4.50
N ASN J 111 -9.33 17.18 5.14
CA ASN J 111 -9.22 17.14 6.60
C ASN J 111 -8.37 18.29 7.09
N LYS J 112 -8.45 19.42 6.42
CA LYS J 112 -7.53 20.50 6.71
C LYS J 112 -7.82 21.10 8.08
N GLY J 113 -7.48 20.34 9.13
CA GLY J 113 -7.67 20.76 10.50
C GLY J 113 -8.81 20.09 11.25
N LYS J 114 -9.36 18.99 10.74
CA LYS J 114 -10.46 18.31 11.43
C LYS J 114 -9.90 17.58 12.65
N ILE J 115 -10.06 18.18 13.83
CA ILE J 115 -9.43 17.66 15.03
C ILE J 115 -10.08 16.34 15.43
N ILE J 116 -9.29 15.50 16.09
CA ILE J 116 -9.75 14.30 16.75
C ILE J 116 -9.20 14.38 18.17
N THR J 117 -10.08 14.63 19.14
CA THR J 117 -9.68 14.81 20.53
C THR J 117 -10.30 13.72 21.40
N LEU J 118 -9.56 13.39 22.45
CA LEU J 118 -9.93 12.39 23.43
C LEU J 118 -10.07 13.06 24.78
N THR J 119 -10.92 12.50 25.64
CA THR J 119 -11.02 13.03 27.00
C THR J 119 -11.45 11.95 27.98
N ARG J 120 -10.68 11.76 29.04
CA ARG J 120 -11.00 10.73 30.01
C ARG J 120 -11.92 11.26 31.09
N THR J 121 -12.45 10.33 31.88
CA THR J 121 -13.07 10.68 33.15
C THR J 121 -12.03 10.51 34.25
N ALA J 122 -12.17 11.30 35.32
CA ALA J 122 -11.23 11.20 36.41
C ALA J 122 -11.35 9.88 37.16
N ALA J 123 -12.57 9.49 37.51
CA ALA J 123 -12.80 8.20 38.17
C ALA J 123 -12.97 7.08 37.18
N ASP J 124 -13.24 7.38 35.91
CA ASP J 124 -13.64 6.35 34.95
C ASP J 124 -12.96 6.47 33.60
N GLY J 125 -11.96 7.33 33.43
CA GLY J 125 -10.85 7.08 32.54
C GLY J 125 -11.15 6.98 31.05
N LEU J 126 -12.37 6.62 30.65
CA LEU J 126 -12.60 6.22 29.28
C LEU J 126 -12.55 7.44 28.39
N TRP J 127 -11.66 7.40 27.41
CA TRP J 127 -11.39 8.56 26.60
C TRP J 127 -12.56 8.83 25.67
N LYS J 128 -13.06 10.05 25.75
CA LYS J 128 -14.12 10.54 24.88
C LYS J 128 -13.46 10.81 23.54
N CYS J 129 -13.22 9.72 22.83
CA CYS J 129 -12.37 9.69 21.66
C CYS J 129 -13.24 10.02 20.46
N THR J 130 -13.10 11.25 19.96
CA THR J 130 -14.09 11.83 19.08
C THR J 130 -13.39 12.62 17.99
N SER J 131 -14.17 12.92 16.96
CA SER J 131 -13.67 13.48 15.72
C SER J 131 -14.59 14.57 15.24
N ASP J 132 -14.05 15.37 14.32
CA ASP J 132 -14.77 16.47 13.71
C ASP J 132 -15.22 16.16 12.29
N GLN J 133 -15.14 14.91 11.87
CA GLN J 133 -15.21 14.59 10.46
C GLN J 133 -16.63 14.14 10.07
N ASP J 134 -16.83 13.94 8.77
CA ASP J 134 -18.11 13.50 8.22
C ASP J 134 -18.18 11.98 8.19
N GLU J 135 -19.40 11.44 8.13
CA GLU J 135 -19.59 9.98 8.14
C GLU J 135 -18.78 9.30 7.05
N GLN J 136 -18.68 9.95 5.91
CA GLN J 136 -17.78 9.53 4.83
C GLN J 136 -16.31 9.58 5.21
N PHE J 137 -15.95 10.31 6.28
CA PHE J 137 -14.56 10.54 6.67
C PHE J 137 -14.13 9.85 7.94
N ILE J 138 -15.04 9.34 8.76
CA ILE J 138 -14.82 9.23 10.21
C ILE J 138 -13.60 8.39 10.55
N PRO J 139 -12.93 8.66 11.68
CA PRO J 139 -11.99 7.67 12.20
C PRO J 139 -12.77 6.46 12.69
N LYS J 140 -12.76 5.41 11.89
CA LYS J 140 -13.47 4.21 12.27
C LYS J 140 -12.61 3.48 13.29
N GLY J 141 -13.24 3.02 14.36
CA GLY J 141 -12.55 2.80 15.61
C GLY J 141 -13.22 3.54 16.74
N CYS J 142 -12.61 4.62 17.23
CA CYS J 142 -13.27 5.46 18.22
C CYS J 142 -14.59 6.00 17.67
N SER J 143 -15.37 6.57 18.58
CA SER J 143 -16.59 7.22 18.18
C SER J 143 -16.27 8.44 17.33
N ARG J 144 -17.23 8.84 16.51
CA ARG J 144 -17.01 9.85 15.47
C ARG J 144 -16.75 11.25 15.99
N PHE K 1 -1.67 19.84 -53.95
CA PHE K 1 -2.84 19.31 -53.20
C PHE K 1 -2.40 18.67 -51.90
N THR K 2 -1.17 18.19 -51.87
CA THR K 2 -0.66 17.57 -50.66
C THR K 2 -0.41 18.59 -49.55
N LEU K 3 -0.29 19.87 -49.90
CA LEU K 3 0.04 20.91 -48.93
C LEU K 3 -0.92 20.89 -47.75
N ILE K 4 -2.17 20.54 -47.99
CA ILE K 4 -3.20 20.59 -46.95
C ILE K 4 -3.09 19.37 -46.03
N GLU K 5 -2.86 18.19 -46.61
CA GLU K 5 -2.45 17.02 -45.83
C GLU K 5 -1.28 17.37 -44.92
N LEU K 6 -0.35 18.15 -45.42
CA LEU K 6 0.67 18.58 -44.52
C LEU K 6 0.18 19.59 -43.52
N MET K 7 -0.80 20.42 -43.84
CA MET K 7 -1.26 21.41 -42.88
C MET K 7 -1.68 20.75 -41.59
N ILE K 8 -2.45 19.66 -41.71
CA ILE K 8 -2.73 18.95 -40.48
C ILE K 8 -1.43 18.45 -39.89
N VAL K 9 -0.51 17.94 -40.71
CA VAL K 9 0.65 17.29 -40.09
C VAL K 9 1.53 18.31 -39.36
N VAL K 10 1.66 19.51 -39.91
CA VAL K 10 2.30 20.62 -39.20
C VAL K 10 1.62 20.84 -37.86
N ALA K 11 0.29 20.88 -37.89
CA ALA K 11 -0.46 20.97 -36.64
C ALA K 11 -0.08 19.84 -35.70
N ILE K 12 -0.23 18.59 -36.17
CA ILE K 12 -0.05 17.38 -35.37
C ILE K 12 1.26 17.41 -34.63
N ILE K 13 2.33 17.77 -35.33
CA ILE K 13 3.60 18.02 -34.66
C ILE K 13 3.39 19.02 -33.54
N GLY K 14 2.61 20.06 -33.83
CA GLY K 14 2.45 21.11 -32.85
C GLY K 14 1.75 20.68 -31.57
N ILE K 15 0.62 19.96 -31.68
CA ILE K 15 -0.40 20.05 -30.62
C ILE K 15 0.14 19.49 -29.30
N LEU K 16 1.09 18.55 -29.35
CA LEU K 16 1.55 17.87 -28.15
C LEU K 16 2.00 18.86 -27.09
N ALA K 17 1.32 18.86 -25.93
CA ALA K 17 1.34 20.01 -25.03
C ALA K 17 1.44 19.63 -23.55
N ALA K 18 1.96 18.46 -23.24
CA ALA K 18 2.20 18.09 -21.85
C ALA K 18 3.47 17.27 -21.69
N ILE K 19 4.50 17.54 -22.51
CA ILE K 19 5.60 16.60 -22.69
C ILE K 19 6.55 16.63 -21.52
N ALA K 20 7.25 17.73 -21.35
CA ALA K 20 8.32 17.77 -20.38
C ALA K 20 7.70 18.05 -19.01
N ILE K 21 7.45 16.97 -18.28
CA ILE K 21 7.02 17.06 -16.88
C ILE K 21 8.25 16.65 -16.08
N PRO K 22 9.16 17.56 -15.84
CA PRO K 22 10.40 17.25 -15.14
C PRO K 22 10.18 16.83 -13.70
N GLN K 23 9.48 17.67 -12.96
CA GLN K 23 9.22 17.48 -11.53
C GLN K 23 8.19 16.39 -11.31
N TYR K 24 7.80 15.72 -12.38
CA TYR K 24 7.50 14.31 -12.29
C TYR K 24 8.64 13.65 -11.55
N GLN K 25 9.89 13.83 -12.03
CA GLN K 25 11.08 13.31 -11.36
C GLN K 25 11.18 13.72 -9.91
N ASN K 26 10.46 14.76 -9.50
CA ASN K 26 10.55 15.30 -8.17
C ASN K 26 9.38 14.87 -7.27
N TYR K 27 8.21 14.49 -7.84
CA TYR K 27 7.33 13.63 -7.03
C TYR K 27 7.89 12.22 -6.97
N VAL K 28 8.47 11.75 -8.07
CA VAL K 28 9.32 10.57 -8.01
C VAL K 28 10.33 10.75 -6.90
N ALA K 29 10.90 11.95 -6.78
CA ALA K 29 11.89 12.18 -5.73
C ALA K 29 11.25 12.08 -4.36
N ARG K 30 10.03 12.59 -4.21
CA ARG K 30 9.34 12.47 -2.93
C ARG K 30 9.01 11.03 -2.64
N SER K 31 8.61 10.30 -3.66
CA SER K 31 8.36 8.88 -3.54
C SER K 31 9.63 8.17 -3.13
N GLU K 32 10.74 8.60 -3.70
CA GLU K 32 12.00 7.94 -3.44
C GLU K 32 12.50 8.25 -2.04
N GLY K 33 12.12 9.41 -1.50
CA GLY K 33 12.57 9.83 -0.19
C GLY K 33 11.71 9.28 0.93
N ALA K 34 10.40 9.46 0.79
CA ALA K 34 9.47 8.86 1.75
C ALA K 34 9.57 7.35 1.70
N SER K 35 9.50 6.81 0.50
CA SER K 35 9.67 5.37 0.33
C SER K 35 11.09 4.95 0.66
N ALA K 36 12.03 5.90 0.71
CA ALA K 36 13.30 5.62 1.37
C ALA K 36 13.16 5.53 2.87
N LEU K 37 12.17 6.20 3.46
CA LEU K 37 11.90 5.98 4.88
C LEU K 37 11.24 4.63 5.09
N ALA K 38 10.41 4.20 4.14
CA ALA K 38 9.76 2.91 4.24
C ALA K 38 10.77 1.79 4.42
N SER K 39 11.94 1.94 3.81
CA SER K 39 12.96 0.91 3.89
C SER K 39 13.45 0.72 5.33
N VAL K 40 13.52 1.80 6.10
CA VAL K 40 14.18 1.77 7.40
C VAL K 40 13.21 1.68 8.57
N ASN K 41 11.93 1.96 8.35
CA ASN K 41 11.05 2.19 9.48
C ASN K 41 10.90 1.02 10.44
N PRO K 42 10.82 -0.24 10.02
CA PRO K 42 10.86 -1.32 10.99
C PRO K 42 12.23 -1.56 11.60
N LEU K 43 13.25 -0.84 11.15
CA LEU K 43 14.57 -0.98 11.74
C LEU K 43 14.80 -0.02 12.89
N LYS K 44 14.13 1.12 12.88
CA LYS K 44 13.84 1.79 14.13
C LYS K 44 13.33 0.78 15.13
N THR K 45 12.24 0.13 14.75
CA THR K 45 11.57 -0.85 15.56
C THR K 45 12.45 -2.03 15.89
N THR K 46 13.52 -2.27 15.12
CA THR K 46 14.43 -3.40 15.32
C THR K 46 15.56 -3.08 16.29
N VAL K 47 16.19 -1.92 16.10
CA VAL K 47 17.13 -1.42 17.10
C VAL K 47 16.45 -1.45 18.45
N GLU K 48 15.26 -0.84 18.52
CA GLU K 48 14.49 -0.89 19.74
C GLU K 48 13.97 -2.28 20.07
N GLU K 49 13.85 -3.16 19.07
CA GLU K 49 13.40 -4.52 19.32
C GLU K 49 14.38 -5.17 20.27
N ALA K 50 15.57 -5.46 19.78
CA ALA K 50 16.40 -6.32 20.59
C ALA K 50 17.04 -5.54 21.73
N LEU K 51 17.27 -4.23 21.56
CA LEU K 51 17.71 -3.45 22.71
C LEU K 51 16.65 -3.46 23.79
N SER K 52 15.38 -3.43 23.38
CA SER K 52 14.29 -3.52 24.33
C SER K 52 14.11 -4.93 24.87
N ARG K 53 14.88 -5.90 24.37
CA ARG K 53 14.93 -7.21 25.00
C ARG K 53 16.02 -7.34 26.06
N GLY K 54 17.20 -6.81 25.78
CA GLY K 54 18.40 -7.17 26.52
C GLY K 54 19.52 -7.63 25.62
N TRP K 55 19.50 -7.18 24.37
CA TRP K 55 20.31 -7.74 23.31
C TRP K 55 20.72 -6.62 22.36
N SER K 56 21.98 -6.58 21.95
CA SER K 56 22.41 -5.57 20.99
C SER K 56 21.94 -5.96 19.59
N VAL K 57 22.26 -5.13 18.60
CA VAL K 57 21.73 -5.28 17.24
C VAL K 57 22.83 -4.97 16.24
N LYS K 58 23.21 -5.97 15.45
CA LYS K 58 24.08 -5.73 14.30
C LYS K 58 23.26 -5.37 13.07
N SER K 59 23.95 -4.83 12.08
CA SER K 59 23.40 -4.72 10.74
C SER K 59 23.72 -5.98 9.95
N GLY K 60 22.78 -6.36 9.11
CA GLY K 60 22.75 -7.67 8.48
C GLY K 60 21.58 -8.49 9.01
N THR K 61 21.54 -9.72 8.54
CA THR K 61 20.48 -10.66 8.83
C THR K 61 21.07 -11.86 9.56
N GLY K 62 20.24 -12.90 9.72
CA GLY K 62 20.65 -14.17 10.25
C GLY K 62 19.76 -14.58 11.40
N THR K 63 20.11 -15.71 12.00
CA THR K 63 19.54 -16.01 13.30
C THR K 63 19.96 -14.96 14.29
N GLU K 64 19.34 -14.99 15.45
CA GLU K 64 19.77 -14.12 16.51
C GLU K 64 21.17 -14.48 16.93
N ASP K 65 21.95 -13.45 17.21
CA ASP K 65 23.21 -13.61 17.91
C ASP K 65 22.88 -13.77 19.39
N ALA K 66 22.16 -14.84 19.71
CA ALA K 66 21.43 -14.99 20.96
C ALA K 66 22.25 -15.66 22.04
N THR K 67 23.52 -15.92 21.81
CA THR K 67 24.48 -16.19 22.87
C THR K 67 25.45 -15.02 23.03
N LYS K 68 25.18 -13.91 22.36
CA LYS K 68 26.21 -12.92 22.07
C LYS K 68 25.86 -11.52 22.54
N LYS K 69 24.75 -11.33 23.24
CA LYS K 69 24.24 -9.99 23.52
C LYS K 69 24.18 -9.17 22.25
N GLU K 70 23.49 -9.74 21.26
CA GLU K 70 23.43 -9.19 19.92
C GLU K 70 22.27 -9.84 19.18
N VAL K 71 21.79 -9.13 18.16
CA VAL K 71 20.74 -9.65 17.28
C VAL K 71 21.01 -9.03 15.90
N PRO K 72 20.50 -9.57 14.80
CA PRO K 72 20.58 -8.83 13.54
C PRO K 72 19.70 -7.59 13.54
N LEU K 73 20.06 -6.63 12.67
CA LEU K 73 19.05 -5.69 12.19
C LEU K 73 18.05 -6.40 11.29
N GLY K 74 18.40 -7.55 10.74
CA GLY K 74 17.55 -8.19 9.74
C GLY K 74 17.36 -7.32 8.51
N VAL K 75 18.45 -6.79 7.96
CA VAL K 75 18.38 -5.97 6.76
C VAL K 75 19.68 -6.12 5.97
N ALA K 76 19.55 -6.12 4.65
CA ALA K 76 20.65 -5.86 3.74
C ALA K 76 20.60 -4.38 3.39
N ALA K 77 21.77 -3.72 3.47
CA ALA K 77 21.83 -2.25 3.44
C ALA K 77 21.04 -1.67 2.28
N ASP K 78 21.17 -2.24 1.09
CA ASP K 78 20.40 -1.84 -0.08
C ASP K 78 19.18 -2.72 -0.29
N ALA K 79 18.50 -3.09 0.81
CA ALA K 79 17.13 -3.58 0.71
C ALA K 79 16.31 -2.71 -0.22
N ASN K 80 16.49 -1.41 -0.12
CA ASN K 80 15.95 -0.42 -1.03
C ASN K 80 17.05 -0.01 -2.01
N LYS K 81 16.86 -0.37 -3.30
CA LYS K 81 17.85 -0.09 -4.33
C LYS K 81 17.96 1.39 -4.69
N LEU K 82 17.19 2.27 -4.04
CA LEU K 82 17.52 3.67 -4.11
C LEU K 82 18.89 3.92 -3.51
N GLY K 83 19.32 3.10 -2.56
CA GLY K 83 20.66 3.17 -2.05
C GLY K 83 20.88 2.21 -0.92
N THR K 84 21.42 2.69 0.21
CA THR K 84 21.92 1.80 1.26
C THR K 84 21.62 2.33 2.64
N ILE K 85 21.42 1.40 3.56
CA ILE K 85 21.30 1.66 4.97
C ILE K 85 22.69 1.49 5.60
N ALA K 86 22.91 2.14 6.73
CA ALA K 86 24.13 1.92 7.48
C ALA K 86 23.83 2.08 8.96
N LEU K 87 23.97 1.00 9.71
CA LEU K 87 23.88 1.09 11.16
C LEU K 87 25.13 1.74 11.72
N LYS K 88 24.94 2.57 12.74
CA LYS K 88 26.05 3.29 13.33
C LYS K 88 25.70 3.68 14.76
N PRO K 89 26.40 3.17 15.79
CA PRO K 89 27.40 2.10 15.81
C PRO K 89 26.77 0.77 15.51
N ASP K 90 27.58 -0.10 14.93
CA ASP K 90 27.15 -1.41 14.45
C ASP K 90 28.07 -2.46 15.08
N PRO K 91 27.58 -3.38 15.93
CA PRO K 91 26.20 -3.54 16.37
C PRO K 91 25.74 -2.52 17.37
N ALA K 92 24.49 -2.15 17.18
CA ALA K 92 23.80 -1.19 18.03
C ALA K 92 23.63 -1.76 19.43
N ASP K 93 24.37 -1.19 20.36
CA ASP K 93 24.27 -1.54 21.77
C ASP K 93 23.21 -0.73 22.50
N GLY K 94 22.71 0.33 21.87
CA GLY K 94 21.54 1.03 22.36
C GLY K 94 21.89 2.11 23.33
N THR K 95 22.80 1.82 24.25
CA THR K 95 23.35 2.88 25.08
C THR K 95 24.08 3.91 24.23
N ALA K 96 24.47 3.54 23.02
CA ALA K 96 24.87 4.52 22.00
C ALA K 96 23.64 5.08 21.33
N ASP K 97 23.76 6.34 20.91
CA ASP K 97 22.74 6.93 20.07
C ASP K 97 22.86 6.27 18.71
N ILE K 98 22.10 5.20 18.53
CA ILE K 98 22.19 4.44 17.31
C ILE K 98 21.70 5.28 16.16
N THR K 99 22.29 5.05 14.99
CA THR K 99 21.99 5.79 13.79
C THR K 99 21.70 4.80 12.68
N LEU K 100 20.63 5.10 11.92
CA LEU K 100 20.24 4.30 10.77
C LEU K 100 20.20 5.22 9.57
N THR K 101 21.32 5.26 8.86
CA THR K 101 21.38 5.89 7.56
C THR K 101 20.39 5.26 6.62
N PHE K 102 19.92 6.05 5.66
CA PHE K 102 19.60 5.51 4.35
C PHE K 102 20.13 6.44 3.28
N THR K 103 21.08 5.96 2.53
CA THR K 103 21.55 6.69 1.37
C THR K 103 20.65 6.42 0.19
N MET K 104 20.45 7.45 -0.63
CA MET K 104 19.76 7.31 -1.91
C MET K 104 20.76 7.31 -3.07
N GLY K 105 21.61 6.29 -3.07
CA GLY K 105 22.53 6.03 -4.17
C GLY K 105 21.86 5.74 -5.50
N GLY K 106 21.19 4.59 -5.61
CA GLY K 106 20.55 4.20 -6.85
C GLY K 106 19.31 5.02 -7.18
N ALA K 107 19.47 6.33 -7.28
CA ALA K 107 18.38 7.28 -7.31
C ALA K 107 18.48 8.14 -8.58
N GLY K 108 17.43 8.93 -8.82
CA GLY K 108 17.38 9.80 -9.96
C GLY K 108 18.45 10.87 -9.88
N PRO K 109 18.64 11.63 -10.96
CA PRO K 109 19.55 12.77 -10.87
C PRO K 109 19.14 13.79 -9.84
N LYS K 110 17.86 13.79 -9.45
CA LYS K 110 17.32 14.73 -8.48
C LYS K 110 17.21 14.14 -7.09
N ASN K 111 17.67 12.91 -6.87
CA ASN K 111 18.02 12.44 -5.53
C ASN K 111 19.30 11.62 -5.59
N LYS K 112 20.21 12.01 -6.46
CA LYS K 112 21.37 11.18 -6.72
C LYS K 112 22.29 11.19 -5.50
N GLY K 113 21.86 10.50 -4.44
CA GLY K 113 22.62 10.38 -3.21
C GLY K 113 22.12 11.20 -2.04
N LYS K 114 20.90 11.73 -2.09
CA LYS K 114 20.39 12.54 -0.98
C LYS K 114 20.02 11.61 0.17
N ILE K 115 20.92 11.52 1.17
CA ILE K 115 20.77 10.56 2.24
C ILE K 115 19.57 10.93 3.11
N ILE K 116 18.98 9.91 3.71
CA ILE K 116 17.97 10.03 4.75
C ILE K 116 18.46 9.16 5.90
N THR K 117 18.91 9.79 6.98
CA THR K 117 19.47 9.07 8.12
C THR K 117 18.63 9.31 9.36
N LEU K 118 18.62 8.31 10.22
CA LEU K 118 17.91 8.29 11.48
C LEU K 118 18.90 8.17 12.61
N THR K 119 18.56 8.69 13.78
CA THR K 119 19.42 8.51 14.94
C THR K 119 18.62 8.55 16.23
N ARG K 120 18.76 7.51 17.05
CA ARG K 120 18.01 7.45 18.29
C ARG K 120 18.77 8.12 19.42
N THR K 121 18.06 8.33 20.53
CA THR K 121 18.71 8.65 21.80
C THR K 121 18.88 7.35 22.58
N ALA K 122 19.92 7.31 23.41
CA ALA K 122 20.17 6.10 24.20
C ALA K 122 19.09 5.88 25.25
N ALA K 123 18.74 6.92 26.01
CA ALA K 123 17.67 6.82 26.98
C ALA K 123 16.31 7.10 26.39
N ASP K 124 16.25 7.72 25.21
CA ASP K 124 15.00 8.24 24.68
C ASP K 124 14.77 7.92 23.22
N GLY K 125 15.61 7.12 22.57
CA GLY K 125 15.19 6.25 21.50
C GLY K 125 14.67 6.90 20.22
N LEU K 126 14.16 8.13 20.27
CA LEU K 126 13.40 8.66 19.15
C LEU K 126 14.34 8.97 18.02
N TRP K 127 14.09 8.35 16.87
CA TRP K 127 14.99 8.44 15.76
C TRP K 127 14.96 9.82 15.15
N LYS K 128 16.13 10.44 15.07
CA LYS K 128 16.31 11.73 14.43
C LYS K 128 16.25 11.47 12.93
N CYS K 129 15.03 11.29 12.48
CA CYS K 129 14.72 10.77 11.16
C CYS K 129 14.68 11.95 10.20
N THR K 130 15.73 12.08 9.40
CA THR K 130 16.01 13.32 8.71
C THR K 130 16.51 13.03 7.31
N SER K 131 16.49 14.07 6.50
CA SER K 131 16.72 13.96 5.07
C SER K 131 17.60 15.10 4.61
N ASP K 132 18.16 14.91 3.42
CA ASP K 132 19.01 15.88 2.77
C ASP K 132 18.32 16.63 1.65
N GLN K 133 17.00 16.52 1.55
CA GLN K 133 16.31 16.90 0.33
C GLN K 133 15.71 18.31 0.47
N ASP K 134 15.16 18.81 -0.63
CA ASP K 134 14.53 20.13 -0.69
C ASP K 134 13.06 20.02 -0.33
N GLU K 135 12.46 21.15 0.09
CA GLU K 135 11.06 21.15 0.51
C GLU K 135 10.15 20.58 -0.56
N GLN K 136 10.47 20.84 -1.83
CA GLN K 136 9.81 20.21 -2.96
C GLN K 136 10.05 18.70 -3.02
N PHE K 137 11.04 18.17 -2.31
CA PHE K 137 11.44 16.76 -2.38
C PHE K 137 11.13 15.95 -1.15
N ILE K 138 10.81 16.55 -0.01
CA ILE K 138 11.10 15.97 1.30
C ILE K 138 10.44 14.61 1.49
N PRO K 139 11.04 13.71 2.29
CA PRO K 139 10.27 12.56 2.76
C PRO K 139 9.21 13.05 3.71
N LYS K 140 7.98 13.12 3.23
CA LYS K 140 6.88 13.56 4.07
C LYS K 140 6.50 12.39 4.96
N GLY K 141 6.31 12.67 6.24
CA GLY K 141 6.47 11.67 7.27
C GLY K 141 7.45 12.12 8.32
N CYS K 142 8.64 11.53 8.35
CA CYS K 142 9.68 12.00 9.25
C CYS K 142 10.00 13.47 8.96
N SER K 143 10.75 14.06 9.88
CA SER K 143 11.21 15.41 9.69
C SER K 143 12.18 15.46 8.51
N ARG K 144 12.30 16.64 7.92
CA ARG K 144 13.00 16.80 6.65
C ARG K 144 14.50 16.59 6.72
N PHE L 1 4.82 20.84 -64.57
CA PHE L 1 4.47 21.71 -63.42
C PHE L 1 4.21 20.88 -62.18
N THR L 2 3.82 19.63 -62.37
CA THR L 2 3.57 18.76 -61.23
C THR L 2 4.85 18.37 -60.52
N LEU L 3 6.00 18.49 -61.19
CA LEU L 3 7.27 18.05 -60.63
C LEU L 3 7.53 18.66 -59.27
N ILE L 4 7.06 19.89 -59.07
CA ILE L 4 7.33 20.63 -57.82
C ILE L 4 6.42 20.13 -56.70
N GLU L 5 5.14 19.91 -57.01
CA GLU L 5 4.24 19.20 -56.12
C GLU L 5 4.88 17.89 -55.67
N LEU L 6 5.53 17.22 -56.60
CA LEU L 6 6.24 16.05 -56.13
C LEU L 6 7.46 16.38 -55.31
N MET L 7 8.13 17.51 -55.55
CA MET L 7 9.31 17.81 -54.77
C MET L 7 9.00 17.82 -53.29
N ILE L 8 7.89 18.46 -52.93
CA ILE L 8 7.52 18.34 -51.53
C ILE L 8 7.26 16.88 -51.22
N VAL L 9 6.58 16.15 -52.11
CA VAL L 9 6.18 14.81 -51.69
C VAL L 9 7.40 13.89 -51.51
N VAL L 10 8.42 14.05 -52.34
CA VAL L 10 9.70 13.37 -52.13
C VAL L 10 10.23 13.71 -50.76
N ALA L 11 10.20 15.01 -50.42
CA ALA L 11 10.59 15.43 -49.08
C ALA L 11 9.77 14.69 -48.03
N ILE L 12 8.44 14.80 -48.13
CA ILE L 12 7.48 14.29 -47.14
C ILE L 12 7.78 12.84 -46.82
N ILE L 13 8.00 12.03 -47.85
CA ILE L 13 8.47 10.67 -47.63
C ILE L 13 9.72 10.71 -46.79
N GLY L 14 10.61 11.65 -47.09
CA GLY L 14 11.88 11.69 -46.39
C GLY L 14 11.77 11.99 -44.90
N ILE L 15 10.98 13.01 -44.52
CA ILE L 15 11.31 13.73 -43.28
C ILE L 15 11.16 12.82 -42.06
N LEU L 16 10.29 11.81 -42.14
CA LEU L 16 9.96 10.98 -40.98
C LEU L 16 11.22 10.40 -40.36
N ALA L 17 11.50 10.75 -39.10
CA ALA L 17 12.85 10.64 -38.54
C ALA L 17 12.89 10.12 -37.12
N ALA L 18 11.86 9.40 -36.67
CA ALA L 18 11.90 8.79 -35.36
C ALA L 18 11.20 7.42 -35.36
N ILE L 19 11.30 6.68 -36.46
CA ILE L 19 10.39 5.56 -36.71
C ILE L 19 10.78 4.35 -35.89
N ALA L 20 11.92 3.77 -36.19
CA ALA L 20 12.27 2.50 -35.59
C ALA L 20 12.86 2.77 -34.22
N ILE L 21 12.02 2.71 -33.21
CA ILE L 21 12.46 2.78 -31.81
C ILE L 21 12.34 1.35 -31.30
N PRO L 22 13.33 0.51 -31.55
CA PRO L 22 13.27 -0.89 -31.17
C PRO L 22 13.23 -1.10 -29.67
N GLN L 23 14.21 -0.50 -28.99
CA GLN L 23 14.39 -0.64 -27.54
C GLN L 23 13.35 0.16 -26.79
N TYR L 24 12.41 0.73 -27.52
CA TYR L 24 11.07 0.84 -27.01
C TYR L 24 10.68 -0.53 -26.47
N GLN L 25 10.78 -1.59 -27.31
CA GLN L 25 10.52 -2.96 -26.88
C GLN L 25 11.29 -3.38 -25.66
N ASN L 26 12.37 -2.67 -25.34
CA ASN L 26 13.24 -3.02 -24.25
C ASN L 26 13.03 -2.17 -22.99
N TYR L 27 12.45 -0.97 -23.10
CA TYR L 27 11.79 -0.43 -21.90
C TYR L 27 10.48 -1.13 -21.65
N VAL L 28 9.76 -1.48 -22.72
CA VAL L 28 8.69 -2.44 -22.61
C VAL L 28 9.21 -3.68 -21.90
N ALA L 29 10.42 -4.11 -22.24
CA ALA L 29 10.97 -5.29 -21.59
C ALA L 29 11.20 -5.03 -20.11
N ARG L 30 11.68 -3.84 -19.76
CA ARG L 30 11.87 -3.52 -18.36
C ARG L 30 10.54 -3.45 -17.64
N SER L 31 9.55 -2.90 -18.31
CA SER L 31 8.21 -2.85 -17.77
C SER L 31 7.69 -4.26 -17.57
N GLU L 32 8.01 -5.14 -18.51
CA GLU L 32 7.50 -6.49 -18.46
C GLU L 32 8.20 -7.28 -17.37
N GLY L 33 9.44 -6.91 -17.04
CA GLY L 33 10.21 -7.63 -16.06
C GLY L 33 9.94 -7.15 -14.64
N ALA L 34 10.01 -5.84 -14.45
CA ALA L 34 9.66 -5.26 -13.16
C ALA L 34 8.19 -5.52 -12.86
N SER L 35 7.35 -5.22 -13.83
CA SER L 35 5.93 -5.50 -13.68
C SER L 35 5.67 -7.00 -13.67
N ALA L 36 6.65 -7.81 -14.10
CA ALA L 36 6.60 -9.22 -13.79
C ALA L 36 6.92 -9.47 -12.32
N LEU L 37 7.68 -8.60 -11.67
CA LEU L 37 7.83 -8.72 -10.21
C LEU L 37 6.56 -8.30 -9.51
N ALA L 38 5.85 -7.31 -10.05
CA ALA L 38 4.59 -6.87 -9.47
C ALA L 38 3.62 -8.02 -9.31
N SER L 39 3.66 -8.97 -10.23
CA SER L 39 2.74 -10.10 -10.19
C SER L 39 2.96 -10.95 -8.94
N VAL L 40 4.21 -11.08 -8.51
CA VAL L 40 4.57 -12.05 -7.47
C VAL L 40 4.73 -11.42 -6.10
N ASN L 41 4.89 -10.11 -6.02
CA ASN L 41 5.37 -9.52 -4.78
C ASN L 41 4.49 -9.75 -3.56
N PRO L 42 3.17 -9.72 -3.62
CA PRO L 42 2.38 -10.13 -2.46
C PRO L 42 2.38 -11.63 -2.22
N LEU L 43 2.99 -12.42 -3.09
CA LEU L 43 3.08 -13.85 -2.87
C LEU L 43 4.32 -14.25 -2.11
N LYS L 44 5.39 -13.46 -2.20
CA LYS L 44 6.36 -13.43 -1.13
C LYS L 44 5.63 -13.31 0.19
N THR L 45 4.86 -12.24 0.29
CA THR L 45 4.08 -11.91 1.48
C THR L 45 3.08 -12.99 1.84
N THR L 46 2.70 -13.85 0.88
CA THR L 46 1.70 -14.90 1.09
C THR L 46 2.32 -16.19 1.60
N VAL L 47 3.42 -16.62 0.96
CA VAL L 47 4.22 -17.71 1.52
C VAL L 47 4.52 -17.40 2.97
N GLU L 48 5.05 -16.21 3.21
CA GLU L 48 5.31 -15.78 4.57
C GLU L 48 4.02 -15.53 5.36
N GLU L 49 2.91 -15.27 4.68
CA GLU L 49 1.65 -15.06 5.36
C GLU L 49 1.32 -16.32 6.14
N ALA L 50 0.97 -17.37 5.43
CA ALA L 50 0.40 -18.48 6.16
C ALA L 50 1.48 -19.29 6.85
N LEU L 51 2.70 -19.31 6.31
CA LEU L 51 3.78 -19.93 7.07
C LEU L 51 4.02 -19.19 8.37
N SER L 52 3.87 -17.85 8.33
CA SER L 52 3.98 -17.07 9.54
C SER L 52 2.76 -17.20 10.43
N ARG L 53 1.74 -17.92 9.99
CA ARG L 53 0.65 -18.27 10.88
C ARG L 53 0.85 -19.61 11.60
N GLY L 54 1.35 -20.62 10.88
CA GLY L 54 1.26 -21.99 11.33
C GLY L 54 0.62 -22.89 10.30
N TRP L 55 0.73 -22.50 9.03
CA TRP L 55 -0.07 -23.08 7.96
C TRP L 55 0.79 -23.10 6.69
N SER L 56 0.77 -24.21 5.95
CA SER L 56 1.52 -24.25 4.69
C SER L 56 0.75 -23.49 3.62
N VAL L 57 1.30 -23.45 2.41
CA VAL L 57 0.75 -22.61 1.33
C VAL L 57 0.84 -23.38 0.02
N LYS L 58 -0.32 -23.68 -0.59
CA LYS L 58 -0.36 -24.18 -1.94
C LYS L 58 -0.37 -23.04 -2.95
N SER L 59 -0.08 -23.39 -4.19
CA SER L 59 -0.37 -22.50 -5.32
C SER L 59 -1.77 -22.77 -5.82
N GLY L 60 -2.40 -21.69 -6.26
CA GLY L 60 -3.83 -21.67 -6.51
C GLY L 60 -4.53 -20.78 -5.50
N THR L 61 -5.85 -20.76 -5.63
CA THR L 61 -6.73 -19.92 -4.84
C THR L 61 -7.66 -20.81 -4.03
N GLY L 62 -8.65 -20.18 -3.40
CA GLY L 62 -9.72 -20.85 -2.70
C GLY L 62 -9.85 -20.34 -1.29
N THR L 63 -10.75 -20.96 -0.55
CA THR L 63 -10.72 -20.77 0.88
C THR L 63 -9.43 -21.32 1.43
N GLU L 64 -9.19 -21.01 2.69
CA GLU L 64 -8.04 -21.59 3.34
C GLU L 64 -8.21 -23.09 3.44
N ASP L 65 -7.11 -23.79 3.22
CA ASP L 65 -7.02 -25.19 3.57
C ASP L 65 -6.79 -25.28 5.07
N ALA L 66 -7.77 -24.79 5.84
CA ALA L 66 -7.61 -24.42 7.23
C ALA L 66 -7.93 -25.55 8.19
N THR L 67 -8.18 -26.75 7.67
CA THR L 67 -8.10 -27.97 8.46
C THR L 67 -6.90 -28.80 8.07
N LYS L 68 -6.01 -28.25 7.24
CA LYS L 68 -5.10 -29.05 6.45
C LYS L 68 -3.64 -28.66 6.64
N LYS L 69 -3.32 -27.75 7.55
CA LYS L 69 -1.99 -27.17 7.63
C LYS L 69 -1.53 -26.69 6.26
N GLU L 70 -2.39 -25.85 5.67
CA GLU L 70 -2.21 -25.39 4.30
C GLU L 70 -3.09 -24.16 4.09
N VAL L 71 -2.71 -23.36 3.11
CA VAL L 71 -3.48 -22.18 2.70
C VAL L 71 -3.25 -22.03 1.19
N PRO L 72 -4.09 -21.33 0.44
CA PRO L 72 -3.70 -20.99 -0.94
C PRO L 72 -2.54 -20.00 -1.00
N LEU L 73 -1.85 -20.01 -2.14
CA LEU L 73 -1.12 -18.81 -2.53
C LEU L 73 -2.08 -17.70 -2.92
N GLY L 74 -3.33 -18.04 -3.25
CA GLY L 74 -4.24 -17.05 -3.79
C GLY L 74 -3.75 -16.45 -5.09
N VAL L 75 -3.33 -17.30 -6.03
CA VAL L 75 -2.87 -16.83 -7.33
C VAL L 75 -3.14 -17.89 -8.38
N ALA L 76 -3.52 -17.43 -9.57
CA ALA L 76 -3.45 -18.24 -10.79
C ALA L 76 -2.13 -17.92 -11.46
N ALA L 77 -1.40 -18.99 -11.86
CA ALA L 77 0.00 -18.87 -12.28
C ALA L 77 0.22 -17.74 -13.28
N ASP L 78 -0.66 -17.63 -14.28
CA ASP L 78 -0.62 -16.55 -15.25
C ASP L 78 -1.58 -15.42 -14.90
N ALA L 79 -1.68 -15.10 -13.61
CA ALA L 79 -2.24 -13.82 -13.20
C ALA L 79 -1.69 -12.69 -14.05
N ASN L 80 -0.40 -12.75 -14.32
CA ASN L 80 0.28 -11.87 -15.26
C ASN L 80 0.47 -12.63 -16.58
N LYS L 81 -0.23 -12.16 -17.63
CA LYS L 81 -0.18 -12.82 -18.94
C LYS L 81 1.14 -12.66 -19.66
N LEU L 82 2.13 -11.98 -19.06
CA LEU L 82 3.49 -12.12 -19.56
C LEU L 82 3.95 -13.56 -19.44
N GLY L 83 3.42 -14.30 -18.47
CA GLY L 83 3.69 -15.71 -18.39
C GLY L 83 3.08 -16.32 -17.16
N THR L 84 3.87 -17.06 -16.38
CA THR L 84 3.32 -17.92 -15.32
C THR L 84 4.18 -17.91 -14.08
N ILE L 85 3.51 -18.07 -12.94
CA ILE L 85 4.14 -18.29 -11.66
C ILE L 85 4.21 -19.78 -11.42
N ALA L 86 5.15 -20.22 -10.59
CA ALA L 86 5.20 -21.61 -10.17
C ALA L 86 5.74 -21.67 -8.75
N LEU L 87 4.90 -22.12 -7.82
CA LEU L 87 5.38 -22.39 -6.47
C LEU L 87 6.19 -23.66 -6.46
N LYS L 88 7.25 -23.64 -5.66
CA LYS L 88 8.16 -24.77 -5.59
C LYS L 88 8.91 -24.75 -4.26
N PRO L 89 8.73 -25.74 -3.37
CA PRO L 89 7.75 -26.83 -3.37
C PRO L 89 6.35 -26.31 -3.15
N ASP L 90 5.40 -27.05 -3.70
CA ASP L 90 3.99 -26.67 -3.71
C ASP L 90 3.19 -27.82 -3.12
N PRO L 91 2.51 -27.67 -1.97
CA PRO L 91 2.40 -26.49 -1.14
C PRO L 91 3.64 -26.18 -0.33
N ALA L 92 3.88 -24.89 -0.25
CA ALA L 92 5.00 -24.33 0.49
C ALA L 92 4.82 -24.60 1.97
N ASP L 93 5.65 -25.47 2.50
CA ASP L 93 5.68 -25.76 3.92
C ASP L 93 6.60 -24.84 4.70
N GLY L 94 7.43 -24.07 3.99
CA GLY L 94 8.17 -22.99 4.59
C GLY L 94 9.51 -23.45 5.14
N THR L 95 9.51 -24.59 5.81
CA THR L 95 10.78 -25.19 6.18
C THR L 95 11.58 -25.56 4.93
N ALA L 96 10.92 -25.68 3.79
CA ALA L 96 11.60 -25.69 2.50
C ALA L 96 11.91 -24.27 2.07
N ASP L 97 13.02 -24.13 1.34
CA ASP L 97 13.30 -22.87 0.69
C ASP L 97 12.32 -22.72 -0.44
N ILE L 98 11.21 -22.07 -0.14
CA ILE L 98 10.15 -21.94 -1.11
C ILE L 98 10.63 -21.07 -2.25
N THR L 99 10.12 -21.36 -3.44
CA THR L 99 10.49 -20.70 -4.66
C THR L 99 9.24 -20.24 -5.37
N LEU L 100 9.28 -19.00 -5.85
CA LEU L 100 8.18 -18.42 -6.62
C LEU L 100 8.75 -17.97 -7.95
N THR L 101 8.64 -18.86 -8.93
CA THR L 101 8.92 -18.52 -10.31
C THR L 101 8.00 -17.40 -10.76
N PHE L 102 8.49 -16.62 -11.72
CA PHE L 102 7.60 -16.04 -12.71
C PHE L 102 8.24 -16.16 -14.07
N THR L 103 7.62 -16.95 -14.92
CA THR L 103 8.03 -17.02 -16.30
C THR L 103 7.42 -15.89 -17.09
N MET L 104 8.18 -15.37 -18.05
CA MET L 104 7.67 -14.40 -19.02
C MET L 104 7.41 -15.06 -20.37
N GLY L 105 6.47 -16.00 -20.35
CA GLY L 105 5.98 -16.63 -21.56
C GLY L 105 5.30 -15.69 -22.55
N GLY L 106 4.13 -15.15 -22.18
CA GLY L 106 3.40 -14.26 -23.07
C GLY L 106 4.03 -12.90 -23.23
N ALA L 107 5.29 -12.88 -23.69
CA ALA L 107 6.14 -11.70 -23.65
C ALA L 107 6.63 -11.37 -25.06
N GLY L 108 7.28 -10.22 -25.19
CA GLY L 108 7.81 -9.78 -26.45
C GLY L 108 8.90 -10.71 -26.93
N PRO L 109 9.36 -10.53 -28.18
CA PRO L 109 10.54 -11.29 -28.64
C PRO L 109 11.76 -11.02 -27.80
N LYS L 110 11.81 -9.90 -27.09
CA LYS L 110 12.94 -9.52 -26.27
C LYS L 110 12.74 -9.83 -24.80
N ASN L 111 11.64 -10.48 -24.42
CA ASN L 111 11.56 -11.21 -23.16
C ASN L 111 10.83 -12.51 -23.36
N LYS L 112 11.00 -13.12 -24.52
CA LYS L 112 10.18 -14.27 -24.87
C LYS L 112 10.56 -15.46 -23.99
N GLY L 113 10.17 -15.40 -22.72
CA GLY L 113 10.42 -16.46 -21.76
C GLY L 113 11.49 -16.17 -20.73
N LYS L 114 11.94 -14.92 -20.58
CA LYS L 114 12.98 -14.61 -19.60
C LYS L 114 12.37 -14.67 -18.21
N ILE L 115 12.61 -15.79 -17.50
CA ILE L 115 11.96 -16.03 -16.22
C ILE L 115 12.48 -15.06 -15.18
N ILE L 116 11.63 -14.76 -14.20
CA ILE L 116 11.99 -14.05 -12.99
C ILE L 116 11.48 -14.91 -11.85
N THR L 117 12.38 -15.54 -11.12
CA THR L 117 12.03 -16.45 -10.03
C THR L 117 12.56 -15.93 -8.71
N LEU L 118 11.82 -16.27 -7.67
CA LEU L 118 12.10 -15.89 -6.29
C LEU L 118 12.34 -17.15 -5.49
N THR L 119 13.13 -17.05 -4.43
CA THR L 119 13.31 -18.20 -3.55
C THR L 119 13.65 -17.75 -2.13
N ARG L 120 12.88 -18.22 -1.16
CA ARG L 120 13.12 -17.81 0.22
C ARG L 120 14.11 -18.75 0.89
N THR L 121 14.56 -18.33 2.07
CA THR L 121 15.23 -19.22 3.00
C THR L 121 14.20 -19.75 3.99
N ALA L 122 14.44 -20.96 4.49
CA ALA L 122 13.50 -21.54 5.44
C ALA L 122 13.51 -20.80 6.77
N ALA L 123 14.70 -20.54 7.32
CA ALA L 123 14.82 -19.77 8.54
C ALA L 123 14.86 -18.27 8.30
N ASP L 124 15.13 -17.85 7.07
CA ASP L 124 15.43 -16.45 6.79
C ASP L 124 14.72 -15.90 5.57
N GLY L 125 13.83 -16.64 4.93
CA GLY L 125 12.67 -16.05 4.27
C GLY L 125 12.94 -15.17 3.06
N LEU L 126 14.11 -14.54 2.95
CA LEU L 126 14.29 -13.46 1.99
C LEU L 126 14.33 -14.05 0.60
N TRP L 127 13.42 -13.58 -0.23
CA TRP L 127 13.24 -14.16 -1.55
C TRP L 127 14.42 -13.81 -2.44
N LYS L 128 15.04 -14.84 -2.99
CA LYS L 128 16.11 -14.70 -3.95
C LYS L 128 15.47 -14.29 -5.26
N CYS L 129 15.12 -13.02 -5.31
CA CYS L 129 14.25 -12.46 -6.32
C CYS L 129 15.12 -12.04 -7.49
N THR L 130 15.10 -12.83 -8.55
CA THR L 130 16.11 -12.77 -9.57
C THR L 130 15.49 -12.94 -10.94
N SER L 131 16.27 -12.59 -11.95
CA SER L 131 15.79 -12.46 -13.31
C SER L 131 16.80 -13.05 -14.26
N ASP L 132 16.33 -13.31 -15.48
CA ASP L 132 17.14 -13.86 -16.55
C ASP L 132 17.53 -12.81 -17.59
N GLN L 133 17.33 -11.54 -17.29
CA GLN L 133 17.35 -10.53 -18.32
C GLN L 133 18.70 -9.82 -18.38
N ASP L 134 18.87 -8.94 -19.37
CA ASP L 134 20.09 -8.17 -19.57
C ASP L 134 20.01 -6.86 -18.80
N GLU L 135 21.18 -6.26 -18.53
CA GLU L 135 21.24 -5.02 -17.75
C GLU L 135 20.35 -3.95 -18.36
N GLN L 136 20.28 -3.91 -19.68
CA GLN L 136 19.34 -3.06 -20.40
C GLN L 136 17.87 -3.44 -20.16
N PHE L 137 17.60 -4.64 -19.64
CA PHE L 137 16.26 -5.18 -19.47
C PHE L 137 15.77 -5.28 -18.04
N ILE L 138 16.65 -5.20 -17.04
CA ILE L 138 16.45 -5.87 -15.76
C ILE L 138 15.16 -5.45 -15.07
N PRO L 139 14.53 -6.33 -14.28
CA PRO L 139 13.52 -5.85 -13.35
C PRO L 139 14.19 -5.01 -12.28
N LYS L 140 14.06 -3.70 -12.42
CA LYS L 140 14.66 -2.82 -11.44
C LYS L 140 13.76 -2.80 -10.22
N GLY L 141 14.37 -2.92 -9.05
CA GLY L 141 13.67 -3.44 -7.89
C GLY L 141 14.44 -4.61 -7.29
N CYS L 142 13.94 -5.82 -7.44
CA CYS L 142 14.68 -6.99 -7.01
C CYS L 142 16.04 -7.06 -7.72
N SER L 143 16.88 -7.94 -7.22
CA SER L 143 18.16 -8.16 -7.86
C SER L 143 17.94 -8.80 -9.23
N ARG L 144 18.93 -8.62 -10.10
CA ARG L 144 18.77 -8.95 -11.51
C ARG L 144 18.66 -10.44 -11.81
N PHE M 1 3.26 17.41 -76.47
CA PHE M 1 4.39 17.56 -75.52
C PHE M 1 3.92 17.40 -74.09
N THR M 2 2.64 17.67 -73.85
CA THR M 2 2.10 17.52 -72.52
C THR M 2 1.97 16.07 -72.11
N LEU M 3 1.96 15.15 -73.08
CA LEU M 3 1.75 13.73 -72.81
C LEU M 3 2.71 13.21 -71.76
N ILE M 4 3.93 13.75 -71.73
CA ILE M 4 4.98 13.26 -70.84
C ILE M 4 4.76 13.80 -69.42
N GLU M 5 4.41 15.08 -69.31
CA GLU M 5 3.91 15.64 -68.05
C GLU M 5 2.80 14.75 -67.50
N LEU M 6 1.94 14.28 -68.36
CA LEU M 6 0.97 13.35 -67.85
C LEU M 6 1.57 12.01 -67.51
N MET M 7 2.62 11.56 -68.18
CA MET M 7 3.19 10.26 -67.86
C MET M 7 3.57 10.19 -66.40
N ILE M 8 4.23 11.24 -65.91
CA ILE M 8 4.47 11.23 -64.48
C ILE M 8 3.13 11.22 -63.76
N VAL M 9 2.16 12.01 -64.23
CA VAL M 9 0.96 12.13 -63.40
C VAL M 9 0.18 10.81 -63.33
N VAL M 10 0.16 10.06 -64.44
CA VAL M 10 -0.37 8.69 -64.43
C VAL M 10 0.35 7.88 -63.38
N ALA M 11 1.69 7.97 -63.38
CA ALA M 11 2.46 7.31 -62.33
C ALA M 11 1.99 7.75 -60.96
N ILE M 12 2.01 9.07 -60.71
CA ILE M 12 1.74 9.67 -59.40
C ILE M 12 0.45 9.12 -58.83
N ILE M 13 -0.60 9.09 -59.65
CA ILE M 13 -1.83 8.43 -59.25
C ILE M 13 -1.51 7.01 -58.81
N GLY M 14 -0.64 6.35 -59.57
CA GLY M 14 -0.36 4.95 -59.27
C GLY M 14 0.33 4.71 -57.93
N ILE M 15 1.38 5.49 -57.62
CA ILE M 15 2.41 4.94 -56.73
C ILE M 15 1.85 4.69 -55.33
N LEU M 16 0.82 5.42 -54.92
CA LEU M 16 0.31 5.34 -53.55
C LEU M 16 -0.02 3.90 -53.18
N ALA M 17 0.67 3.35 -52.16
CA ALA M 17 0.78 1.91 -52.00
C ALA M 17 0.66 1.45 -50.54
N ALA M 18 0.04 2.24 -49.67
CA ALA M 18 -0.21 1.80 -48.31
C ALA M 18 -1.55 2.31 -47.79
N ILE M 19 -2.56 2.41 -48.66
CA ILE M 19 -3.75 3.20 -48.37
C ILE M 19 -4.67 2.49 -47.41
N ALA M 20 -5.25 1.40 -47.87
CA ALA M 20 -6.30 0.76 -47.10
C ALA M 20 -5.64 -0.13 -46.06
N ILE M 21 -5.48 0.42 -44.86
CA ILE M 21 -5.02 -0.34 -43.71
C ILE M 21 -6.27 -0.53 -42.85
N PRO M 22 -7.08 -1.50 -43.15
CA PRO M 22 -8.34 -1.71 -42.44
C PRO M 22 -8.14 -2.08 -40.99
N GLN M 23 -7.34 -3.13 -40.76
CA GLN M 23 -7.07 -3.69 -39.43
C GLN M 23 -6.15 -2.78 -38.64
N TYR M 24 -5.85 -1.62 -39.20
CA TYR M 24 -5.67 -0.45 -38.38
C TYR M 24 -6.87 -0.37 -37.44
N GLN M 25 -8.09 -0.38 -37.99
CA GLN M 25 -9.33 -0.40 -37.19
C GLN M 25 -9.35 -1.51 -36.16
N ASN M 26 -8.54 -2.54 -36.33
CA ASN M 26 -8.54 -3.70 -35.47
C ASN M 26 -7.40 -3.71 -34.45
N TYR M 27 -6.29 -2.98 -34.69
CA TYR M 27 -5.49 -2.59 -33.52
C TYR M 27 -6.16 -1.48 -32.76
N VAL M 28 -6.81 -0.56 -33.47
CA VAL M 28 -7.77 0.33 -32.84
C VAL M 28 -8.74 -0.50 -32.02
N ALA M 29 -9.19 -1.62 -32.56
CA ALA M 29 -10.13 -2.45 -31.81
C ALA M 29 -9.48 -3.02 -30.57
N ARG M 30 -8.21 -3.43 -30.67
CA ARG M 30 -7.52 -3.93 -29.50
C ARG M 30 -7.32 -2.83 -28.48
N SER M 31 -7.01 -1.63 -28.96
CA SER M 31 -6.90 -0.48 -28.11
C SER M 31 -8.22 -0.21 -27.43
N GLU M 32 -9.30 -0.38 -28.18
CA GLU M 32 -10.61 -0.06 -27.66
C GLU M 32 -11.06 -1.10 -26.65
N GLY M 33 -10.55 -2.33 -26.77
CA GLY M 33 -10.93 -3.40 -25.89
C GLY M 33 -10.11 -3.44 -24.62
N ALA M 34 -8.79 -3.41 -24.78
CA ALA M 34 -7.92 -3.32 -23.62
C ALA M 34 -8.15 -2.03 -22.89
N SER M 35 -8.16 -0.93 -23.63
CA SER M 35 -8.46 0.35 -23.03
C SER M 35 -9.91 0.43 -22.58
N ALA M 36 -10.75 -0.50 -23.05
CA ALA M 36 -12.03 -0.70 -22.40
C ALA M 36 -11.88 -1.41 -21.07
N LEU M 37 -10.82 -2.20 -20.88
CA LEU M 37 -10.54 -2.72 -19.54
C LEU M 37 -10.01 -1.63 -18.64
N ALA M 38 -9.24 -0.69 -19.19
CA ALA M 38 -8.72 0.41 -18.41
C ALA M 38 -9.82 1.17 -17.71
N SER M 39 -10.98 1.26 -18.35
CA SER M 39 -12.11 2.00 -17.78
C SER M 39 -12.58 1.37 -16.47
N VAL M 40 -12.53 0.03 -16.38
CA VAL M 40 -13.17 -0.68 -15.28
C VAL M 40 -12.20 -1.11 -14.20
N ASN M 41 -10.90 -1.13 -14.49
CA ASN M 41 -9.98 -1.83 -13.61
C ASN M 41 -9.92 -1.33 -12.18
N PRO M 42 -9.97 -0.03 -11.88
CA PRO M 42 -10.09 0.37 -10.49
C PRO M 42 -11.47 0.15 -9.89
N LEU M 43 -12.44 -0.33 -10.69
CA LEU M 43 -13.75 -0.63 -10.15
C LEU M 43 -13.87 -2.06 -9.69
N LYS M 44 -13.08 -2.97 -10.26
CA LYS M 44 -12.71 -4.17 -9.54
C LYS M 44 -12.29 -3.79 -8.14
N THR M 45 -11.27 -2.94 -8.09
CA THR M 45 -10.67 -2.47 -6.85
C THR M 45 -11.67 -1.72 -5.99
N THR M 46 -12.76 -1.22 -6.55
CA THR M 46 -13.76 -0.44 -5.84
C THR M 46 -14.85 -1.31 -5.22
N VAL M 47 -15.38 -2.25 -6.01
CA VAL M 47 -16.24 -3.29 -5.44
C VAL M 47 -15.54 -3.91 -4.25
N GLU M 48 -14.30 -4.34 -4.47
CA GLU M 48 -13.52 -4.87 -3.37
C GLU M 48 -13.13 -3.81 -2.35
N GLU M 49 -13.11 -2.54 -2.74
CA GLU M 49 -12.78 -1.49 -1.80
C GLU M 49 -13.81 -1.51 -0.69
N ALA M 50 -15.02 -1.11 -1.00
CA ALA M 50 -15.92 -0.88 0.11
C ALA M 50 -16.47 -2.19 0.65
N LEU M 51 -16.57 -3.23 -0.18
CA LEU M 51 -16.92 -4.53 0.38
C LEU M 51 -15.83 -5.00 1.34
N SER M 52 -14.59 -4.69 1.02
CA SER M 52 -13.49 -5.01 1.92
C SER M 52 -13.44 -4.09 3.12
N ARG M 53 -14.30 -3.08 3.17
CA ARG M 53 -14.45 -2.29 4.39
C ARG M 53 -15.53 -2.83 5.32
N GLY M 54 -16.67 -3.24 4.76
CA GLY M 54 -17.89 -3.43 5.55
C GLY M 54 -19.06 -2.66 4.98
N TRP M 55 -19.01 -2.41 3.68
CA TRP M 55 -19.90 -1.43 3.03
C TRP M 55 -20.21 -1.93 1.62
N SER M 56 -21.48 -1.86 1.21
CA SER M 56 -21.82 -2.27 -0.15
C SER M 56 -21.41 -1.16 -1.13
N VAL M 57 -21.67 -1.38 -2.41
CA VAL M 57 -21.17 -0.48 -3.47
C VAL M 57 -22.27 -0.33 -4.52
N LYS M 58 -22.75 0.90 -4.70
CA LYS M 58 -23.61 1.23 -5.82
C LYS M 58 -22.78 1.62 -7.03
N SER M 59 -23.44 1.62 -8.18
CA SER M 59 -22.90 2.27 -9.37
C SER M 59 -23.35 3.73 -9.39
N GLY M 60 -22.46 4.57 -9.88
CA GLY M 60 -22.57 6.01 -9.74
C GLY M 60 -21.48 6.53 -8.82
N THR M 61 -21.56 7.84 -8.57
CA THR M 61 -20.59 8.57 -7.80
C THR M 61 -21.27 9.16 -6.58
N GLY M 62 -20.54 10.03 -5.87
CA GLY M 62 -21.06 10.80 -4.77
C GLY M 62 -20.19 10.62 -3.54
N THR M 63 -20.63 11.23 -2.45
CA THR M 63 -20.07 10.87 -1.18
C THR M 63 -20.39 9.41 -0.89
N GLU M 64 -19.74 8.90 0.14
CA GLU M 64 -20.07 7.57 0.57
C GLU M 64 -21.49 7.52 1.07
N ASP M 65 -22.18 6.44 0.74
CA ASP M 65 -23.42 6.10 1.38
C ASP M 65 -23.10 5.49 2.74
N ALA M 66 -22.46 6.30 3.59
CA ALA M 66 -21.73 5.84 4.76
C ALA M 66 -22.59 5.76 6.02
N THR M 67 -23.89 6.00 5.90
CA THR M 67 -24.84 5.59 6.91
C THR M 67 -25.70 4.43 6.41
N LYS M 68 -25.34 3.84 5.26
CA LYS M 68 -26.27 3.08 4.47
C LYS M 68 -25.79 1.67 4.15
N LYS M 69 -24.66 1.25 4.69
CA LYS M 69 -24.01 0.01 4.25
C LYS M 69 -23.90 -0.02 2.74
N GLU M 70 -23.28 1.04 2.22
CA GLU M 70 -23.20 1.28 0.79
C GLU M 70 -22.11 2.31 0.54
N VAL M 71 -21.59 2.30 -0.68
CA VAL M 71 -20.60 3.28 -1.14
C VAL M 71 -20.84 3.46 -2.64
N PRO M 72 -20.40 4.53 -3.28
CA PRO M 72 -20.43 4.56 -4.74
C PRO M 72 -19.44 3.58 -5.36
N LEU M 73 -19.72 3.19 -6.61
CA LEU M 73 -18.63 2.74 -7.47
C LEU M 73 -17.72 3.88 -7.84
N GLY M 74 -18.19 5.12 -7.72
CA GLY M 74 -17.42 6.25 -8.21
C GLY M 74 -17.17 6.19 -9.70
N VAL M 75 -18.21 5.92 -10.49
CA VAL M 75 -18.09 5.86 -11.94
C VAL M 75 -19.41 6.27 -12.58
N ALA M 76 -19.31 6.99 -13.70
CA ALA M 76 -20.39 7.13 -14.65
C ALA M 76 -20.21 6.06 -15.72
N ALA M 77 -21.30 5.35 -16.03
CA ALA M 77 -21.23 4.13 -16.83
C ALA M 77 -20.41 4.30 -18.09
N ASP M 78 -20.61 5.41 -18.81
CA ASP M 78 -19.82 5.74 -19.99
C ASP M 78 -18.70 6.71 -19.67
N ALA M 79 -18.04 6.51 -18.52
CA ALA M 79 -16.72 7.10 -18.30
C ALA M 79 -15.84 6.92 -19.52
N ASN M 80 -15.91 5.74 -20.11
CA ASN M 80 -15.28 5.43 -21.39
C ASN M 80 -16.35 5.50 -22.48
N LYS M 81 -16.23 6.48 -23.38
CA LYS M 81 -17.20 6.70 -24.45
C LYS M 81 -17.17 5.62 -25.51
N LEU M 82 -16.31 4.61 -25.40
CA LEU M 82 -16.52 3.41 -26.20
C LEU M 82 -17.85 2.77 -25.87
N GLY M 83 -18.33 2.94 -24.64
CA GLY M 83 -19.65 2.49 -24.29
C GLY M 83 -19.94 2.71 -22.83
N THR M 84 -20.41 1.66 -22.14
CA THR M 84 -20.97 1.82 -20.80
C THR M 84 -20.60 0.67 -19.89
N ILE M 85 -20.47 1.01 -18.61
CA ILE M 85 -20.31 0.05 -17.54
C ILE M 85 -21.69 -0.25 -16.96
N ALA M 86 -21.84 -1.42 -16.35
CA ALA M 86 -23.06 -1.72 -15.63
C ALA M 86 -22.72 -2.61 -14.44
N LEU M 87 -22.94 -2.09 -13.24
CA LEU M 87 -22.83 -2.92 -12.05
C LEU M 87 -24.00 -3.86 -11.96
N LYS M 88 -23.72 -5.08 -11.52
CA LYS M 88 -24.74 -6.11 -11.42
C LYS M 88 -24.33 -7.16 -10.39
N PRO M 89 -25.06 -7.32 -9.27
CA PRO M 89 -26.16 -6.52 -8.73
C PRO M 89 -25.66 -5.17 -8.27
N ASP M 90 -26.57 -4.20 -8.34
CA ASP M 90 -26.26 -2.80 -8.05
C ASP M 90 -27.26 -2.31 -7.00
N PRO M 91 -26.84 -1.93 -5.78
CA PRO M 91 -25.47 -1.90 -5.27
C PRO M 91 -24.92 -3.25 -4.93
N ALA M 92 -23.63 -3.36 -5.25
CA ALA M 92 -22.85 -4.56 -5.00
C ALA M 92 -22.71 -4.79 -3.51
N ASP M 93 -23.37 -5.83 -3.03
CA ASP M 93 -23.28 -6.25 -1.64
C ASP M 93 -22.13 -7.22 -1.41
N GLY M 94 -21.54 -7.75 -2.47
CA GLY M 94 -20.31 -8.49 -2.39
C GLY M 94 -20.54 -9.95 -2.13
N THR M 95 -21.46 -10.26 -1.23
CA THR M 95 -21.89 -11.64 -1.09
C THR M 95 -22.54 -12.14 -2.38
N ALA M 96 -22.99 -11.23 -3.23
CA ALA M 96 -23.31 -11.57 -4.61
C ALA M 96 -22.04 -11.59 -5.45
N ASP M 97 -22.04 -12.45 -6.46
CA ASP M 97 -20.99 -12.41 -7.45
C ASP M 97 -21.19 -11.17 -8.28
N ILE M 98 -20.54 -10.09 -7.85
CA ILE M 98 -20.73 -8.81 -8.48
C ILE M 98 -20.17 -8.89 -9.89
N THR M 99 -20.79 -8.13 -10.78
CA THR M 99 -20.47 -8.11 -12.19
C THR M 99 -20.27 -6.67 -12.61
N LEU M 100 -19.21 -6.43 -13.37
CA LEU M 100 -18.91 -5.11 -13.93
C LEU M 100 -18.80 -5.27 -15.43
N THR M 101 -19.93 -5.03 -16.10
CA THR M 101 -19.95 -4.89 -17.54
C THR M 101 -19.03 -3.78 -17.98
N PHE M 102 -18.51 -3.90 -19.19
CA PHE M 102 -18.27 -2.73 -20.02
C PHE M 102 -18.72 -3.02 -21.43
N THR M 103 -19.73 -2.30 -21.86
CA THR M 103 -20.16 -2.36 -23.23
C THR M 103 -19.30 -1.44 -24.07
N MET M 104 -19.02 -1.86 -25.30
CA MET M 104 -18.36 -1.01 -26.29
C MET M 104 -19.38 -0.49 -27.32
N GLY M 105 -20.32 0.29 -26.82
CA GLY M 105 -21.27 1.00 -27.65
C GLY M 105 -20.66 2.01 -28.61
N GLY M 106 -20.11 3.10 -28.08
CA GLY M 106 -19.52 4.14 -28.92
C GLY M 106 -18.22 3.72 -29.58
N ALA M 107 -18.26 2.63 -30.35
CA ALA M 107 -17.08 1.95 -30.85
C ALA M 107 -17.12 1.88 -32.37
N GLY M 108 -16.01 1.43 -32.95
CA GLY M 108 -15.89 1.28 -34.37
C GLY M 108 -16.86 0.24 -34.90
N PRO M 109 -17.00 0.14 -36.23
CA PRO M 109 -17.79 -0.96 -36.79
C PRO M 109 -17.26 -2.32 -36.41
N LYS M 110 -15.99 -2.41 -36.04
CA LYS M 110 -15.35 -3.66 -35.68
C LYS M 110 -15.28 -3.88 -34.18
N ASN M 111 -15.84 -3.00 -33.37
CA ASN M 111 -16.21 -3.32 -32.00
C ASN M 111 -17.56 -2.72 -31.67
N LYS M 112 -18.45 -2.67 -32.64
CA LYS M 112 -19.68 -1.94 -32.47
C LYS M 112 -20.58 -2.65 -31.46
N GLY M 113 -20.20 -2.59 -30.19
CA GLY M 113 -20.94 -3.20 -29.10
C GLY M 113 -20.35 -4.46 -28.51
N LYS M 114 -19.08 -4.77 -28.79
CA LYS M 114 -18.48 -5.99 -28.25
C LYS M 114 -18.19 -5.77 -26.77
N ILE M 115 -19.07 -6.30 -25.91
CA ILE M 115 -18.99 -6.02 -24.48
C ILE M 115 -17.75 -6.69 -23.89
N ILE M 116 -17.25 -6.08 -22.82
CA ILE M 116 -16.21 -6.64 -21.97
C ILE M 116 -16.76 -6.54 -20.55
N THR M 117 -17.13 -7.67 -19.97
CA THR M 117 -17.73 -7.71 -18.64
C THR M 117 -16.86 -8.49 -17.68
N LEU M 118 -16.94 -8.09 -16.43
CA LEU M 118 -16.19 -8.67 -15.32
C LEU M 118 -17.18 -9.24 -14.33
N THR M 119 -16.77 -10.26 -13.59
CA THR M 119 -17.62 -10.79 -12.54
C THR M 119 -16.80 -11.42 -11.42
N ARG M 120 -17.03 -10.99 -10.19
CA ARG M 120 -16.26 -11.51 -9.08
C ARG M 120 -16.93 -12.74 -8.49
N THR M 121 -16.19 -13.43 -7.62
CA THR M 121 -16.78 -14.42 -6.73
C THR M 121 -17.07 -13.74 -5.40
N ALA M 122 -18.09 -14.23 -4.70
CA ALA M 122 -18.44 -13.64 -3.41
C ALA M 122 -17.37 -13.91 -2.36
N ALA M 123 -16.91 -15.16 -2.24
CA ALA M 123 -15.84 -15.48 -1.32
C ALA M 123 -14.46 -15.28 -1.92
N ASP M 124 -14.37 -15.19 -3.25
CA ASP M 124 -13.08 -15.24 -3.93
C ASP M 124 -12.91 -14.19 -5.01
N GLY M 125 -13.84 -13.25 -5.17
CA GLY M 125 -13.51 -11.91 -5.61
C GLY M 125 -12.96 -11.76 -7.03
N LEU M 126 -12.34 -12.78 -7.61
CA LEU M 126 -11.54 -12.57 -8.81
C LEU M 126 -12.47 -12.33 -9.98
N TRP M 127 -12.29 -11.18 -10.62
CA TRP M 127 -13.21 -10.76 -11.65
C TRP M 127 -13.06 -11.61 -12.88
N LYS M 128 -14.17 -12.20 -13.31
CA LYS M 128 -14.23 -12.97 -14.54
C LYS M 128 -14.23 -11.97 -15.68
N CYS M 129 -13.03 -11.47 -15.94
CA CYS M 129 -12.80 -10.31 -16.77
C CYS M 129 -12.66 -10.80 -18.20
N THR M 130 -13.71 -10.60 -18.99
CA THR M 130 -13.88 -11.32 -20.23
C THR M 130 -14.44 -10.39 -21.29
N SER M 131 -14.33 -10.84 -22.53
CA SER M 131 -14.59 -10.03 -23.70
C SER M 131 -15.37 -10.82 -24.71
N ASP M 132 -15.96 -10.09 -25.65
CA ASP M 132 -16.74 -10.66 -26.74
C ASP M 132 -15.99 -10.65 -28.06
N GLN M 133 -14.69 -10.39 -28.05
CA GLN M 133 -13.99 -10.02 -29.26
C GLN M 133 -13.25 -11.23 -29.86
N ASP M 134 -12.68 -11.03 -31.04
CA ASP M 134 -11.93 -12.07 -31.75
C ASP M 134 -10.46 -12.03 -31.34
N GLU M 135 -9.76 -13.16 -31.55
CA GLU M 135 -8.35 -13.26 -31.14
C GLU M 135 -7.53 -12.12 -31.72
N GLN M 136 -7.84 -11.71 -32.95
CA GLN M 136 -7.27 -10.53 -33.56
C GLN M 136 -7.64 -9.23 -32.84
N PHE M 137 -8.67 -9.24 -31.99
CA PHE M 137 -9.20 -8.06 -31.33
C PHE M 137 -8.95 -7.97 -29.84
N ILE M 138 -8.55 -9.05 -29.18
CA ILE M 138 -8.87 -9.26 -27.76
C ILE M 138 -8.33 -8.15 -26.88
N PRO M 139 -9.01 -7.85 -25.75
CA PRO M 139 -8.34 -7.06 -24.72
C PRO M 139 -7.22 -7.87 -24.11
N LYS M 140 -6.00 -7.57 -24.53
CA LYS M 140 -4.86 -8.28 -24.00
C LYS M 140 -4.56 -7.72 -22.62
N GLY M 141 -4.33 -8.61 -21.67
CA GLY M 141 -4.56 -8.31 -20.28
C GLY M 141 -5.49 -9.32 -19.64
N CYS M 142 -6.73 -8.95 -19.36
CA CYS M 142 -7.70 -9.92 -18.87
C CYS M 142 -7.88 -11.04 -19.89
N SER M 143 -8.56 -12.09 -19.44
CA SER M 143 -8.89 -13.18 -20.33
C SER M 143 -9.87 -12.69 -21.39
N ARG M 144 -9.89 -13.39 -22.51
CA ARG M 144 -10.59 -12.92 -23.70
C ARG M 144 -12.11 -12.91 -23.58
N PHE N 1 -3.30 21.52 -86.27
CA PHE N 1 -2.84 20.22 -85.74
C PHE N 1 -2.63 20.29 -84.24
N THR N 2 -2.37 21.48 -83.73
CA THR N 2 -2.19 21.66 -82.30
C THR N 2 -3.48 21.50 -81.53
N LEU N 3 -4.63 21.64 -82.21
CA LEU N 3 -5.93 21.61 -81.55
C LEU N 3 -6.09 20.36 -80.71
N ILE N 4 -5.52 19.25 -81.17
CA ILE N 4 -5.70 17.96 -80.49
C ILE N 4 -4.82 17.87 -79.25
N GLU N 5 -3.57 18.33 -79.36
CA GLU N 5 -2.73 18.56 -78.19
C GLU N 5 -3.48 19.38 -77.15
N LEU N 6 -4.21 20.37 -77.62
CA LEU N 6 -5.00 21.06 -76.63
C LEU N 6 -6.18 20.24 -76.15
N MET N 7 -6.74 19.35 -76.97
CA MET N 7 -7.88 18.57 -76.50
C MET N 7 -7.54 17.83 -75.23
N ILE N 8 -6.37 17.19 -75.22
CA ILE N 8 -5.98 16.60 -73.95
C ILE N 8 -5.86 17.70 -72.92
N VAL N 9 -5.27 18.84 -73.27
CA VAL N 9 -5.00 19.80 -72.20
C VAL N 9 -6.29 20.38 -71.61
N VAL N 10 -7.30 20.59 -72.44
CA VAL N 10 -8.64 20.93 -71.95
C VAL N 10 -9.11 19.88 -70.97
N ALA N 11 -8.96 18.61 -71.36
CA ALA N 11 -9.28 17.53 -70.45
C ALA N 11 -8.51 17.68 -69.14
N ILE N 12 -7.18 17.75 -69.24
CA ILE N 12 -6.26 17.75 -68.09
C ILE N 12 -6.69 18.78 -67.07
N ILE N 13 -7.00 19.99 -67.54
CA ILE N 13 -7.59 20.99 -66.66
C ILE N 13 -8.82 20.40 -66.00
N GLY N 14 -9.62 19.68 -66.78
CA GLY N 14 -10.87 19.17 -66.25
C GLY N 14 -10.70 18.16 -65.14
N ILE N 15 -9.83 17.16 -65.31
CA ILE N 15 -10.06 15.87 -64.63
C ILE N 15 -9.96 16.02 -63.12
N LEU N 16 -9.19 17.00 -62.63
CA LEU N 16 -8.93 17.13 -61.20
C LEU N 16 -10.24 17.19 -60.41
N ALA N 17 -10.46 16.20 -59.53
CA ALA N 17 -11.80 15.88 -59.05
C ALA N 17 -11.86 15.57 -57.56
N ALA N 18 -10.90 16.05 -56.78
CA ALA N 18 -10.97 15.88 -55.33
C ALA N 18 -10.40 17.10 -54.60
N ILE N 19 -10.59 18.30 -55.15
CA ILE N 19 -9.80 19.46 -54.75
C ILE N 19 -10.28 20.02 -53.43
N ALA N 20 -11.48 20.57 -53.43
CA ALA N 20 -11.94 21.30 -52.27
C ALA N 20 -12.48 20.30 -51.26
N ILE N 21 -11.63 19.91 -50.33
CA ILE N 21 -12.03 19.08 -49.19
C ILE N 21 -12.04 20.04 -48.01
N PRO N 22 -13.10 20.79 -47.82
CA PRO N 22 -13.17 21.79 -46.76
C PRO N 22 -13.13 21.18 -45.38
N GLN N 23 -14.03 20.23 -45.14
CA GLN N 23 -14.21 19.58 -43.84
C GLN N 23 -13.08 18.60 -43.58
N TYR N 24 -12.10 18.58 -44.46
CA TYR N 24 -10.74 18.35 -44.03
C TYR N 24 -10.48 19.26 -42.86
N GLN N 25 -10.69 20.58 -43.03
CA GLN N 25 -10.55 21.55 -41.93
C GLN N 25 -11.35 21.20 -40.70
N ASN N 26 -12.35 20.34 -40.83
CA ASN N 26 -13.23 19.98 -39.75
C ASN N 26 -12.91 18.64 -39.11
N TYR N 27 -12.22 17.72 -39.81
CA TYR N 27 -11.50 16.69 -39.05
C TYR N 27 -10.26 17.27 -38.42
N VAL N 28 -9.59 18.18 -39.13
CA VAL N 28 -8.61 19.05 -38.50
C VAL N 28 -9.24 19.68 -37.27
N ALA N 29 -10.48 20.11 -37.37
CA ALA N 29 -11.13 20.73 -36.22
C ALA N 29 -11.31 19.72 -35.10
N ARG N 30 -11.68 18.49 -35.44
CA ARG N 30 -11.81 17.46 -34.42
C ARG N 30 -10.47 17.14 -33.80
N SER N 31 -9.43 17.11 -34.62
CA SER N 31 -8.09 16.92 -34.14
C SER N 31 -7.71 18.05 -33.21
N GLU N 32 -8.12 19.25 -33.57
CA GLU N 32 -7.74 20.42 -32.81
C GLU N 32 -8.49 20.47 -31.49
N GLY N 33 -9.68 19.87 -31.44
CA GLY N 33 -10.50 19.90 -30.26
C GLY N 33 -10.16 18.77 -29.29
N ALA N 34 -10.11 17.55 -29.81
CA ALA N 34 -9.68 16.43 -28.99
C ALA N 34 -8.24 16.62 -28.56
N SER N 35 -7.39 16.94 -29.52
CA SER N 35 -6.00 17.22 -29.19
C SER N 35 -5.89 18.52 -28.39
N ALA N 36 -6.94 19.34 -28.38
CA ALA N 36 -7.03 20.37 -27.37
C ALA N 36 -7.34 19.81 -25.99
N LEU N 37 -8.00 18.65 -25.92
CA LEU N 37 -8.13 17.98 -24.63
C LEU N 37 -6.82 17.37 -24.20
N ALA N 38 -6.04 16.89 -25.15
CA ALA N 38 -4.73 16.31 -24.84
C ALA N 38 -3.86 17.29 -24.07
N SER N 39 -4.00 18.58 -24.36
CA SER N 39 -3.19 19.59 -23.71
C SER N 39 -3.47 19.65 -22.21
N VAL N 40 -4.73 19.43 -21.81
CA VAL N 40 -5.15 19.67 -20.43
C VAL N 40 -5.23 18.41 -19.59
N ASN N 41 -5.27 17.24 -20.22
CA ASN N 41 -5.67 16.04 -19.48
C ASN N 41 -4.80 15.68 -18.29
N PRO N 42 -3.48 15.82 -18.31
CA PRO N 42 -2.71 15.63 -17.08
C PRO N 42 -2.84 16.77 -16.10
N LEU N 43 -3.54 17.84 -16.45
CA LEU N 43 -3.76 18.93 -15.52
C LEU N 43 -5.03 18.76 -14.70
N LYS N 44 -6.02 18.05 -15.23
CA LYS N 44 -6.97 17.36 -14.37
C LYS N 44 -6.20 16.65 -13.28
N THR N 45 -5.32 15.75 -13.73
CA THR N 45 -4.51 14.93 -12.86
C THR N 45 -3.60 15.75 -11.96
N THR N 46 -3.32 17.00 -12.31
CA THR N 46 -2.42 17.88 -11.55
C THR N 46 -3.15 18.65 -10.47
N VAL N 47 -4.30 19.25 -10.82
CA VAL N 47 -5.18 19.82 -9.81
C VAL N 47 -5.44 18.77 -8.74
N GLU N 48 -5.85 17.59 -9.18
CA GLU N 48 -6.03 16.49 -8.24
C GLU N 48 -4.72 15.98 -7.66
N GLU N 49 -3.60 16.21 -8.34
CA GLU N 49 -2.31 15.79 -7.82
C GLU N 49 -2.09 16.48 -6.49
N ALA N 50 -1.85 17.77 -6.54
CA ALA N 50 -1.38 18.39 -5.32
C ALA N 50 -2.51 18.62 -4.34
N LEU N 51 -3.74 18.81 -4.84
CA LEU N 51 -4.87 18.84 -3.91
C LEU N 51 -5.00 17.51 -3.19
N SER N 52 -4.73 16.43 -3.91
CA SER N 52 -4.75 15.11 -3.30
C SER N 52 -3.54 14.86 -2.42
N ARG N 53 -2.59 15.81 -2.38
CA ARG N 53 -1.52 15.73 -1.40
C ARG N 53 -1.84 16.47 -0.10
N GLY N 54 -2.45 17.65 -0.21
CA GLY N 54 -2.48 18.59 0.90
C GLY N 54 -1.94 19.96 0.51
N TRP N 55 -2.03 20.28 -0.79
CA TRP N 55 -1.32 21.40 -1.37
C TRP N 55 -2.19 21.99 -2.48
N SER N 56 -2.29 23.32 -2.53
CA SER N 56 -3.06 23.96 -3.60
C SER N 56 -2.23 23.94 -4.89
N VAL N 57 -2.80 24.49 -5.96
CA VAL N 57 -2.20 24.39 -7.30
C VAL N 57 -2.38 25.72 -8.01
N LYS N 58 -1.27 26.38 -8.34
CA LYS N 58 -1.30 27.53 -9.23
C LYS N 58 -1.20 27.08 -10.68
N SER N 59 -1.54 28.00 -11.58
CA SER N 59 -1.20 27.86 -12.99
C SER N 59 0.17 28.47 -13.23
N GLY N 60 0.90 27.84 -14.14
CA GLY N 60 2.31 28.08 -14.33
C GLY N 60 3.12 26.86 -13.90
N THR N 61 4.42 27.03 -13.97
CA THR N 61 5.39 25.98 -13.70
C THR N 61 6.26 26.39 -12.52
N GLY N 62 7.31 25.62 -12.28
CA GLY N 62 8.31 25.93 -11.29
C GLY N 62 8.52 24.77 -10.35
N THR N 63 9.38 24.99 -9.37
CA THR N 63 9.39 24.08 -8.24
C THR N 63 8.06 24.14 -7.54
N GLU N 64 7.87 23.20 -6.63
CA GLU N 64 6.68 23.26 -5.82
C GLU N 64 6.71 24.49 -4.94
N ASP N 65 5.54 25.09 -4.80
CA ASP N 65 5.32 26.09 -3.78
C ASP N 65 5.12 25.36 -2.46
N ALA N 66 6.16 24.63 -2.04
CA ALA N 66 6.06 23.58 -1.03
C ALA N 66 6.28 24.08 0.38
N THR N 67 6.42 25.39 0.58
CA THR N 67 6.24 26.00 1.88
C THR N 67 4.96 26.80 1.94
N LYS N 68 4.11 26.68 0.90
CA LYS N 68 3.11 27.69 0.62
C LYS N 68 1.69 27.14 0.53
N LYS N 69 1.47 25.87 0.82
CA LYS N 69 0.20 25.22 0.54
C LYS N 69 -0.23 25.49 -0.89
N GLU N 70 0.69 25.15 -1.80
CA GLU N 70 0.54 25.46 -3.21
C GLU N 70 1.51 24.60 -4.00
N VAL N 71 1.21 24.40 -5.27
CA VAL N 71 2.08 23.68 -6.21
C VAL N 71 1.83 24.31 -7.58
N PRO N 72 2.72 24.19 -8.57
CA PRO N 72 2.35 24.59 -9.92
C PRO N 72 1.29 23.68 -10.52
N LEU N 73 0.57 24.22 -11.52
CA LEU N 73 -0.04 23.34 -12.51
C LEU N 73 1.01 22.69 -13.38
N GLY N 74 2.21 23.26 -13.45
CA GLY N 74 3.20 22.77 -14.39
C GLY N 74 2.75 22.91 -15.83
N VAL N 75 2.24 24.08 -16.21
CA VAL N 75 1.80 24.32 -17.57
C VAL N 75 1.96 25.79 -17.91
N ALA N 76 2.35 26.06 -19.15
CA ALA N 76 2.19 27.37 -19.77
C ALA N 76 0.88 27.33 -20.55
N ALA N 77 0.06 28.38 -20.36
CA ALA N 77 -1.32 28.37 -20.83
C ALA N 77 -1.46 27.92 -22.28
N ASP N 78 -0.59 28.43 -23.16
CA ASP N 78 -0.56 28.00 -24.56
C ASP N 78 0.52 26.96 -24.80
N ALA N 79 0.67 26.01 -23.86
CA ALA N 79 1.35 24.76 -24.16
C ALA N 79 0.90 24.20 -25.50
N ASN N 80 -0.40 24.27 -25.75
CA ASN N 80 -1.00 23.96 -27.04
C ASN N 80 -1.28 25.27 -27.76
N LYS N 81 -0.57 25.50 -28.88
CA LYS N 81 -0.70 26.73 -29.65
C LYS N 81 -2.01 26.85 -30.40
N LEU N 82 -2.92 25.88 -30.27
CA LEU N 82 -4.29 26.13 -30.67
C LEU N 82 -4.89 27.25 -29.84
N GLY N 83 -4.41 27.42 -28.61
CA GLY N 83 -4.81 28.54 -27.81
C GLY N 83 -4.25 28.48 -26.43
N THR N 84 -5.08 28.63 -25.40
CA THR N 84 -4.59 28.86 -24.03
C THR N 84 -5.43 28.13 -23.01
N ILE N 85 -4.77 27.72 -21.93
CA ILE N 85 -5.40 27.19 -20.75
C ILE N 85 -5.59 28.33 -19.76
N ALA N 86 -6.56 28.18 -18.86
CA ALA N 86 -6.73 29.14 -17.78
C ALA N 86 -7.24 28.41 -16.56
N LEU N 87 -6.44 28.37 -15.50
CA LEU N 87 -6.91 27.86 -14.23
C LEU N 87 -7.86 28.85 -13.59
N LYS N 88 -8.89 28.32 -12.95
CA LYS N 88 -9.90 29.16 -12.34
C LYS N 88 -10.62 28.38 -11.23
N PRO N 89 -10.51 28.78 -9.95
CA PRO N 89 -9.65 29.79 -9.35
C PRO N 89 -8.20 29.36 -9.38
N ASP N 90 -7.33 30.35 -9.44
CA ASP N 90 -5.89 30.16 -9.60
C ASP N 90 -5.19 30.91 -8.46
N PRO N 91 -4.48 30.25 -7.54
CA PRO N 91 -4.25 28.80 -7.44
C PRO N 91 -5.43 28.02 -6.95
N ALA N 92 -5.55 26.86 -7.57
CA ALA N 92 -6.60 25.90 -7.27
C ALA N 92 -6.43 25.36 -5.86
N ASP N 93 -7.33 25.76 -4.98
CA ASP N 93 -7.36 25.27 -3.61
C ASP N 93 -8.18 23.99 -3.47
N GLY N 94 -8.95 23.63 -4.50
CA GLY N 94 -9.57 22.33 -4.58
C GLY N 94 -10.93 22.33 -3.92
N THR N 95 -11.02 22.94 -2.75
CA THR N 95 -12.33 23.16 -2.17
C THR N 95 -13.19 24.05 -3.06
N ALA N 96 -12.56 24.80 -3.96
CA ALA N 96 -13.27 25.42 -5.06
C ALA N 96 -13.45 24.41 -6.19
N ASP N 97 -14.55 24.57 -6.92
CA ASP N 97 -14.73 23.81 -8.14
C ASP N 97 -13.75 24.36 -9.16
N ILE N 98 -12.58 23.75 -9.20
CA ILE N 98 -11.53 24.25 -10.05
C ILE N 98 -11.95 24.06 -11.50
N THR N 99 -11.49 24.98 -12.34
CA THR N 99 -11.82 25.02 -13.74
C THR N 99 -10.54 25.10 -14.54
N LEU N 100 -10.47 24.31 -15.60
CA LEU N 100 -9.34 24.31 -16.52
C LEU N 100 -9.87 24.58 -17.91
N THR N 101 -9.88 25.85 -18.28
CA THR N 101 -10.14 26.25 -19.64
C THR N 101 -9.14 25.61 -20.58
N PHE N 102 -9.56 25.41 -21.82
CA PHE N 102 -8.63 25.52 -22.94
C PHE N 102 -9.31 26.28 -24.06
N THR N 103 -8.78 27.44 -24.35
CA THR N 103 -9.23 28.19 -25.51
C THR N 103 -8.52 27.69 -26.74
N MET N 104 -9.25 27.69 -27.86
CA MET N 104 -8.67 27.41 -29.17
C MET N 104 -8.48 28.70 -29.97
N GLY N 105 -7.64 29.58 -29.43
CA GLY N 105 -7.22 30.78 -30.12
C GLY N 105 -6.48 30.56 -31.43
N GLY N 106 -5.26 30.02 -31.36
CA GLY N 106 -4.47 29.79 -32.55
C GLY N 106 -4.97 28.66 -33.42
N ALA N 107 -6.23 28.76 -33.86
CA ALA N 107 -6.96 27.68 -34.48
C ALA N 107 -7.44 28.09 -35.87
N GLY N 108 -7.98 27.11 -36.60
CA GLY N 108 -8.50 27.35 -37.92
C GLY N 108 -9.68 28.29 -37.89
N PRO N 109 -10.13 28.75 -39.06
CA PRO N 109 -11.39 29.53 -39.10
C PRO N 109 -12.57 28.75 -38.56
N LYS N 110 -12.49 27.43 -38.54
CA LYS N 110 -13.57 26.58 -38.08
C LYS N 110 -13.38 26.10 -36.66
N ASN N 111 -12.34 26.54 -35.95
CA ASN N 111 -12.30 26.51 -34.50
C ASN N 111 -11.70 27.80 -33.97
N LYS N 112 -11.96 28.90 -34.64
CA LYS N 112 -11.26 30.13 -34.32
C LYS N 112 -11.72 30.65 -32.96
N GLY N 113 -11.31 29.97 -31.90
CA GLY N 113 -11.64 30.34 -30.54
C GLY N 113 -12.66 29.47 -29.84
N LYS N 114 -12.98 28.29 -30.37
CA LYS N 114 -13.98 27.43 -29.74
C LYS N 114 -13.36 26.80 -28.50
N ILE N 115 -13.67 27.36 -27.32
CA ILE N 115 -13.03 26.96 -26.08
C ILE N 115 -13.45 25.54 -25.72
N ILE N 116 -12.56 24.86 -25.01
CA ILE N 116 -12.83 23.58 -24.38
C ILE N 116 -12.38 23.77 -22.92
N THR N 117 -13.33 23.84 -22.00
CA THR N 117 -13.04 24.07 -20.59
C THR N 117 -13.49 22.89 -19.75
N LEU N 118 -12.77 22.70 -18.66
CA LEU N 118 -13.00 21.64 -17.69
C LEU N 118 -13.33 22.27 -16.36
N THR N 119 -14.11 21.57 -15.54
CA THR N 119 -14.37 22.06 -14.19
C THR N 119 -14.64 20.92 -13.23
N ARG N 120 -13.90 20.87 -12.13
CA ARG N 120 -14.08 19.79 -11.17
C ARG N 120 -15.14 20.15 -10.14
N THR N 121 -15.53 19.13 -9.37
CA THR N 121 -16.27 19.35 -8.14
C THR N 121 -15.28 19.38 -6.99
N ALA N 122 -15.60 20.12 -5.94
CA ALA N 122 -14.71 20.20 -4.79
C ALA N 122 -14.64 18.87 -4.04
N ALA N 123 -15.78 18.25 -3.75
CA ALA N 123 -15.81 16.95 -3.10
C ALA N 123 -15.71 15.81 -4.10
N ASP N 124 -15.97 16.06 -5.38
CA ASP N 124 -16.13 15.00 -6.34
C ASP N 124 -15.41 15.23 -7.67
N GLY N 125 -14.59 16.27 -7.79
CA GLY N 125 -13.40 16.23 -8.61
C GLY N 125 -13.60 16.07 -10.11
N LEU N 126 -14.71 15.50 -10.58
CA LEU N 126 -14.80 15.07 -11.96
C LEU N 126 -14.92 16.29 -12.85
N TRP N 127 -13.98 16.41 -13.77
CA TRP N 127 -13.89 17.61 -14.58
C TRP N 127 -15.04 17.67 -15.57
N LYS N 128 -15.77 18.77 -15.52
CA LYS N 128 -16.84 19.05 -16.46
C LYS N 128 -16.19 19.46 -17.76
N CYS N 129 -15.72 18.43 -18.45
CA CYS N 129 -14.81 18.56 -19.58
C CYS N 129 -15.66 18.73 -20.82
N THR N 130 -15.73 19.96 -21.32
CA THR N 130 -16.76 20.35 -22.25
C THR N 130 -16.16 21.27 -23.31
N SER N 131 -16.93 21.42 -24.38
CA SER N 131 -16.47 22.06 -25.59
C SER N 131 -17.54 22.98 -26.13
N ASP N 132 -17.12 23.87 -27.02
CA ASP N 132 -17.99 24.81 -27.68
C ASP N 132 -18.30 24.44 -29.11
N GLN N 133 -17.98 23.22 -29.52
CA GLN N 133 -17.92 22.89 -30.93
C GLN N 133 -19.21 22.21 -31.39
N ASP N 134 -19.30 21.97 -32.69
CA ASP N 134 -20.45 21.31 -33.31
C ASP N 134 -20.23 19.80 -33.34
N GLU N 135 -21.34 19.05 -33.47
CA GLU N 135 -21.26 17.59 -33.44
C GLU N 135 -20.29 17.07 -34.49
N GLN N 136 -20.23 17.73 -35.63
CA GLN N 136 -19.24 17.48 -36.66
C GLN N 136 -17.81 17.80 -36.20
N PHE N 137 -17.64 18.56 -35.12
CA PHE N 137 -16.35 19.05 -34.66
C PHE N 137 -15.85 18.44 -33.36
N ILE N 138 -16.71 17.77 -32.59
CA ILE N 138 -16.54 17.69 -31.13
C ILE N 138 -15.21 17.08 -30.73
N PRO N 139 -14.66 17.48 -29.56
CA PRO N 139 -13.58 16.67 -28.99
C PRO N 139 -14.15 15.35 -28.54
N LYS N 140 -13.91 14.32 -29.33
CA LYS N 140 -14.40 13.00 -28.98
C LYS N 140 -13.48 12.43 -27.92
N GLY N 141 -14.07 11.87 -26.87
CA GLY N 141 -13.42 11.78 -25.59
C GLY N 141 -14.28 12.37 -24.50
N CYS N 142 -13.90 13.54 -23.98
CA CYS N 142 -14.75 14.24 -23.03
C CYS N 142 -16.11 14.54 -23.66
N SER N 143 -17.02 14.94 -22.79
CA SER N 143 -18.33 15.37 -23.26
C SER N 143 -18.19 16.64 -24.09
N ARG N 144 -19.16 16.86 -24.96
CA ARG N 144 -19.07 17.89 -25.99
C ARG N 144 -19.10 19.31 -25.46
N PHE O 1 -2.25 30.78 -94.59
CA PHE O 1 -3.35 30.06 -93.90
C PHE O 1 -2.88 29.49 -92.59
N THR O 2 -1.57 29.25 -92.47
CA THR O 2 -1.02 28.73 -91.23
C THR O 2 -1.02 29.76 -90.12
N LEU O 3 -1.11 31.05 -90.48
CA LEU O 3 -1.03 32.12 -89.50
C LEU O 3 -2.03 31.94 -88.37
N ILE O 4 -3.19 31.36 -88.67
CA ILE O 4 -4.26 31.22 -87.69
C ILE O 4 -3.97 30.04 -86.74
N GLU O 5 -3.49 28.93 -87.30
CA GLU O 5 -2.93 27.85 -86.51
C GLU O 5 -1.90 28.40 -85.54
N LEU O 6 -1.09 29.34 -86.00
CA LEU O 6 -0.20 29.94 -85.04
C LEU O 6 -0.93 30.84 -84.07
N MET O 7 -2.03 31.48 -84.46
CA MET O 7 -2.71 32.37 -83.51
C MET O 7 -3.06 31.63 -82.26
N ILE O 8 -3.62 30.43 -82.40
CA ILE O 8 -3.83 29.67 -81.19
C ILE O 8 -2.50 29.42 -80.53
N VAL O 9 -1.46 29.08 -81.30
CA VAL O 9 -0.24 28.65 -80.62
C VAL O 9 0.41 29.81 -79.85
N VAL O 10 0.34 31.02 -80.39
CA VAL O 10 0.74 32.22 -79.65
C VAL O 10 -0.04 32.30 -78.36
N ALA O 11 -1.35 32.11 -78.45
CA ALA O 11 -2.17 32.06 -77.25
C ALA O 11 -1.63 31.01 -76.29
N ILE O 12 -1.53 29.75 -76.75
CA ILE O 12 -1.18 28.58 -75.94
C ILE O 12 0.06 28.86 -75.13
N ILE O 13 1.09 29.41 -75.78
CA ILE O 13 2.26 29.88 -75.04
C ILE O 13 1.82 30.82 -73.94
N GLY O 14 0.87 31.70 -74.27
CA GLY O 14 0.46 32.71 -73.31
C GLY O 14 -0.21 32.15 -72.07
N ILE O 15 -1.17 31.23 -72.23
CA ILE O 15 -2.24 31.14 -71.22
C ILE O 15 -1.69 30.68 -69.88
N LEU O 16 -0.59 29.93 -69.87
CA LEU O 16 -0.07 29.33 -68.65
C LEU O 16 0.14 30.39 -67.57
N ALA O 17 -0.58 30.26 -66.45
CA ALA O 17 -0.83 31.40 -65.56
C ALA O 17 -0.73 31.04 -64.08
N ALA O 18 -0.02 29.96 -63.73
CA ALA O 18 0.20 29.65 -62.32
C ALA O 18 1.60 29.07 -62.10
N ILE O 19 2.60 29.53 -62.85
CA ILE O 19 3.86 28.80 -62.99
C ILE O 19 4.73 28.99 -61.76
N ALA O 20 5.20 30.22 -61.56
CA ALA O 20 6.20 30.44 -60.53
C ALA O 20 5.48 30.59 -59.21
N ILE O 21 5.39 29.49 -58.48
CA ILE O 21 4.87 29.49 -57.11
C ILE O 21 6.11 29.31 -56.24
N PRO O 22 6.83 30.37 -55.97
CA PRO O 22 8.07 30.29 -55.20
C PRO O 22 7.86 29.83 -53.78
N GLN O 23 6.97 30.52 -53.07
CA GLN O 23 6.68 30.28 -51.65
C GLN O 23 5.86 29.02 -51.48
N TYR O 24 5.65 28.30 -52.57
CA TYR O 24 5.60 26.86 -52.49
C TYR O 24 6.82 26.41 -51.69
N GLN O 25 8.03 26.83 -52.11
CA GLN O 25 9.27 26.52 -51.37
C GLN O 25 9.21 26.93 -49.91
N ASN O 26 8.30 27.82 -49.55
CA ASN O 26 8.21 28.36 -48.22
C ASN O 26 7.09 27.74 -47.38
N TYR O 27 6.04 27.14 -48.00
CA TYR O 27 5.31 26.13 -47.24
C TYR O 27 6.09 24.85 -47.14
N VAL O 28 6.81 24.50 -48.20
CA VAL O 28 7.86 23.50 -48.09
C VAL O 28 8.76 23.86 -46.94
N ALA O 29 9.09 25.14 -46.79
CA ALA O 29 9.96 25.54 -45.69
C ALA O 29 9.28 25.31 -44.35
N ARG O 30 7.98 25.60 -44.27
CA ARG O 30 7.26 25.35 -43.03
C ARG O 30 7.19 23.86 -42.75
N SER O 31 6.99 23.08 -43.79
CA SER O 31 7.00 21.63 -43.67
C SER O 31 8.35 21.17 -43.19
N GLU O 32 9.39 21.80 -43.70
CA GLU O 32 10.74 21.38 -43.38
C GLU O 32 11.10 21.77 -41.96
N GLY O 33 10.48 22.83 -41.44
CA GLY O 33 10.78 23.33 -40.12
C GLY O 33 9.97 22.63 -39.04
N ALA O 34 8.66 22.56 -39.24
CA ALA O 34 7.82 21.80 -38.33
C ALA O 34 8.19 20.34 -38.38
N SER O 35 8.29 19.79 -39.57
CA SER O 35 8.71 18.42 -39.71
C SER O 35 10.17 18.25 -39.33
N ALA O 36 10.91 19.36 -39.22
CA ALA O 36 12.18 19.31 -38.51
C ALA O 36 11.98 19.20 -37.01
N LEU O 37 10.86 19.68 -36.47
CA LEU O 37 10.55 19.40 -35.08
C LEU O 37 10.15 17.95 -34.88
N ALA O 38 9.45 17.38 -35.88
CA ALA O 38 9.06 15.99 -35.79
C ALA O 38 10.24 15.08 -35.56
N SER O 39 11.40 15.44 -36.11
CA SER O 39 12.58 14.62 -35.97
C SER O 39 13.02 14.50 -34.51
N VAL O 40 12.85 15.59 -33.74
CA VAL O 40 13.44 15.67 -32.40
C VAL O 40 12.45 15.39 -31.29
N ASN O 41 11.14 15.44 -31.57
CA ASN O 41 10.18 15.50 -30.49
C ASN O 41 10.19 14.32 -29.54
N PRO O 42 10.37 13.08 -29.96
CA PRO O 42 10.56 12.00 -28.97
C PRO O 42 11.91 12.01 -28.30
N LEU O 43 12.82 12.91 -28.70
CA LEU O 43 14.11 13.01 -28.04
C LEU O 43 14.10 14.00 -26.90
N LYS O 44 13.22 14.99 -26.93
CA LYS O 44 12.75 15.61 -25.70
C LYS O 44 12.39 14.51 -24.73
N THR O 45 11.45 13.67 -25.16
CA THR O 45 10.92 12.58 -24.38
C THR O 45 12.00 11.58 -23.99
N THR O 46 13.13 11.54 -24.70
CA THR O 46 14.21 10.59 -24.46
C THR O 46 15.22 11.11 -23.43
N VAL O 47 15.64 12.36 -23.60
CA VAL O 47 16.42 13.02 -22.56
C VAL O 47 15.68 12.87 -21.23
N GLU O 48 14.40 13.24 -21.24
CA GLU O 48 13.59 13.05 -20.05
C GLU O 48 13.32 11.59 -19.75
N GLU O 49 13.41 10.71 -20.74
CA GLU O 49 13.20 9.29 -20.51
C GLU O 49 14.24 8.83 -19.50
N ALA O 50 15.48 8.76 -19.94
CA ALA O 50 16.42 8.06 -19.07
C ALA O 50 16.85 8.94 -17.92
N LEU O 51 16.84 10.27 -18.08
CA LEU O 51 17.07 11.11 -16.91
C LEU O 51 15.98 10.91 -15.88
N SER O 52 14.74 10.70 -16.36
CA SER O 52 13.64 10.41 -15.46
C SER O 52 13.70 8.99 -14.93
N ARG O 53 14.65 8.18 -15.38
CA ARG O 53 14.89 6.90 -14.74
C ARG O 53 15.94 6.96 -13.63
N GLY O 54 17.03 7.71 -13.85
CA GLY O 54 18.23 7.56 -13.04
C GLY O 54 19.46 7.32 -13.89
N TRP O 55 19.41 7.77 -15.14
CA TRP O 55 20.37 7.36 -16.16
C TRP O 55 20.62 8.55 -17.09
N SER O 56 21.87 8.82 -17.44
CA SER O 56 22.16 9.90 -18.37
C SER O 56 21.83 9.44 -19.79
N VAL O 57 22.05 10.32 -20.77
CA VAL O 57 21.62 10.06 -22.15
C VAL O 57 22.71 10.57 -23.10
N LYS O 58 23.31 9.67 -23.87
CA LYS O 58 24.17 10.06 -24.97
C LYS O 58 23.36 10.28 -26.24
N SER O 59 24.00 10.94 -27.20
CA SER O 59 23.49 10.95 -28.56
C SER O 59 24.08 9.77 -29.33
N GLY O 60 23.27 9.23 -30.21
CA GLY O 60 23.52 7.95 -30.83
C GLY O 60 22.50 6.93 -30.37
N THR O 61 22.70 5.70 -30.84
CA THR O 61 21.82 4.59 -30.58
C THR O 61 22.57 3.50 -29.83
N GLY O 62 21.94 2.34 -29.71
CA GLY O 62 22.54 1.16 -29.14
C GLY O 62 21.68 0.59 -28.04
N THR O 63 22.20 -0.45 -27.41
CA THR O 63 21.63 -0.87 -26.15
C THR O 63 21.81 0.25 -25.14
N GLU O 64 21.14 0.10 -24.02
CA GLU O 64 21.35 1.03 -22.94
C GLU O 64 22.77 0.93 -22.44
N ASP O 65 23.34 2.08 -22.14
CA ASP O 65 24.57 2.15 -21.37
C ASP O 65 24.20 1.92 -19.91
N ALA O 66 23.67 0.73 -19.62
CA ALA O 66 22.91 0.45 -18.40
C ALA O 66 23.78 -0.06 -17.27
N THR O 67 25.10 -0.08 -17.45
CA THR O 67 26.03 -0.18 -16.33
C THR O 67 26.76 1.14 -16.12
N LYS O 68 26.33 2.20 -16.82
CA LYS O 68 27.17 3.35 -17.06
C LYS O 68 26.55 4.67 -16.63
N LYS O 69 25.40 4.66 -15.97
CA LYS O 69 24.63 5.87 -15.73
C LYS O 69 24.49 6.67 -17.02
N GLU O 70 23.96 5.99 -18.02
CA GLU O 70 23.88 6.53 -19.37
C GLU O 70 22.89 5.68 -20.16
N VAL O 71 22.34 6.29 -21.21
CA VAL O 71 21.45 5.59 -22.15
C VAL O 71 21.67 6.25 -23.51
N PRO O 72 21.33 5.64 -24.64
CA PRO O 72 21.33 6.39 -25.90
C PRO O 72 20.25 7.45 -25.94
N LEU O 73 20.47 8.45 -26.80
CA LEU O 73 19.33 9.19 -27.33
C LEU O 73 18.52 8.33 -28.29
N GLY O 74 19.11 7.26 -28.81
CA GLY O 74 18.44 6.48 -29.84
C GLY O 74 18.16 7.30 -31.08
N VAL O 75 19.16 8.02 -31.58
CA VAL O 75 19.00 8.82 -32.79
C VAL O 75 20.35 8.92 -33.50
N ALA O 76 20.29 8.90 -34.83
CA ALA O 76 21.38 9.36 -35.68
C ALA O 76 21.07 10.80 -36.04
N ALA O 77 22.09 11.67 -35.91
CA ALA O 77 21.89 13.13 -35.96
C ALA O 77 21.06 13.56 -37.16
N ASP O 78 21.36 13.01 -38.33
CA ASP O 78 20.58 13.27 -39.54
C ASP O 78 19.56 12.18 -39.81
N ALA O 79 18.91 11.70 -38.74
CA ALA O 79 17.66 10.97 -38.90
C ALA O 79 16.74 11.68 -39.88
N ASN O 80 16.68 13.00 -39.78
CA ASN O 80 16.01 13.87 -40.73
C ASN O 80 17.06 14.48 -41.66
N LYS O 81 17.02 14.10 -42.94
CA LYS O 81 17.99 14.56 -43.93
C LYS O 81 17.83 16.02 -44.28
N LEU O 82 16.89 16.75 -43.68
CA LEU O 82 16.97 18.19 -43.74
C LEU O 82 18.24 18.69 -43.07
N GLY O 83 18.75 17.94 -42.11
CA GLY O 83 20.03 18.26 -41.52
C GLY O 83 20.36 17.35 -40.38
N THR O 84 20.75 17.91 -39.23
CA THR O 84 21.34 17.13 -38.16
C THR O 84 20.88 17.59 -36.78
N ILE O 85 20.81 16.63 -35.87
CA ILE O 85 20.58 16.87 -34.46
C ILE O 85 21.93 16.95 -33.78
N ALA O 86 21.97 17.63 -32.63
CA ALA O 86 23.18 17.63 -31.82
C ALA O 86 22.79 17.73 -30.35
N LEU O 87 23.07 16.68 -29.59
CA LEU O 87 22.90 16.75 -28.15
C LEU O 87 23.98 17.61 -27.54
N LYS O 88 23.59 18.39 -26.54
CA LYS O 88 24.50 19.30 -25.88
C LYS O 88 24.02 19.61 -24.48
N PRO O 89 24.75 19.23 -23.41
CA PRO O 89 25.93 18.37 -23.33
C PRO O 89 25.56 16.94 -23.65
N ASP O 90 26.55 16.23 -24.19
CA ASP O 90 26.40 14.87 -24.68
C ASP O 90 27.45 13.99 -24.01
N PRO O 91 27.09 13.01 -23.18
CA PRO O 91 25.75 12.59 -22.80
C PRO O 91 25.06 13.51 -21.83
N ALA O 92 23.78 13.65 -22.09
CA ALA O 92 22.88 14.46 -21.29
C ALA O 92 22.74 13.88 -19.90
N ASP O 93 23.32 14.57 -18.92
CA ASP O 93 23.21 14.19 -17.52
C ASP O 93 21.99 14.79 -16.86
N GLY O 94 21.33 15.74 -17.51
CA GLY O 94 20.02 16.21 -17.09
C GLY O 94 20.13 17.34 -16.11
N THR O 95 21.03 17.21 -15.14
CA THR O 95 21.32 18.35 -14.29
C THR O 95 21.91 19.50 -15.11
N ALA O 96 22.42 19.23 -16.29
CA ALA O 96 22.68 20.25 -17.28
C ALA O 96 21.41 20.59 -18.03
N ASP O 97 21.31 21.85 -18.45
CA ASP O 97 20.25 22.24 -19.35
C ASP O 97 20.56 21.63 -20.69
N ILE O 98 20.01 20.44 -20.91
CA ILE O 98 20.31 19.70 -22.12
C ILE O 98 19.73 20.46 -23.29
N THR O 99 20.40 20.33 -24.43
CA THR O 99 20.05 21.01 -25.65
C THR O 99 19.99 19.99 -26.78
N LEU O 100 18.94 20.10 -27.59
CA LEU O 100 18.75 19.24 -28.74
C LEU O 100 18.61 20.14 -29.95
N THR O 101 19.73 20.39 -30.61
CA THR O 101 19.75 21.03 -31.90
C THR O 101 18.93 20.23 -32.90
N PHE O 102 18.39 20.93 -33.88
CA PHE O 102 18.24 20.34 -35.20
C PHE O 102 18.63 21.36 -36.24
N THR O 103 19.70 21.06 -36.95
CA THR O 103 20.09 21.87 -38.08
C THR O 103 19.32 21.44 -39.30
N MET O 104 18.98 22.42 -40.14
CA MET O 104 18.39 22.17 -41.46
C MET O 104 19.43 22.36 -42.55
N GLY O 105 20.45 21.51 -42.51
CA GLY O 105 21.45 21.42 -43.55
C GLY O 105 20.92 21.01 -44.92
N GLY O 106 20.48 19.76 -45.06
CA GLY O 106 19.98 19.28 -46.34
C GLY O 106 18.64 19.85 -46.72
N ALA O 107 18.55 21.17 -46.82
CA ALA O 107 17.31 21.91 -46.92
C ALA O 107 17.32 22.78 -48.18
N GLY O 108 16.16 23.36 -48.48
CA GLY O 108 16.01 24.22 -49.63
C GLY O 108 16.86 25.46 -49.49
N PRO O 109 16.97 26.25 -50.57
CA PRO O 109 17.65 27.54 -50.45
C PRO O 109 17.00 28.45 -49.44
N LYS O 110 15.73 28.23 -49.11
CA LYS O 110 14.98 29.04 -48.18
C LYS O 110 14.91 28.44 -46.79
N ASN O 111 15.58 27.31 -46.55
CA ASN O 111 15.94 26.90 -45.18
C ASN O 111 17.34 26.34 -45.17
N LYS O 112 18.20 26.89 -46.00
CA LYS O 112 19.51 26.28 -46.19
C LYS O 112 20.35 26.45 -44.93
N GLY O 113 20.00 25.70 -43.88
CA GLY O 113 20.71 25.72 -42.62
C GLY O 113 20.01 26.43 -41.48
N LYS O 114 18.71 26.72 -41.60
CA LYS O 114 18.00 27.42 -40.52
C LYS O 114 17.76 26.44 -39.38
N ILE O 115 18.60 26.51 -38.34
CA ILE O 115 18.57 25.52 -37.27
C ILE O 115 17.29 25.67 -36.47
N ILE O 116 16.86 24.55 -35.89
CA ILE O 116 15.80 24.50 -34.91
C ILE O 116 16.37 23.72 -33.73
N THR O 117 16.64 24.41 -32.63
CA THR O 117 17.27 23.81 -31.45
C THR O 117 16.33 23.89 -30.26
N LEU O 118 16.47 22.89 -29.40
CA LEU O 118 15.70 22.74 -28.18
C LEU O 118 16.64 22.80 -27.00
N THR O 119 16.15 23.25 -25.85
CA THR O 119 16.97 23.22 -24.65
C THR O 119 16.12 23.10 -23.40
N ARG O 120 16.39 22.11 -22.56
CA ARG O 120 15.60 21.91 -21.37
C ARG O 120 16.16 22.70 -20.21
N THR O 121 15.38 22.78 -19.13
CA THR O 121 15.89 23.20 -17.83
C THR O 121 16.26 21.96 -17.04
N ALA O 122 17.24 22.09 -16.15
CA ALA O 122 17.66 20.95 -15.35
C ALA O 122 16.59 20.53 -14.35
N ALA O 123 16.02 21.48 -13.62
CA ALA O 123 14.94 21.19 -12.70
C ALA O 123 13.58 21.22 -13.36
N ASP O 124 13.47 21.83 -14.55
CA ASP O 124 12.18 22.11 -15.15
C ASP O 124 12.08 21.76 -16.63
N GLY O 125 13.09 21.13 -17.21
CA GLY O 125 12.88 20.19 -18.30
C GLY O 125 12.33 20.75 -19.61
N LEU O 126 11.59 21.86 -19.59
CA LEU O 126 10.81 22.25 -20.75
C LEU O 126 11.75 22.73 -21.84
N TRP O 127 11.66 22.08 -22.99
CA TRP O 127 12.59 22.34 -24.05
C TRP O 127 12.34 23.69 -24.67
N LYS O 128 13.38 24.51 -24.70
CA LYS O 128 13.35 25.81 -25.34
C LYS O 128 13.42 25.56 -26.83
N CYS O 129 12.27 25.16 -27.35
CA CYS O 129 12.13 24.60 -28.68
C CYS O 129 11.93 25.75 -29.64
N THR O 130 12.98 26.08 -30.39
CA THR O 130 13.06 27.36 -31.07
C THR O 130 13.68 27.16 -32.44
N SER O 131 13.52 28.18 -33.26
CA SER O 131 13.83 28.12 -34.67
C SER O 131 14.51 29.40 -35.09
N ASP O 132 15.15 29.32 -36.26
CA ASP O 132 15.85 30.44 -36.86
C ASP O 132 15.09 31.05 -38.02
N GLN O 133 13.82 30.71 -38.19
CA GLN O 133 13.14 30.96 -39.44
C GLN O 133 12.29 32.24 -39.34
N ASP O 134 11.70 32.63 -40.47
CA ASP O 134 10.85 33.81 -40.57
C ASP O 134 9.40 33.44 -40.29
N GLU O 135 8.59 34.44 -39.91
CA GLU O 135 7.19 34.19 -39.56
C GLU O 135 6.47 33.46 -40.67
N GLN O 136 6.79 33.78 -41.91
CA GLN O 136 6.33 33.05 -43.08
C GLN O 136 6.84 31.60 -43.12
N PHE O 137 7.87 31.26 -42.35
CA PHE O 137 8.52 29.95 -42.40
C PHE O 137 8.30 29.08 -41.18
N ILE O 138 7.82 29.62 -40.06
CA ILE O 138 8.14 29.09 -38.73
C ILE O 138 7.73 27.63 -38.57
N PRO O 139 8.44 26.85 -37.74
CA PRO O 139 7.87 25.58 -37.30
C PRO O 139 6.69 25.86 -36.41
N LYS O 140 5.49 25.71 -36.96
CA LYS O 140 4.30 25.94 -36.17
C LYS O 140 4.08 24.71 -35.30
N GLY O 141 3.79 24.95 -34.03
CA GLY O 141 4.07 23.99 -32.99
C GLY O 141 4.90 24.60 -31.89
N CYS O 142 6.18 24.24 -31.81
CA CYS O 142 7.06 24.90 -30.86
C CYS O 142 7.12 26.40 -31.13
N SER O 143 7.70 27.12 -30.17
CA SER O 143 7.92 28.54 -30.36
C SER O 143 8.93 28.76 -31.48
N ARG O 144 8.86 29.94 -32.07
CA ARG O 144 9.58 30.23 -33.30
C ARG O 144 11.09 30.29 -33.15
N PHE P 1 4.50 32.98 -104.87
CA PHE P 1 3.93 33.77 -103.75
C PHE P 1 3.76 32.91 -102.52
N THR P 2 3.61 31.60 -102.71
CA THR P 2 3.47 30.69 -101.59
C THR P 2 4.76 30.54 -100.80
N LEU P 3 5.90 30.87 -101.42
CA LEU P 3 7.20 30.68 -100.80
C LEU P 3 7.27 31.32 -99.43
N ILE P 4 6.58 32.45 -99.25
CA ILE P 4 6.65 33.20 -98.01
C ILE P 4 5.79 32.55 -96.92
N GLU P 5 4.59 32.10 -97.30
CA GLU P 5 3.78 31.23 -96.45
C GLU P 5 4.62 30.07 -95.97
N LEU P 6 5.44 29.52 -96.85
CA LEU P 6 6.32 28.49 -96.35
C LEU P 6 7.41 29.04 -95.47
N MET P 7 7.87 30.28 -95.68
CA MET P 7 8.94 30.79 -94.83
C MET P 7 8.55 30.73 -93.39
N ILE P 8 7.33 31.16 -93.08
CA ILE P 8 6.91 30.96 -91.70
C ILE P 8 6.92 29.49 -91.40
N VAL P 9 6.43 28.64 -92.31
CA VAL P 9 6.25 27.25 -91.92
C VAL P 9 7.61 26.57 -91.66
N VAL P 10 8.63 26.92 -92.44
CA VAL P 10 10.00 26.49 -92.16
C VAL P 10 10.39 26.91 -90.76
N ALA P 11 10.11 28.18 -90.43
CA ALA P 11 10.34 28.65 -89.08
C ALA P 11 9.62 27.78 -88.07
N ILE P 12 8.29 27.64 -88.23
CA ILE P 12 7.40 26.96 -87.30
C ILE P 12 7.94 25.60 -86.94
N ILE P 13 8.34 24.84 -87.96
CA ILE P 13 9.05 23.58 -87.72
C ILE P 13 10.23 23.84 -86.80
N GLY P 14 10.95 24.94 -87.06
CA GLY P 14 12.15 25.20 -86.30
C GLY P 14 11.91 25.47 -84.83
N ILE P 15 10.94 26.33 -84.49
CA ILE P 15 11.06 27.09 -83.23
C ILE P 15 11.01 26.17 -82.02
N LEU P 16 10.34 25.01 -82.14
CA LEU P 16 10.11 24.13 -81.00
C LEU P 16 11.43 23.79 -80.31
N ALA P 17 11.57 24.18 -79.03
CA ALA P 17 12.89 24.33 -78.41
C ALA P 17 12.95 23.82 -76.98
N ALA P 18 12.04 22.92 -76.59
CA ALA P 18 12.13 22.30 -75.27
C ALA P 18 11.69 20.85 -75.30
N ILE P 19 11.97 20.14 -76.39
CA ILE P 19 11.31 18.86 -76.69
C ILE P 19 11.86 17.74 -75.83
N ALA P 20 13.11 17.39 -76.07
CA ALA P 20 13.65 16.19 -75.45
C ALA P 20 14.11 16.57 -74.05
N ILE P 21 13.24 16.34 -73.08
CA ILE P 21 13.58 16.49 -71.66
C ILE P 21 13.71 15.06 -71.16
N PRO P 22 14.84 14.43 -71.35
CA PRO P 22 15.02 13.02 -70.96
C PRO P 22 14.94 12.82 -69.47
N GLN P 23 15.76 13.57 -68.73
CA GLN P 23 15.89 13.47 -67.29
C GLN P 23 14.67 14.06 -66.59
N TYR P 24 13.69 14.45 -67.36
CA TYR P 24 12.32 14.31 -66.92
C TYR P 24 12.17 12.89 -66.41
N GLN P 25 12.50 11.88 -67.23
CA GLN P 25 12.47 10.47 -66.81
C GLN P 25 13.25 10.20 -65.54
N ASN P 26 14.16 11.10 -65.17
CA ASN P 26 15.03 10.90 -64.04
C ASN P 26 14.60 11.69 -62.80
N TYR P 27 13.81 12.78 -62.94
CA TYR P 27 13.01 13.18 -61.78
C TYR P 27 11.84 12.25 -61.60
N VAL P 28 11.25 11.78 -62.70
CA VAL P 28 10.36 10.64 -62.64
C VAL P 28 11.06 9.51 -61.90
N ALA P 29 12.34 9.31 -62.17
CA ALA P 29 13.07 8.25 -61.48
C ALA P 29 13.17 8.54 -59.99
N ARG P 30 13.41 9.79 -59.63
CA ARG P 30 13.46 10.14 -58.22
C ARG P 30 12.11 9.96 -57.57
N SER P 31 11.07 10.33 -58.29
CA SER P 31 9.71 10.12 -57.83
C SER P 31 9.45 8.64 -57.64
N GLU P 32 9.98 7.85 -58.56
CA GLU P 32 9.72 6.42 -58.53
C GLU P 32 10.50 5.76 -57.40
N GLY P 33 11.62 6.36 -57.01
CA GLY P 33 12.47 5.79 -55.98
C GLY P 33 12.04 6.20 -54.59
N ALA P 34 11.86 7.51 -54.40
CA ALA P 34 11.34 7.99 -53.13
C ALA P 34 9.93 7.48 -52.91
N SER P 35 9.10 7.63 -53.92
CA SER P 35 7.75 7.09 -53.84
C SER P 35 7.77 5.57 -53.84
N ALA P 36 8.90 4.97 -54.22
CA ALA P 36 9.10 3.56 -53.89
C ALA P 36 9.38 3.36 -52.41
N LEU P 37 9.93 4.36 -51.72
CA LEU P 37 10.02 4.26 -50.27
C LEU P 37 8.66 4.44 -49.63
N ALA P 38 7.82 5.29 -50.22
CA ALA P 38 6.47 5.49 -49.70
C ALA P 38 5.72 4.18 -49.58
N SER P 39 5.97 3.26 -50.50
CA SER P 39 5.27 1.98 -50.49
C SER P 39 5.58 1.18 -49.23
N VAL P 40 6.81 1.27 -48.73
CA VAL P 40 7.29 0.38 -47.67
C VAL P 40 7.26 1.01 -46.30
N ASN P 41 7.17 2.33 -46.22
CA ASN P 41 7.47 3.01 -44.96
C ASN P 41 6.60 2.62 -43.78
N PRO P 42 5.28 2.40 -43.92
CA PRO P 42 4.53 1.85 -42.79
C PRO P 42 4.78 0.38 -42.54
N LEU P 43 5.58 -0.29 -43.38
CA LEU P 43 5.92 -1.68 -43.15
C LEU P 43 7.17 -1.85 -42.32
N LYS P 44 8.07 -0.88 -42.36
CA LYS P 44 8.97 -0.67 -41.24
C LYS P 44 8.17 -0.69 -39.96
N THR P 45 7.20 0.22 -39.90
CA THR P 45 6.33 0.40 -38.77
C THR P 45 5.52 -0.85 -38.46
N THR P 46 5.35 -1.76 -39.42
CA THR P 46 4.55 -2.97 -39.26
C THR P 46 5.37 -4.14 -38.71
N VAL P 47 6.55 -4.35 -39.28
CA VAL P 47 7.51 -5.28 -38.69
C VAL P 47 7.68 -4.93 -37.22
N GLU P 48 7.98 -3.65 -36.96
CA GLU P 48 8.06 -3.21 -35.59
C GLU P 48 6.72 -3.19 -34.87
N GLU P 49 5.62 -3.13 -35.61
CA GLU P 49 4.30 -3.16 -34.99
C GLU P 49 4.17 -4.46 -34.23
N ALA P 50 4.06 -5.56 -34.96
CA ALA P 50 3.66 -6.75 -34.24
C ALA P 50 4.83 -7.35 -33.50
N LEU P 51 6.07 -7.15 -33.97
CA LEU P 51 7.19 -7.57 -33.15
C LEU P 51 7.23 -6.80 -31.85
N SER P 52 6.84 -5.52 -31.90
CA SER P 52 6.75 -4.73 -30.69
C SER P 52 5.53 -5.07 -29.86
N ARG P 53 4.67 -5.98 -30.35
CA ARG P 53 3.62 -6.52 -29.51
C ARG P 53 4.03 -7.79 -28.78
N GLY P 54 4.74 -8.70 -29.46
CA GLY P 54 4.87 -10.08 -29.01
C GLY P 54 4.47 -11.07 -30.07
N TRP P 55 4.56 -10.65 -31.33
CA TRP P 55 3.95 -11.37 -32.44
C TRP P 55 4.86 -11.23 -33.67
N SER P 56 5.07 -12.32 -34.41
CA SER P 56 5.89 -12.22 -35.61
C SER P 56 5.04 -11.61 -36.73
N VAL P 57 5.64 -11.47 -37.92
CA VAL P 57 5.01 -10.74 -39.02
C VAL P 57 5.30 -11.48 -40.32
N LYS P 58 4.25 -11.96 -40.98
CA LYS P 58 4.38 -12.47 -42.34
C LYS P 58 4.21 -11.35 -43.36
N SER P 59 4.62 -11.62 -44.59
CA SER P 59 4.24 -10.81 -45.72
C SER P 59 2.94 -11.32 -46.30
N GLY P 60 2.13 -10.37 -46.77
CA GLY P 60 0.74 -10.60 -47.10
C GLY P 60 -0.16 -9.87 -46.13
N THR P 61 -1.45 -10.08 -46.33
CA THR P 61 -2.50 -9.42 -45.58
C THR P 61 -3.31 -10.47 -44.82
N GLY P 62 -4.43 -10.03 -44.25
CA GLY P 62 -5.39 -10.90 -43.60
C GLY P 62 -5.67 -10.42 -42.20
N THR P 63 -6.49 -11.19 -41.50
CA THR P 63 -6.58 -11.02 -40.07
C THR P 63 -5.23 -11.31 -39.45
N GLU P 64 -5.11 -10.97 -38.19
CA GLU P 64 -3.91 -11.34 -37.48
C GLU P 64 -3.81 -12.85 -37.37
N ASP P 65 -2.59 -13.33 -37.54
CA ASP P 65 -2.26 -14.69 -37.17
C ASP P 65 -2.11 -14.74 -35.66
N ALA P 66 -3.20 -14.43 -34.95
CA ALA P 66 -3.18 -14.06 -33.55
C ALA P 66 -3.33 -15.23 -32.61
N THR P 67 -3.34 -16.45 -33.13
CA THR P 67 -3.08 -17.63 -32.32
C THR P 67 -1.72 -18.23 -32.65
N LYS P 68 -0.91 -17.53 -33.44
CA LYS P 68 0.18 -18.14 -34.18
C LYS P 68 1.53 -17.50 -33.92
N LYS P 69 1.63 -16.55 -32.99
CA LYS P 69 2.83 -15.74 -32.85
C LYS P 69 3.25 -15.18 -34.21
N GLU P 70 2.30 -14.51 -34.83
CA GLU P 70 2.45 -14.02 -36.19
C GLU P 70 1.39 -12.97 -36.45
N VAL P 71 1.65 -12.11 -37.42
CA VAL P 71 0.70 -11.09 -37.88
C VAL P 71 0.99 -10.89 -39.37
N PRO P 72 0.07 -10.34 -40.17
CA PRO P 72 0.45 -9.94 -41.53
C PRO P 72 1.42 -8.77 -41.53
N LEU P 73 2.17 -8.64 -42.63
CA LEU P 73 2.68 -7.33 -43.00
C LEU P 73 1.55 -6.41 -43.45
N GLY P 74 0.41 -6.97 -43.84
CA GLY P 74 -0.63 -6.15 -44.42
C GLY P 74 -0.21 -5.47 -45.70
N VAL P 75 0.41 -6.23 -46.62
CA VAL P 75 0.85 -5.67 -47.89
C VAL P 75 0.82 -6.77 -48.95
N ALA P 76 0.44 -6.38 -50.16
CA ALA P 76 0.71 -7.15 -51.36
C ALA P 76 1.99 -6.60 -51.97
N ALA P 77 2.91 -7.51 -52.34
CA ALA P 77 4.29 -7.13 -52.68
C ALA P 77 4.35 -5.99 -53.68
N ASP P 78 3.52 -6.04 -54.71
CA ASP P 78 3.42 -4.96 -55.69
C ASP P 78 2.25 -4.03 -55.39
N ALA P 79 2.02 -3.74 -54.10
CA ALA P 79 1.21 -2.58 -53.73
C ALA P 79 1.59 -1.36 -54.56
N ASN P 80 2.89 -1.18 -54.77
CA ASN P 80 3.44 -0.19 -55.69
C ASN P 80 3.84 -0.89 -56.98
N LYS P 81 3.13 -0.57 -58.07
CA LYS P 81 3.35 -1.20 -59.37
C LYS P 81 4.66 -0.80 -60.02
N LEU P 82 5.48 0.05 -59.37
CA LEU P 82 6.85 0.16 -59.80
C LEU P 82 7.57 -1.17 -59.65
N GLY P 83 7.14 -2.00 -58.71
CA GLY P 83 7.66 -3.34 -58.60
C GLY P 83 7.10 -4.06 -57.40
N THR P 84 7.97 -4.65 -56.58
CA THR P 84 7.53 -5.59 -55.55
C THR P 84 8.31 -5.43 -54.26
N ILE P 85 7.64 -5.71 -53.16
CA ILE P 85 8.23 -5.82 -51.85
C ILE P 85 8.55 -7.28 -51.59
N ALA P 86 9.52 -7.53 -50.71
CA ALA P 86 9.78 -8.89 -50.28
C ALA P 86 10.25 -8.87 -48.84
N LEU P 87 9.46 -9.46 -47.95
CA LEU P 87 9.91 -9.65 -46.58
C LEU P 87 10.96 -10.75 -46.52
N LYS P 88 11.94 -10.53 -45.68
CA LYS P 88 13.05 -11.47 -45.54
C LYS P 88 13.70 -11.32 -44.18
N PRO P 89 13.65 -12.34 -43.29
CA PRO P 89 12.89 -13.59 -43.33
C PRO P 89 11.42 -13.34 -43.19
N ASP P 90 10.64 -14.22 -43.78
CA ASP P 90 9.19 -14.11 -43.86
C ASP P 90 8.58 -15.40 -43.31
N PRO P 91 7.82 -15.38 -42.20
CA PRO P 91 7.46 -14.23 -41.38
C PRO P 91 8.58 -13.72 -40.51
N ALA P 92 8.59 -12.39 -40.43
CA ALA P 92 9.54 -11.64 -39.64
C ALA P 92 9.34 -11.94 -38.17
N ASP P 93 10.29 -12.65 -37.58
CA ASP P 93 10.29 -12.94 -36.16
C ASP P 93 10.99 -11.87 -35.36
N GLY P 94 11.70 -10.96 -36.01
CA GLY P 94 12.20 -9.76 -35.38
C GLY P 94 13.56 -9.98 -34.77
N THR P 95 13.74 -11.09 -34.09
CA THR P 95 15.07 -11.47 -33.65
C THR P 95 15.99 -11.68 -34.85
N ALA P 96 15.42 -11.91 -36.03
CA ALA P 96 16.17 -11.79 -37.27
C ALA P 96 16.23 -10.33 -37.70
N ASP P 97 17.32 -9.99 -38.37
CA ASP P 97 17.42 -8.69 -39.01
C ASP P 97 16.48 -8.72 -40.20
N ILE P 98 15.25 -8.29 -39.96
CA ILE P 98 14.24 -8.35 -40.99
C ILE P 98 14.62 -7.40 -42.10
N THR P 99 14.23 -7.78 -43.31
CA THR P 99 14.54 -7.06 -44.52
C THR P 99 13.26 -6.83 -45.30
N LEU P 100 13.10 -5.61 -45.78
CA LEU P 100 11.95 -5.23 -46.60
C LEU P 100 12.49 -4.68 -47.91
N THR P 101 12.60 -5.56 -48.89
CA THR P 101 12.87 -5.18 -50.25
C THR P 101 11.81 -4.23 -50.76
N PHE P 102 12.19 -3.38 -51.69
CA PHE P 102 11.26 -2.97 -52.73
C PHE P 102 11.98 -2.97 -54.06
N THR P 103 11.56 -3.85 -54.94
CA THR P 103 12.05 -3.84 -56.30
C THR P 103 11.28 -2.84 -57.11
N MET P 104 11.98 -2.19 -58.04
CA MET P 104 11.36 -1.32 -59.03
C MET P 104 11.29 -2.01 -60.40
N GLY P 105 10.54 -3.11 -60.42
CA GLY P 105 10.22 -3.81 -61.65
C GLY P 105 9.44 -3.01 -62.67
N GLY P 106 8.19 -2.69 -62.37
CA GLY P 106 7.35 -1.95 -63.30
C GLY P 106 7.73 -0.49 -63.44
N ALA P 107 8.98 -0.23 -63.83
CA ALA P 107 9.60 1.07 -63.77
C ALA P 107 10.09 1.48 -65.15
N GLY P 108 10.53 2.74 -65.25
CA GLY P 108 11.04 3.27 -66.49
C GLY P 108 12.30 2.57 -66.90
N PRO P 109 12.78 2.83 -68.12
CA PRO P 109 14.10 2.30 -68.51
C PRO P 109 15.22 2.78 -67.61
N LYS P 110 15.02 3.89 -66.91
CA LYS P 110 16.02 4.47 -66.04
C LYS P 110 15.81 4.12 -64.57
N ASN P 111 14.82 3.28 -64.24
CA ASN P 111 14.81 2.54 -62.99
C ASN P 111 14.34 1.12 -63.22
N LYS P 112 14.68 0.57 -64.36
CA LYS P 112 14.11 -0.71 -64.76
C LYS P 112 14.64 -1.81 -63.85
N GLY P 113 14.18 -1.83 -62.60
CA GLY P 113 14.57 -2.83 -61.62
C GLY P 113 15.53 -2.37 -60.54
N LYS P 114 15.71 -1.05 -60.37
CA LYS P 114 16.64 -0.56 -59.34
C LYS P 114 15.98 -0.73 -57.98
N ILE P 115 16.37 -1.79 -57.26
CA ILE P 115 15.72 -2.15 -56.01
C ILE P 115 16.01 -1.11 -54.95
N ILE P 116 15.06 -0.97 -54.02
CA ILE P 116 15.22 -0.21 -52.81
C ILE P 116 14.82 -1.15 -51.68
N THR P 117 15.79 -1.61 -50.89
CA THR P 117 15.55 -2.58 -49.83
C THR P 117 15.90 -1.97 -48.48
N LEU P 118 15.18 -2.44 -47.47
CA LEU P 118 15.32 -2.02 -46.09
C LEU P 118 15.74 -3.22 -45.27
N THR P 119 16.45 -2.99 -44.17
CA THR P 119 16.79 -4.09 -43.28
C THR P 119 16.96 -3.59 -41.85
N ARG P 120 16.25 -4.20 -40.91
CA ARG P 120 16.33 -3.75 -39.53
C ARG P 120 17.44 -4.50 -38.80
N THR P 121 17.75 -4.01 -37.60
CA THR P 121 18.52 -4.77 -36.63
C THR P 121 17.56 -5.48 -35.70
N ALA P 122 17.98 -6.63 -35.18
CA ALA P 122 17.11 -7.38 -34.27
C ALA P 122 16.93 -6.65 -32.94
N ALA P 123 18.02 -6.18 -32.34
CA ALA P 123 17.93 -5.40 -31.11
C ALA P 123 17.71 -3.93 -31.36
N ASP P 124 17.97 -3.45 -32.58
CA ASP P 124 18.02 -2.02 -32.85
C ASP P 124 17.29 -1.60 -34.12
N GLY P 125 16.57 -2.49 -34.79
CA GLY P 125 15.37 -2.13 -35.51
C GLY P 125 15.54 -1.20 -36.71
N LEU P 126 16.57 -0.37 -36.76
CA LEU P 126 16.60 0.72 -37.72
C LEU P 126 16.81 0.17 -39.11
N TRP P 127 15.88 0.46 -39.99
CA TRP P 127 15.89 -0.14 -41.30
C TRP P 127 17.02 0.43 -42.14
N LYS P 128 17.85 -0.47 -42.65
CA LYS P 128 18.93 -0.14 -43.55
C LYS P 128 18.29 0.15 -44.90
N CYS P 129 17.71 1.34 -44.97
CA CYS P 129 16.81 1.74 -46.03
C CYS P 129 17.65 2.32 -47.15
N THR P 130 17.82 1.53 -48.21
CA THR P 130 18.87 1.78 -49.18
C THR P 130 18.35 1.50 -50.58
N SER P 131 19.11 2.00 -51.54
CA SER P 131 18.68 2.05 -52.93
C SER P 131 19.83 1.65 -53.82
N ASP P 132 19.48 1.31 -55.06
CA ASP P 132 20.42 0.93 -56.09
C ASP P 132 20.67 2.03 -57.11
N GLN P 133 20.23 3.25 -56.83
CA GLN P 133 20.11 4.25 -57.86
C GLN P 133 21.32 5.19 -57.85
N ASP P 134 21.38 6.09 -58.84
CA ASP P 134 22.45 7.06 -58.98
C ASP P 134 22.09 8.34 -58.23
N GLU P 135 23.12 9.14 -57.91
CA GLU P 135 22.90 10.36 -57.13
C GLU P 135 21.87 11.27 -57.78
N GLN P 136 21.86 11.29 -59.11
CA GLN P 136 20.82 11.96 -59.89
C GLN P 136 19.44 11.32 -59.72
N PHE P 137 19.37 10.08 -59.20
CA PHE P 137 18.12 9.31 -59.10
C PHE P 137 17.60 9.12 -57.69
N ILE P 138 18.39 9.36 -56.65
CA ILE P 138 18.26 8.65 -55.38
C ILE P 138 16.87 8.84 -54.76
N PRO P 139 16.38 7.85 -53.99
CA PRO P 139 15.25 8.13 -53.12
C PRO P 139 15.69 9.07 -52.03
N LYS P 140 15.35 10.34 -52.17
CA LYS P 140 15.73 11.32 -51.17
C LYS P 140 14.77 11.16 -50.00
N GLY P 141 15.32 11.16 -48.79
CA GLY P 141 14.68 10.50 -47.67
C GLY P 141 15.61 9.50 -47.03
N CYS P 142 15.34 8.21 -47.21
CA CYS P 142 16.28 7.20 -46.74
C CYS P 142 17.65 7.38 -47.37
N SER P 143 18.62 6.68 -46.82
CA SER P 143 19.95 6.67 -47.39
C SER P 143 19.91 6.03 -48.76
N ARG P 144 20.90 6.38 -49.58
CA ARG P 144 20.88 6.03 -51.00
C ARG P 144 21.05 4.54 -51.30
N PHE Q 1 4.19 29.37 -116.81
CA PHE Q 1 5.21 29.73 -115.81
C PHE Q 1 4.71 29.48 -114.40
N THR Q 2 3.39 29.50 -114.24
CA THR Q 2 2.82 29.26 -112.93
C THR Q 2 2.93 27.80 -112.52
N LEU Q 3 3.14 26.90 -113.48
CA LEU Q 3 3.18 25.47 -113.21
C LEU Q 3 4.17 25.13 -112.11
N ILE Q 4 5.27 25.88 -112.03
CA ILE Q 4 6.33 25.59 -111.08
C ILE Q 4 5.95 26.07 -109.67
N GLU Q 5 5.37 27.26 -109.59
CA GLU Q 5 4.71 27.71 -108.37
C GLU Q 5 3.76 26.65 -107.86
N LEU Q 6 3.04 26.02 -108.77
CA LEU Q 6 2.23 24.93 -108.30
C LEU Q 6 3.05 23.72 -107.91
N MET Q 7 4.19 23.48 -108.53
CA MET Q 7 4.97 22.29 -108.17
C MET Q 7 5.28 22.29 -106.70
N ILE Q 8 5.71 23.45 -106.19
CA ILE Q 8 5.87 23.47 -104.74
C ILE Q 8 4.53 23.22 -104.10
N VAL Q 9 3.46 23.82 -104.62
CA VAL Q 9 2.21 23.72 -103.85
C VAL Q 9 1.69 22.28 -103.82
N VAL Q 10 1.86 21.53 -104.91
CA VAL Q 10 1.59 20.09 -104.93
C VAL Q 10 2.39 19.42 -103.82
N ALA Q 11 3.68 19.76 -103.76
CA ALA Q 11 4.51 19.25 -102.68
C ALA Q 11 3.90 19.58 -101.33
N ILE Q 12 3.67 20.89 -101.09
CA ILE Q 12 3.22 21.42 -99.80
C ILE Q 12 2.02 20.65 -99.29
N ILE Q 13 1.05 20.43 -100.16
CA ILE Q 13 -0.06 19.55 -99.82
C ILE Q 13 0.49 18.21 -99.37
N GLY Q 14 1.51 17.72 -100.07
CA GLY Q 14 2.02 16.40 -99.75
C GLY Q 14 2.66 16.28 -98.38
N ILE Q 15 3.53 17.24 -98.01
CA ILE Q 15 4.61 16.89 -97.07
C ILE Q 15 4.04 16.52 -95.70
N LEU Q 16 2.86 17.06 -95.34
CA LEU Q 16 2.31 16.89 -94.00
C LEU Q 16 2.23 15.41 -93.64
N ALA Q 17 2.95 14.99 -92.59
CA ALA Q 17 3.32 13.59 -92.41
C ALA Q 17 3.21 13.10 -90.96
N ALA Q 18 2.41 13.77 -90.14
CA ALA Q 18 2.18 13.29 -88.79
C ALA Q 18 0.74 13.53 -88.34
N ILE Q 19 -0.22 13.46 -89.26
CA ILE Q 19 -1.56 14.03 -89.03
C ILE Q 19 -2.38 13.15 -88.12
N ALA Q 20 -2.73 11.96 -88.60
CA ALA Q 20 -3.68 11.15 -87.88
C ALA Q 20 -2.92 10.39 -86.80
N ILE Q 21 -2.93 10.95 -85.59
CA ILE Q 21 -2.39 10.29 -84.42
C ILE Q 21 -3.63 9.87 -83.63
N PRO Q 22 -4.23 8.76 -83.96
CA PRO Q 22 -5.47 8.33 -83.31
C PRO Q 22 -5.28 7.99 -81.85
N GLN Q 23 -4.32 7.11 -81.57
CA GLN Q 23 -4.02 6.61 -80.24
C GLN Q 23 -3.32 7.66 -79.40
N TYR Q 24 -3.20 8.86 -79.95
CA TYR Q 24 -3.29 10.04 -79.13
C TYR Q 24 -4.52 9.90 -78.25
N GLN Q 25 -5.70 9.66 -78.86
CA GLN Q 25 -6.95 9.42 -78.13
C GLN Q 25 -6.83 8.32 -77.10
N ASN Q 26 -5.84 7.45 -77.21
CA ASN Q 26 -5.67 6.31 -76.36
C ASN Q 26 -4.60 6.50 -75.28
N TYR Q 27 -3.63 7.43 -75.45
CA TYR Q 27 -2.97 7.95 -74.26
C TYR Q 27 -3.87 8.92 -73.54
N VAL Q 28 -4.64 9.70 -74.29
CA VAL Q 28 -5.77 10.40 -73.71
C VAL Q 28 -6.62 9.41 -72.93
N ALA Q 29 -6.83 8.23 -73.50
CA ALA Q 29 -7.64 7.23 -72.79
C ALA Q 29 -6.96 6.79 -71.51
N ARG Q 30 -5.65 6.61 -71.55
CA ARG Q 30 -4.93 6.25 -70.33
C ARG Q 30 -4.99 7.36 -69.32
N SER Q 31 -4.88 8.59 -69.79
CA SER Q 31 -5.01 9.75 -68.93
C SER Q 31 -6.41 9.77 -68.33
N GLU Q 32 -7.39 9.42 -69.13
CA GLU Q 32 -8.77 9.49 -68.68
C GLU Q 32 -9.06 8.38 -67.69
N GLY Q 33 -8.34 7.26 -67.78
CA GLY Q 33 -8.57 6.13 -66.92
C GLY Q 33 -7.81 6.23 -65.60
N ALA Q 34 -6.51 6.51 -65.70
CA ALA Q 34 -5.73 6.75 -64.50
C ALA Q 34 -6.23 7.98 -63.78
N SER Q 35 -6.41 9.06 -64.52
CA SER Q 35 -6.96 10.26 -63.95
C SER Q 35 -8.43 10.07 -63.57
N ALA Q 36 -9.06 9.01 -64.08
CA ALA Q 36 -10.32 8.57 -63.49
C ALA Q 36 -10.10 7.90 -62.16
N LEU Q 37 -8.92 7.31 -61.91
CA LEU Q 37 -8.63 6.85 -60.55
C LEU Q 37 -8.35 8.01 -59.63
N ALA Q 38 -7.74 9.07 -60.15
CA ALA Q 38 -7.47 10.25 -59.35
C ALA Q 38 -8.73 10.79 -58.70
N SER Q 39 -9.85 10.67 -59.41
CA SER Q 39 -11.11 11.19 -58.90
C SER Q 39 -11.53 10.48 -57.62
N VAL Q 40 -11.25 9.19 -57.52
CA VAL Q 40 -11.81 8.37 -56.44
C VAL Q 40 -10.82 8.11 -55.31
N ASN Q 41 -9.54 8.32 -55.54
CA ASN Q 41 -8.54 7.80 -54.61
C ASN Q 41 -8.64 8.30 -53.18
N PRO Q 42 -8.96 9.56 -52.89
CA PRO Q 42 -9.22 9.93 -51.50
C PRO Q 42 -10.57 9.46 -50.98
N LEU Q 43 -11.38 8.82 -51.82
CA LEU Q 43 -12.64 8.28 -51.36
C LEU Q 43 -12.52 6.85 -50.89
N LYS Q 44 -11.56 6.10 -51.42
CA LYS Q 44 -11.01 4.99 -50.67
C LYS Q 44 -10.73 5.43 -49.24
N THR Q 45 -9.89 6.46 -49.16
CA THR Q 45 -9.46 7.03 -47.89
C THR Q 45 -10.62 7.58 -47.08
N THR Q 46 -11.75 7.88 -47.71
CA THR Q 46 -12.91 8.46 -47.05
C THR Q 46 -13.85 7.40 -46.48
N VAL Q 47 -14.16 6.38 -47.29
CA VAL Q 47 -14.85 5.20 -46.76
C VAL Q 47 -14.10 4.71 -45.54
N GLU Q 48 -12.80 4.51 -45.69
CA GLU Q 48 -11.99 4.12 -44.55
C GLU Q 48 -11.86 5.23 -43.52
N GLU Q 49 -12.05 6.50 -43.91
CA GLU Q 49 -11.96 7.59 -42.97
C GLU Q 49 -13.02 7.37 -41.90
N ALA Q 50 -14.27 7.54 -42.27
CA ALA Q 50 -15.26 7.59 -41.22
C ALA Q 50 -15.59 6.21 -40.69
N LEU Q 51 -15.45 5.17 -41.52
CA LEU Q 51 -15.59 3.82 -40.98
C LEU Q 51 -14.49 3.56 -39.96
N SER Q 52 -13.30 4.09 -40.21
CA SER Q 52 -12.21 3.97 -39.26
C SER Q 52 -12.39 4.89 -38.07
N ARG Q 53 -13.43 5.73 -38.06
CA ARG Q 53 -13.78 6.46 -36.85
C ARG Q 53 -14.79 5.73 -35.98
N GLY Q 54 -15.81 5.12 -36.60
CA GLY Q 54 -17.00 4.71 -35.87
C GLY Q 54 -18.27 5.25 -36.51
N TRP Q 55 -18.20 5.53 -37.80
CA TRP Q 55 -19.21 6.31 -38.50
C TRP Q 55 -19.36 5.77 -39.92
N SER Q 56 -20.58 5.62 -40.40
CA SER Q 56 -20.78 5.16 -41.77
C SER Q 56 -20.53 6.33 -42.73
N VAL Q 57 -20.68 6.07 -44.03
CA VAL Q 57 -20.31 7.04 -45.06
C VAL Q 57 -21.35 7.00 -46.17
N LYS Q 58 -22.04 8.12 -46.38
CA LYS Q 58 -22.88 8.28 -47.55
C LYS Q 58 -22.08 8.83 -48.71
N SER Q 59 -22.67 8.72 -49.90
CA SER Q 59 -22.19 9.46 -51.06
C SER Q 59 -22.90 10.81 -51.12
N GLY Q 60 -22.16 11.81 -51.56
CA GLY Q 60 -22.53 13.20 -51.42
C GLY Q 60 -21.61 13.91 -50.46
N THR Q 61 -21.93 15.17 -50.23
CA THR Q 61 -21.16 16.07 -49.41
C THR Q 61 -22.00 16.53 -48.22
N GLY Q 62 -21.48 17.50 -47.49
CA GLY Q 62 -22.18 18.16 -46.42
C GLY Q 62 -21.36 18.14 -45.15
N THR Q 63 -21.96 18.66 -44.08
CA THR Q 63 -21.41 18.40 -42.78
C THR Q 63 -21.47 16.91 -42.50
N GLU Q 64 -20.80 16.51 -41.44
CA GLU Q 64 -20.91 15.14 -41.02
C GLU Q 64 -22.32 14.84 -40.59
N ASP Q 65 -22.77 13.65 -40.95
CA ASP Q 65 -23.96 13.09 -40.37
C ASP Q 65 -23.60 12.55 -39.00
N ALA Q 66 -23.17 13.45 -38.12
CA ALA Q 66 -22.44 13.13 -36.91
C ALA Q 66 -23.33 12.90 -35.70
N THR Q 67 -24.64 12.89 -35.88
CA THR Q 67 -25.55 12.30 -34.92
C THR Q 67 -26.15 11.02 -35.45
N LYS Q 68 -25.63 10.51 -36.58
CA LYS Q 68 -26.37 9.58 -37.41
C LYS Q 68 -25.63 8.30 -37.70
N LYS Q 69 -24.46 8.07 -37.10
CA LYS Q 69 -23.58 6.98 -37.50
C LYS Q 69 -23.38 6.98 -39.01
N GLU Q 70 -22.95 8.14 -39.50
CA GLU Q 70 -22.83 8.39 -40.92
C GLU Q 70 -21.94 9.61 -41.13
N VAL Q 71 -21.35 9.70 -42.31
CA VAL Q 71 -20.55 10.85 -42.72
C VAL Q 71 -20.74 10.98 -44.24
N PRO Q 72 -20.47 12.12 -44.86
CA PRO Q 72 -20.43 12.15 -46.33
C PRO Q 72 -19.25 11.36 -46.88
N LEU Q 73 -19.39 10.94 -48.15
CA LEU Q 73 -18.19 10.69 -48.95
C LEU Q 73 -17.48 11.99 -49.28
N GLY Q 74 -18.18 13.12 -49.19
CA GLY Q 74 -17.60 14.37 -49.64
C GLY Q 74 -17.27 14.35 -51.12
N VAL Q 75 -18.20 13.91 -51.96
CA VAL Q 75 -18.00 13.88 -53.40
C VAL Q 75 -19.33 14.05 -54.11
N ALA Q 76 -19.30 14.77 -55.22
CA ALA Q 76 -20.35 14.72 -56.23
C ALA Q 76 -19.92 13.70 -57.28
N ALA Q 77 -20.85 12.81 -57.64
CA ALA Q 77 -20.51 11.61 -58.43
C ALA Q 77 -19.67 11.95 -59.66
N ASP Q 78 -20.04 13.00 -60.39
CA ASP Q 78 -19.26 13.48 -61.53
C ASP Q 78 -18.35 14.63 -61.16
N ALA Q 79 -17.73 14.55 -59.97
CA ALA Q 79 -16.56 15.37 -59.68
C ALA Q 79 -15.59 15.36 -60.86
N ASN Q 80 -15.41 14.19 -61.46
CA ASN Q 80 -14.67 14.00 -62.69
C ASN Q 80 -15.68 13.88 -63.83
N LYS Q 81 -15.69 14.88 -64.73
CA LYS Q 81 -16.63 14.91 -65.85
C LYS Q 81 -16.36 13.86 -66.90
N LEU Q 82 -15.34 13.02 -66.74
CA LEU Q 82 -15.27 11.81 -67.55
C LEU Q 82 -16.48 10.94 -67.28
N GLY Q 83 -17.04 11.01 -66.08
CA GLY Q 83 -18.28 10.33 -65.80
C GLY Q 83 -18.67 10.48 -64.36
N THR Q 84 -18.98 9.36 -63.69
CA THR Q 84 -19.64 9.41 -62.38
C THR Q 84 -19.11 8.35 -61.44
N ILE Q 85 -19.11 8.69 -60.15
CA ILE Q 85 -18.83 7.78 -59.07
C ILE Q 85 -20.16 7.23 -58.57
N ALA Q 86 -20.12 6.06 -57.95
CA ALA Q 86 -21.31 5.53 -57.30
C ALA Q 86 -20.87 4.71 -56.09
N LEU Q 87 -21.25 5.18 -54.90
CA LEU Q 87 -21.04 4.38 -53.70
C LEU Q 87 -22.03 3.24 -53.67
N LYS Q 88 -21.56 2.09 -53.21
CA LYS Q 88 -22.37 0.89 -53.15
C LYS Q 88 -21.83 -0.07 -52.10
N PRO Q 89 -22.57 -0.37 -51.02
CA PRO Q 89 -23.82 0.23 -50.54
C PRO Q 89 -23.61 1.64 -50.06
N ASP Q 90 -24.67 2.43 -50.19
CA ASP Q 90 -24.64 3.86 -49.89
C ASP Q 90 -25.77 4.15 -48.90
N PRO Q 91 -25.48 4.60 -47.66
CA PRO Q 91 -24.18 4.87 -47.07
C PRO Q 91 -23.40 3.65 -46.70
N ALA Q 92 -22.11 3.78 -46.95
CA ALA Q 92 -21.13 2.74 -46.65
C ALA Q 92 -21.03 2.54 -45.16
N ASP Q 93 -21.51 1.39 -44.71
CA ASP Q 93 -21.41 0.98 -43.32
C ASP Q 93 -20.13 0.23 -43.01
N GLY Q 94 -19.39 -0.18 -44.05
CA GLY Q 94 -18.05 -0.67 -43.89
C GLY Q 94 -18.02 -2.15 -43.64
N THR Q 95 -18.91 -2.63 -42.79
CA THR Q 95 -19.09 -4.06 -42.66
C THR Q 95 -19.58 -4.67 -43.98
N ALA Q 96 -20.13 -3.86 -44.86
CA ALA Q 96 -20.32 -4.24 -46.26
C ALA Q 96 -19.03 -4.02 -47.02
N ASP Q 97 -18.82 -4.86 -48.03
CA ASP Q 97 -17.73 -4.63 -48.96
C ASP Q 97 -18.13 -3.44 -49.80
N ILE Q 98 -17.70 -2.27 -49.35
CA ILE Q 98 -18.09 -1.04 -50.00
C ILE Q 98 -17.46 -1.01 -51.38
N THR Q 99 -18.16 -0.38 -52.31
CA THR Q 99 -17.77 -0.28 -53.69
C THR Q 99 -17.82 1.17 -54.11
N LEU Q 100 -16.78 1.59 -54.82
CA LEU Q 100 -16.70 2.95 -55.36
C LEU Q 100 -16.49 2.82 -56.86
N THR Q 101 -17.60 2.86 -57.59
CA THR Q 101 -17.58 2.99 -59.02
C THR Q 101 -16.85 4.26 -59.42
N PHE Q 102 -16.25 4.23 -60.61
CA PHE Q 102 -16.19 5.43 -61.43
C PHE Q 102 -16.50 5.08 -62.86
N THR Q 103 -17.61 5.59 -63.34
CA THR Q 103 -17.94 5.46 -64.74
C THR Q 103 -17.22 6.54 -65.53
N MET Q 104 -16.81 6.17 -66.75
CA MET Q 104 -16.28 7.12 -67.71
C MET Q 104 -17.31 7.45 -68.79
N GLY Q 105 -18.40 8.05 -68.34
CA GLY Q 105 -19.42 8.58 -69.23
C GLY Q 105 -18.96 9.68 -70.16
N GLY Q 106 -18.63 10.86 -69.61
CA GLY Q 106 -18.21 11.98 -70.43
C GLY Q 106 -16.83 11.82 -71.01
N ALA Q 107 -16.63 10.75 -71.77
CA ALA Q 107 -15.32 10.30 -72.21
C ALA Q 107 -15.26 10.22 -73.73
N GLY Q 108 -14.06 9.97 -74.24
CA GLY Q 108 -13.85 9.86 -75.67
C GLY Q 108 -14.59 8.66 -76.24
N PRO Q 109 -14.64 8.55 -77.57
CA PRO Q 109 -15.19 7.33 -78.16
C PRO Q 109 -14.43 6.08 -77.75
N LYS Q 110 -13.19 6.22 -77.31
CA LYS Q 110 -12.35 5.12 -76.91
C LYS Q 110 -12.31 4.90 -75.42
N ASN Q 111 -13.07 5.66 -74.63
CA ASN Q 111 -13.45 5.28 -73.28
C ASN Q 111 -14.90 5.61 -73.02
N LYS Q 112 -15.72 5.50 -74.05
CA LYS Q 112 -17.08 6.00 -73.93
C LYS Q 112 -17.88 5.13 -72.98
N GLY Q 113 -17.58 5.25 -71.68
CA GLY Q 113 -18.27 4.51 -70.64
C GLY Q 113 -17.48 3.38 -70.01
N LYS Q 114 -16.17 3.30 -70.22
CA LYS Q 114 -15.38 2.22 -69.64
C LYS Q 114 -15.20 2.49 -68.15
N ILE Q 115 -16.02 1.80 -67.33
CA ILE Q 115 -16.06 2.08 -65.90
C ILE Q 115 -14.76 1.65 -65.25
N ILE Q 116 -14.43 2.33 -64.16
CA ILE Q 116 -13.36 1.97 -63.26
C ILE Q 116 -13.99 1.96 -61.86
N THR Q 117 -14.17 0.78 -61.29
CA THR Q 117 -14.83 0.62 -60.00
C THR Q 117 -13.87 0.01 -58.99
N LEU Q 118 -14.09 0.39 -57.74
CA LEU Q 118 -13.31 -0.04 -56.59
C LEU Q 118 -14.22 -0.79 -55.66
N THR Q 119 -13.67 -1.73 -54.89
CA THR Q 119 -14.48 -2.41 -53.88
C THR Q 119 -13.61 -2.88 -52.72
N ARG Q 120 -13.97 -2.50 -51.50
CA ARG Q 120 -13.18 -2.88 -50.35
C ARG Q 120 -13.65 -4.21 -49.79
N THR Q 121 -12.84 -4.76 -48.88
CA THR Q 121 -13.28 -5.84 -48.02
C THR Q 121 -13.76 -5.23 -46.70
N ALA Q 122 -14.70 -5.90 -46.06
CA ALA Q 122 -15.22 -5.40 -44.79
C ALA Q 122 -14.17 -5.46 -43.69
N ALA Q 123 -13.51 -6.61 -43.54
CA ALA Q 123 -12.44 -6.75 -42.55
C ALA Q 123 -11.10 -6.29 -43.09
N ASP Q 124 -10.95 -6.18 -44.41
CA ASP Q 124 -9.65 -5.99 -45.02
C ASP Q 124 -9.61 -4.92 -46.11
N GLY Q 125 -10.69 -4.16 -46.32
CA GLY Q 125 -10.58 -2.78 -46.75
C GLY Q 125 -10.00 -2.53 -48.14
N LEU Q 126 -9.17 -3.41 -48.67
CA LEU Q 126 -8.37 -3.06 -49.83
C LEU Q 126 -9.27 -2.99 -51.05
N TRP Q 127 -9.26 -1.83 -51.69
CA TRP Q 127 -10.19 -1.58 -52.76
C TRP Q 127 -9.82 -2.38 -53.99
N LYS Q 128 -10.79 -3.15 -54.47
CA LYS Q 128 -10.64 -3.93 -55.69
C LYS Q 128 -10.75 -2.94 -56.84
N CYS Q 129 -9.66 -2.22 -57.04
CA CYS Q 129 -9.60 -1.04 -57.87
C CYS Q 129 -9.31 -1.50 -59.28
N THR Q 130 -10.33 -1.48 -60.13
CA THR Q 130 -10.30 -2.22 -61.37
C THR Q 130 -10.96 -1.39 -62.46
N SER Q 131 -10.71 -1.82 -63.69
CA SER Q 131 -11.06 -1.06 -64.87
C SER Q 131 -11.63 -1.98 -65.92
N ASP Q 132 -12.29 -1.36 -66.90
CA ASP Q 132 -12.89 -2.06 -68.02
C ASP Q 132 -12.09 -1.91 -69.30
N GLN Q 133 -10.87 -1.41 -69.22
CA GLN Q 133 -10.18 -0.93 -70.40
C GLN Q 133 -9.22 -1.97 -70.95
N ASP Q 134 -8.62 -1.67 -72.10
CA ASP Q 134 -7.66 -2.55 -72.77
C ASP Q 134 -6.25 -2.24 -72.28
N GLU Q 135 -5.34 -3.22 -72.45
CA GLU Q 135 -3.96 -3.06 -71.97
C GLU Q 135 -3.32 -1.80 -72.51
N GLN Q 136 -3.65 -1.45 -73.75
CA GLN Q 136 -3.27 -0.18 -74.34
C GLN Q 136 -3.91 1.02 -73.65
N PHE Q 137 -4.95 0.83 -72.85
CA PHE Q 137 -5.73 1.90 -72.23
C PHE Q 137 -5.58 2.02 -70.73
N ILE Q 138 -5.03 1.02 -70.04
CA ILE Q 138 -5.38 0.75 -68.65
C ILE Q 138 -5.10 1.94 -67.74
N PRO Q 139 -5.87 2.10 -66.65
CA PRO Q 139 -5.41 3.00 -65.59
C PRO Q 139 -4.20 2.40 -64.92
N LYS Q 140 -3.03 2.93 -65.28
CA LYS Q 140 -1.81 2.43 -64.68
C LYS Q 140 -1.69 3.03 -63.30
N GLY Q 141 -1.34 2.20 -62.33
CA GLY Q 141 -1.70 2.45 -60.95
C GLY Q 141 -2.46 1.28 -60.36
N CYS Q 142 -3.76 1.42 -60.14
CA CYS Q 142 -4.56 0.29 -59.70
C CYS Q 142 -4.48 -0.84 -60.72
N SER Q 143 -4.98 -2.00 -60.30
CA SER Q 143 -5.06 -3.13 -61.20
C SER Q 143 -6.06 -2.83 -62.31
N ARG Q 144 -5.89 -3.52 -63.43
CA ARG Q 144 -6.61 -3.18 -64.66
C ARG Q 144 -8.10 -3.45 -64.62
N PHE R 1 -2.60 32.29 -126.99
CA PHE R 1 -1.94 31.08 -126.43
C PHE R 1 -1.82 31.18 -124.93
N THR R 2 -1.82 32.40 -124.40
CA THR R 2 -1.73 32.60 -122.97
C THR R 2 -3.01 32.21 -122.26
N LEU R 3 -4.12 32.15 -123.00
CA LEU R 3 -5.43 31.88 -122.41
C LEU R 3 -5.42 30.61 -121.57
N ILE R 4 -4.62 29.62 -121.99
CA ILE R 4 -4.60 28.32 -121.32
C ILE R 4 -3.78 28.39 -120.03
N GLU R 5 -2.64 29.07 -120.08
CA GLU R 5 -1.91 29.44 -118.88
C GLU R 5 -2.84 30.10 -117.89
N LEU R 6 -3.72 30.95 -118.38
CA LEU R 6 -4.68 31.48 -117.45
C LEU R 6 -5.70 30.46 -117.02
N MET R 7 -6.06 29.48 -117.85
CA MET R 7 -7.06 28.52 -117.44
C MET R 7 -6.65 27.84 -116.16
N ILE R 8 -5.38 27.42 -116.08
CA ILE R 8 -4.97 26.91 -114.79
C ILE R 8 -5.10 28.01 -113.76
N VAL R 9 -4.70 29.25 -114.09
CA VAL R 9 -4.66 30.23 -113.01
C VAL R 9 -6.06 30.56 -112.49
N VAL R 10 -7.06 30.58 -113.36
CA VAL R 10 -8.46 30.67 -112.95
C VAL R 10 -8.78 29.55 -111.99
N ALA R 11 -8.38 28.33 -112.37
CA ALA R 11 -8.55 27.20 -111.46
C ALA R 11 -7.88 27.48 -110.12
N ILE R 12 -6.58 27.80 -110.15
CA ILE R 12 -5.74 27.96 -108.96
C ILE R 12 -6.40 28.89 -107.97
N ILE R 13 -6.89 30.02 -108.45
CA ILE R 13 -7.70 30.90 -107.62
C ILE R 13 -8.84 30.11 -107.02
N GLY R 14 -9.45 29.25 -107.83
CA GLY R 14 -10.61 28.52 -107.36
C GLY R 14 -10.32 27.54 -106.23
N ILE R 15 -9.27 26.72 -106.36
CA ILE R 15 -9.31 25.41 -105.68
C ILE R 15 -9.32 25.57 -104.17
N LEU R 16 -8.76 26.67 -103.64
CA LEU R 16 -8.59 26.84 -102.20
C LEU R 16 -9.92 26.66 -101.49
N ALA R 17 -10.01 25.64 -100.61
CA ALA R 17 -11.30 25.08 -100.20
C ALA R 17 -11.37 24.77 -98.71
N ALA R 18 -10.55 25.40 -97.88
CA ALA R 18 -10.66 25.22 -96.44
C ALA R 18 -10.37 26.51 -95.68
N ILE R 19 -10.74 27.67 -96.25
CA ILE R 19 -10.19 28.95 -95.83
C ILE R 19 -10.83 29.41 -94.53
N ALA R 20 -12.11 29.73 -94.59
CA ALA R 20 -12.75 30.36 -93.46
C ALA R 20 -13.15 29.28 -92.48
N ILE R 21 -12.30 29.04 -91.50
CA ILE R 21 -12.60 28.14 -90.38
C ILE R 21 -12.84 29.08 -89.22
N PRO R 22 -14.03 29.62 -89.08
CA PRO R 22 -14.33 30.59 -88.03
C PRO R 22 -14.25 30.00 -86.64
N GLN R 23 -14.98 28.90 -86.43
CA GLN R 23 -15.09 28.22 -85.15
C GLN R 23 -13.82 27.46 -84.82
N TYR R 24 -12.81 27.63 -85.66
CA TYR R 24 -11.46 27.63 -85.16
C TYR R 24 -11.43 28.58 -83.98
N GLN R 25 -11.86 29.84 -84.16
CA GLN R 25 -11.96 30.82 -83.07
C GLN R 25 -12.74 30.32 -81.88
N ASN R 26 -13.56 29.29 -82.05
CA ASN R 26 -14.41 28.78 -81.02
C ASN R 26 -13.89 27.51 -80.36
N TYR R 27 -13.01 26.73 -81.02
CA TYR R 27 -12.16 25.86 -80.21
C TYR R 27 -11.07 26.65 -79.53
N VAL R 28 -10.55 27.67 -80.21
CA VAL R 28 -9.77 28.69 -79.52
C VAL R 28 -10.55 29.19 -78.34
N ALA R 29 -11.86 29.40 -78.50
CA ALA R 29 -12.66 29.87 -77.39
C ALA R 29 -12.72 28.84 -76.27
N ARG R 30 -12.83 27.57 -76.62
CA ARG R 30 -12.83 26.53 -75.61
C ARG R 30 -11.49 26.46 -74.91
N SER R 31 -10.43 26.62 -75.69
CA SER R 31 -9.09 26.67 -75.13
C SER R 31 -8.97 27.86 -74.20
N GLU R 32 -9.58 28.97 -74.58
CA GLU R 32 -9.45 30.18 -73.80
C GLU R 32 -10.26 30.07 -72.53
N GLY R 33 -11.32 29.27 -72.54
CA GLY R 33 -12.20 29.14 -71.40
C GLY R 33 -11.71 28.10 -70.41
N ALA R 34 -11.40 26.91 -70.92
CA ALA R 34 -10.82 25.88 -70.08
C ALA R 34 -9.47 26.33 -69.58
N SER R 35 -8.64 26.80 -70.48
CA SER R 35 -7.35 27.33 -70.09
C SER R 35 -7.51 28.62 -69.30
N ALA R 36 -8.69 29.23 -69.34
CA ALA R 36 -9.02 30.24 -68.34
C ALA R 36 -9.28 29.62 -66.98
N LEU R 37 -9.73 28.36 -66.93
CA LEU R 37 -9.80 27.68 -65.65
C LEU R 37 -8.42 27.31 -65.14
N ALA R 38 -7.51 26.97 -66.07
CA ALA R 38 -6.15 26.64 -65.67
C ALA R 38 -5.52 27.77 -64.87
N SER R 39 -5.87 29.01 -65.18
CA SER R 39 -5.29 30.15 -64.48
C SER R 39 -5.65 30.13 -63.00
N VAL R 40 -6.87 29.69 -62.67
CA VAL R 40 -7.39 29.86 -61.31
C VAL R 40 -7.29 28.59 -60.47
N ASN R 41 -7.08 27.44 -61.09
CA ASN R 41 -7.29 26.20 -60.38
C ASN R 41 -6.44 25.98 -59.14
N PRO R 42 -5.16 26.36 -59.10
CA PRO R 42 -4.43 26.30 -57.82
C PRO R 42 -4.82 27.40 -56.85
N LEU R 43 -5.69 28.33 -57.25
CA LEU R 43 -6.14 29.36 -56.34
C LEU R 43 -7.39 28.96 -55.58
N LYS R 44 -8.21 28.08 -56.17
CA LYS R 44 -9.06 27.24 -55.34
C LYS R 44 -8.24 26.66 -54.21
N THR R 45 -7.19 25.94 -54.60
CA THR R 45 -6.29 25.27 -53.70
C THR R 45 -5.59 26.24 -52.76
N THR R 46 -5.52 27.53 -53.10
CA THR R 46 -4.83 28.55 -52.30
C THR R 46 -5.75 29.18 -51.26
N VAL R 47 -6.96 29.56 -51.67
CA VAL R 47 -7.98 29.95 -50.70
C VAL R 47 -8.09 28.87 -49.65
N GLU R 48 -8.27 27.63 -50.10
CA GLU R 48 -8.30 26.52 -49.17
C GLU R 48 -6.95 26.26 -48.53
N GLU R 49 -5.86 26.69 -49.14
CA GLU R 49 -4.54 26.49 -48.56
C GLU R 49 -4.52 27.21 -47.22
N ALA R 50 -4.51 28.54 -47.27
CA ALA R 50 -4.21 29.21 -46.02
C ALA R 50 -5.42 29.23 -45.11
N LEU R 51 -6.63 29.20 -45.66
CA LEU R 51 -7.79 29.02 -44.79
C LEU R 51 -7.73 27.69 -44.08
N SER R 52 -7.23 26.67 -44.78
CA SER R 52 -7.04 25.37 -44.16
C SER R 52 -5.84 25.35 -43.22
N ARG R 53 -5.09 26.43 -43.14
CA ARG R 53 -4.07 26.56 -42.10
C ARG R 53 -4.59 27.22 -40.83
N GLY R 54 -5.38 28.28 -40.97
CA GLY R 54 -5.64 29.20 -39.87
C GLY R 54 -5.34 30.63 -40.25
N TRP R 55 -5.43 30.93 -41.54
CA TRP R 55 -4.90 32.17 -42.09
C TRP R 55 -5.81 32.61 -43.24
N SER R 56 -6.15 33.90 -43.32
CA SER R 56 -6.96 34.38 -44.42
C SER R 56 -6.09 34.52 -45.67
N VAL R 57 -6.68 34.95 -46.77
CA VAL R 57 -6.01 34.98 -48.07
C VAL R 57 -6.39 36.25 -48.81
N LYS R 58 -5.40 37.10 -49.08
CA LYS R 58 -5.60 38.22 -49.98
C LYS R 58 -5.34 37.82 -51.42
N SER R 59 -5.80 38.66 -52.33
CA SER R 59 -5.37 38.59 -53.72
C SER R 59 -4.13 39.44 -53.91
N GLY R 60 -3.25 38.96 -54.77
CA GLY R 60 -1.89 39.45 -54.88
C GLY R 60 -0.90 38.40 -54.42
N THR R 61 0.36 38.80 -54.42
CA THR R 61 1.47 37.94 -54.09
C THR R 61 2.19 38.51 -52.88
N GLY R 62 3.35 37.93 -52.58
CA GLY R 62 4.24 38.41 -51.54
C GLY R 62 4.60 37.30 -50.59
N THR R 63 5.35 37.67 -49.56
CA THR R 63 5.47 36.78 -48.43
C THR R 63 4.12 36.59 -47.80
N GLU R 64 4.05 35.63 -46.89
CA GLU R 64 2.84 35.47 -46.14
C GLU R 64 2.60 36.68 -45.28
N ASP R 65 1.34 37.06 -45.20
CA ASP R 65 0.89 38.00 -44.19
C ASP R 65 0.77 37.23 -42.87
N ALA R 66 1.89 36.71 -42.39
CA ALA R 66 1.93 35.66 -41.40
C ALA R 66 1.99 36.18 -39.97
N THR R 67 1.87 37.48 -39.78
CA THR R 67 1.52 38.05 -38.50
C THR R 67 0.12 38.60 -38.50
N LYS R 68 -0.64 38.34 -39.58
CA LYS R 68 -1.80 39.15 -39.92
C LYS R 68 -3.09 38.36 -40.07
N LYS R 69 -3.08 37.06 -39.78
CA LYS R 69 -4.19 36.19 -40.13
C LYS R 69 -4.59 36.39 -41.59
N GLU R 70 -3.59 36.23 -42.44
CA GLU R 70 -3.72 36.51 -43.86
C GLU R 70 -2.57 35.85 -44.59
N VAL R 71 -2.77 35.59 -45.88
CA VAL R 71 -1.73 35.05 -46.76
C VAL R 71 -2.02 35.64 -48.15
N PRO R 72 -1.08 35.67 -49.09
CA PRO R 72 -1.45 36.00 -50.47
C PRO R 72 -2.29 34.93 -51.12
N LEU R 73 -3.05 35.33 -52.15
CA LEU R 73 -3.44 34.36 -53.16
C LEU R 73 -2.24 33.91 -53.99
N GLY R 74 -1.17 34.70 -53.99
CA GLY R 74 -0.06 34.39 -54.87
C GLY R 74 -0.45 34.45 -56.33
N VAL R 75 -1.15 35.51 -56.74
CA VAL R 75 -1.56 35.68 -58.14
C VAL R 75 -1.65 37.16 -58.46
N ALA R 76 -1.25 37.49 -59.69
CA ALA R 76 -1.62 38.75 -60.32
C ALA R 76 -2.85 38.49 -61.17
N ALA R 77 -3.85 39.36 -61.04
CA ALA R 77 -5.19 39.11 -61.57
C ALA R 77 -5.16 38.65 -63.02
N ASP R 78 -4.37 39.31 -63.85
CA ASP R 78 -4.18 38.91 -65.24
C ASP R 78 -2.92 38.07 -65.43
N ALA R 79 -2.65 37.16 -64.49
CA ALA R 79 -1.74 36.06 -64.73
C ALA R 79 -2.02 35.43 -66.09
N ASN R 80 -3.30 35.26 -66.41
CA ASN R 80 -3.76 34.85 -67.72
C ASN R 80 -4.25 36.10 -68.48
N LYS R 81 -3.52 36.46 -69.54
CA LYS R 81 -3.83 37.65 -70.33
C LYS R 81 -5.12 37.52 -71.14
N LEU R 82 -5.83 36.40 -71.06
CA LEU R 82 -7.21 36.41 -71.53
C LEU R 82 -8.03 37.39 -70.74
N GLY R 83 -7.66 37.65 -69.49
CA GLY R 83 -8.31 38.68 -68.71
C GLY R 83 -7.79 38.71 -67.30
N THR R 84 -8.70 38.70 -66.31
CA THR R 84 -8.33 39.01 -64.93
C THR R 84 -9.08 38.13 -63.95
N ILE R 85 -8.40 37.85 -62.84
CA ILE R 85 -8.98 37.20 -61.67
C ILE R 85 -9.44 38.29 -60.71
N ALA R 86 -10.40 37.96 -59.87
CA ALA R 86 -10.79 38.86 -58.79
C ALA R 86 -11.23 38.04 -57.59
N LEU R 87 -10.49 38.15 -56.50
CA LEU R 87 -10.92 37.56 -55.25
C LEU R 87 -12.05 38.37 -54.66
N LYS R 88 -13.01 37.66 -54.08
CA LYS R 88 -14.19 38.30 -53.51
C LYS R 88 -14.81 37.40 -52.45
N PRO R 89 -14.84 37.80 -51.16
CA PRO R 89 -14.20 38.95 -50.52
C PRO R 89 -12.70 38.78 -50.48
N ASP R 90 -12.02 39.92 -50.50
CA ASP R 90 -10.57 39.99 -50.58
C ASP R 90 -10.08 40.85 -49.42
N PRO R 91 -9.30 40.31 -48.45
CA PRO R 91 -8.81 38.95 -48.34
C PRO R 91 -9.86 37.96 -47.91
N ALA R 92 -9.74 36.79 -48.53
CA ALA R 92 -10.61 35.66 -48.28
C ALA R 92 -10.41 35.16 -46.86
N ASP R 93 -11.41 35.38 -46.02
CA ASP R 93 -11.42 34.89 -44.66
C ASP R 93 -12.01 33.49 -44.55
N GLY R 94 -12.64 33.00 -45.61
CA GLY R 94 -13.02 31.61 -45.71
C GLY R 94 -14.38 31.35 -45.13
N THR R 95 -14.64 31.93 -43.97
CA THR R 95 -16.00 31.90 -43.45
C THR R 95 -16.96 32.63 -44.39
N ALA R 96 -16.44 33.49 -45.26
CA ALA R 96 -17.19 33.97 -46.41
C ALA R 96 -17.12 32.95 -47.53
N ASP R 97 -18.19 32.91 -48.32
CA ASP R 97 -18.17 32.13 -49.54
C ASP R 97 -17.26 32.86 -50.51
N ILE R 98 -16.00 32.48 -50.49
CA ILE R 98 -15.01 33.16 -51.30
C ILE R 98 -15.31 32.91 -52.75
N THR R 99 -14.99 33.89 -53.57
CA THR R 99 -15.25 33.88 -55.00
C THR R 99 -13.97 34.21 -55.73
N LEU R 100 -13.70 33.43 -56.78
CA LEU R 100 -12.54 33.64 -57.63
C LEU R 100 -13.05 33.81 -59.06
N THR R 101 -13.26 35.06 -59.43
CA THR R 101 -13.53 35.42 -60.80
C THR R 101 -12.38 34.98 -61.69
N PHE R 102 -12.70 34.71 -62.95
CA PHE R 102 -11.75 34.98 -64.01
C PHE R 102 -12.49 35.62 -65.18
N THR R 103 -12.17 36.86 -65.45
CA THR R 103 -12.69 37.52 -66.63
C THR R 103 -11.84 37.15 -67.83
N MET R 104 -12.50 37.02 -68.97
CA MET R 104 -11.81 36.87 -70.26
C MET R 104 -11.83 38.17 -71.05
N GLY R 105 -11.18 39.18 -70.49
CA GLY R 105 -10.96 40.45 -71.16
C GLY R 105 -10.12 40.36 -72.42
N GLY R 106 -8.83 40.05 -72.29
CA GLY R 106 -7.95 39.98 -73.43
C GLY R 106 -8.20 38.78 -74.32
N ALA R 107 -9.42 38.65 -74.82
CA ALA R 107 -9.91 37.45 -75.48
C ALA R 107 -10.40 37.78 -76.88
N GLY R 108 -10.71 36.73 -77.64
CA GLY R 108 -11.20 36.88 -78.99
C GLY R 108 -12.52 37.58 -79.03
N PRO R 109 -13.00 37.96 -80.22
CA PRO R 109 -14.36 38.49 -80.32
C PRO R 109 -15.42 37.52 -79.84
N LYS R 110 -15.10 36.23 -79.81
CA LYS R 110 -16.03 35.20 -79.40
C LYS R 110 -15.83 34.75 -77.96
N ASN R 111 -14.91 35.38 -77.22
CA ASN R 111 -14.95 35.35 -75.75
C ASN R 111 -14.62 36.71 -75.20
N LYS R 112 -15.04 37.75 -75.90
CA LYS R 112 -14.59 39.09 -75.55
C LYS R 112 -15.22 39.51 -74.22
N GLY R 113 -14.73 38.91 -73.13
CA GLY R 113 -15.20 39.21 -71.78
C GLY R 113 -16.08 38.16 -71.14
N LYS R 114 -16.15 36.96 -71.68
CA LYS R 114 -17.00 35.92 -71.09
C LYS R 114 -16.34 35.41 -69.82
N ILE R 115 -16.82 35.90 -68.67
CA ILE R 115 -16.17 35.62 -67.39
C ILE R 115 -16.35 34.14 -67.04
N ILE R 116 -15.38 33.63 -66.28
CA ILE R 116 -15.45 32.33 -65.65
C ILE R 116 -15.10 32.58 -64.19
N THR R 117 -16.11 32.48 -63.32
CA THR R 117 -15.94 32.76 -61.90
C THR R 117 -16.21 31.51 -61.07
N LEU R 118 -15.52 31.44 -59.94
CA LEU R 118 -15.59 30.36 -58.99
C LEU R 118 -16.10 30.91 -57.67
N THR R 119 -16.77 30.07 -56.88
CA THR R 119 -17.19 30.51 -55.56
C THR R 119 -17.30 29.33 -54.60
N ARG R 120 -16.62 29.41 -53.47
CA ARG R 120 -16.64 28.31 -52.52
C ARG R 120 -17.80 28.47 -51.54
N THR R 121 -18.05 27.41 -50.79
CA THR R 121 -18.88 27.47 -49.59
C THR R 121 -17.96 27.67 -48.39
N ALA R 122 -18.48 28.33 -47.36
CA ALA R 122 -17.67 28.57 -46.17
C ALA R 122 -17.39 27.28 -45.42
N ALA R 123 -18.42 26.47 -45.18
CA ALA R 123 -18.23 25.18 -44.53
C ALA R 123 -17.88 24.07 -45.51
N ASP R 124 -18.12 24.28 -46.81
CA ASP R 124 -18.04 23.20 -47.78
C ASP R 124 -17.30 23.57 -49.05
N GLY R 125 -16.68 24.74 -49.14
CA GLY R 125 -15.47 24.92 -49.91
C GLY R 125 -15.56 24.75 -51.42
N LEU R 126 -16.52 23.97 -51.93
CA LEU R 126 -16.46 23.54 -53.32
C LEU R 126 -16.76 24.73 -54.22
N TRP R 127 -15.81 25.02 -55.09
CA TRP R 127 -15.90 26.22 -55.91
C TRP R 127 -16.99 26.07 -56.95
N LYS R 128 -17.90 27.02 -56.94
CA LYS R 128 -18.96 27.11 -57.92
C LYS R 128 -18.32 27.62 -59.20
N CYS R 129 -17.63 26.71 -59.86
CA CYS R 129 -16.72 27.00 -60.94
C CYS R 129 -17.52 27.03 -62.23
N THR R 130 -17.79 28.23 -62.73
CA THR R 130 -18.83 28.43 -63.72
C THR R 130 -18.35 29.44 -64.75
N SER R 131 -19.07 29.45 -65.86
CA SER R 131 -18.67 30.18 -67.05
C SER R 131 -19.87 30.88 -67.64
N ASP R 132 -19.58 31.84 -68.51
CA ASP R 132 -20.58 32.62 -69.22
C ASP R 132 -20.74 32.20 -70.67
N GLN R 133 -20.18 31.06 -71.05
CA GLN R 133 -19.99 30.75 -72.46
C GLN R 133 -21.10 29.84 -72.98
N ASP R 134 -21.10 29.59 -74.28
CA ASP R 134 -22.07 28.74 -74.95
C ASP R 134 -21.58 27.30 -74.96
N GLU R 135 -22.52 26.36 -75.14
CA GLU R 135 -22.18 24.93 -75.11
C GLU R 135 -21.08 24.61 -76.09
N GLN R 136 -21.09 25.28 -77.25
CA GLN R 136 -20.01 25.21 -78.22
C GLN R 136 -18.69 25.78 -77.70
N PHE R 137 -18.72 26.57 -76.61
CA PHE R 137 -17.56 27.28 -76.08
C PHE R 137 -17.04 26.76 -74.76
N ILE R 138 -17.79 25.94 -74.03
CA ILE R 138 -17.69 25.89 -72.57
C ILE R 138 -16.28 25.53 -72.08
N PRO R 139 -15.87 26.01 -70.91
CA PRO R 139 -14.71 25.42 -70.27
C PRO R 139 -15.04 24.00 -69.84
N LYS R 140 -14.58 23.04 -70.62
CA LYS R 140 -14.85 21.65 -70.28
C LYS R 140 -13.89 21.26 -69.17
N GLY R 141 -14.42 20.58 -68.16
CA GLY R 141 -13.83 20.61 -66.84
C GLY R 141 -14.82 21.04 -65.80
N CYS R 142 -14.69 22.26 -65.27
CA CYS R 142 -15.70 22.79 -64.36
C CYS R 142 -17.06 22.84 -65.05
N SER R 143 -18.09 23.06 -64.25
CA SER R 143 -19.41 23.25 -64.78
C SER R 143 -19.46 24.53 -65.62
N ARG R 144 -20.42 24.56 -66.52
CA ARG R 144 -20.46 25.60 -67.55
C ARG R 144 -20.78 26.99 -67.04
N PHE S 1 -2.75 41.69 -135.27
CA PHE S 1 -3.72 40.78 -134.64
C PHE S 1 -3.22 40.30 -133.29
N THR S 2 -1.90 40.30 -133.11
CA THR S 2 -1.33 39.88 -131.84
C THR S 2 -1.58 40.89 -130.74
N LEU S 3 -1.89 42.14 -131.10
CA LEU S 3 -2.04 43.21 -130.13
C LEU S 3 -3.04 42.84 -129.04
N ILE S 4 -4.07 42.06 -129.41
CA ILE S 4 -5.14 41.72 -128.48
C ILE S 4 -4.69 40.61 -127.52
N GLU S 5 -4.00 39.61 -128.06
CA GLU S 5 -3.29 38.64 -127.22
C GLU S 5 -2.42 39.37 -126.20
N LEU S 6 -1.79 40.44 -126.63
CA LEU S 6 -1.07 41.19 -125.62
C LEU S 6 -1.99 41.94 -124.70
N MET S 7 -3.16 42.37 -125.13
CA MET S 7 -4.04 43.12 -124.24
C MET S 7 -4.33 42.32 -122.99
N ILE S 8 -4.64 41.03 -123.17
CA ILE S 8 -4.78 40.24 -121.96
C ILE S 8 -3.45 40.24 -121.24
N VAL S 9 -2.33 40.09 -121.95
CA VAL S 9 -1.09 39.90 -121.21
C VAL S 9 -0.70 41.14 -120.41
N VAL S 10 -0.96 42.33 -120.96
CA VAL S 10 -0.83 43.58 -120.21
C VAL S 10 -1.67 43.51 -118.95
N ALA S 11 -2.93 43.08 -119.11
CA ALA S 11 -3.78 42.88 -117.95
C ALA S 11 -3.11 41.94 -116.95
N ILE S 12 -2.76 40.73 -117.42
CA ILE S 12 -2.24 39.64 -116.58
C ILE S 12 -1.11 40.12 -115.71
N ILE S 13 -0.17 40.86 -116.31
CA ILE S 13 0.85 41.53 -115.51
C ILE S 13 0.19 42.37 -114.45
N GLY S 14 -0.89 43.07 -114.83
CA GLY S 14 -1.52 43.98 -113.89
C GLY S 14 -2.14 43.30 -112.68
N ILE S 15 -2.91 42.22 -112.89
CA ILE S 15 -3.99 41.93 -111.93
C ILE S 15 -3.44 41.58 -110.56
N LEU S 16 -2.22 41.03 -110.49
CA LEU S 16 -1.65 40.54 -109.25
C LEU S 16 -1.70 41.61 -108.17
N ALA S 17 -2.45 41.35 -107.08
CA ALA S 17 -2.93 42.41 -106.20
C ALA S 17 -2.85 42.07 -104.72
N ALA S 18 -1.98 41.15 -104.33
CA ALA S 18 -1.78 40.87 -102.91
C ALA S 18 -0.31 40.55 -102.61
N ILE S 19 0.62 41.18 -103.33
CA ILE S 19 2.01 40.71 -103.39
C ILE S 19 2.76 41.04 -102.11
N ALA S 20 2.99 42.33 -101.90
CA ALA S 20 3.87 42.73 -100.82
C ALA S 20 3.07 42.74 -99.53
N ILE S 21 3.15 41.63 -98.81
CA ILE S 21 2.57 41.54 -97.48
C ILE S 21 3.77 41.58 -96.54
N PRO S 22 4.27 42.75 -96.22
CA PRO S 22 5.47 42.90 -95.40
C PRO S 22 5.27 42.40 -93.99
N GLN S 23 4.23 42.92 -93.33
CA GLN S 23 3.92 42.62 -91.93
C GLN S 23 3.33 41.22 -91.80
N TYR S 24 3.32 40.49 -92.89
CA TYR S 24 3.52 39.06 -92.80
C TYR S 24 4.75 38.84 -91.94
N GLN S 25 5.89 39.46 -92.30
CA GLN S 25 7.13 39.38 -91.50
C GLN S 25 6.92 39.77 -90.05
N ASN S 26 5.85 40.48 -89.74
CA ASN S 26 5.59 40.98 -88.41
C ASN S 26 4.57 40.17 -87.63
N TYR S 27 3.68 39.39 -88.30
CA TYR S 27 3.09 38.27 -87.57
C TYR S 27 4.10 37.15 -87.43
N VAL S 28 4.92 36.94 -88.45
CA VAL S 28 6.12 36.14 -88.28
C VAL S 28 6.89 36.65 -87.08
N ALA S 29 6.98 37.97 -86.93
CA ALA S 29 7.69 38.51 -85.79
C ALA S 29 7.01 38.17 -84.48
N ARG S 30 5.67 38.21 -84.48
CA ARG S 30 4.95 37.82 -83.27
C ARG S 30 5.13 36.36 -82.98
N SER S 31 5.13 35.55 -84.03
CA SER S 31 5.39 34.14 -83.90
C SER S 31 6.78 33.92 -83.34
N GLU S 32 7.72 34.73 -83.81
CA GLU S 32 9.10 34.55 -83.41
C GLU S 32 9.30 35.00 -81.98
N GLY S 33 8.48 35.93 -81.51
CA GLY S 33 8.62 36.46 -80.17
C GLY S 33 7.90 35.62 -79.13
N ALA S 34 6.63 35.33 -79.39
CA ALA S 34 5.89 34.42 -78.52
C ALA S 34 6.52 33.05 -78.54
N SER S 35 6.77 32.53 -79.73
CA SER S 35 7.45 31.26 -79.85
C SER S 35 8.90 31.37 -79.38
N ALA S 36 9.42 32.59 -79.24
CA ALA S 36 10.64 32.76 -78.47
C ALA S 36 10.39 32.61 -76.97
N LEU S 37 9.17 32.87 -76.50
CA LEU S 37 8.85 32.54 -75.12
C LEU S 37 8.70 31.04 -74.94
N ALA S 38 8.18 30.36 -75.97
CA ALA S 38 8.03 28.91 -75.90
C ALA S 38 9.35 28.23 -75.60
N SER S 39 10.44 28.80 -76.09
CA SER S 39 11.75 28.21 -75.89
C SER S 39 12.12 28.17 -74.40
N VAL S 40 11.73 29.20 -73.65
CA VAL S 40 12.22 29.38 -72.29
C VAL S 40 11.23 28.92 -71.23
N ASN S 41 9.97 28.73 -71.57
CA ASN S 41 8.95 28.62 -70.55
C ASN S 41 9.12 27.45 -69.58
N PRO S 42 9.56 26.26 -69.99
CA PRO S 42 9.87 25.24 -68.99
C PRO S 42 11.18 25.49 -68.25
N LEU S 43 11.92 26.54 -68.61
CA LEU S 43 13.13 26.86 -67.88
C LEU S 43 12.88 27.83 -66.75
N LYS S 44 11.84 28.65 -66.84
CA LYS S 44 11.22 29.16 -65.64
C LYS S 44 11.00 28.01 -64.67
N THR S 45 10.25 27.03 -65.16
CA THR S 45 9.89 25.85 -64.39
C THR S 45 11.11 25.06 -63.94
N THR S 46 12.26 25.23 -64.59
CA THR S 46 13.48 24.49 -64.30
C THR S 46 14.34 25.18 -63.23
N VAL S 47 14.53 26.49 -63.36
CA VAL S 47 15.12 27.27 -62.29
C VAL S 47 14.35 26.98 -61.00
N GLU S 48 13.02 27.12 -61.08
CA GLU S 48 12.21 26.78 -59.93
C GLU S 48 12.19 25.29 -59.64
N GLU S 49 12.49 24.45 -60.62
CA GLU S 49 12.53 23.01 -60.39
C GLU S 49 13.58 22.74 -59.33
N ALA S 50 14.84 22.90 -59.70
CA ALA S 50 15.84 22.38 -58.79
C ALA S 50 16.04 23.32 -57.61
N LEU S 51 15.80 24.62 -57.79
CA LEU S 51 15.82 25.48 -56.61
C LEU S 51 14.72 25.08 -55.65
N SER S 52 13.57 24.65 -56.18
CA SER S 52 12.50 24.17 -55.34
C SER S 52 12.78 22.78 -54.80
N ARG S 53 13.89 22.16 -55.19
CA ARG S 53 14.33 20.93 -54.53
C ARG S 53 15.28 21.19 -53.37
N GLY S 54 16.23 22.11 -53.53
CA GLY S 54 17.39 22.19 -52.68
C GLY S 54 18.69 22.17 -53.45
N TRP S 55 18.63 22.61 -54.70
CA TRP S 55 19.70 22.40 -55.67
C TRP S 55 19.77 23.60 -56.59
N SER S 56 20.97 24.10 -56.88
CA SER S 56 21.10 25.22 -57.80
C SER S 56 20.94 24.71 -59.24
N VAL S 57 21.05 25.62 -60.21
CA VAL S 57 20.75 25.30 -61.60
C VAL S 57 21.76 26.00 -62.49
N LYS S 58 22.55 25.22 -63.23
CA LYS S 58 23.40 25.77 -64.29
C LYS S 58 22.62 25.84 -65.60
N SER S 59 23.17 26.61 -66.53
CA SER S 59 22.76 26.54 -67.91
C SER S 59 23.58 25.50 -68.64
N GLY S 60 22.93 24.82 -69.57
CA GLY S 60 23.43 23.60 -70.16
C GLY S 60 22.59 22.41 -69.74
N THR S 61 23.03 21.24 -70.19
CA THR S 61 22.36 19.99 -69.99
C THR S 61 23.26 19.05 -69.19
N GLY S 62 22.84 17.80 -69.10
CA GLY S 62 23.61 16.74 -68.49
C GLY S 62 22.83 16.03 -67.44
N THR S 63 23.49 15.09 -66.78
CA THR S 63 22.94 14.57 -65.54
C THR S 63 22.86 15.69 -64.53
N GLU S 64 22.17 15.41 -63.45
CA GLU S 64 22.16 16.37 -62.37
C GLU S 64 23.54 16.52 -61.79
N ASP S 65 23.88 17.76 -61.47
CA ASP S 65 25.02 18.05 -60.63
C ASP S 65 24.64 17.75 -59.19
N ALA S 66 24.31 16.49 -58.93
CA ALA S 66 23.56 16.06 -57.75
C ALA S 66 24.45 15.71 -56.58
N THR S 67 25.75 15.93 -56.69
CA THR S 67 26.62 16.00 -55.52
C THR S 67 27.09 17.43 -55.28
N LYS S 68 26.52 18.40 -56.00
CA LYS S 68 27.15 19.68 -56.21
C LYS S 68 26.28 20.86 -55.80
N LYS S 69 25.11 20.63 -55.22
CA LYS S 69 24.12 21.68 -55.01
C LYS S 69 23.91 22.46 -56.31
N GLU S 70 23.57 21.70 -57.35
CA GLU S 70 23.45 22.22 -58.70
C GLU S 70 22.68 21.21 -59.53
N VAL S 71 22.08 21.71 -60.61
CA VAL S 71 21.38 20.87 -61.59
C VAL S 71 21.55 21.57 -62.94
N PRO S 72 21.38 20.91 -64.08
CA PRO S 72 21.32 21.65 -65.34
C PRO S 72 20.06 22.50 -65.45
N LEU S 73 20.14 23.53 -66.30
CA LEU S 73 18.92 24.05 -66.90
C LEU S 73 18.33 23.05 -67.88
N GLY S 74 19.12 22.11 -68.37
CA GLY S 74 18.66 21.24 -69.43
C GLY S 74 18.30 21.99 -70.69
N VAL S 75 19.18 22.90 -71.14
CA VAL S 75 18.95 23.66 -72.36
C VAL S 75 20.28 24.00 -73.00
N ALA S 76 20.30 23.97 -74.33
CA ALA S 76 21.32 24.62 -75.13
C ALA S 76 20.79 25.99 -75.51
N ALA S 77 21.61 27.03 -75.32
CA ALA S 77 21.16 28.42 -75.39
C ALA S 77 20.33 28.71 -76.63
N ASP S 78 20.78 28.23 -77.79
CA ASP S 78 20.03 28.36 -79.04
C ASP S 78 19.24 27.10 -79.36
N ALA S 79 18.63 26.49 -78.33
CA ALA S 79 17.55 25.55 -78.54
C ALA S 79 16.56 26.08 -79.57
N ASN S 80 16.27 27.37 -79.47
CA ASN S 80 15.49 28.11 -80.46
C ASN S 80 16.47 28.90 -81.34
N LYS S 81 16.56 28.53 -82.63
CA LYS S 81 17.48 29.16 -83.56
C LYS S 81 17.08 30.58 -83.92
N LEU S 82 16.00 31.12 -83.37
CA LEU S 82 15.81 32.55 -83.44
C LEU S 82 16.93 33.26 -82.72
N GLY S 83 17.52 32.62 -81.72
CA GLY S 83 18.69 33.17 -81.07
C GLY S 83 19.12 32.32 -79.90
N THR S 84 19.34 32.94 -78.74
CA THR S 84 20.02 32.28 -77.63
C THR S 84 19.41 32.63 -76.29
N ILE S 85 19.46 31.68 -75.37
CA ILE S 85 19.11 31.86 -73.98
C ILE S 85 20.40 32.18 -73.23
N ALA S 86 20.26 32.85 -72.09
CA ALA S 86 21.40 33.07 -71.21
C ALA S 86 20.92 33.09 -69.78
N LEU S 87 21.35 32.11 -68.99
CA LEU S 87 21.09 32.13 -67.56
C LEU S 87 21.96 33.17 -66.90
N LYS S 88 21.40 33.86 -65.92
CA LYS S 88 22.10 34.92 -65.23
C LYS S 88 21.49 35.14 -63.84
N PRO S 89 22.22 34.90 -62.75
CA PRO S 89 23.53 34.25 -62.61
C PRO S 89 23.45 32.79 -62.94
N ASP S 90 24.58 32.27 -63.42
CA ASP S 90 24.69 30.90 -63.91
C ASP S 90 25.85 30.23 -63.18
N PRO S 91 25.63 29.19 -62.36
CA PRO S 91 24.37 28.53 -62.06
C PRO S 91 23.49 29.31 -61.13
N ALA S 92 22.20 29.21 -61.45
CA ALA S 92 21.13 29.85 -60.69
C ALA S 92 21.04 29.24 -59.32
N ASP S 93 21.43 30.02 -58.32
CA ASP S 93 21.32 29.62 -56.92
C ASP S 93 19.97 29.99 -56.31
N GLY S 94 19.19 30.81 -57.01
CA GLY S 94 17.81 31.04 -56.66
C GLY S 94 17.64 32.16 -55.68
N THR S 95 18.50 32.19 -54.67
CA THR S 95 18.55 33.36 -53.81
C THR S 95 18.95 34.60 -54.59
N ALA S 96 19.57 34.43 -55.76
CA ALA S 96 19.69 35.50 -56.74
C ALA S 96 18.42 35.59 -57.55
N ASP S 97 18.11 36.82 -57.98
CA ASP S 97 17.05 37.02 -58.94
C ASP S 97 17.53 36.47 -60.26
N ILE S 98 17.23 35.21 -60.50
CA ILE S 98 17.71 34.54 -61.68
C ILE S 98 17.06 35.18 -62.90
N THR S 99 17.80 35.19 -63.99
CA THR S 99 17.40 35.80 -65.24
C THR S 99 17.58 34.79 -66.35
N LEU S 100 16.58 34.71 -67.21
CA LEU S 100 16.61 33.83 -68.38
C LEU S 100 16.36 34.71 -69.60
N THR S 101 17.45 35.15 -70.19
CA THR S 101 17.42 35.79 -71.49
C THR S 101 16.81 34.87 -72.52
N PHE S 102 16.20 35.45 -73.54
CA PHE S 102 16.23 34.85 -74.86
C PHE S 102 16.49 35.93 -75.88
N THR S 103 17.63 35.85 -76.53
CA THR S 103 17.93 36.71 -77.64
C THR S 103 17.29 36.16 -78.90
N MET S 104 16.83 37.06 -79.76
CA MET S 104 16.37 36.71 -81.10
C MET S 104 17.41 37.09 -82.15
N GLY S 105 18.57 36.43 -82.05
CA GLY S 105 19.62 36.54 -83.04
C GLY S 105 19.24 36.05 -84.43
N GLY S 106 19.03 34.74 -84.58
CA GLY S 106 18.71 34.18 -85.88
C GLY S 106 17.30 34.50 -86.34
N ALA S 107 16.98 35.79 -86.45
CA ALA S 107 15.63 36.29 -86.62
C ALA S 107 15.55 37.14 -87.88
N GLY S 108 14.32 37.52 -88.24
CA GLY S 108 14.07 38.34 -89.40
C GLY S 108 14.69 39.70 -89.23
N PRO S 109 14.70 40.50 -90.30
CA PRO S 109 15.14 41.90 -90.14
C PRO S 109 14.27 42.68 -89.18
N LYS S 110 13.05 42.22 -88.92
CA LYS S 110 12.12 42.88 -88.03
C LYS S 110 12.09 42.27 -86.64
N ASN S 111 12.93 41.28 -86.35
CA ASN S 111 13.29 40.94 -84.97
C ASN S 111 14.77 40.64 -84.89
N LYS S 112 15.57 41.34 -85.68
CA LYS S 112 16.96 40.98 -85.79
C LYS S 112 17.69 41.29 -84.50
N GLY S 113 17.43 40.48 -83.47
CA GLY S 113 18.06 40.62 -82.17
C GLY S 113 17.19 41.19 -81.07
N LYS S 114 15.87 41.25 -81.25
CA LYS S 114 14.99 41.80 -80.22
C LYS S 114 14.87 40.78 -79.09
N ILE S 115 15.63 41.01 -78.01
CA ILE S 115 15.72 40.03 -76.94
C ILE S 115 14.39 39.93 -76.19
N ILE S 116 14.15 38.75 -75.64
CA ILE S 116 13.06 38.50 -74.71
C ILE S 116 13.70 37.84 -73.50
N THR S 117 13.79 38.56 -72.39
CA THR S 117 14.45 38.07 -71.19
C THR S 117 13.46 37.97 -70.04
N LEU S 118 13.73 37.02 -69.16
CA LEU S 118 12.93 36.72 -67.99
C LEU S 118 13.79 36.95 -66.76
N THR S 119 13.17 37.29 -65.64
CA THR S 119 13.92 37.41 -64.39
C THR S 119 13.04 37.13 -63.20
N ARG S 120 13.45 36.21 -62.34
CA ARG S 120 12.65 35.85 -61.19
C ARG S 120 13.00 36.74 -60.01
N THR S 121 12.16 36.65 -58.97
CA THR S 121 12.52 37.15 -57.66
C THR S 121 13.06 36.00 -56.83
N ALA S 122 13.96 36.31 -55.89
CA ALA S 122 14.53 35.26 -55.06
C ALA S 122 13.50 34.65 -54.13
N ALA S 123 12.74 35.49 -53.43
CA ALA S 123 11.68 35.00 -52.55
C ALA S 123 10.38 34.77 -53.30
N ASP S 124 10.22 35.35 -54.49
CA ASP S 124 8.93 35.40 -55.14
C ASP S 124 8.98 35.05 -56.62
N GLY S 125 10.11 34.61 -57.17
CA GLY S 125 10.13 33.66 -58.26
C GLY S 125 9.56 34.12 -59.58
N LEU S 126 8.63 35.08 -59.62
CA LEU S 126 7.85 35.32 -60.81
C LEU S 126 8.73 35.97 -61.86
N TRP S 127 8.82 35.32 -63.00
CA TRP S 127 9.75 35.75 -64.03
C TRP S 127 9.29 37.04 -64.67
N LYS S 128 10.17 38.03 -64.63
CA LYS S 128 9.93 39.31 -65.28
C LYS S 128 10.12 39.08 -66.78
N CYS S 129 9.09 38.48 -67.34
CA CYS S 129 9.13 37.91 -68.68
C CYS S 129 8.77 39.00 -69.66
N THR S 130 9.78 39.53 -70.34
CA THR S 130 9.66 40.79 -71.03
C THR S 130 10.38 40.73 -72.36
N SER S 131 10.07 41.71 -73.19
CA SER S 131 10.46 41.71 -74.60
C SER S 131 10.93 43.09 -74.99
N ASP S 132 11.62 43.14 -76.11
CA ASP S 132 12.14 44.36 -76.69
C ASP S 132 11.34 44.83 -77.89
N GLN S 133 10.17 44.26 -78.13
CA GLN S 133 9.51 44.40 -79.40
C GLN S 133 8.44 45.50 -79.35
N ASP S 134 7.86 45.79 -80.52
CA ASP S 134 6.81 46.79 -80.67
C ASP S 134 5.44 46.16 -80.45
N GLU S 135 4.45 47.00 -80.13
CA GLU S 135 3.10 46.49 -79.85
C GLU S 135 2.56 45.65 -80.99
N GLN S 136 2.91 46.03 -82.21
CA GLN S 136 2.64 45.23 -83.40
C GLN S 136 3.40 43.90 -83.41
N PHE S 137 4.43 43.75 -82.59
CA PHE S 137 5.31 42.58 -82.59
C PHE S 137 5.20 41.68 -81.38
N ILE S 138 4.56 42.11 -80.30
CA ILE S 138 4.91 41.65 -78.95
C ILE S 138 4.76 40.14 -78.80
N PRO S 139 5.56 39.50 -77.93
CA PRO S 139 5.21 38.14 -77.52
C PRO S 139 3.95 38.20 -76.69
N LYS S 140 2.84 37.84 -77.29
CA LYS S 140 1.58 37.85 -76.57
C LYS S 140 1.55 36.60 -75.70
N GLY S 141 1.14 36.77 -74.45
CA GLY S 141 1.55 35.86 -73.40
C GLY S 141 2.19 36.62 -72.26
N CYS S 142 3.50 36.49 -72.10
CA CYS S 142 4.20 37.30 -71.11
C CYS S 142 4.01 38.78 -71.39
N SER S 143 4.40 39.59 -70.41
CA SER S 143 4.36 41.02 -70.59
C SER S 143 5.36 41.43 -71.66
N ARG S 144 5.12 42.59 -72.26
CA ARG S 144 5.83 43.00 -73.46
C ARG S 144 7.30 43.35 -73.23
N PHE T 1 4.11 45.03 -145.22
CA PHE T 1 3.36 45.70 -144.14
C PHE T 1 3.28 44.82 -142.92
N THR T 2 3.39 43.51 -143.11
CA THR T 2 3.35 42.59 -141.99
C THR T 2 4.61 42.67 -141.14
N LEU T 3 5.70 43.20 -141.70
CA LEU T 3 6.98 43.24 -141.01
C LEU T 3 6.86 43.88 -139.63
N ILE T 4 5.97 44.86 -139.51
CA ILE T 4 5.84 45.62 -138.26
C ILE T 4 5.05 44.82 -137.22
N GLU T 5 3.96 44.16 -137.66
CA GLU T 5 3.30 43.15 -136.85
C GLU T 5 4.31 42.16 -136.32
N LEU T 6 5.25 41.77 -137.15
CA LEU T 6 6.28 40.92 -136.59
C LEU T 6 7.20 41.65 -135.67
N MET T 7 7.45 42.95 -135.86
CA MET T 7 8.36 43.65 -134.96
C MET T 7 7.92 43.51 -133.53
N ILE T 8 6.62 43.71 -133.29
CA ILE T 8 6.17 43.44 -131.94
C ILE T 8 6.43 41.99 -131.63
N VAL T 9 6.15 41.07 -132.56
CA VAL T 9 6.21 39.67 -132.16
C VAL T 9 7.64 39.24 -131.83
N VAL T 10 8.63 39.77 -132.56
CA VAL T 10 10.04 39.59 -132.21
C VAL T 10 10.27 40.08 -130.79
N ALA T 11 9.75 41.27 -130.49
CA ALA T 11 9.83 41.77 -129.13
C ALA T 11 9.21 40.77 -128.15
N ILE T 12 7.94 40.41 -128.39
CA ILE T 12 7.14 39.58 -127.48
C ILE T 12 7.90 38.33 -127.10
N ILE T 13 8.49 37.66 -128.09
CA ILE T 13 9.39 36.55 -127.81
C ILE T 13 10.46 37.02 -126.84
N GLY T 14 10.98 38.23 -127.07
CA GLY T 14 12.07 38.71 -126.24
C GLY T 14 11.72 38.92 -124.78
N ILE T 15 10.59 39.59 -124.50
CA ILE T 15 10.51 40.34 -123.24
C ILE T 15 10.57 39.43 -122.03
N LEU T 16 10.11 38.18 -122.17
CA LEU T 16 10.00 37.27 -121.03
C LEU T 16 11.32 37.16 -120.29
N ALA T 17 11.32 37.57 -119.01
CA ALA T 17 12.55 37.95 -118.32
C ALA T 17 12.63 37.44 -116.88
N ALA T 18 11.88 36.40 -116.53
CA ALA T 18 12.00 35.81 -115.20
C ALA T 18 11.85 34.29 -115.25
N ILE T 19 12.31 33.65 -116.33
CA ILE T 19 11.89 32.29 -116.64
C ILE T 19 12.60 31.27 -115.75
N ALA T 20 13.90 31.15 -115.92
CA ALA T 20 14.62 30.07 -115.27
C ALA T 20 14.93 30.52 -113.85
N ILE T 21 14.07 30.13 -112.93
CA ILE T 21 14.31 30.35 -111.50
C ILE T 21 14.66 28.96 -110.98
N PRO T 22 15.89 28.53 -111.11
CA PRO T 22 16.30 27.19 -110.70
C PRO T 22 16.18 26.97 -109.22
N GLN T 23 16.81 27.86 -108.44
CA GLN T 23 16.88 27.77 -106.98
C GLN T 23 15.55 28.13 -106.36
N TYR T 24 14.55 28.34 -107.19
CA TYR T 24 13.21 27.95 -106.82
C TYR T 24 13.28 26.53 -106.30
N GLN T 25 13.84 25.59 -107.10
CA GLN T 25 14.04 24.20 -106.67
C GLN T 25 14.80 24.08 -105.36
N ASN T 26 15.50 25.11 -104.95
CA ASN T 26 16.34 25.08 -103.77
C ASN T 26 15.70 25.77 -102.56
N TYR T 27 14.74 26.69 -102.76
CA TYR T 27 13.83 26.94 -101.64
C TYR T 27 12.82 25.81 -101.52
N VAL T 28 12.40 25.25 -102.64
CA VAL T 28 11.73 23.97 -102.61
C VAL T 28 12.58 22.98 -101.84
N ALA T 29 13.89 23.01 -102.04
CA ALA T 29 14.75 22.10 -101.31
C ALA T 29 14.74 22.39 -99.82
N ARG T 30 14.71 23.67 -99.45
CA ARG T 30 14.64 24.02 -98.04
C ARG T 30 13.30 23.60 -97.46
N SER T 31 12.24 23.78 -98.25
CA SER T 31 10.94 23.32 -97.85
C SER T 31 10.94 21.83 -97.67
N GLU T 32 11.64 21.14 -98.55
CA GLU T 32 11.64 19.69 -98.52
C GLU T 32 12.47 19.18 -97.35
N GLY T 33 13.45 19.96 -96.92
CA GLY T 33 14.33 19.55 -95.84
C GLY T 33 13.75 19.88 -94.47
N ALA T 34 13.34 21.13 -94.29
CA ALA T 34 12.67 21.52 -93.06
C ALA T 34 11.37 20.76 -92.91
N SER T 35 10.57 20.75 -93.97
CA SER T 35 9.35 19.97 -93.95
C SER T 35 9.64 18.48 -93.94
N ALA T 36 10.87 18.09 -94.25
CA ALA T 36 11.31 16.75 -93.91
C ALA T 36 11.55 16.59 -92.41
N LEU T 37 11.87 17.67 -91.70
CA LEU T 37 11.90 17.59 -90.25
C LEU T 37 10.50 17.51 -89.68
N ALA T 38 9.54 18.19 -90.32
CA ALA T 38 8.17 18.15 -89.86
C ALA T 38 7.65 16.73 -89.78
N SER T 39 8.12 15.87 -90.68
CA SER T 39 7.67 14.49 -90.71
C SER T 39 8.05 13.76 -89.43
N VAL T 40 9.21 14.07 -88.86
CA VAL T 40 9.78 13.27 -87.78
C VAL T 40 9.57 13.88 -86.40
N ASN T 41 9.24 15.17 -86.33
CA ASN T 41 9.35 15.88 -85.07
C ASN T 41 8.49 15.32 -83.93
N PRO T 42 7.26 14.87 -84.14
CA PRO T 42 6.56 14.19 -83.05
C PRO T 42 7.06 12.79 -82.78
N LEU T 43 8.01 12.29 -83.57
CA LEU T 43 8.58 10.97 -83.31
C LEU T 43 9.79 11.04 -82.42
N LYS T 44 10.51 12.15 -82.43
CA LYS T 44 11.29 12.53 -81.25
C LYS T 44 10.44 12.34 -80.02
N THR T 45 9.32 13.07 -80.02
CA THR T 45 8.38 13.08 -78.92
C THR T 45 7.79 11.71 -78.65
N THR T 46 7.83 10.78 -79.62
CA THR T 46 7.27 9.45 -79.50
C THR T 46 8.25 8.45 -78.90
N VAL T 47 9.49 8.45 -79.40
CA VAL T 47 10.56 7.70 -78.76
C VAL T 47 10.58 8.08 -77.28
N GLU T 48 10.63 9.38 -77.02
CA GLU T 48 10.57 9.84 -75.64
C GLU T 48 9.22 9.61 -75.01
N GLU T 49 8.15 9.47 -75.80
CA GLU T 49 6.84 9.21 -75.23
C GLU T 49 6.90 7.90 -74.48
N ALA T 50 7.02 6.80 -75.20
CA ALA T 50 6.82 5.55 -74.51
C ALA T 50 8.03 5.16 -73.70
N LEU T 51 9.23 5.59 -74.11
CA LEU T 51 10.38 5.38 -73.23
C LEU T 51 10.19 6.14 -71.94
N SER T 52 9.60 7.33 -72.01
CA SER T 52 9.30 8.08 -70.82
C SER T 52 8.12 7.52 -70.05
N ARG T 53 7.48 6.48 -70.57
CA ARG T 53 6.49 5.75 -69.78
C ARG T 53 7.08 4.56 -69.03
N GLY T 54 7.98 3.82 -69.66
CA GLY T 54 8.33 2.49 -69.20
C GLY T 54 8.18 1.44 -70.28
N TRP T 55 8.26 1.86 -71.53
CA TRP T 55 7.85 1.06 -72.67
C TRP T 55 8.77 1.36 -73.84
N SER T 56 9.23 0.33 -74.57
CA SER T 56 10.06 0.57 -75.73
C SER T 56 9.18 1.04 -76.90
N VAL T 57 9.80 1.29 -78.05
CA VAL T 57 9.11 1.89 -79.19
C VAL T 57 9.59 1.22 -80.46
N LYS T 58 8.70 0.56 -81.17
CA LYS T 58 8.98 0.09 -82.53
C LYS T 58 8.66 1.17 -83.55
N SER T 59 9.17 0.97 -84.76
CA SER T 59 8.71 1.71 -85.91
C SER T 59 7.56 0.98 -86.56
N GLY T 60 6.62 1.76 -87.08
CA GLY T 60 5.31 1.28 -87.47
C GLY T 60 4.24 1.84 -86.56
N THR T 61 3.02 1.39 -86.82
CA THR T 61 1.83 1.84 -86.13
C THR T 61 1.19 0.67 -85.41
N GLY T 62 -0.02 0.89 -84.90
CA GLY T 62 -0.83 -0.13 -84.29
C GLY T 62 -1.28 0.29 -82.92
N THR T 63 -1.97 -0.63 -82.26
CA THR T 63 -2.16 -0.47 -80.83
C THR T 63 -0.81 -0.53 -80.14
N GLU T 64 -0.83 -0.17 -78.88
CA GLU T 64 0.38 -0.32 -78.10
C GLU T 64 0.75 -1.78 -77.98
N ASP T 65 2.04 -2.04 -78.07
CA ASP T 65 2.59 -3.32 -77.69
C ASP T 65 2.67 -3.34 -76.17
N ALA T 66 1.51 -3.25 -75.53
CA ALA T 66 1.38 -2.88 -74.13
C ALA T 66 1.39 -4.06 -73.19
N THR T 67 1.64 -5.27 -73.70
CA THR T 67 2.06 -6.39 -72.88
C THR T 67 3.52 -6.73 -73.13
N LYS T 68 4.23 -5.88 -73.88
CA LYS T 68 5.44 -6.29 -74.56
C LYS T 68 6.65 -5.41 -74.23
N LYS T 69 6.53 -4.47 -73.31
CA LYS T 69 7.55 -3.45 -73.10
C LYS T 69 7.94 -2.82 -74.44
N GLU T 70 6.91 -2.32 -75.13
CA GLU T 70 7.05 -1.81 -76.48
C GLU T 70 5.82 -0.98 -76.79
N VAL T 71 5.98 -0.06 -77.76
CA VAL T 71 4.88 0.76 -78.27
C VAL T 71 5.20 1.01 -79.74
N PRO T 72 4.24 1.39 -80.59
CA PRO T 72 4.62 1.86 -81.93
C PRO T 72 5.35 3.19 -81.89
N LEU T 73 6.12 3.45 -82.96
CA LEU T 73 6.41 4.85 -83.30
C LEU T 73 5.16 5.54 -83.81
N GLY T 74 4.17 4.79 -84.25
CA GLY T 74 3.01 5.40 -84.90
C GLY T 74 3.38 6.15 -86.16
N VAL T 75 4.17 5.53 -87.04
CA VAL T 75 4.57 6.15 -88.29
C VAL T 75 4.79 5.07 -89.34
N ALA T 76 4.41 5.39 -90.58
CA ALA T 76 4.88 4.69 -91.76
C ALA T 76 6.07 5.46 -92.29
N ALA T 77 7.16 4.74 -92.61
CA ALA T 77 8.45 5.36 -92.88
C ALA T 77 8.36 6.50 -93.88
N ASP T 78 7.61 6.31 -94.97
CA ASP T 78 7.36 7.35 -95.95
C ASP T 78 6.04 8.04 -95.72
N ALA T 79 5.70 8.30 -94.45
CA ALA T 79 4.67 9.28 -94.12
C ALA T 79 4.87 10.55 -94.94
N ASN T 80 6.13 10.96 -95.07
CA ASN T 80 6.53 12.04 -95.96
C ASN T 80 7.11 11.42 -97.24
N LYS T 81 6.41 11.61 -98.37
CA LYS T 81 6.81 11.04 -99.65
C LYS T 81 8.06 11.68 -100.22
N LEU T 82 8.67 12.65 -99.54
CA LEU T 82 10.03 13.02 -99.90
C LEU T 82 10.96 11.84 -99.71
N GLY T 83 10.64 10.94 -98.79
CA GLY T 83 11.39 9.72 -98.64
C GLY T 83 10.91 8.91 -97.47
N THR T 84 11.82 8.48 -96.60
CA THR T 84 11.51 7.47 -95.60
C THR T 84 12.19 7.76 -94.26
N ILE T 85 11.51 7.36 -93.21
CA ILE T 85 12.05 7.36 -91.85
C ILE T 85 12.61 5.98 -91.58
N ALA T 86 13.56 5.90 -90.65
CA ALA T 86 14.05 4.61 -90.20
C ALA T 86 14.43 4.71 -88.73
N LEU T 87 13.71 3.98 -87.88
CA LEU T 87 14.12 3.87 -86.49
C LEU T 87 15.33 2.99 -86.37
N LYS T 88 16.22 3.37 -85.47
CA LYS T 88 17.47 2.65 -85.28
C LYS T 88 18.02 2.91 -83.88
N PRO T 89 18.11 1.89 -83.00
CA PRO T 89 17.59 0.53 -83.07
C PRO T 89 16.08 0.51 -83.00
N ASP T 90 15.52 -0.51 -83.63
CA ASP T 90 14.07 -0.65 -83.79
C ASP T 90 13.68 -2.03 -83.26
N PRO T 91 12.88 -2.15 -82.19
CA PRO T 91 12.27 -1.09 -81.39
C PRO T 91 13.22 -0.39 -80.47
N ALA T 92 12.99 0.92 -80.40
CA ALA T 92 13.75 1.82 -79.57
C ALA T 92 13.53 1.48 -78.11
N ASP T 93 14.57 0.96 -77.47
CA ASP T 93 14.55 0.66 -76.05
C ASP T 93 15.00 1.84 -75.20
N GLY T 94 15.57 2.87 -75.83
CA GLY T 94 15.80 4.14 -75.19
C GLY T 94 17.15 4.17 -74.50
N THR T 95 17.49 3.11 -73.81
CA THR T 95 18.85 2.98 -73.31
C THR T 95 19.85 2.93 -74.45
N ALA T 96 19.40 2.61 -75.66
CA ALA T 96 20.17 2.87 -76.86
C ALA T 96 19.99 4.31 -77.29
N ASP T 97 21.04 4.85 -77.91
CA ASP T 97 20.93 6.14 -78.55
C ASP T 97 20.07 5.95 -79.79
N ILE T 98 18.78 6.16 -79.61
CA ILE T 98 17.84 5.92 -80.68
C ILE T 98 18.09 6.92 -81.79
N THR T 99 17.85 6.49 -83.01
CA THR T 99 18.09 7.25 -84.21
C THR T 99 16.83 7.25 -85.05
N LEU T 100 16.47 8.42 -85.55
CA LEU T 100 15.32 8.59 -86.43
C LEU T 100 15.82 9.24 -87.71
N THR T 101 16.15 8.38 -88.68
CA THR T 101 16.41 8.82 -90.03
C THR T 101 15.21 9.56 -90.60
N PHE T 102 15.48 10.48 -91.51
CA PHE T 102 14.56 10.71 -92.60
C PHE T 102 15.34 10.85 -93.89
N THR T 103 15.13 9.90 -94.78
CA THR T 103 15.68 10.00 -96.11
C THR T 103 14.78 10.87 -96.97
N MET T 104 15.40 11.63 -97.86
CA MET T 104 14.68 12.37 -98.91
C MET T 104 14.81 11.68 -100.25
N GLY T 105 14.27 10.47 -100.32
CA GLY T 105 14.15 9.73 -101.56
C GLY T 105 13.30 10.38 -102.62
N GLY T 106 11.98 10.47 -102.39
CA GLY T 106 11.08 11.04 -103.37
C GLY T 106 11.20 12.55 -103.49
N ALA T 107 12.39 13.03 -103.81
CA ALA T 107 12.77 14.43 -103.73
C ALA T 107 13.25 14.93 -105.08
N GLY T 108 13.45 16.24 -105.17
CA GLY T 108 13.92 16.86 -106.38
C GLY T 108 15.31 16.40 -106.72
N PRO T 109 15.80 16.75 -107.92
CA PRO T 109 17.21 16.46 -108.24
C PRO T 109 18.17 17.14 -107.29
N LYS T 110 17.74 18.19 -106.60
CA LYS T 110 18.57 18.93 -105.68
C LYS T 110 18.35 18.54 -104.23
N ASN T 111 17.52 17.54 -103.95
CA ASN T 111 17.57 16.81 -102.68
C ASN T 111 17.38 15.33 -102.94
N LYS T 112 17.89 14.85 -104.06
CA LYS T 112 17.57 13.49 -104.47
C LYS T 112 18.25 12.49 -103.54
N GLY T 113 17.73 12.40 -102.31
CA GLY T 113 18.25 11.48 -101.31
C GLY T 113 19.04 12.11 -100.19
N LYS T 114 18.98 13.42 -100.00
CA LYS T 114 19.75 14.07 -98.94
C LYS T 114 19.07 13.78 -97.61
N ILE T 115 19.60 12.81 -96.87
CA ILE T 115 18.96 12.33 -95.66
C ILE T 115 19.00 13.41 -94.57
N ILE T 116 18.00 13.36 -93.71
CA ILE T 116 17.95 14.14 -92.48
C ILE T 116 17.67 13.14 -91.37
N THR T 117 18.66 12.85 -90.54
CA THR T 117 18.55 11.86 -89.48
C THR T 117 18.71 12.51 -88.12
N LEU T 118 18.04 11.92 -87.14
CA LEU T 118 18.03 12.35 -85.76
C LEU T 118 18.61 11.24 -84.91
N THR T 119 19.22 11.60 -83.78
CA THR T 119 19.70 10.58 -82.86
C THR T 119 19.70 11.09 -81.44
N ARG T 120 19.06 10.37 -80.53
CA ARG T 120 19.00 10.81 -79.15
C ARG T 120 20.17 10.28 -78.35
N THR T 121 20.33 10.81 -77.15
CA THR T 121 21.18 10.19 -76.15
C THR T 121 20.31 9.32 -75.24
N ALA T 122 20.91 8.26 -74.70
CA ALA T 122 20.15 7.37 -73.83
C ALA T 122 19.75 8.05 -72.53
N ALA T 123 20.72 8.71 -71.87
CA ALA T 123 20.42 9.44 -70.65
C ALA T 123 19.95 10.85 -70.91
N ASP T 124 20.19 11.38 -72.13
CA ASP T 124 19.99 12.79 -72.39
C ASP T 124 19.26 13.08 -73.70
N GLY T 125 18.76 12.08 -74.41
CA GLY T 125 17.54 12.22 -75.20
C GLY T 125 17.60 13.16 -76.38
N LEU T 126 18.48 14.17 -76.40
CA LEU T 126 18.34 15.25 -77.35
C LEU T 126 18.74 14.75 -78.73
N TRP T 127 17.81 14.88 -79.65
CA TRP T 127 18.00 14.29 -80.97
C TRP T 127 19.05 15.05 -81.75
N LYS T 128 20.05 14.32 -82.20
CA LYS T 128 21.10 14.85 -83.05
C LYS T 128 20.48 15.02 -84.44
N CYS T 129 19.71 16.08 -84.54
CA CYS T 129 18.81 16.32 -85.65
C CYS T 129 19.58 17.05 -86.73
N THR T 130 19.95 16.31 -87.77
CA THR T 130 20.98 16.75 -88.69
C THR T 130 20.59 16.39 -90.10
N SER T 131 21.30 17.02 -91.04
CA SER T 131 20.95 16.99 -92.44
C SER T 131 22.20 16.81 -93.28
N ASP T 132 21.98 16.42 -94.52
CA ASP T 132 23.02 16.22 -95.50
C ASP T 132 23.12 17.35 -96.51
N GLN T 133 22.45 18.46 -96.27
CA GLN T 133 22.21 19.44 -97.31
C GLN T 133 23.22 20.58 -97.24
N ASP T 134 23.17 21.47 -98.23
CA ASP T 134 24.05 22.63 -98.33
C ASP T 134 23.43 23.82 -97.60
N GLU T 135 24.28 24.79 -97.22
CA GLU T 135 23.80 25.96 -96.47
C GLU T 135 22.66 26.65 -97.18
N GLN T 136 22.71 26.68 -98.50
CA GLN T 136 21.62 27.14 -99.33
C GLN T 136 20.37 26.27 -99.23
N PHE T 137 20.49 25.04 -98.72
CA PHE T 137 19.41 24.06 -98.68
C PHE T 137 18.85 23.76 -97.30
N ILE T 138 19.54 24.14 -96.22
CA ILE T 138 19.46 23.41 -94.95
C ILE T 138 18.04 23.34 -94.41
N PRO T 139 17.70 22.29 -93.66
CA PRO T 139 16.48 22.35 -92.84
C PRO T 139 16.70 23.36 -91.74
N LYS T 140 16.14 24.54 -91.91
CA LYS T 140 16.28 25.56 -90.89
C LYS T 140 15.30 25.23 -89.77
N GLY T 141 15.78 25.32 -88.54
CA GLY T 141 15.22 24.56 -87.45
C GLY T 141 16.28 23.74 -86.75
N CYS T 142 16.26 22.43 -86.94
CA CYS T 142 17.33 21.60 -86.40
C CYS T 142 18.68 22.03 -86.97
N SER T 143 19.73 21.50 -86.37
CA SER T 143 21.07 21.76 -86.87
C SER T 143 21.22 21.10 -88.25
N ARG T 144 22.16 21.63 -89.02
CA ARG T 144 22.28 21.29 -90.43
C ARG T 144 22.74 19.87 -90.71
N PHE U 1 4.93 41.30 -157.21
CA PHE U 1 5.83 41.84 -156.16
C PHE U 1 5.30 41.50 -154.78
N THR U 2 3.99 41.28 -154.67
CA THR U 2 3.41 40.93 -153.40
C THR U 2 3.77 39.53 -152.97
N LEU U 3 4.20 38.68 -153.91
CA LEU U 3 4.48 37.28 -153.63
C LEU U 3 5.46 37.13 -152.47
N ILE U 4 6.40 38.07 -152.35
CA ILE U 4 7.45 37.98 -151.34
C ILE U 4 6.91 38.39 -149.96
N GLU U 5 6.10 39.45 -149.91
CA GLU U 5 5.32 39.77 -148.74
C GLU U 5 4.56 38.54 -148.27
N LEU U 6 4.02 37.80 -149.20
CA LEU U 6 3.40 36.57 -148.76
C LEU U 6 4.40 35.53 -148.32
N MET U 7 5.61 35.51 -148.89
CA MET U 7 6.57 34.49 -148.47
C MET U 7 6.80 34.55 -146.99
N ILE U 8 6.98 35.76 -146.46
CA ILE U 8 7.06 35.81 -145.01
C ILE U 8 5.75 35.32 -144.44
N VAL U 9 4.62 35.71 -145.01
CA VAL U 9 3.38 35.37 -144.31
C VAL U 9 3.12 33.86 -144.29
N VAL U 10 3.50 33.17 -145.37
CA VAL U 10 3.50 31.71 -145.39
C VAL U 10 4.35 31.18 -144.24
N ALA U 11 5.55 31.76 -144.11
CA ALA U 11 6.41 31.41 -142.98
C ALA U 11 5.67 31.63 -141.67
N ILE U 12 5.19 32.87 -141.46
CA ILE U 12 4.59 33.30 -140.19
C ILE U 12 3.53 32.32 -139.74
N ILE U 13 2.65 31.93 -140.66
CA ILE U 13 1.71 30.85 -140.37
C ILE U 13 2.48 29.64 -139.86
N GLY U 14 3.60 29.35 -140.51
CA GLY U 14 4.34 28.15 -140.16
C GLY U 14 4.91 28.16 -138.76
N ILE U 15 5.58 29.26 -138.36
CA ILE U 15 6.65 29.11 -137.34
C ILE U 15 6.08 28.65 -136.01
N LEU U 16 4.82 28.95 -135.71
CA LEU U 16 4.23 28.68 -134.40
C LEU U 16 4.41 27.21 -134.04
N ALA U 17 5.15 26.94 -132.95
CA ALA U 17 5.76 25.63 -132.73
C ALA U 17 5.66 25.13 -131.29
N ALA U 18 4.71 25.64 -130.51
CA ALA U 18 4.50 25.12 -129.17
C ALA U 18 3.02 25.10 -128.80
N ILE U 19 2.14 24.85 -129.77
CA ILE U 19 0.72 25.15 -129.62
C ILE U 19 0.03 24.14 -128.73
N ALA U 20 -0.07 22.91 -129.22
CA ALA U 20 -0.89 21.92 -128.54
C ALA U 20 -0.06 21.33 -127.41
N ILE U 21 -0.24 21.88 -126.22
CA ILE U 21 0.36 21.33 -125.01
C ILE U 21 -0.83 20.69 -124.28
N PRO U 22 -1.19 19.49 -124.63
CA PRO U 22 -2.35 18.82 -124.05
C PRO U 22 -2.18 18.54 -122.57
N GLN U 23 -1.09 17.85 -122.24
CA GLN U 23 -0.78 17.40 -120.89
C GLN U 23 -0.33 18.57 -120.03
N TYR U 24 -0.41 19.77 -120.58
CA TYR U 24 -0.76 20.91 -119.77
C TYR U 24 -1.98 20.54 -118.96
N GLN U 25 -3.06 20.09 -119.63
CA GLN U 25 -4.28 19.61 -118.95
C GLN U 25 -4.01 18.56 -117.91
N ASN U 26 -2.86 17.90 -117.96
CA ASN U 26 -2.54 16.80 -117.09
C ASN U 26 -1.58 17.20 -115.96
N TYR U 27 -0.79 18.28 -116.10
CA TYR U 27 -0.30 18.92 -114.88
C TYR U 27 -1.41 19.70 -114.21
N VAL U 28 -2.27 20.32 -115.00
CA VAL U 28 -3.54 20.81 -114.49
C VAL U 28 -4.23 19.67 -113.75
N ALA U 29 -4.18 18.47 -114.31
CA ALA U 29 -4.82 17.35 -113.64
C ALA U 29 -4.14 17.03 -112.32
N ARG U 30 -2.82 17.11 -112.28
CA ARG U 30 -2.11 16.89 -111.03
C ARG U 30 -2.43 17.97 -110.03
N SER U 31 -2.53 19.19 -110.51
CA SER U 31 -2.93 20.31 -109.68
C SER U 31 -4.32 20.07 -109.14
N GLU U 32 -5.18 19.53 -109.99
CA GLU U 32 -6.56 19.35 -109.61
C GLU U 32 -6.69 18.20 -108.62
N GLY U 33 -5.77 17.24 -108.66
CA GLY U 33 -5.84 16.08 -107.80
C GLY U 33 -5.18 16.33 -106.46
N ALA U 34 -3.95 16.85 -106.48
CA ALA U 34 -3.30 17.22 -105.24
C ALA U 34 -4.06 18.34 -104.57
N SER U 35 -4.38 19.37 -105.34
CA SER U 35 -5.19 20.45 -104.80
C SER U 35 -6.61 19.98 -104.50
N ALA U 36 -7.00 18.82 -105.04
CA ALA U 36 -8.18 18.16 -104.50
C ALA U 36 -7.92 17.54 -103.14
N LEU U 37 -6.67 17.19 -102.84
CA LEU U 37 -6.36 16.78 -101.46
C LEU U 37 -6.35 17.98 -100.53
N ALA U 38 -5.92 19.13 -101.04
CA ALA U 38 -5.92 20.34 -100.23
C ALA U 38 -7.28 20.65 -99.66
N SER U 39 -8.33 20.32 -100.41
CA SER U 39 -9.68 20.58 -99.98
C SER U 39 -10.03 19.81 -98.71
N VAL U 40 -9.52 18.59 -98.58
CA VAL U 40 -9.96 17.68 -97.53
C VAL U 40 -9.02 17.61 -96.35
N ASN U 41 -7.78 18.07 -96.50
CA ASN U 41 -6.76 17.74 -95.53
C ASN U 41 -7.03 18.21 -94.11
N PRO U 42 -7.58 19.39 -93.86
CA PRO U 42 -7.99 19.71 -92.48
C PRO U 42 -9.24 18.99 -92.02
N LEU U 43 -9.87 18.22 -92.90
CA LEU U 43 -11.04 17.44 -92.49
C LEU U 43 -10.68 16.06 -92.00
N LYS U 44 -9.57 15.50 -92.48
CA LYS U 44 -8.87 14.51 -91.69
C LYS U 44 -8.74 15.00 -90.27
N THR U 45 -8.11 16.16 -90.13
CA THR U 45 -7.86 16.80 -88.87
C THR U 45 -9.14 17.13 -88.12
N THR U 46 -10.28 17.21 -88.80
CA THR U 46 -11.56 17.57 -88.21
C THR U 46 -12.32 16.35 -87.68
N VAL U 47 -12.38 15.29 -88.49
CA VAL U 47 -12.87 14.00 -87.99
C VAL U 47 -12.11 13.66 -86.72
N GLU U 48 -10.79 13.71 -86.81
CA GLU U 48 -9.98 13.48 -85.62
C GLU U 48 -10.10 14.60 -84.60
N GLU U 49 -10.50 15.79 -85.01
CA GLU U 49 -10.67 16.89 -84.07
C GLU U 49 -11.73 16.47 -83.06
N ALA U 50 -12.97 16.40 -83.50
CA ALA U 50 -14.00 16.28 -82.49
C ALA U 50 -14.09 14.85 -81.98
N LEU U 51 -13.72 13.86 -82.79
CA LEU U 51 -13.63 12.52 -82.23
C LEU U 51 -12.56 12.46 -81.16
N SER U 52 -11.48 13.21 -81.36
CA SER U 52 -10.44 13.29 -80.35
C SER U 52 -10.85 14.16 -79.18
N ARG U 53 -12.01 14.79 -79.24
CA ARG U 53 -12.57 15.44 -78.06
C ARG U 53 -13.47 14.54 -77.22
N GLY U 54 -14.31 13.75 -77.88
CA GLY U 54 -15.45 13.13 -77.22
C GLY U 54 -16.76 13.42 -77.92
N TRP U 55 -16.67 13.71 -79.22
CA TRP U 55 -17.78 14.28 -79.97
C TRP U 55 -17.75 13.73 -81.39
N SER U 56 -18.91 13.35 -81.93
CA SER U 56 -18.94 12.86 -83.30
C SER U 56 -18.86 14.05 -84.26
N VAL U 57 -18.89 13.77 -85.57
CA VAL U 57 -18.65 14.80 -86.58
C VAL U 57 -19.61 14.57 -87.74
N LYS U 58 -20.49 15.53 -87.99
CA LYS U 58 -21.29 15.53 -89.21
C LYS U 58 -20.54 16.23 -90.34
N SER U 59 -21.03 16.00 -91.56
CA SER U 59 -20.64 16.83 -92.69
C SER U 59 -21.59 18.01 -92.79
N GLY U 60 -21.02 19.13 -93.21
CA GLY U 60 -21.65 20.43 -93.11
C GLY U 60 -20.93 21.30 -92.11
N THR U 61 -21.50 22.48 -91.91
CA THR U 61 -20.94 23.51 -91.05
C THR U 61 -21.92 23.80 -89.92
N GLY U 62 -21.62 24.85 -89.17
CA GLY U 62 -22.48 25.37 -88.14
C GLY U 62 -21.74 25.50 -86.84
N THR U 63 -22.48 25.90 -85.81
CA THR U 63 -21.97 25.74 -84.47
C THR U 63 -21.76 24.28 -84.18
N GLU U 64 -21.09 24.01 -83.09
CA GLU U 64 -20.95 22.64 -82.65
C GLU U 64 -22.30 22.09 -82.30
N ASP U 65 -22.51 20.84 -82.67
CA ASP U 65 -23.61 20.06 -82.15
C ASP U 65 -23.22 19.59 -80.74
N ALA U 66 -23.02 20.56 -79.85
CA ALA U 66 -22.30 20.38 -78.60
C ALA U 66 -23.19 19.99 -77.45
N THR U 67 -24.46 19.73 -77.69
CA THR U 67 -25.30 18.98 -76.78
C THR U 67 -25.62 17.61 -77.32
N LYS U 68 -24.96 17.21 -78.43
CA LYS U 68 -25.47 16.17 -79.28
C LYS U 68 -24.48 15.03 -79.52
N LYS U 69 -23.33 15.04 -78.85
CA LYS U 69 -22.24 14.13 -79.19
C LYS U 69 -21.98 14.16 -80.70
N GLU U 70 -21.73 15.38 -81.17
CA GLU U 70 -21.60 15.65 -82.59
C GLU U 70 -20.94 17.00 -82.76
N VAL U 71 -20.31 17.21 -83.92
CA VAL U 71 -19.72 18.49 -84.30
C VAL U 71 -19.84 18.58 -85.82
N PRO U 72 -19.77 19.75 -86.44
CA PRO U 72 -19.65 19.78 -87.91
C PRO U 72 -18.32 19.24 -88.39
N LEU U 73 -18.32 18.79 -89.66
CA LEU U 73 -17.06 18.78 -90.39
C LEU U 73 -16.58 20.18 -90.70
N GLY U 74 -17.48 21.17 -90.66
CA GLY U 74 -17.12 22.50 -91.09
C GLY U 74 -16.72 22.55 -92.55
N VAL U 75 -17.52 21.93 -93.42
CA VAL U 75 -17.23 21.94 -94.86
C VAL U 75 -18.54 21.86 -95.63
N ALA U 76 -18.58 22.58 -96.75
CA ALA U 76 -19.55 22.33 -97.81
C ALA U 76 -18.89 21.41 -98.82
N ALA U 77 -19.61 20.36 -99.24
CA ALA U 77 -19.02 19.26 -99.99
C ALA U 77 -18.19 19.73 -101.17
N ASP U 78 -18.71 20.70 -101.93
CA ASP U 78 -17.97 21.32 -103.04
C ASP U 78 -17.31 22.62 -102.63
N ALA U 79 -16.75 22.65 -101.41
CA ALA U 79 -15.77 23.67 -101.07
C ALA U 79 -14.75 23.84 -102.19
N ASN U 80 -14.32 22.73 -102.77
CA ASN U 80 -13.51 22.69 -103.98
C ASN U 80 -14.42 22.37 -105.16
N LYS U 81 -14.57 23.35 -106.07
CA LYS U 81 -15.44 23.22 -107.23
C LYS U 81 -14.91 22.23 -108.27
N LEU U 82 -13.77 21.59 -108.04
CA LEU U 82 -13.43 20.43 -108.83
C LEU U 82 -14.47 19.34 -108.61
N GLY U 83 -15.10 19.31 -107.45
CA GLY U 83 -16.20 18.41 -107.22
C GLY U 83 -16.69 18.47 -105.80
N THR U 84 -16.82 17.32 -105.13
CA THR U 84 -17.54 17.25 -103.87
C THR U 84 -16.87 16.31 -102.88
N ILE U 85 -17.00 16.64 -101.62
CA ILE U 85 -16.62 15.80 -100.50
C ILE U 85 -17.84 15.01 -100.07
N ALA U 86 -17.62 13.86 -99.44
CA ALA U 86 -18.72 13.12 -98.83
C ALA U 86 -18.21 12.40 -97.60
N LEU U 87 -18.72 12.79 -96.44
CA LEU U 87 -18.44 12.04 -95.23
C LEU U 87 -19.19 10.73 -95.23
N LYS U 88 -18.53 9.70 -94.73
CA LYS U 88 -19.11 8.37 -94.71
C LYS U 88 -18.46 7.53 -93.62
N PRO U 89 -19.19 7.10 -92.57
CA PRO U 89 -20.55 7.44 -92.17
C PRO U 89 -20.63 8.87 -91.70
N ASP U 90 -21.80 9.45 -91.88
CA ASP U 90 -22.06 10.86 -91.59
C ASP U 90 -23.27 10.94 -90.66
N PRO U 91 -23.14 11.42 -89.41
CA PRO U 91 -21.95 11.95 -88.77
C PRO U 91 -20.97 10.88 -88.35
N ALA U 92 -19.71 11.25 -88.53
CA ALA U 92 -18.58 10.42 -88.18
C ALA U 92 -18.52 10.23 -86.67
N ASP U 93 -18.80 9.01 -86.24
CA ASP U 93 -18.70 8.64 -84.83
C ASP U 93 -17.31 8.14 -84.47
N GLY U 94 -16.46 7.87 -85.45
CA GLY U 94 -15.07 7.64 -85.22
C GLY U 94 -14.78 6.19 -84.97
N THR U 95 -15.61 5.55 -84.15
CA THR U 95 -15.52 4.11 -84.02
C THR U 95 -15.81 3.42 -85.34
N ALA U 96 -16.47 4.13 -86.27
CA ALA U 96 -16.50 3.71 -87.67
C ALA U 96 -15.24 4.17 -88.36
N ASP U 97 -14.82 3.37 -89.35
CA ASP U 97 -13.76 3.80 -90.24
C ASP U 97 -14.32 4.90 -91.10
N ILE U 98 -14.15 6.13 -90.64
CA ILE U 98 -14.72 7.27 -91.33
C ILE U 98 -14.04 7.42 -92.67
N THR U 99 -14.80 7.91 -93.63
CA THR U 99 -14.35 8.07 -95.01
C THR U 99 -14.65 9.49 -95.44
N LEU U 100 -13.67 10.10 -96.10
CA LEU U 100 -13.82 11.45 -96.64
C LEU U 100 -13.51 11.36 -98.14
N THR U 101 -14.57 11.19 -98.91
CA THR U 101 -14.50 11.32 -100.35
C THR U 101 -14.00 12.70 -100.73
N PHE U 102 -13.35 12.79 -101.88
CA PHE U 102 -13.46 13.98 -102.70
C PHE U 102 -13.64 13.57 -104.15
N THR U 103 -14.79 13.87 -104.69
CA THR U 103 -15.02 13.69 -106.11
C THR U 103 -14.48 14.87 -106.87
N MET U 104 -13.94 14.59 -108.05
CA MET U 104 -13.55 15.62 -109.00
C MET U 104 -14.56 15.76 -110.13
N GLY U 105 -15.77 16.14 -109.75
CA GLY U 105 -16.83 16.47 -110.69
C GLY U 105 -16.53 17.65 -111.60
N GLY U 106 -16.45 18.86 -111.06
CA GLY U 106 -16.21 20.04 -111.85
C GLY U 106 -14.78 20.14 -112.37
N ALA U 107 -14.35 19.12 -113.11
CA ALA U 107 -12.96 18.92 -113.47
C ALA U 107 -12.81 18.85 -114.99
N GLY U 108 -11.56 18.84 -115.44
CA GLY U 108 -11.26 18.77 -116.85
C GLY U 108 -11.73 17.46 -117.44
N PRO U 109 -11.68 17.34 -118.78
CA PRO U 109 -11.97 16.03 -119.38
C PRO U 109 -11.02 14.95 -118.93
N LYS U 110 -9.85 15.32 -118.42
CA LYS U 110 -8.84 14.38 -117.97
C LYS U 110 -8.84 14.18 -116.46
N ASN U 111 -9.77 14.80 -115.74
CA ASN U 111 -10.13 14.34 -114.40
C ASN U 111 -11.63 14.40 -114.22
N LYS U 112 -12.38 14.14 -115.29
CA LYS U 112 -13.80 14.38 -115.25
C LYS U 112 -14.48 13.37 -114.32
N GLY U 113 -14.27 13.55 -113.02
CA GLY U 113 -14.85 12.69 -112.00
C GLY U 113 -13.90 11.72 -111.32
N LYS U 114 -12.59 11.90 -111.46
CA LYS U 114 -11.65 10.98 -110.83
C LYS U 114 -11.61 11.26 -109.34
N ILE U 115 -12.32 10.45 -108.55
CA ILE U 115 -12.48 10.71 -107.13
C ILE U 115 -11.17 10.53 -106.41
N ILE U 116 -11.03 11.27 -105.31
CA ILE U 116 -9.95 11.11 -104.35
C ILE U 116 -10.64 10.99 -102.99
N THR U 117 -10.63 9.78 -102.43
CA THR U 117 -11.30 9.51 -101.17
C THR U 117 -10.31 9.09 -100.10
N LEU U 118 -10.66 9.42 -98.86
CA LEU U 118 -9.87 9.14 -97.68
C LEU U 118 -10.67 8.23 -96.78
N THR U 119 -10.00 7.41 -95.98
CA THR U 119 -10.72 6.60 -95.00
C THR U 119 -9.84 6.29 -93.80
N ARG U 120 -10.33 6.60 -92.61
CA ARG U 120 -9.54 6.37 -91.40
C ARG U 120 -9.78 4.98 -90.86
N THR U 121 -8.93 4.59 -89.91
CA THR U 121 -9.21 3.46 -89.06
C THR U 121 -9.85 3.96 -87.77
N ALA U 122 -10.69 3.12 -87.16
CA ALA U 122 -11.36 3.52 -85.94
C ALA U 122 -10.38 3.66 -84.77
N ALA U 123 -9.52 2.66 -84.58
CA ALA U 123 -8.50 2.73 -83.55
C ALA U 123 -7.23 3.41 -84.02
N ASP U 124 -7.05 3.56 -85.34
CA ASP U 124 -5.76 3.98 -85.88
C ASP U 124 -5.88 5.04 -86.96
N GLY U 125 -7.06 5.59 -87.24
CA GLY U 125 -7.19 6.96 -87.68
C GLY U 125 -6.60 7.32 -89.04
N LEU U 126 -5.59 6.60 -89.52
CA LEU U 126 -4.81 7.09 -90.65
C LEU U 126 -5.64 7.00 -91.90
N TRP U 127 -5.82 8.14 -92.55
CA TRP U 127 -6.72 8.22 -93.68
C TRP U 127 -6.15 7.49 -94.88
N LYS U 128 -6.93 6.55 -95.39
CA LYS U 128 -6.58 5.82 -96.60
C LYS U 128 -6.82 6.77 -97.76
N CYS U 129 -5.86 7.67 -97.91
CA CYS U 129 -5.98 8.85 -98.75
C CYS U 129 -5.53 8.46 -100.15
N THR U 130 -6.50 8.28 -101.03
CA THR U 130 -6.27 7.57 -102.27
C THR U 130 -7.01 8.25 -103.40
N SER U 131 -6.63 7.88 -104.62
CA SER U 131 -7.05 8.56 -105.82
C SER U 131 -7.38 7.55 -106.90
N ASP U 132 -8.09 8.03 -107.90
CA ASP U 132 -8.49 7.23 -109.05
C ASP U 132 -7.67 7.53 -110.29
N GLN U 133 -6.56 8.25 -110.15
CA GLN U 133 -5.92 8.86 -111.30
C GLN U 133 -4.76 8.00 -111.78
N ASP U 134 -4.16 8.41 -112.91
CA ASP U 134 -3.03 7.74 -113.51
C ASP U 134 -1.72 8.30 -112.96
N GLU U 135 -0.64 7.51 -113.08
CA GLU U 135 0.66 7.92 -112.53
C GLU U 135 1.08 9.28 -113.05
N GLN U 136 0.75 9.56 -114.31
CA GLN U 136 0.92 10.87 -114.90
C GLN U 136 0.04 11.95 -114.24
N PHE U 137 -1.00 11.55 -113.50
CA PHE U 137 -1.99 12.45 -112.93
C PHE U 137 -1.94 12.61 -111.42
N ILE U 138 -1.25 11.73 -110.70
CA ILE U 138 -1.61 11.40 -109.32
C ILE U 138 -1.61 12.62 -108.40
N PRO U 139 -2.44 12.64 -107.36
CA PRO U 139 -2.23 13.61 -106.29
C PRO U 139 -0.96 13.25 -105.56
N LYS U 140 0.11 13.97 -105.85
CA LYS U 140 1.38 13.71 -105.20
C LYS U 140 1.30 14.32 -103.81
N GLY U 141 1.75 13.57 -102.82
CA GLY U 141 1.27 13.75 -101.46
C GLY U 141 0.73 12.46 -100.90
N CYS U 142 -0.59 12.36 -100.75
CA CYS U 142 -1.19 11.10 -100.35
C CYS U 142 -0.85 10.00 -101.34
N SER U 143 -1.14 8.77 -100.94
CA SER U 143 -0.96 7.65 -101.83
C SER U 143 -1.94 7.76 -103.00
N ARG U 144 -1.60 7.11 -104.09
CA ARG U 144 -2.29 7.31 -105.36
C ARG U 144 -3.71 6.77 -105.39
#